data_9D3C
#
_entry.id   9D3C
#
_cell.length_a   1.00
_cell.length_b   1.00
_cell.length_c   1.00
_cell.angle_alpha   90.00
_cell.angle_beta   90.00
_cell.angle_gamma   90.00
#
_symmetry.space_group_name_H-M   'P 1'
#
loop_
_entity.id
_entity.type
_entity.pdbx_description
1 polymer 'Glutamate receptor ionotropic, NMDA 1'
2 polymer 'Glutamate receptor ionotropic, NMDA 2B'
3 polymer 'Glutamate receptor ionotropic, NMDA 2D'
4 branched 2-acetamido-2-deoxy-beta-D-glucopyranose-(1-4)-2-acetamido-2-deoxy-beta-D-glucopyranose
5 non-polymer GLYCINE
6 non-polymer 2-acetamido-2-deoxy-beta-D-glucopyranose
7 non-polymer 'GLUTAMIC ACID'
8 non-polymer (2~{S})-2-(2-chlorophenyl)-2-(methylamino)cyclohexan-1-one
#
loop_
_entity_poly.entity_id
_entity_poly.type
_entity_poly.pdbx_seq_one_letter_code
_entity_poly.pdbx_strand_id
1 'polypeptide(L)'
;DPKIVNIGAVLSTRKHEQMFREAVNQANKRHGSWKIQLNATSVTHKPNAIQMALSVCEDLISSQVYAILVSHPPTPNDHF
TPTPVSYTAGFYRIPVLGLTTRMSIYSDKSIHLSFLRTVPPYSHQSSVWFEMMRVYSWNHIILLVSDDHEGRAAQKRLET
LLEERESKAEKVLQFDPGTKNVTALLMEAKELEARVIILSASEDDAATVYRAAAMLNMTGSGYVWLVGEREISGNALRYA
PDGILGLQLINGKNESAHISDAVGVVAQAVHELLEKENITDPPRGCVGNTNIWKTGPLFKRVLMSSKYADGVTGRVEFNE
DGDRKFANYSIMNLQNRKLVQVGIYNGTHVIPNDRKIIWPGGETEKPRGYQMSTRLKIVTIHQEPFVYVKPTLSDGTCKE
EFTVNGDPVKKVICTGPNDTSPGSPRHTVPQCCYGFCIDLLIKLARTMNFTYEVHLVADGKFGTQERVNNSNKKEWNGMM
GELLSGQADMIVAPLTINNERAQYIEFSKPFKYQGLTILVKKEIPRSTLDSFMQPFQSTLWLLVGLSVHVVAVMLYLLDR
FSPFGRFKVNSEEEEEDALTLSSAMWFSWGVLLNSGIGEGAPRSFSARILGMVWAGFAMIIVASYTANLAAFLVLDRPEE
RITGINDPRLRNPSDKFIYATVKQSSVDIYFRRQVELSTMYRHMEKHNYESAAEAIQAVRDNKLHAFIWDSAVLEFEASQ
KCDLVTTGELFFRSGFGIGMRKDSPWKQNVSLSILKSHENGFMEDLDKTWVRYQECDSRSNAPATLTFENMAGVFMLVAG
GIVAGIFLIFIEIAYKRHKDANGAQ
;
A,C
2 'polypeptide(L)'
;WSHPQFEKGGGSGGGSGGSAWSHPQFEKGALVPRGRSQKSPPSIGIAVILVGTSDEVAIKDAHEKDDFHHLSVVPRVELV
AMNETDPKSIITRICDLMSDRKIQGVVFADDTDQEAIAQILDFISAQTLTPILGIHGGSSMIMADKDESSMFFQFGPSIE
QQASVMLNIMEEYDWYIFSIVTTYFPGYQDFVNKIRSTIENSFVGWELEEVLLLDMSLDDGDSKIQNQLKKLQSPIILLY
CTKEEATYIFEVANSVGLTGYGYTWIVPSLVAGDTDTVPAEFPTGLISVSYDEWDYGLPARVRDGIAIITTAASDMLSEH
SFIPEPKSSCYNTHEKRIYQSNMLNRYLINVTFEGRNLSFSEDGYQMHPKLVIILLNKERKWERVGKWKDKSLQMKYYVW
PRMCPETEEQEDDHLSIVTLEEAPFVIVESVDPLSGTCMRNTVPCQKRIVTENKTDEEPGYIKKCCKGFCIDILKKISKS
VKFTYDLYLVTNGKHGKKINGTWNGMIGEVVMKRAYMAVGSLTINEERSEVVDFSVPFIETGISVMVSRSNGTVSPSAFL
EPFSADVWVMMFVMLLIVSAVAVFVFEYFSPVGYNRSLADGREPGGPSFTIGKAIWLLWGLVFNNSVPVQNPKGTTSKIM
VSVWAFFAVIFLASYTANLAAFMIQEEYVDQVSGLSDKKFQRPNDFSPPFRFGTVPNGSTERNIRNNYAEMHAYMGKFNQ
RGVDDALLSLKTGKLDAFIYDAAVLNYMAGRDEGCKLVTIGSGKVFASTGYGIAIQKDSGWKRQVDLAILQLFGDGEMEE
LEALWLTGICHNEKNEVMSSQLDIDNMAGVFYMLGAAMALSLITFISEHLFYWQFRHSFMGGPGSGATNFSLLKQAGDVE
ENPG
;
B
3 'polypeptide(L)'
;FPEEAPGPGGAGGPGGGLGGARPLNVALVFSGPAYAAEAARLGPAVAAAVRSPGLDVRPVALVLNGSDPRSLVLQLCDLL
SGLRVHGVVFEDDSRAPAVAPILDFLSAQTSLPIVAVHGGAALVLTPKEKGSTFLQLGSSTEQQLQVIFEVLEEYDWTSF
VAVTTRAPGHRAFLSYIEVLTDGSLVGWEHRGALTLDPGAGEAVLSAQLRSVSAQIRLLFCAREEAEPVFRAAEEAGLTG
SGYVWFMVGPQLAGGGGSGAPGEPPLLPGGAPLPAGLFAVRSAGWRDDLARRVAAGVAVVARGAQALLRDYGFLPELGHD
CRAQNRTHRGESLHRYFMNITWDNRDYSFNEDGFLVNPSLVVISLTRDRTWEVVGSWEQQTLRLKYPLWSRYGRFLQPVD
DTQHLTVATLEERPFVIVEPADPISGTCIRDSVPCRSQLNRTHSPPPDAPRPEKRCCKGFCIDILKRLAHTIGFSYDLYL
VTNGKHGKKIDGVWNGMIGEVFYQRADMAIGSLTINEERSEIVDFSVPFVETGISVMVARSNGTVSPSAFLEPYSPAVWV
MMFVMCLTVVAVTVFIFEYLSPVGYNRSLATGKRPGGSTFTIGKSIWLLWALVFNNSVPVENPRGTTSKIMVLVWAFFAV
IFLASYTANLAAFMIQEEYVDTVSGLSDRKFQRPQEQYPPLKFGTVPNGSTEKNIRSNYPDMHSYMVRYNQPRVEEALTQ
LKAGKLDAFIYDAAVLNYMARKDEGCKLVTIGSGKVFATTGYGIALHKGSRWKRPIDLALLQFLGDDEIEMLERLWLSGI
CHNDKIEVMSSKLDIDNMAGVFYMLLVAMGLSLLVFAWEHLVYWRLRHCLGPTETSQVAPA
;
D
#
loop_
_chem_comp.id
_chem_comp.type
_chem_comp.name
_chem_comp.formula
JC9 non-polymer (2~{S})-2-(2-chlorophenyl)-2-(methylamino)cyclohexan-1-one 'C13 H16 Cl N O'
NAG D-saccharide, beta linking 2-acetamido-2-deoxy-beta-D-glucopyranose 'C8 H15 N O6'
#
# COMPACT_ATOMS: atom_id res chain seq x y z
N LYS A 3 20.04 23.86 -66.03
CA LYS A 3 19.25 23.43 -67.17
C LYS A 3 17.99 24.27 -67.30
N ILE A 4 16.88 23.61 -67.66
CA ILE A 4 15.59 24.26 -67.79
C ILE A 4 14.83 24.05 -66.49
N VAL A 5 14.57 25.14 -65.77
CA VAL A 5 13.78 25.11 -64.54
C VAL A 5 12.59 26.03 -64.74
N ASN A 6 11.39 25.46 -64.65
CA ASN A 6 10.15 26.19 -64.88
C ASN A 6 9.46 26.44 -63.55
N ILE A 7 9.01 27.68 -63.34
CA ILE A 7 8.32 28.08 -62.13
C ILE A 7 6.90 28.51 -62.49
N GLY A 8 5.92 27.94 -61.81
CA GLY A 8 4.55 28.32 -62.06
C GLY A 8 4.23 29.69 -61.48
N ALA A 9 3.30 30.37 -62.14
CA ALA A 9 2.96 31.74 -61.74
C ALA A 9 1.58 32.10 -62.27
N VAL A 10 0.67 32.45 -61.38
CA VAL A 10 -0.60 33.07 -61.74
C VAL A 10 -0.71 34.40 -60.99
N LEU A 11 -1.06 35.46 -61.72
CA LEU A 11 -1.07 36.81 -61.18
C LEU A 11 -2.29 37.53 -61.73
N SER A 12 -2.31 38.85 -61.61
CA SER A 12 -3.40 39.66 -62.10
C SER A 12 -2.88 40.84 -62.93
N THR A 13 -3.73 41.31 -63.85
CA THR A 13 -3.47 42.47 -64.70
C THR A 13 -2.28 42.27 -65.63
N ARG A 14 -1.66 41.09 -65.59
CA ARG A 14 -0.60 40.72 -66.51
C ARG A 14 0.62 41.62 -66.41
N LYS A 15 0.61 42.58 -65.49
CA LYS A 15 1.72 43.51 -65.34
C LYS A 15 2.69 43.10 -64.25
N HIS A 16 2.20 42.47 -63.18
CA HIS A 16 3.07 41.95 -62.15
C HIS A 16 3.96 40.82 -62.64
N GLU A 17 3.64 40.23 -63.79
CA GLU A 17 4.49 39.20 -64.38
C GLU A 17 5.68 39.79 -65.12
N GLN A 18 5.67 41.09 -65.41
CA GLN A 18 6.75 41.68 -66.19
C GLN A 18 8.05 41.69 -65.41
N MET A 19 8.09 42.41 -64.29
CA MET A 19 9.27 42.37 -63.45
C MET A 19 9.44 41.04 -62.75
N PHE A 20 8.42 40.17 -62.79
CA PHE A 20 8.60 38.80 -62.34
C PHE A 20 9.69 38.11 -63.13
N ARG A 21 9.71 38.32 -64.45
CA ARG A 21 10.84 37.86 -65.25
C ARG A 21 12.10 38.66 -64.93
N GLU A 22 11.95 39.95 -64.59
CA GLU A 22 13.11 40.74 -64.20
C GLU A 22 13.67 40.27 -62.86
N ALA A 23 12.79 39.95 -61.91
CA ALA A 23 13.26 39.53 -60.59
C ALA A 23 14.06 38.24 -60.67
N VAL A 24 13.56 37.26 -61.43
CA VAL A 24 14.29 36.01 -61.57
C VAL A 24 15.57 36.21 -62.36
N ASN A 25 15.56 37.13 -63.33
CA ASN A 25 16.75 37.37 -64.14
C ASN A 25 17.88 37.95 -63.28
N GLN A 26 17.55 38.88 -62.38
CA GLN A 26 18.57 39.46 -61.52
C GLN A 26 19.20 38.40 -60.62
N ALA A 27 18.38 37.50 -60.07
CA ALA A 27 18.92 36.44 -59.22
C ALA A 27 19.79 35.47 -60.01
N ASN A 28 19.53 35.32 -61.31
CA ASN A 28 20.31 34.40 -62.11
C ASN A 28 21.78 34.79 -62.15
N LYS A 29 22.06 36.07 -62.38
CA LYS A 29 23.44 36.53 -62.43
C LYS A 29 24.09 36.51 -61.04
N ARG A 30 23.29 36.72 -59.99
CA ARG A 30 23.82 36.65 -58.65
C ARG A 30 24.24 35.23 -58.29
N HIS A 31 23.49 34.24 -58.77
CA HIS A 31 23.81 32.82 -58.52
C HIS A 31 23.42 32.01 -59.76
N GLY A 32 24.38 31.86 -60.67
CA GLY A 32 24.19 31.04 -61.85
C GLY A 32 25.43 30.27 -62.23
N SER A 33 26.29 29.99 -61.24
CA SER A 33 27.59 29.39 -61.48
C SER A 33 27.60 27.88 -61.33
N TRP A 34 26.44 27.26 -61.11
CA TRP A 34 26.34 25.82 -60.92
C TRP A 34 25.75 25.12 -62.14
N LYS A 35 25.94 25.72 -63.33
CA LYS A 35 25.40 25.20 -64.58
C LYS A 35 23.89 25.02 -64.49
N ILE A 36 23.22 25.92 -63.78
CA ILE A 36 21.79 25.87 -63.57
C ILE A 36 21.18 27.20 -63.99
N GLN A 37 20.11 27.15 -64.77
CA GLN A 37 19.41 28.32 -65.27
C GLN A 37 17.96 28.28 -64.82
N LEU A 38 17.32 29.44 -64.87
CA LEU A 38 15.95 29.57 -64.42
C LEU A 38 15.07 30.10 -65.55
N ASN A 39 13.89 29.50 -65.69
CA ASN A 39 12.89 29.94 -66.66
C ASN A 39 11.62 30.31 -65.92
N ALA A 40 10.94 31.34 -66.41
CA ALA A 40 9.72 31.85 -65.79
C ALA A 40 8.52 31.45 -66.62
N THR A 41 7.53 30.85 -65.96
CA THR A 41 6.30 30.39 -66.61
C THR A 41 5.13 31.08 -65.93
N SER A 42 4.67 32.19 -66.50
CA SER A 42 3.62 33.01 -65.92
C SER A 42 2.36 32.89 -66.78
N VAL A 43 1.23 32.65 -66.12
CA VAL A 43 -0.07 32.57 -66.81
C VAL A 43 -1.02 33.54 -66.12
N THR A 44 -1.75 34.31 -66.92
CA THR A 44 -2.71 35.25 -66.39
C THR A 44 -3.91 34.51 -65.80
N HIS A 45 -4.72 35.25 -65.05
CA HIS A 45 -5.90 34.71 -64.39
C HIS A 45 -7.16 35.36 -64.97
N LYS A 46 -8.11 34.52 -65.36
CA LYS A 46 -9.40 35.04 -65.80
C LYS A 46 -10.31 35.29 -64.59
N PRO A 47 -11.29 36.21 -64.73
CA PRO A 47 -12.23 36.49 -63.64
C PRO A 47 -13.33 35.43 -63.48
N ASN A 48 -12.94 34.17 -63.56
CA ASN A 48 -13.86 33.06 -63.26
C ASN A 48 -13.00 31.85 -62.92
N ALA A 49 -12.96 31.49 -61.65
CA ALA A 49 -12.11 30.41 -61.17
C ALA A 49 -12.78 29.04 -61.26
N ILE A 50 -14.04 28.98 -61.67
CA ILE A 50 -14.74 27.70 -61.75
C ILE A 50 -14.06 26.78 -62.74
N GLN A 51 -13.70 27.31 -63.90
CA GLN A 51 -12.96 26.56 -64.90
C GLN A 51 -11.46 26.67 -64.71
N MET A 52 -11.00 27.47 -63.74
CA MET A 52 -9.56 27.58 -63.49
C MET A 52 -8.98 26.26 -63.00
N ALA A 53 -9.80 25.42 -62.37
CA ALA A 53 -9.29 24.14 -61.87
C ALA A 53 -8.65 23.35 -63.00
N LEU A 54 -9.34 23.24 -64.13
CA LEU A 54 -8.76 22.63 -65.32
C LEU A 54 -7.90 23.57 -66.13
N SER A 55 -7.99 24.88 -65.87
CA SER A 55 -7.22 25.86 -66.62
C SER A 55 -5.83 26.10 -66.04
N VAL A 56 -5.53 25.57 -64.86
CA VAL A 56 -4.24 25.78 -64.23
C VAL A 56 -3.24 24.72 -64.66
N CYS A 57 -3.57 23.45 -64.46
CA CYS A 57 -2.63 22.38 -64.75
C CYS A 57 -2.28 22.33 -66.23
N GLU A 58 -3.28 22.48 -67.09
CA GLU A 58 -3.04 22.39 -68.53
C GLU A 58 -2.12 23.50 -69.01
N ASP A 59 -2.35 24.73 -68.52
CA ASP A 59 -1.58 25.88 -68.98
C ASP A 59 -0.27 26.05 -68.22
N LEU A 60 -0.17 25.54 -67.01
CA LEU A 60 0.99 25.80 -66.16
C LEU A 60 1.74 24.54 -65.77
N ILE A 61 1.05 23.53 -65.24
CA ILE A 61 1.72 22.32 -64.77
C ILE A 61 2.38 21.58 -65.93
N SER A 62 1.74 21.61 -67.10
CA SER A 62 2.28 20.90 -68.27
C SER A 62 3.64 21.45 -68.68
N SER A 63 3.99 22.66 -68.23
CA SER A 63 5.28 23.27 -68.55
C SER A 63 6.42 22.76 -67.69
N GLN A 64 6.25 21.62 -67.01
CA GLN A 64 7.30 21.02 -66.18
C GLN A 64 7.76 21.97 -65.08
N VAL A 65 6.77 22.49 -64.33
CA VAL A 65 7.05 23.44 -63.26
C VAL A 65 7.48 22.70 -62.01
N TYR A 66 8.01 23.44 -61.02
CA TYR A 66 8.39 22.87 -59.74
C TYR A 66 7.63 23.47 -58.56
N ALA A 67 6.97 24.61 -58.73
CA ALA A 67 6.18 25.21 -57.68
C ALA A 67 5.19 26.18 -58.33
N ILE A 68 4.19 26.58 -57.55
CA ILE A 68 3.11 27.45 -58.03
C ILE A 68 3.06 28.69 -57.15
N LEU A 69 2.96 29.85 -57.79
CA LEU A 69 2.80 31.13 -57.10
C LEU A 69 1.42 31.67 -57.43
N VAL A 70 0.55 31.70 -56.42
CA VAL A 70 -0.84 32.12 -56.58
C VAL A 70 -1.00 33.52 -56.01
N SER A 71 -1.61 34.41 -56.79
CA SER A 71 -1.78 35.79 -56.38
C SER A 71 -3.08 35.95 -55.60
N HIS A 72 -3.36 37.17 -55.19
CA HIS A 72 -4.57 37.46 -54.45
C HIS A 72 -5.65 37.99 -55.37
N PRO A 73 -6.89 37.56 -55.18
CA PRO A 73 -7.99 38.13 -55.95
C PRO A 73 -8.10 39.62 -55.74
N PRO A 74 -8.37 40.39 -56.78
CA PRO A 74 -8.57 41.84 -56.59
C PRO A 74 -9.72 42.18 -55.68
N THR A 75 -10.71 41.29 -55.53
CA THR A 75 -11.78 41.53 -54.58
C THR A 75 -11.24 41.54 -53.16
N PRO A 76 -11.83 42.34 -52.26
CA PRO A 76 -11.28 42.45 -50.91
C PRO A 76 -11.23 41.14 -50.15
N ASN A 77 -12.23 40.27 -50.32
CA ASN A 77 -12.26 39.00 -49.62
C ASN A 77 -13.19 38.03 -50.35
N ASP A 78 -12.61 36.99 -50.94
CA ASP A 78 -13.37 35.96 -51.64
C ASP A 78 -12.61 34.64 -51.57
N HIS A 79 -13.36 33.54 -51.44
CA HIS A 79 -12.80 32.21 -51.54
C HIS A 79 -12.83 31.66 -52.96
N PHE A 80 -13.36 32.43 -53.91
CA PHE A 80 -13.45 31.94 -55.29
C PHE A 80 -12.08 31.69 -55.89
N THR A 81 -11.14 32.60 -55.65
CA THR A 81 -9.81 32.47 -56.22
C THR A 81 -8.92 31.47 -55.48
N PRO A 82 -8.72 31.60 -54.17
CA PRO A 82 -7.69 30.76 -53.51
C PRO A 82 -8.04 29.29 -53.41
N THR A 83 -9.31 28.91 -53.59
CA THR A 83 -9.68 27.52 -53.36
C THR A 83 -9.22 26.60 -54.50
N PRO A 84 -9.66 26.80 -55.75
CA PRO A 84 -9.30 25.84 -56.80
C PRO A 84 -7.81 25.81 -57.10
N VAL A 85 -7.11 26.92 -56.87
CA VAL A 85 -5.69 26.99 -57.19
C VAL A 85 -4.83 26.12 -56.30
N SER A 86 -5.41 25.57 -55.23
CA SER A 86 -4.69 24.63 -54.37
C SER A 86 -5.16 23.20 -54.51
N TYR A 87 -6.40 22.98 -54.98
CA TYR A 87 -6.88 21.62 -55.18
C TYR A 87 -6.09 20.91 -56.26
N THR A 88 -5.78 21.60 -57.35
CA THR A 88 -5.09 20.98 -58.48
C THR A 88 -3.71 20.47 -58.07
N ALA A 89 -2.99 21.27 -57.28
CA ALA A 89 -1.64 20.86 -56.86
C ALA A 89 -1.68 19.75 -55.81
N GLY A 90 -2.81 19.59 -55.11
CA GLY A 90 -2.87 18.62 -54.04
C GLY A 90 -2.70 17.19 -54.49
N PHE A 91 -3.23 16.85 -55.66
CA PHE A 91 -3.14 15.47 -56.15
C PHE A 91 -1.69 15.03 -56.30
N TYR A 92 -0.85 15.90 -56.84
CA TYR A 92 0.56 15.61 -57.03
C TYR A 92 1.43 16.18 -55.93
N ARG A 93 0.83 16.67 -54.84
CA ARG A 93 1.56 17.25 -53.72
C ARG A 93 2.46 18.40 -54.18
N ILE A 94 2.03 19.10 -55.22
CA ILE A 94 2.81 20.24 -55.72
C ILE A 94 2.72 21.40 -54.73
N PRO A 95 3.84 21.99 -54.32
CA PRO A 95 3.77 23.13 -53.42
C PRO A 95 3.09 24.32 -54.09
N VAL A 96 2.38 25.10 -53.28
CA VAL A 96 1.74 26.33 -53.71
C VAL A 96 2.02 27.42 -52.69
N LEU A 97 2.33 28.62 -53.17
CA LEU A 97 2.69 29.75 -52.32
C LEU A 97 1.70 30.89 -52.57
N GLY A 98 1.02 31.33 -51.51
CA GLY A 98 0.09 32.43 -51.62
C GLY A 98 0.79 33.78 -51.51
N LEU A 99 0.00 34.84 -51.72
CA LEU A 99 0.51 36.19 -51.69
C LEU A 99 -0.05 36.98 -50.51
N THR A 100 -1.37 37.12 -50.42
CA THR A 100 -2.01 37.75 -49.27
C THR A 100 -3.27 36.99 -48.88
N THR A 101 -3.20 35.66 -48.86
CA THR A 101 -4.34 34.84 -48.45
C THR A 101 -4.47 34.91 -46.94
N ARG A 102 -5.20 35.92 -46.47
CA ARG A 102 -5.30 36.18 -45.03
C ARG A 102 -6.40 35.39 -44.34
N MET A 103 -7.28 34.73 -45.09
CA MET A 103 -8.35 33.97 -44.47
C MET A 103 -7.78 32.74 -43.77
N SER A 104 -8.36 32.41 -42.61
CA SER A 104 -7.72 31.46 -41.70
C SER A 104 -8.00 30.00 -42.03
N ILE A 105 -8.83 29.71 -43.02
CA ILE A 105 -9.14 28.31 -43.33
C ILE A 105 -7.89 27.58 -43.80
N TYR A 106 -7.08 28.22 -44.63
CA TYR A 106 -5.87 27.58 -45.17
C TYR A 106 -4.79 27.52 -44.08
N SER A 107 -5.16 26.94 -42.94
CA SER A 107 -4.25 26.88 -41.81
C SER A 107 -4.35 25.55 -41.06
N ASP A 108 -5.17 24.60 -41.51
CA ASP A 108 -5.36 23.35 -40.79
C ASP A 108 -4.50 22.21 -41.33
N LYS A 109 -4.16 22.23 -42.62
CA LYS A 109 -3.34 21.25 -43.32
C LYS A 109 -4.02 19.90 -43.46
N SER A 110 -5.17 19.68 -42.83
CA SER A 110 -5.95 18.48 -43.10
C SER A 110 -6.54 18.53 -44.50
N ILE A 111 -7.09 19.67 -44.87
CA ILE A 111 -7.27 20.06 -46.26
C ILE A 111 -6.25 21.14 -46.54
N HIS A 112 -5.95 21.31 -47.84
CA HIS A 112 -4.92 22.25 -48.26
C HIS A 112 -3.59 21.93 -47.58
N LEU A 113 -3.17 20.66 -47.72
CA LEU A 113 -2.05 20.16 -46.92
C LEU A 113 -0.75 20.86 -47.27
N SER A 114 -0.53 21.16 -48.55
CA SER A 114 0.69 21.78 -49.02
C SER A 114 0.35 23.22 -49.44
N PHE A 115 0.49 24.15 -48.49
CA PHE A 115 0.23 25.56 -48.78
C PHE A 115 0.95 26.40 -47.74
N LEU A 116 2.03 27.05 -48.13
CA LEU A 116 2.73 28.00 -47.29
C LEU A 116 2.41 29.41 -47.78
N ARG A 117 2.45 30.36 -46.84
CA ARG A 117 2.04 31.73 -47.13
C ARG A 117 3.06 32.73 -46.61
N THR A 118 3.19 33.83 -47.33
CA THR A 118 4.09 34.92 -46.96
C THR A 118 3.42 35.99 -46.12
N VAL A 119 2.14 35.80 -45.77
CA VAL A 119 1.39 36.81 -45.02
C VAL A 119 0.68 36.15 -43.85
N PRO A 120 0.74 36.73 -42.66
CA PRO A 120 0.08 36.11 -41.51
C PRO A 120 -1.44 36.15 -41.67
N PRO A 121 -2.15 35.18 -41.12
CA PRO A 121 -3.62 35.20 -41.15
C PRO A 121 -4.19 36.00 -39.99
N TYR A 122 -5.50 36.21 -40.05
CA TYR A 122 -6.18 36.96 -38.99
C TYR A 122 -6.10 36.24 -37.66
N SER A 123 -5.97 34.91 -37.68
CA SER A 123 -5.88 34.15 -36.44
C SER A 123 -4.60 34.48 -35.67
N HIS A 124 -3.56 34.97 -36.34
CA HIS A 124 -2.34 35.35 -35.64
C HIS A 124 -2.38 36.77 -35.10
N GLN A 125 -3.45 37.52 -35.36
CA GLN A 125 -3.59 38.84 -34.76
C GLN A 125 -3.86 38.77 -33.27
N SER A 126 -4.12 37.59 -32.73
CA SER A 126 -4.37 37.46 -31.30
C SER A 126 -3.12 37.73 -30.48
N SER A 127 -1.94 37.43 -31.03
CA SER A 127 -0.72 37.53 -30.23
C SER A 127 -0.46 38.95 -29.79
N VAL A 128 -0.68 39.93 -30.68
CA VAL A 128 -0.39 41.32 -30.34
C VAL A 128 -1.33 41.83 -29.25
N TRP A 129 -2.54 41.30 -29.17
CA TRP A 129 -3.49 41.78 -28.18
C TRP A 129 -3.00 41.51 -26.76
N PHE A 130 -2.46 40.32 -26.53
CA PHE A 130 -2.04 39.95 -25.18
C PHE A 130 -0.97 40.89 -24.66
N GLU A 131 0.01 41.24 -25.49
CA GLU A 131 1.07 42.13 -25.03
C GLU A 131 0.59 43.57 -24.92
N MET A 132 -0.29 43.99 -25.84
CA MET A 132 -0.82 45.35 -25.76
C MET A 132 -1.61 45.56 -24.48
N MET A 133 -2.44 44.59 -24.09
CA MET A 133 -3.20 44.74 -22.86
C MET A 133 -2.31 44.60 -21.62
N ARG A 134 -1.27 43.76 -21.69
CA ARG A 134 -0.39 43.60 -20.55
C ARG A 134 0.56 44.79 -20.39
N VAL A 135 0.89 45.47 -21.49
CA VAL A 135 1.76 46.63 -21.39
C VAL A 135 1.03 47.79 -20.73
N TYR A 136 -0.24 47.98 -21.08
CA TYR A 136 -1.02 49.09 -20.55
C TYR A 136 -1.71 48.74 -19.23
N SER A 137 -1.33 47.63 -18.60
CA SER A 137 -1.83 47.25 -17.29
C SER A 137 -3.35 47.07 -17.30
N TRP A 138 -3.80 46.05 -18.03
CA TRP A 138 -5.19 45.63 -18.02
C TRP A 138 -5.27 44.18 -17.57
N ASN A 139 -6.35 43.83 -16.88
CA ASN A 139 -6.47 42.51 -16.28
C ASN A 139 -7.84 41.87 -16.51
N HIS A 140 -8.89 42.65 -16.76
CA HIS A 140 -10.22 42.11 -17.03
C HIS A 140 -10.61 42.47 -18.46
N ILE A 141 -11.10 41.49 -19.21
CA ILE A 141 -11.50 41.70 -20.60
C ILE A 141 -12.82 40.99 -20.90
N ILE A 142 -13.48 41.45 -21.95
CA ILE A 142 -14.73 40.89 -22.45
C ILE A 142 -14.56 40.59 -23.93
N LEU A 143 -14.99 39.41 -24.34
CA LEU A 143 -14.81 38.96 -25.72
C LEU A 143 -16.09 39.13 -26.53
N LEU A 144 -15.92 39.40 -27.81
CA LEU A 144 -17.02 39.39 -28.78
C LEU A 144 -16.45 38.85 -30.09
N VAL A 145 -16.66 37.56 -30.34
CA VAL A 145 -16.06 36.91 -31.49
C VAL A 145 -17.15 36.51 -32.47
N SER A 146 -16.76 36.38 -33.73
CA SER A 146 -17.69 35.94 -34.76
C SER A 146 -17.94 34.45 -34.64
N ASP A 147 -19.12 34.02 -35.07
CA ASP A 147 -19.51 32.62 -35.00
C ASP A 147 -19.23 31.91 -36.34
N ASP A 148 -17.95 31.94 -36.72
CA ASP A 148 -17.50 31.28 -37.93
C ASP A 148 -16.18 30.58 -37.63
N HIS A 149 -15.56 30.04 -38.68
CA HIS A 149 -14.33 29.26 -38.49
C HIS A 149 -13.21 30.13 -37.93
N GLU A 150 -13.02 31.32 -38.51
CA GLU A 150 -11.98 32.21 -38.00
C GLU A 150 -12.29 32.66 -36.59
N GLY A 151 -13.56 32.96 -36.31
CA GLY A 151 -13.93 33.39 -34.98
C GLY A 151 -13.60 32.36 -33.92
N ARG A 152 -13.88 31.08 -34.21
CA ARG A 152 -13.53 30.03 -33.27
C ARG A 152 -12.02 30.00 -33.03
N ALA A 153 -11.23 30.07 -34.10
CA ALA A 153 -9.79 30.11 -33.95
C ALA A 153 -9.34 31.38 -33.26
N ALA A 154 -10.10 32.48 -33.43
CA ALA A 154 -9.73 33.72 -32.79
C ALA A 154 -9.70 33.59 -31.27
N GLN A 155 -10.69 32.90 -30.71
CA GLN A 155 -10.70 32.61 -29.29
C GLN A 155 -9.96 31.33 -28.94
N LYS A 156 -9.65 30.49 -29.92
CA LYS A 156 -8.90 29.26 -29.64
C LYS A 156 -7.46 29.58 -29.24
N ARG A 157 -6.78 30.42 -30.01
CA ARG A 157 -5.40 30.75 -29.69
C ARG A 157 -5.33 31.58 -28.42
N LEU A 158 -6.15 32.64 -28.35
CA LEU A 158 -6.08 33.54 -27.19
C LEU A 158 -6.36 32.81 -25.89
N GLU A 159 -7.23 31.79 -25.91
CA GLU A 159 -7.51 31.02 -24.71
C GLU A 159 -6.23 30.37 -24.19
N THR A 160 -5.53 29.65 -25.06
CA THR A 160 -4.27 29.03 -24.68
C THR A 160 -3.16 30.05 -24.55
N LEU A 161 -3.26 31.17 -25.28
CA LEU A 161 -2.22 32.18 -25.21
C LEU A 161 -2.16 32.82 -23.83
N LEU A 162 -3.30 32.94 -23.16
CA LEU A 162 -3.41 33.63 -21.89
C LEU A 162 -3.41 32.69 -20.68
N GLU A 163 -3.49 31.37 -20.91
CA GLU A 163 -3.75 30.44 -19.82
C GLU A 163 -2.62 30.36 -18.79
N GLU A 164 -1.56 31.16 -18.98
CA GLU A 164 -0.46 31.17 -18.01
C GLU A 164 -0.68 32.18 -16.89
N ARG A 165 -1.49 33.20 -17.11
CA ARG A 165 -1.91 34.08 -16.03
C ARG A 165 -3.12 33.54 -15.28
N GLU A 166 -3.71 32.44 -15.77
CA GLU A 166 -4.83 31.77 -15.13
C GLU A 166 -6.01 32.73 -14.93
N SER A 167 -6.49 33.26 -16.05
CA SER A 167 -7.65 34.15 -16.08
C SER A 167 -8.62 33.64 -17.14
N LYS A 168 -9.91 33.69 -16.80
CA LYS A 168 -10.96 33.18 -17.66
C LYS A 168 -11.47 34.22 -18.66
N ALA A 169 -10.95 35.44 -18.62
CA ALA A 169 -11.37 36.53 -19.51
C ALA A 169 -12.85 36.84 -19.36
N GLU A 170 -13.39 36.61 -18.16
CA GLU A 170 -14.81 36.86 -17.86
C GLU A 170 -15.67 36.14 -18.89
N LYS A 171 -16.84 36.67 -19.20
CA LYS A 171 -17.72 36.03 -20.16
C LYS A 171 -17.12 36.09 -21.56
N VAL A 172 -17.39 35.06 -22.34
CA VAL A 172 -16.91 34.96 -23.71
C VAL A 172 -18.15 34.76 -24.58
N LEU A 173 -18.75 35.86 -25.02
CA LEU A 173 -19.98 35.78 -25.76
C LEU A 173 -19.72 35.37 -27.21
N GLN A 174 -20.77 34.93 -27.87
CA GLN A 174 -20.72 34.62 -29.29
C GLN A 174 -22.00 35.15 -29.94
N PHE A 175 -21.87 35.61 -31.18
CA PHE A 175 -23.01 36.10 -31.94
C PHE A 175 -22.95 35.55 -33.36
N ASP A 176 -24.10 35.19 -33.90
CA ASP A 176 -24.15 34.59 -35.23
C ASP A 176 -23.74 35.60 -36.30
N PRO A 177 -23.07 35.15 -37.35
CA PRO A 177 -22.67 36.07 -38.41
C PRO A 177 -23.87 36.62 -39.17
N GLY A 178 -23.72 37.85 -39.64
CA GLY A 178 -24.77 38.47 -40.44
C GLY A 178 -26.08 38.66 -39.71
N THR A 179 -26.03 39.09 -38.45
CA THR A 179 -27.22 39.33 -37.67
C THR A 179 -27.61 40.81 -37.72
N LYS A 180 -28.87 41.07 -37.39
CA LYS A 180 -29.44 42.40 -37.49
C LYS A 180 -29.77 43.02 -36.15
N ASN A 181 -30.59 42.35 -35.33
CA ASN A 181 -30.90 42.81 -33.99
C ASN A 181 -30.04 42.02 -33.01
N VAL A 182 -29.14 42.73 -32.32
CA VAL A 182 -28.15 42.11 -31.45
C VAL A 182 -28.16 42.68 -30.04
N THR A 183 -28.96 43.72 -29.78
CA THR A 183 -28.88 44.43 -28.52
C THR A 183 -29.24 43.54 -27.33
N ALA A 184 -29.87 42.39 -27.58
CA ALA A 184 -30.16 41.45 -26.51
C ALA A 184 -28.87 40.98 -25.83
N LEU A 185 -28.03 40.27 -26.58
CA LEU A 185 -26.81 39.74 -25.98
C LEU A 185 -25.84 40.84 -25.59
N LEU A 186 -25.86 41.96 -26.32
CA LEU A 186 -24.96 43.05 -26.03
C LEU A 186 -25.22 43.66 -24.66
N MET A 187 -26.48 43.61 -24.20
CA MET A 187 -26.82 44.17 -22.90
C MET A 187 -26.27 43.34 -21.75
N GLU A 188 -25.87 42.10 -22.00
CA GLU A 188 -25.34 41.28 -20.92
C GLU A 188 -24.03 41.83 -20.41
N ALA A 189 -23.16 42.31 -21.30
CA ALA A 189 -21.87 42.85 -20.88
C ALA A 189 -22.01 44.16 -20.11
N LYS A 190 -23.19 44.78 -20.11
CA LYS A 190 -23.39 46.00 -19.34
C LYS A 190 -23.25 45.73 -17.84
N GLU A 191 -23.76 44.59 -17.38
CA GLU A 191 -23.76 44.25 -15.96
C GLU A 191 -22.61 43.34 -15.56
N LEU A 192 -21.45 43.50 -16.18
CA LEU A 192 -20.24 42.81 -15.79
C LEU A 192 -19.17 43.83 -15.41
N GLU A 193 -18.24 43.41 -14.56
CA GLU A 193 -17.24 44.35 -14.05
C GLU A 193 -16.34 44.88 -15.15
N ALA A 194 -15.92 44.02 -16.07
CA ALA A 194 -14.88 44.39 -17.02
C ALA A 194 -15.36 45.49 -17.96
N ARG A 195 -14.40 46.27 -18.47
CA ARG A 195 -14.69 47.36 -19.37
C ARG A 195 -13.75 47.40 -20.58
N VAL A 196 -13.02 46.32 -20.85
CA VAL A 196 -12.14 46.21 -21.99
C VAL A 196 -12.76 45.24 -22.98
N ILE A 197 -13.12 45.74 -24.15
CA ILE A 197 -13.84 44.95 -25.14
C ILE A 197 -12.89 44.62 -26.29
N ILE A 198 -12.85 43.36 -26.68
CA ILE A 198 -12.03 42.88 -27.79
C ILE A 198 -12.98 42.35 -28.86
N LEU A 199 -12.90 42.90 -30.07
CA LEU A 199 -13.77 42.52 -31.16
C LEU A 199 -12.95 42.06 -32.34
N SER A 200 -13.41 41.01 -33.02
CA SER A 200 -12.79 40.56 -34.26
C SER A 200 -13.85 39.79 -35.05
N ALA A 201 -14.43 40.45 -36.04
CA ALA A 201 -15.59 39.89 -36.74
C ALA A 201 -15.54 40.34 -38.20
N SER A 202 -16.69 40.25 -38.88
CA SER A 202 -16.80 40.65 -40.27
C SER A 202 -17.08 42.15 -40.39
N GLU A 203 -16.84 42.69 -41.58
CA GLU A 203 -17.02 44.12 -41.81
C GLU A 203 -18.47 44.52 -41.69
N ASP A 204 -19.36 43.80 -42.38
CA ASP A 204 -20.77 44.17 -42.37
C ASP A 204 -21.37 44.06 -40.97
N ASP A 205 -20.93 43.07 -40.20
CA ASP A 205 -21.37 42.95 -38.81
C ASP A 205 -20.81 44.07 -37.96
N ALA A 206 -19.62 44.59 -38.31
CA ALA A 206 -19.02 45.65 -37.51
C ALA A 206 -19.88 46.90 -37.52
N ALA A 207 -20.58 47.15 -38.61
CA ALA A 207 -21.42 48.36 -38.70
C ALA A 207 -22.55 48.31 -37.68
N THR A 208 -23.22 47.16 -37.54
CA THR A 208 -24.36 47.09 -36.65
C THR A 208 -23.94 46.99 -35.19
N VAL A 209 -22.82 46.34 -34.89
CA VAL A 209 -22.40 46.22 -33.49
C VAL A 209 -21.97 47.58 -32.96
N TYR A 210 -21.29 48.38 -33.77
CA TYR A 210 -21.04 49.76 -33.39
C TYR A 210 -22.34 50.55 -33.27
N ARG A 211 -23.27 50.35 -34.20
CA ARG A 211 -24.54 51.06 -34.13
C ARG A 211 -25.37 50.61 -32.94
N ALA A 212 -25.27 49.35 -32.54
CA ALA A 212 -26.04 48.88 -31.39
C ALA A 212 -25.54 49.51 -30.09
N ALA A 213 -24.23 49.74 -29.98
CA ALA A 213 -23.67 50.24 -28.73
C ALA A 213 -23.95 51.72 -28.51
N ALA A 214 -24.32 52.46 -29.56
CA ALA A 214 -24.58 53.88 -29.39
C ALA A 214 -25.81 54.12 -28.53
N MET A 215 -26.85 53.29 -28.68
CA MET A 215 -28.07 53.50 -27.91
C MET A 215 -27.86 53.24 -26.42
N LEU A 216 -26.87 52.42 -26.07
CA LEU A 216 -26.63 52.06 -24.69
C LEU A 216 -25.55 52.91 -24.01
N ASN A 217 -25.06 53.95 -24.70
CA ASN A 217 -24.00 54.81 -24.18
C ASN A 217 -22.76 53.99 -23.80
N MET A 218 -22.43 53.02 -24.63
CA MET A 218 -21.24 52.18 -24.43
C MET A 218 -19.97 52.83 -24.98
N THR A 219 -20.08 53.98 -25.65
CA THR A 219 -18.92 54.68 -26.19
C THR A 219 -18.58 55.93 -25.40
N GLY A 220 -19.21 56.13 -24.25
CA GLY A 220 -18.91 57.27 -23.41
C GLY A 220 -17.63 57.06 -22.62
N SER A 221 -17.44 57.91 -21.61
CA SER A 221 -16.23 57.84 -20.80
C SER A 221 -16.18 56.54 -20.01
N GLY A 222 -14.96 56.09 -19.75
CA GLY A 222 -14.75 54.91 -18.92
C GLY A 222 -14.73 53.60 -19.65
N TYR A 223 -14.86 53.59 -20.97
CA TYR A 223 -14.76 52.38 -21.78
C TYR A 223 -13.42 52.34 -22.49
N VAL A 224 -13.21 51.28 -23.26
CA VAL A 224 -12.05 51.14 -24.13
C VAL A 224 -12.36 50.05 -25.14
N TRP A 225 -11.97 50.28 -26.39
CA TRP A 225 -12.17 49.31 -27.46
C TRP A 225 -10.81 48.94 -28.03
N LEU A 226 -10.34 47.75 -27.71
CA LEU A 226 -9.12 47.21 -28.31
C LEU A 226 -9.59 46.27 -29.42
N VAL A 227 -9.68 46.80 -30.63
CA VAL A 227 -10.38 46.13 -31.71
C VAL A 227 -9.34 45.56 -32.67
N GLY A 228 -9.79 44.74 -33.62
CA GLY A 228 -8.89 44.02 -34.51
C GLY A 228 -8.40 44.87 -35.66
N GLU A 229 -8.17 44.21 -36.80
CA GLU A 229 -7.55 44.85 -37.95
C GLU A 229 -8.50 45.12 -39.11
N ARG A 230 -9.34 44.15 -39.49
CA ARG A 230 -10.14 44.30 -40.70
C ARG A 230 -11.12 45.46 -40.59
N GLU A 231 -11.86 45.51 -39.50
CA GLU A 231 -13.00 46.41 -39.33
C GLU A 231 -12.62 47.89 -39.27
N ILE A 232 -11.34 48.22 -39.09
CA ILE A 232 -10.94 49.62 -39.21
C ILE A 232 -11.22 50.13 -40.61
N SER A 233 -10.77 49.39 -41.61
CA SER A 233 -10.87 49.80 -43.01
C SER A 233 -12.10 49.16 -43.64
N GLY A 234 -12.92 49.98 -44.29
CA GLY A 234 -14.10 49.47 -44.94
C GLY A 234 -15.35 50.27 -44.67
N ASN A 235 -16.49 49.60 -44.56
CA ASN A 235 -17.76 50.27 -44.35
C ASN A 235 -18.03 50.63 -42.91
N ALA A 236 -17.15 50.25 -41.97
CA ALA A 236 -17.38 50.51 -40.56
C ALA A 236 -16.97 51.92 -40.14
N LEU A 237 -16.21 52.64 -40.97
CA LEU A 237 -15.73 53.95 -40.56
C LEU A 237 -16.87 54.94 -40.35
N ARG A 238 -17.88 54.90 -41.23
CA ARG A 238 -19.01 55.82 -41.09
C ARG A 238 -19.75 55.59 -39.77
N TYR A 239 -19.73 54.37 -39.25
CA TYR A 239 -20.33 54.07 -37.96
C TYR A 239 -19.29 53.78 -36.90
N ALA A 240 -18.03 54.11 -37.14
CA ALA A 240 -16.99 53.87 -36.15
C ALA A 240 -17.14 54.86 -35.00
N PRO A 241 -17.23 54.39 -33.76
CA PRO A 241 -17.34 55.31 -32.62
C PRO A 241 -16.07 56.12 -32.43
N ASP A 242 -16.22 57.23 -31.74
CA ASP A 242 -15.08 58.09 -31.46
C ASP A 242 -14.14 57.42 -30.47
N GLY A 243 -12.85 57.48 -30.77
CA GLY A 243 -11.88 56.93 -29.84
C GLY A 243 -11.74 55.42 -29.89
N ILE A 244 -11.22 54.89 -30.99
CA ILE A 244 -11.00 53.46 -31.16
C ILE A 244 -9.49 53.20 -31.15
N LEU A 245 -9.12 52.02 -30.70
CA LEU A 245 -7.74 51.55 -30.79
C LEU A 245 -7.68 50.39 -31.79
N GLY A 246 -7.49 50.73 -33.07
CA GLY A 246 -7.38 49.73 -34.11
C GLY A 246 -5.95 49.27 -34.32
N LEU A 247 -5.80 48.28 -35.19
CA LEU A 247 -4.48 47.76 -35.55
C LEU A 247 -4.38 47.55 -37.04
N GLN A 248 -3.21 47.83 -37.60
CA GLN A 248 -2.92 47.66 -39.02
C GLN A 248 -1.55 47.01 -39.17
N LEU A 249 -1.36 46.34 -40.30
CA LEU A 249 -0.10 45.67 -40.59
C LEU A 249 0.62 46.39 -41.73
N ILE A 250 1.94 46.44 -41.65
CA ILE A 250 2.75 47.15 -42.62
C ILE A 250 2.98 46.29 -43.84
N ASN A 251 3.18 46.95 -44.99
CA ASN A 251 3.56 46.27 -46.23
C ASN A 251 2.60 45.15 -46.59
N GLY A 252 1.31 45.47 -46.57
CA GLY A 252 0.31 44.45 -46.79
C GLY A 252 -0.21 44.35 -48.21
N LYS A 253 0.06 45.37 -49.03
CA LYS A 253 -0.50 45.41 -50.37
C LYS A 253 0.54 45.66 -51.46
N ASN A 254 1.81 45.85 -51.11
CA ASN A 254 2.86 46.03 -52.11
C ASN A 254 3.41 44.67 -52.53
N GLU A 255 2.61 43.97 -53.33
CA GLU A 255 2.97 42.63 -53.79
C GLU A 255 4.16 42.64 -54.73
N SER A 256 4.51 43.80 -55.29
CA SER A 256 5.63 43.87 -56.20
C SER A 256 6.93 43.46 -55.50
N ALA A 257 7.13 43.91 -54.27
CA ALA A 257 8.25 43.42 -53.47
C ALA A 257 8.00 42.02 -52.95
N HIS A 258 6.73 41.64 -52.77
CA HIS A 258 6.41 40.33 -52.24
C HIS A 258 6.77 39.23 -53.22
N ILE A 259 6.43 39.40 -54.50
CA ILE A 259 6.81 38.40 -55.49
C ILE A 259 8.34 38.36 -55.63
N SER A 260 9.01 39.48 -55.36
CA SER A 260 10.47 39.49 -55.40
C SER A 260 11.05 38.58 -54.33
N ASP A 261 10.50 38.63 -53.11
CA ASP A 261 10.97 37.72 -52.07
C ASP A 261 10.62 36.28 -52.40
N ALA A 262 9.42 36.04 -52.94
CA ALA A 262 8.96 34.67 -53.18
C ALA A 262 9.84 33.97 -54.20
N VAL A 263 10.17 34.65 -55.31
CA VAL A 263 11.05 34.03 -56.30
C VAL A 263 12.47 33.91 -55.76
N GLY A 264 12.89 34.84 -54.91
CA GLY A 264 14.22 34.76 -54.33
C GLY A 264 14.38 33.59 -53.39
N VAL A 265 13.40 33.36 -52.51
CA VAL A 265 13.54 32.33 -51.50
C VAL A 265 13.48 30.94 -52.14
N VAL A 266 12.62 30.76 -53.12
CA VAL A 266 12.56 29.46 -53.80
C VAL A 266 13.82 29.24 -54.62
N ALA A 267 14.46 30.33 -55.09
CA ALA A 267 15.72 30.18 -55.80
C ALA A 267 16.79 29.59 -54.90
N GLN A 268 16.80 29.97 -53.63
CA GLN A 268 17.72 29.34 -52.69
C GLN A 268 17.41 27.86 -52.51
N ALA A 269 16.12 27.51 -52.48
CA ALA A 269 15.72 26.13 -52.26
C ALA A 269 16.19 25.22 -53.39
N VAL A 270 16.03 25.67 -54.64
CA VAL A 270 16.40 24.82 -55.77
C VAL A 270 17.91 24.64 -55.85
N HIS A 271 18.67 25.70 -55.52
CA HIS A 271 20.13 25.57 -55.51
C HIS A 271 20.58 24.56 -54.47
N GLU A 272 19.99 24.61 -53.27
CA GLU A 272 20.27 23.58 -52.27
C GLU A 272 19.60 22.26 -52.62
N LEU A 273 18.53 22.29 -53.43
CA LEU A 273 17.89 21.05 -53.87
C LEU A 273 18.82 20.22 -54.72
N LEU A 274 19.60 20.87 -55.60
CA LEU A 274 20.44 20.15 -56.54
C LEU A 274 21.76 19.74 -55.90
N GLU A 275 21.69 19.06 -54.76
CA GLU A 275 22.89 18.51 -54.11
C GLU A 275 22.65 17.11 -53.58
N LYS A 276 21.50 16.49 -53.89
CA LYS A 276 21.13 15.19 -53.37
C LYS A 276 20.62 14.37 -54.54
N GLU A 277 20.97 13.09 -54.58
CA GLU A 277 20.51 12.22 -55.65
C GLU A 277 19.00 11.96 -55.51
N ASN A 278 18.49 11.13 -56.41
CA ASN A 278 17.06 10.81 -56.49
C ASN A 278 16.22 12.07 -56.71
N ILE A 279 16.64 12.87 -57.69
CA ILE A 279 15.86 14.03 -58.13
C ILE A 279 14.94 13.53 -59.23
N THR A 280 13.75 13.10 -58.83
CA THR A 280 12.76 12.61 -59.80
C THR A 280 12.05 13.79 -60.44
N ASP A 281 11.87 13.70 -61.76
CA ASP A 281 11.19 14.76 -62.48
C ASP A 281 9.72 14.84 -62.06
N PRO A 282 9.20 16.02 -61.78
CA PRO A 282 7.78 16.15 -61.44
C PRO A 282 6.92 15.85 -62.65
N PRO A 283 5.65 15.53 -62.46
CA PRO A 283 4.81 15.14 -63.59
C PRO A 283 4.68 16.25 -64.62
N ARG A 284 4.75 15.86 -65.89
CA ARG A 284 4.54 16.76 -67.01
C ARG A 284 3.30 16.30 -67.76
N GLY A 285 2.43 17.25 -68.09
CA GLY A 285 1.17 16.90 -68.71
C GLY A 285 0.11 16.60 -67.66
N CYS A 286 -1.10 17.10 -67.88
CA CYS A 286 -2.17 17.00 -66.91
C CYS A 286 -3.15 15.87 -67.24
N VAL A 287 -2.82 15.02 -68.20
CA VAL A 287 -3.67 13.91 -68.60
C VAL A 287 -2.95 12.57 -68.48
N GLY A 288 -1.73 12.49 -69.02
CA GLY A 288 -1.05 11.21 -69.10
C GLY A 288 -0.76 10.60 -67.75
N ASN A 289 -0.24 11.39 -66.81
CA ASN A 289 0.18 10.89 -65.52
C ASN A 289 -0.94 11.06 -64.50
N THR A 290 -1.12 10.05 -63.66
CA THR A 290 -2.11 10.10 -62.58
C THR A 290 -1.53 9.65 -61.24
N ASN A 291 -0.23 9.36 -61.19
CA ASN A 291 0.39 8.86 -59.97
C ASN A 291 0.92 10.03 -59.15
N ILE A 292 1.74 9.73 -58.15
CA ILE A 292 2.43 10.71 -57.33
C ILE A 292 3.92 10.67 -57.64
N TRP A 293 4.53 11.84 -57.76
CA TRP A 293 5.96 11.95 -57.97
C TRP A 293 6.66 11.91 -56.62
N LYS A 294 7.63 10.99 -56.49
CA LYS A 294 8.11 10.58 -55.17
C LYS A 294 8.70 11.74 -54.39
N THR A 295 9.51 12.58 -55.04
CA THR A 295 10.25 13.62 -54.35
C THR A 295 9.40 14.86 -54.07
N GLY A 296 8.08 14.72 -54.05
CA GLY A 296 7.18 15.77 -53.66
C GLY A 296 7.52 16.40 -52.32
N PRO A 297 7.39 15.63 -51.23
CA PRO A 297 7.67 16.21 -49.90
C PRO A 297 9.09 16.67 -49.73
N LEU A 298 10.06 16.04 -50.40
CA LEU A 298 11.46 16.42 -50.23
C LEU A 298 11.69 17.87 -50.62
N PHE A 299 10.93 18.39 -51.59
CA PHE A 299 11.10 19.76 -52.02
C PHE A 299 10.63 20.76 -50.97
N LYS A 300 9.76 20.34 -50.05
CA LYS A 300 9.30 21.22 -48.98
C LYS A 300 10.27 21.33 -47.83
N ARG A 301 11.13 20.32 -47.63
CA ARG A 301 12.02 20.33 -46.48
C ARG A 301 13.00 21.50 -46.52
N VAL A 302 13.54 21.80 -47.70
CA VAL A 302 14.36 23.00 -47.83
C VAL A 302 13.50 24.25 -47.71
N LEU A 303 12.24 24.18 -48.15
CA LEU A 303 11.34 25.32 -48.02
C LEU A 303 11.06 25.64 -46.56
N MET A 304 10.80 24.61 -45.75
CA MET A 304 10.52 24.84 -44.33
C MET A 304 11.78 25.18 -43.56
N SER A 305 12.93 24.71 -44.02
CA SER A 305 14.20 25.04 -43.38
C SER A 305 14.87 26.27 -43.98
N SER A 306 14.19 26.94 -44.91
CA SER A 306 14.76 28.15 -45.50
C SER A 306 14.68 29.31 -44.52
N LYS A 307 15.81 29.97 -44.30
CA LYS A 307 15.92 31.11 -43.40
C LYS A 307 16.52 32.30 -44.13
N TYR A 308 16.03 32.54 -45.34
CA TYR A 308 16.50 33.67 -46.14
C TYR A 308 16.17 34.98 -45.43
N ALA A 309 17.19 35.78 -45.16
CA ALA A 309 17.06 37.00 -44.36
C ALA A 309 17.24 38.27 -45.18
N ASP A 310 18.28 38.36 -46.00
CA ASP A 310 18.60 39.56 -46.75
C ASP A 310 17.63 39.72 -47.92
N GLY A 311 16.42 40.17 -47.59
CA GLY A 311 15.37 40.36 -48.57
C GLY A 311 14.86 41.79 -48.58
N VAL A 312 13.95 42.04 -49.53
CA VAL A 312 13.35 43.36 -49.66
C VAL A 312 12.45 43.66 -48.46
N THR A 313 11.78 42.65 -47.93
CA THR A 313 11.02 42.80 -46.70
C THR A 313 11.84 42.46 -45.46
N GLY A 314 12.72 41.48 -45.56
CA GLY A 314 13.65 41.18 -44.49
C GLY A 314 13.17 40.14 -43.50
N ARG A 315 13.96 39.08 -43.33
CA ARG A 315 13.72 38.04 -42.32
C ARG A 315 12.34 37.40 -42.49
N VAL A 316 12.18 36.73 -43.63
CA VAL A 316 10.98 35.95 -43.92
C VAL A 316 11.29 34.48 -43.65
N GLU A 317 10.51 33.86 -42.78
CA GLU A 317 10.68 32.46 -42.44
C GLU A 317 9.32 31.85 -42.18
N PHE A 318 9.05 30.72 -42.82
CA PHE A 318 7.77 30.04 -42.66
C PHE A 318 7.75 29.25 -41.35
N ASN A 319 6.63 29.31 -40.65
CA ASN A 319 6.47 28.59 -39.39
C ASN A 319 6.08 27.15 -39.69
N GLU A 320 5.66 26.42 -38.63
CA GLU A 320 5.30 25.03 -38.80
C GLU A 320 4.12 24.86 -39.76
N ASP A 321 3.15 25.78 -39.68
CA ASP A 321 2.03 25.79 -40.60
C ASP A 321 2.36 26.51 -41.91
N GLY A 322 3.55 27.10 -42.02
CA GLY A 322 3.94 27.81 -43.21
C GLY A 322 3.60 29.29 -43.23
N ASP A 323 2.92 29.78 -42.20
CA ASP A 323 2.57 31.20 -42.15
C ASP A 323 3.80 32.05 -41.88
N ARG A 324 3.68 33.33 -42.23
CA ARG A 324 4.79 34.27 -42.08
C ARG A 324 5.12 34.50 -40.62
N LYS A 325 6.41 34.54 -40.30
CA LYS A 325 6.87 34.77 -38.95
C LYS A 325 7.55 36.13 -38.85
N PHE A 326 7.43 36.74 -37.67
CA PHE A 326 8.12 37.98 -37.32
C PHE A 326 7.74 39.11 -38.27
N ALA A 327 6.48 39.51 -38.20
CA ALA A 327 5.97 40.60 -39.01
C ALA A 327 6.06 41.91 -38.22
N ASN A 328 5.40 42.95 -38.72
CA ASN A 328 5.34 44.23 -38.04
C ASN A 328 3.95 44.83 -38.23
N TYR A 329 3.37 45.31 -37.14
CA TYR A 329 2.06 45.94 -37.16
C TYR A 329 2.17 47.32 -36.53
N SER A 330 1.63 48.32 -37.21
CA SER A 330 1.70 49.70 -36.76
C SER A 330 0.38 50.06 -36.07
N ILE A 331 0.44 50.26 -34.76
CA ILE A 331 -0.76 50.59 -34.01
C ILE A 331 -1.30 51.93 -34.47
N MET A 332 -2.61 51.99 -34.71
CA MET A 332 -3.24 53.14 -35.31
C MET A 332 -4.42 53.57 -34.44
N ASN A 333 -4.64 54.89 -34.37
CA ASN A 333 -5.67 55.48 -33.54
C ASN A 333 -6.48 56.47 -34.35
N LEU A 334 -7.75 56.58 -34.00
CA LEU A 334 -8.65 57.52 -34.64
C LEU A 334 -8.69 58.79 -33.80
N GLN A 335 -8.50 59.94 -34.44
CA GLN A 335 -8.52 61.24 -33.77
C GLN A 335 -9.40 62.18 -34.60
N ASN A 336 -10.67 62.29 -34.21
CA ASN A 336 -11.62 63.16 -34.89
C ASN A 336 -11.68 62.82 -36.38
N ARG A 337 -11.98 61.54 -36.64
CA ARG A 337 -12.06 60.97 -37.99
C ARG A 337 -10.72 61.00 -38.72
N LYS A 338 -9.65 61.44 -38.06
CA LYS A 338 -8.32 61.51 -38.65
C LYS A 338 -7.41 60.51 -37.96
N LEU A 339 -6.48 59.94 -38.73
CA LEU A 339 -5.75 58.75 -38.33
C LEU A 339 -4.29 59.10 -38.08
N VAL A 340 -3.72 58.57 -37.01
CA VAL A 340 -2.32 58.78 -36.66
C VAL A 340 -1.72 57.45 -36.24
N GLN A 341 -0.42 57.47 -35.97
CA GLN A 341 0.31 56.32 -35.47
C GLN A 341 0.61 56.50 -33.99
N VAL A 342 0.53 55.40 -33.24
CA VAL A 342 0.68 55.47 -31.79
C VAL A 342 1.79 54.54 -31.32
N GLY A 343 2.08 53.50 -32.09
CA GLY A 343 3.06 52.53 -31.65
C GLY A 343 3.49 51.59 -32.75
N ILE A 344 4.62 50.92 -32.49
CA ILE A 344 5.18 49.90 -33.37
C ILE A 344 5.24 48.60 -32.60
N TYR A 345 4.76 47.52 -33.22
CA TYR A 345 4.89 46.19 -32.62
C TYR A 345 5.66 45.32 -33.59
N ASN A 346 6.91 45.03 -33.23
CA ASN A 346 7.75 44.07 -33.91
C ASN A 346 7.66 42.73 -33.18
N GLY A 347 8.59 41.81 -33.47
CA GLY A 347 8.42 40.42 -33.09
C GLY A 347 8.27 40.16 -31.61
N THR A 348 8.94 40.94 -30.76
CA THR A 348 8.95 40.63 -29.32
C THR A 348 7.86 41.37 -28.55
N HIS A 349 7.86 42.70 -28.59
CA HIS A 349 6.84 43.46 -27.90
C HIS A 349 6.73 44.85 -28.53
N VAL A 350 5.93 45.70 -27.90
CA VAL A 350 5.46 46.94 -28.50
C VAL A 350 6.49 48.05 -28.32
N ILE A 351 6.43 49.03 -29.21
CA ILE A 351 7.22 50.25 -29.12
C ILE A 351 6.26 51.44 -29.16
N PRO A 352 5.99 52.06 -28.02
CA PRO A 352 5.08 53.22 -28.01
C PRO A 352 5.69 54.43 -28.71
N ASN A 353 4.82 55.30 -29.19
CA ASN A 353 5.23 56.60 -29.72
C ASN A 353 5.08 57.68 -28.66
N ASP A 354 5.76 58.81 -28.90
CA ASP A 354 5.70 59.91 -27.96
C ASP A 354 4.33 60.57 -27.94
N ARG A 355 3.59 60.51 -29.05
CA ARG A 355 2.31 61.20 -29.14
C ARG A 355 1.32 60.62 -28.16
N LYS A 356 0.47 61.48 -27.61
CA LYS A 356 -0.50 61.06 -26.61
C LYS A 356 -1.57 60.20 -27.26
N ILE A 357 -2.29 59.47 -26.42
CA ILE A 357 -3.32 58.54 -26.87
C ILE A 357 -4.68 59.10 -26.47
N ILE A 358 -5.60 59.17 -27.43
CA ILE A 358 -6.97 59.52 -27.11
C ILE A 358 -7.71 58.29 -26.61
N TRP A 359 -8.85 58.52 -25.99
CA TRP A 359 -9.64 57.45 -25.39
C TRP A 359 -11.11 57.73 -25.68
N PRO A 360 -11.96 56.70 -25.66
CA PRO A 360 -13.35 56.88 -26.09
C PRO A 360 -14.08 57.91 -25.25
N GLY A 361 -14.92 58.69 -25.91
CA GLY A 361 -15.69 59.73 -25.26
C GLY A 361 -14.99 61.06 -25.13
N GLY A 362 -13.71 61.15 -25.51
CA GLY A 362 -12.96 62.38 -25.36
C GLY A 362 -12.14 62.50 -24.10
N GLU A 363 -12.25 61.54 -23.18
CA GLU A 363 -11.44 61.60 -21.97
C GLU A 363 -9.97 61.42 -22.31
N THR A 364 -9.13 62.22 -21.66
CA THR A 364 -7.70 62.18 -21.95
C THR A 364 -6.97 61.09 -21.18
N GLU A 365 -7.28 60.92 -19.89
CA GLU A 365 -6.61 59.92 -19.09
C GLU A 365 -7.14 58.53 -19.41
N LYS A 366 -6.27 57.53 -19.28
CA LYS A 366 -6.65 56.16 -19.61
C LYS A 366 -7.75 55.66 -18.69
N PRO A 367 -8.83 55.10 -19.23
CA PRO A 367 -9.86 54.52 -18.37
C PRO A 367 -9.37 53.24 -17.72
N ARG A 368 -9.99 52.92 -16.59
CA ARG A 368 -9.60 51.78 -15.78
C ARG A 368 -10.69 50.72 -15.87
N GLY A 369 -10.27 49.46 -16.08
CA GLY A 369 -11.24 48.40 -16.28
C GLY A 369 -11.99 47.99 -15.04
N TYR A 370 -11.38 48.18 -13.86
CA TYR A 370 -11.97 47.71 -12.61
C TYR A 370 -13.14 48.61 -12.23
N GLN A 371 -14.30 48.32 -12.81
CA GLN A 371 -15.48 49.11 -12.49
C GLN A 371 -15.92 48.88 -11.04
N MET A 372 -15.90 47.62 -10.59
CA MET A 372 -16.21 47.21 -9.22
C MET A 372 -17.66 47.42 -8.87
N SER A 373 -18.19 46.58 -7.97
CA SER A 373 -19.58 46.65 -7.57
C SER A 373 -19.70 46.22 -6.12
N THR A 374 -20.79 46.67 -5.48
CA THR A 374 -21.05 46.33 -4.09
C THR A 374 -22.39 45.64 -3.90
N ARG A 375 -23.06 45.25 -4.97
CA ARG A 375 -24.28 44.45 -4.91
C ARG A 375 -23.94 43.03 -5.29
N LEU A 376 -24.22 42.08 -4.40
CA LEU A 376 -23.80 40.71 -4.60
C LEU A 376 -24.99 39.77 -4.45
N LYS A 377 -24.92 38.64 -5.15
CA LYS A 377 -25.95 37.63 -5.13
C LYS A 377 -25.50 36.44 -4.31
N ILE A 378 -26.48 35.73 -3.75
CA ILE A 378 -26.24 34.70 -2.75
C ILE A 378 -27.06 33.46 -3.09
N VAL A 379 -26.46 32.28 -2.93
CA VAL A 379 -27.11 31.01 -3.18
C VAL A 379 -27.16 30.23 -1.88
N THR A 380 -28.29 29.58 -1.60
CA THR A 380 -28.47 28.87 -0.35
C THR A 380 -29.42 27.68 -0.57
N ILE A 381 -29.32 26.67 0.29
CA ILE A 381 -30.13 25.46 0.20
C ILE A 381 -30.96 25.33 1.46
N HIS A 382 -31.90 24.40 1.43
CA HIS A 382 -32.81 24.13 2.54
C HIS A 382 -32.24 22.99 3.38
N GLN A 383 -31.46 23.35 4.40
CA GLN A 383 -30.98 22.40 5.40
C GLN A 383 -31.57 22.77 6.73
N GLU A 384 -32.12 21.78 7.43
CA GLU A 384 -32.94 22.08 8.61
C GLU A 384 -32.17 22.78 9.72
N PRO A 385 -31.03 22.30 10.19
CA PRO A 385 -30.39 22.95 11.35
C PRO A 385 -29.72 24.27 11.02
N PHE A 386 -29.61 24.64 9.75
CA PHE A 386 -28.87 25.83 9.36
C PHE A 386 -29.71 26.87 8.65
N VAL A 387 -30.47 26.49 7.63
CA VAL A 387 -31.22 27.43 6.80
C VAL A 387 -32.65 26.94 6.70
N TYR A 388 -33.53 27.49 7.52
CA TYR A 388 -34.94 27.12 7.46
C TYR A 388 -35.59 27.72 6.22
N VAL A 389 -36.82 27.26 5.94
CA VAL A 389 -37.62 27.80 4.85
C VAL A 389 -39.08 27.80 5.28
N LYS A 390 -39.74 28.95 5.23
CA LYS A 390 -41.16 29.06 5.53
C LYS A 390 -41.82 29.98 4.51
N PRO A 391 -43.07 29.71 4.14
CA PRO A 391 -43.76 30.57 3.19
C PRO A 391 -44.15 31.89 3.82
N THR A 392 -44.37 32.89 2.95
CA THR A 392 -44.66 34.23 3.41
C THR A 392 -46.04 34.28 4.06
N LEU A 393 -46.42 35.48 4.48
CA LEU A 393 -47.74 35.71 5.06
C LEU A 393 -48.73 35.98 3.93
N SER A 394 -49.95 36.39 4.29
CA SER A 394 -50.95 36.68 3.28
C SER A 394 -50.56 37.89 2.45
N ASP A 395 -50.18 38.99 3.10
CA ASP A 395 -49.83 40.21 2.39
C ASP A 395 -48.37 40.24 1.94
N GLY A 396 -47.56 39.26 2.34
CA GLY A 396 -46.18 39.17 1.90
C GLY A 396 -45.15 39.59 2.92
N THR A 397 -45.55 40.21 4.03
CA THR A 397 -44.58 40.54 5.06
C THR A 397 -44.08 39.27 5.73
N CYS A 398 -42.85 39.34 6.23
CA CYS A 398 -42.27 38.21 6.93
C CYS A 398 -42.92 38.02 8.29
N LYS A 399 -43.16 36.76 8.66
CA LYS A 399 -43.69 36.47 9.98
C LYS A 399 -42.66 36.82 11.05
N GLU A 400 -43.16 37.17 12.23
CA GLU A 400 -42.33 37.67 13.32
C GLU A 400 -42.37 36.71 14.51
N GLU A 401 -41.20 36.41 15.05
CA GLU A 401 -41.08 35.53 16.21
C GLU A 401 -40.10 36.16 17.19
N PHE A 402 -39.83 35.46 18.28
CA PHE A 402 -38.82 35.88 19.24
C PHE A 402 -38.22 34.64 19.90
N THR A 403 -37.02 34.82 20.43
CA THR A 403 -36.32 33.74 21.11
C THR A 403 -36.87 33.58 22.53
N VAL A 404 -36.17 32.82 23.36
CA VAL A 404 -36.62 32.63 24.74
C VAL A 404 -36.57 33.96 25.50
N ASN A 405 -35.73 34.89 25.08
CA ASN A 405 -35.63 36.21 25.71
C ASN A 405 -35.38 37.28 24.64
N GLY A 406 -36.46 37.92 24.20
CA GLY A 406 -36.35 39.01 23.25
C GLY A 406 -35.61 38.58 22.00
N ASP A 407 -34.66 39.41 21.57
CA ASP A 407 -33.72 39.08 20.51
C ASP A 407 -34.45 38.61 19.25
N PRO A 408 -35.10 39.51 18.53
CA PRO A 408 -35.93 39.07 17.40
C PRO A 408 -35.12 38.30 16.38
N VAL A 409 -35.70 37.21 15.88
CA VAL A 409 -35.03 36.41 14.87
C VAL A 409 -35.01 37.19 13.56
N LYS A 410 -33.83 37.30 12.97
CA LYS A 410 -33.64 38.12 11.78
C LYS A 410 -34.07 37.33 10.56
N LYS A 411 -34.77 37.99 9.64
CA LYS A 411 -35.32 37.33 8.46
C LYS A 411 -35.09 38.19 7.24
N VAL A 412 -35.09 37.54 6.07
CA VAL A 412 -34.81 38.21 4.81
C VAL A 412 -35.61 37.53 3.70
N ILE A 413 -36.08 38.34 2.74
CA ILE A 413 -36.88 37.81 1.64
C ILE A 413 -36.04 36.92 0.74
N CYS A 414 -36.66 35.89 0.18
CA CYS A 414 -35.92 34.75 -0.36
C CYS A 414 -36.73 34.15 -1.49
N THR A 415 -36.20 34.21 -2.72
CA THR A 415 -36.93 33.75 -3.89
C THR A 415 -36.40 32.41 -4.38
N GLY A 416 -37.28 31.65 -5.02
CA GLY A 416 -36.91 30.35 -5.54
C GLY A 416 -38.10 29.45 -5.80
N PRO A 417 -37.83 28.24 -6.31
CA PRO A 417 -38.92 27.31 -6.59
C PRO A 417 -39.61 26.84 -5.32
N ASN A 418 -40.88 26.48 -5.47
CA ASN A 418 -41.74 26.13 -4.34
C ASN A 418 -41.95 24.64 -4.19
N ASP A 419 -42.37 23.96 -5.24
CA ASP A 419 -42.72 22.54 -5.18
C ASP A 419 -41.54 21.63 -5.40
N THR A 420 -40.32 22.16 -5.45
CA THR A 420 -39.07 21.45 -5.69
C THR A 420 -39.02 20.81 -7.07
N SER A 421 -39.98 21.10 -7.94
CA SER A 421 -40.07 20.58 -9.30
C SER A 421 -39.90 19.06 -9.33
N PRO A 422 -40.89 18.30 -8.83
CA PRO A 422 -40.86 16.83 -8.95
C PRO A 422 -41.52 16.36 -10.23
N GLY A 423 -41.06 16.91 -11.37
CA GLY A 423 -41.69 16.69 -12.64
C GLY A 423 -42.76 17.70 -13.02
N SER A 424 -43.09 18.64 -12.12
CA SER A 424 -44.10 19.67 -12.38
C SER A 424 -43.47 21.02 -12.09
N PRO A 425 -42.72 21.58 -13.04
CA PRO A 425 -42.02 22.84 -12.79
C PRO A 425 -42.98 23.99 -12.55
N ARG A 426 -42.52 24.96 -11.76
CA ARG A 426 -43.31 26.15 -11.46
C ARG A 426 -42.39 27.34 -11.26
N HIS A 427 -42.96 28.53 -11.38
CA HIS A 427 -42.23 29.77 -11.24
C HIS A 427 -41.86 30.04 -9.78
N THR A 428 -41.04 31.06 -9.58
CA THR A 428 -40.53 31.40 -8.26
C THR A 428 -41.47 32.35 -7.54
N VAL A 429 -41.67 32.10 -6.24
CA VAL A 429 -42.53 32.95 -5.42
C VAL A 429 -41.79 33.34 -4.15
N PRO A 430 -41.96 34.57 -3.67
CA PRO A 430 -41.17 35.03 -2.51
C PRO A 430 -41.43 34.19 -1.27
N GLN A 431 -40.37 33.97 -0.50
CA GLN A 431 -40.41 33.17 0.72
C GLN A 431 -39.54 33.83 1.78
N CYS A 432 -39.49 33.20 2.96
CA CYS A 432 -38.72 33.70 4.09
C CYS A 432 -37.60 32.72 4.41
N CYS A 433 -36.38 33.24 4.53
CA CYS A 433 -35.20 32.45 4.81
C CYS A 433 -34.52 33.00 6.06
N TYR A 434 -34.23 32.13 7.02
CA TYR A 434 -33.62 32.57 8.28
C TYR A 434 -32.94 31.38 8.95
N GLY A 435 -32.07 31.69 9.90
CA GLY A 435 -31.44 30.66 10.70
C GLY A 435 -29.99 30.97 10.99
N PHE A 436 -29.20 29.91 11.24
CA PHE A 436 -27.81 30.05 11.63
C PHE A 436 -26.97 30.65 10.50
N CYS A 437 -27.03 30.05 9.32
CA CYS A 437 -26.21 30.57 8.21
C CYS A 437 -26.65 31.97 7.81
N ILE A 438 -27.95 32.22 7.75
CA ILE A 438 -28.43 33.55 7.41
C ILE A 438 -27.97 34.56 8.46
N ASP A 439 -27.90 34.13 9.71
CA ASP A 439 -27.38 35.00 10.76
C ASP A 439 -25.93 35.35 10.55
N LEU A 440 -25.22 34.63 9.67
CA LEU A 440 -23.83 34.96 9.41
C LEU A 440 -23.66 36.05 8.37
N LEU A 441 -24.53 36.09 7.34
CA LEU A 441 -24.41 37.14 6.34
C LEU A 441 -24.58 38.52 6.96
N ILE A 442 -25.59 38.67 7.81
CA ILE A 442 -25.88 39.98 8.36
C ILE A 442 -24.69 40.50 9.17
N LYS A 443 -24.01 39.60 9.88
CA LYS A 443 -22.75 39.98 10.49
C LYS A 443 -21.69 40.28 9.44
N LEU A 444 -21.67 39.51 8.36
CA LEU A 444 -20.69 39.76 7.30
C LEU A 444 -21.03 41.03 6.53
N ALA A 445 -22.31 41.34 6.36
CA ALA A 445 -22.68 42.54 5.62
C ALA A 445 -22.33 43.82 6.37
N ARG A 446 -21.97 43.73 7.65
CA ARG A 446 -21.75 44.94 8.43
C ARG A 446 -20.41 45.58 8.12
N THR A 447 -19.37 44.77 7.92
CA THR A 447 -18.02 45.28 7.80
C THR A 447 -17.53 45.27 6.36
N MET A 448 -18.43 45.13 5.40
CA MET A 448 -18.02 44.99 4.01
C MET A 448 -18.90 45.74 3.03
N ASN A 449 -19.97 46.39 3.49
CA ASN A 449 -20.73 47.33 2.66
C ASN A 449 -21.42 46.59 1.51
N PHE A 450 -22.38 45.75 1.86
CA PHE A 450 -23.11 44.93 0.91
C PHE A 450 -24.47 45.52 0.59
N THR A 451 -25.04 45.10 -0.54
CA THR A 451 -26.46 45.16 -0.81
C THR A 451 -26.81 43.83 -1.46
N TYR A 452 -27.19 42.86 -0.63
CA TYR A 452 -27.31 41.47 -1.02
C TYR A 452 -28.75 41.09 -1.28
N GLU A 453 -28.95 40.21 -2.25
CA GLU A 453 -30.24 39.57 -2.48
C GLU A 453 -30.02 38.07 -2.60
N VAL A 454 -30.92 37.29 -2.01
CA VAL A 454 -30.72 35.86 -1.83
C VAL A 454 -31.78 35.11 -2.60
N HIS A 455 -31.36 34.17 -3.43
CA HIS A 455 -32.27 33.30 -4.15
C HIS A 455 -31.83 31.86 -4.04
N LEU A 456 -32.78 30.97 -3.76
CA LEU A 456 -32.47 29.56 -3.55
C LEU A 456 -32.02 28.91 -4.86
N VAL A 457 -31.56 27.68 -4.75
CA VAL A 457 -31.03 26.99 -5.92
C VAL A 457 -32.17 26.56 -6.82
N ALA A 458 -31.84 26.32 -8.09
CA ALA A 458 -32.86 25.95 -9.07
C ALA A 458 -33.26 24.49 -8.96
N ASP A 459 -32.27 23.59 -8.95
CA ASP A 459 -32.52 22.15 -9.02
C ASP A 459 -32.64 21.50 -7.64
N GLY A 460 -31.66 21.73 -6.76
CA GLY A 460 -31.76 21.22 -5.40
C GLY A 460 -30.49 20.54 -4.91
N LYS A 461 -29.75 19.94 -5.82
CA LYS A 461 -28.56 19.19 -5.49
C LYS A 461 -27.41 20.13 -5.13
N PHE A 462 -26.38 19.58 -4.50
CA PHE A 462 -25.25 20.42 -4.10
C PHE A 462 -24.32 20.69 -5.27
N GLY A 463 -23.67 19.65 -5.81
CA GLY A 463 -22.80 19.84 -6.94
C GLY A 463 -21.84 18.69 -7.18
N THR A 464 -21.67 18.31 -8.44
CA THR A 464 -20.83 17.17 -8.79
C THR A 464 -20.49 17.24 -10.27
N GLN A 465 -19.28 16.85 -10.62
CA GLN A 465 -18.90 16.76 -12.03
C GLN A 465 -19.63 15.61 -12.71
N GLU A 466 -20.05 15.83 -13.95
CA GLU A 466 -20.67 14.77 -14.73
C GLU A 466 -20.46 15.05 -16.21
N ARG A 467 -20.58 14.00 -17.01
CA ARG A 467 -20.41 14.08 -18.45
C ARG A 467 -21.78 13.98 -19.12
N VAL A 468 -22.03 14.87 -20.06
CA VAL A 468 -23.33 14.97 -20.72
C VAL A 468 -23.16 14.67 -22.20
N ASN A 469 -24.21 14.12 -22.81
CA ASN A 469 -24.21 13.79 -24.22
C ASN A 469 -23.98 15.03 -25.09
N ASN A 472 -20.42 16.32 -25.32
CA ASN A 472 -19.59 15.25 -24.78
C ASN A 472 -18.43 15.83 -23.97
N LYS A 473 -18.75 16.67 -22.98
CA LYS A 473 -17.75 17.32 -22.17
C LYS A 473 -18.03 17.11 -20.68
N LYS A 474 -17.32 17.85 -19.83
CA LYS A 474 -17.50 17.81 -18.39
C LYS A 474 -18.01 19.16 -17.90
N GLU A 475 -18.99 19.13 -17.01
CA GLU A 475 -19.59 20.36 -16.50
C GLU A 475 -20.00 20.13 -15.04
N TRP A 476 -20.63 21.14 -14.45
CA TRP A 476 -21.02 21.12 -13.05
C TRP A 476 -22.52 21.35 -12.92
N ASN A 477 -23.16 20.56 -12.08
CA ASN A 477 -24.58 20.69 -11.79
C ASN A 477 -24.76 21.33 -10.42
N GLY A 478 -26.01 21.46 -10.00
CA GLY A 478 -26.27 21.97 -8.67
C GLY A 478 -25.78 23.39 -8.48
N MET A 479 -25.30 23.67 -7.26
CA MET A 479 -24.81 25.01 -6.96
C MET A 479 -23.64 25.37 -7.84
N MET A 480 -22.63 24.49 -7.89
CA MET A 480 -21.37 24.85 -8.52
C MET A 480 -21.56 25.20 -9.99
N GLY A 481 -22.58 24.66 -10.62
CA GLY A 481 -22.94 25.13 -11.95
C GLY A 481 -23.32 26.59 -11.95
N GLU A 482 -24.03 27.03 -10.90
CA GLU A 482 -24.48 28.41 -10.85
C GLU A 482 -23.37 29.38 -10.50
N LEU A 483 -22.41 28.95 -9.67
CA LEU A 483 -21.31 29.83 -9.32
C LEU A 483 -20.37 30.05 -10.50
N LEU A 484 -20.11 29.00 -11.28
CA LEU A 484 -19.23 29.15 -12.44
C LEU A 484 -19.94 29.75 -13.64
N SER A 485 -21.27 29.80 -13.65
CA SER A 485 -22.00 30.33 -14.79
C SER A 485 -22.25 31.82 -14.69
N GLY A 486 -21.86 32.46 -13.59
CA GLY A 486 -22.07 33.88 -13.44
C GLY A 486 -23.41 34.30 -12.89
N GLN A 487 -24.22 33.36 -12.44
CA GLN A 487 -25.49 33.71 -11.82
C GLN A 487 -25.35 34.02 -10.34
N ALA A 488 -24.14 33.93 -9.79
CA ALA A 488 -23.94 34.14 -8.37
C ALA A 488 -22.49 34.56 -8.15
N ASP A 489 -22.22 35.06 -6.95
CA ASP A 489 -20.88 35.50 -6.59
C ASP A 489 -20.38 34.99 -5.25
N MET A 490 -21.22 34.32 -4.47
CA MET A 490 -20.75 33.84 -3.17
C MET A 490 -21.76 32.84 -2.63
N ILE A 491 -21.26 31.77 -2.03
CA ILE A 491 -22.08 30.66 -1.55
C ILE A 491 -22.02 30.66 -0.02
N VAL A 492 -23.15 30.88 0.63
CA VAL A 492 -23.26 30.71 2.08
C VAL A 492 -24.28 29.60 2.30
N ALA A 493 -23.77 28.39 2.46
CA ALA A 493 -24.56 27.21 2.74
C ALA A 493 -23.61 26.12 3.19
N PRO A 494 -24.10 25.05 3.74
CA PRO A 494 -23.17 23.98 4.10
C PRO A 494 -22.54 23.32 2.88
N LEU A 495 -21.27 23.61 2.64
CA LEU A 495 -20.47 22.98 1.62
C LEU A 495 -19.28 22.27 2.27
N THR A 496 -19.08 21.00 1.91
CA THR A 496 -17.91 20.27 2.37
C THR A 496 -16.79 20.46 1.36
N ILE A 497 -15.67 21.03 1.80
CA ILE A 497 -14.57 21.27 0.90
C ILE A 497 -13.86 19.95 0.59
N ASN A 498 -13.43 19.79 -0.64
CA ASN A 498 -12.86 18.53 -1.10
C ASN A 498 -11.87 18.80 -2.22
N ASN A 499 -11.24 17.73 -2.70
CA ASN A 499 -10.17 17.88 -3.69
C ASN A 499 -10.69 18.33 -5.05
N GLU A 500 -11.78 17.72 -5.52
CA GLU A 500 -12.29 18.06 -6.84
C GLU A 500 -12.72 19.52 -6.91
N ARG A 501 -13.37 20.01 -5.85
CA ARG A 501 -13.89 21.37 -5.89
C ARG A 501 -12.79 22.39 -5.74
N ALA A 502 -11.71 22.06 -5.03
CA ALA A 502 -10.67 23.05 -4.79
C ALA A 502 -9.91 23.43 -6.06
N GLN A 503 -10.03 22.64 -7.12
CA GLN A 503 -9.35 22.96 -8.37
C GLN A 503 -10.07 23.99 -9.21
N TYR A 504 -11.28 24.39 -8.83
CA TYR A 504 -12.04 25.34 -9.61
C TYR A 504 -12.46 26.58 -8.84
N ILE A 505 -12.68 26.49 -7.53
CA ILE A 505 -13.00 27.64 -6.71
C ILE A 505 -12.19 27.57 -5.42
N GLU A 506 -11.99 28.72 -4.79
CA GLU A 506 -11.31 28.75 -3.50
C GLU A 506 -12.31 28.53 -2.37
N PHE A 507 -11.85 28.56 -1.12
CA PHE A 507 -12.74 28.20 -0.02
C PHE A 507 -12.66 29.04 1.24
N SER A 508 -11.71 29.94 1.39
CA SER A 508 -11.57 30.73 2.64
C SER A 508 -11.32 29.76 3.78
N LYS A 509 -11.92 29.97 4.94
CA LYS A 509 -11.66 29.18 6.14
C LYS A 509 -12.99 28.71 6.72
N PRO A 510 -12.98 27.60 7.43
CA PRO A 510 -14.24 26.93 7.79
C PRO A 510 -15.07 27.66 8.84
N PHE A 511 -16.39 27.44 8.79
CA PHE A 511 -17.27 27.73 9.91
C PHE A 511 -16.87 26.87 11.09
N LYS A 512 -17.10 25.56 10.92
CA LYS A 512 -16.94 24.56 11.95
C LYS A 512 -16.09 23.41 11.46
N TYR A 513 -16.06 22.34 12.23
CA TYR A 513 -15.40 21.11 11.85
C TYR A 513 -16.32 19.95 12.16
N GLN A 514 -16.30 18.92 11.33
CA GLN A 514 -17.24 17.83 11.49
C GLN A 514 -16.67 16.58 10.84
N GLY A 515 -17.49 15.54 10.75
CA GLY A 515 -17.12 14.31 10.10
C GLY A 515 -18.34 13.68 9.47
N LEU A 516 -18.32 12.35 9.34
CA LEU A 516 -19.41 11.61 8.75
C LEU A 516 -19.79 10.46 9.67
N THR A 517 -21.09 10.33 9.97
CA THR A 517 -21.58 9.29 10.86
C THR A 517 -22.73 8.54 10.19
N ILE A 518 -23.36 7.66 10.96
CA ILE A 518 -24.44 6.82 10.48
C ILE A 518 -25.63 6.99 11.41
N LEU A 519 -26.84 6.92 10.86
CA LEU A 519 -28.06 7.06 11.63
C LEU A 519 -28.91 5.81 11.49
N VAL A 520 -29.34 5.24 12.62
CA VAL A 520 -30.17 4.05 12.66
C VAL A 520 -31.26 4.24 13.70
N LYS A 521 -32.28 3.39 13.62
CA LYS A 521 -33.37 3.45 14.58
C LYS A 521 -32.90 2.96 15.95
N LYS A 522 -33.80 3.01 16.92
CA LYS A 522 -33.49 2.61 18.28
C LYS A 522 -34.08 1.24 18.58
N GLU A 523 -33.83 0.76 19.79
CA GLU A 523 -34.40 -0.49 20.29
C GLU A 523 -35.00 -0.24 21.66
N ILE A 524 -36.23 -0.69 21.87
CA ILE A 524 -36.97 -0.44 23.10
C ILE A 524 -36.88 -1.69 23.97
N PRO A 525 -36.64 -1.57 25.27
CA PRO A 525 -36.67 -2.72 26.17
C PRO A 525 -38.12 -3.11 26.46
N ARG A 526 -38.27 -4.07 27.38
CA ARG A 526 -39.58 -4.55 27.79
C ARG A 526 -40.38 -3.45 28.47
N ASP A 530 -45.34 -6.63 32.58
CA ASP A 530 -44.18 -5.74 32.64
C ASP A 530 -42.95 -6.52 33.02
N SER A 531 -42.27 -6.07 34.07
CA SER A 531 -41.16 -6.78 34.66
C SER A 531 -41.55 -7.49 35.96
N PHE A 532 -42.85 -7.72 36.16
CA PHE A 532 -43.32 -8.36 37.38
C PHE A 532 -42.90 -9.83 37.42
N MET A 533 -43.44 -10.64 36.51
CA MET A 533 -43.15 -12.08 36.50
C MET A 533 -42.04 -12.35 35.50
N GLN A 534 -40.94 -11.65 35.71
CA GLN A 534 -39.73 -11.77 34.89
C GLN A 534 -38.82 -12.93 35.29
N PRO A 535 -38.46 -13.08 36.58
CA PRO A 535 -37.33 -13.95 36.90
C PRO A 535 -37.67 -15.42 37.00
N PHE A 536 -38.95 -15.77 36.95
CA PHE A 536 -39.38 -17.15 37.08
C PHE A 536 -40.12 -17.58 35.82
N GLN A 537 -40.20 -18.89 35.63
CA GLN A 537 -40.95 -19.46 34.52
C GLN A 537 -42.35 -19.86 34.97
N SER A 538 -43.16 -20.28 34.00
CA SER A 538 -44.51 -20.72 34.32
C SER A 538 -44.49 -21.96 35.22
N THR A 539 -43.57 -22.89 34.96
CA THR A 539 -43.53 -24.13 35.71
C THR A 539 -43.10 -23.94 37.16
N LEU A 540 -42.45 -22.83 37.49
CA LEU A 540 -41.92 -22.66 38.84
C LEU A 540 -43.04 -22.41 39.84
N TRP A 541 -43.97 -21.51 39.52
CA TRP A 541 -44.97 -21.12 40.50
C TRP A 541 -45.85 -22.30 40.90
N LEU A 542 -46.31 -23.08 39.91
CA LEU A 542 -47.22 -24.18 40.19
C LEU A 542 -46.56 -25.30 40.98
N LEU A 543 -45.23 -25.32 41.05
CA LEU A 543 -44.53 -26.32 41.82
C LEU A 543 -44.19 -25.85 43.23
N VAL A 544 -43.74 -24.61 43.38
CA VAL A 544 -43.52 -24.08 44.72
C VAL A 544 -44.86 -23.82 45.40
N GLY A 545 -45.90 -23.48 44.64
CA GLY A 545 -47.20 -23.23 45.24
C GLY A 545 -47.78 -24.47 45.89
N LEU A 546 -47.68 -25.61 45.21
CA LEU A 546 -48.18 -26.85 45.78
C LEU A 546 -47.32 -27.37 46.92
N SER A 547 -46.14 -26.77 47.15
CA SER A 547 -45.28 -27.24 48.22
C SER A 547 -45.79 -26.85 49.59
N VAL A 548 -46.40 -25.67 49.71
CA VAL A 548 -46.82 -25.20 51.03
C VAL A 548 -47.89 -26.11 51.61
N HIS A 549 -48.87 -26.50 50.79
CA HIS A 549 -49.96 -27.31 51.31
C HIS A 549 -49.51 -28.74 51.59
N VAL A 550 -48.66 -29.29 50.73
CA VAL A 550 -48.17 -30.65 50.97
C VAL A 550 -47.25 -30.70 52.18
N VAL A 551 -46.63 -29.58 52.56
CA VAL A 551 -45.84 -29.56 53.78
C VAL A 551 -46.67 -29.11 54.98
N ALA A 552 -47.74 -28.35 54.76
CA ALA A 552 -48.61 -27.98 55.86
C ALA A 552 -49.28 -29.20 56.47
N VAL A 553 -49.77 -30.11 55.61
CA VAL A 553 -50.51 -31.27 56.10
C VAL A 553 -49.64 -32.16 56.96
N MET A 554 -48.32 -32.15 56.73
CA MET A 554 -47.43 -32.93 57.57
C MET A 554 -47.47 -32.47 59.01
N LEU A 555 -47.81 -31.19 59.24
CA LEU A 555 -47.90 -30.69 60.61
C LEU A 555 -49.06 -31.36 61.35
N TYR A 556 -50.23 -31.41 60.71
CA TYR A 556 -51.41 -31.94 61.38
C TYR A 556 -51.22 -33.41 61.75
N LEU A 557 -50.64 -34.19 60.85
CA LEU A 557 -50.36 -35.59 61.16
C LEU A 557 -49.42 -35.69 62.36
N LEU A 558 -48.54 -34.72 62.55
CA LEU A 558 -47.66 -34.68 63.69
C LEU A 558 -48.27 -33.95 64.88
N ASP A 559 -49.52 -33.52 64.77
CA ASP A 559 -50.22 -32.90 65.88
C ASP A 559 -51.29 -33.78 66.49
N ARG A 560 -51.62 -34.91 65.87
CA ARG A 560 -52.62 -35.83 66.40
C ARG A 560 -52.02 -37.20 66.75
N PHE A 561 -50.71 -37.28 66.93
CA PHE A 561 -50.07 -38.49 67.42
C PHE A 561 -48.97 -38.17 68.41
N SER A 562 -49.09 -37.03 69.08
CA SER A 562 -48.04 -36.59 70.01
C SER A 562 -47.99 -37.50 71.22
N PRO A 563 -46.82 -38.06 71.56
CA PRO A 563 -46.65 -38.90 72.75
C PRO A 563 -46.23 -38.10 73.98
N ALA A 578 -50.61 -29.13 70.12
CA ALA A 578 -51.79 -28.32 70.41
C ALA A 578 -52.09 -27.39 69.24
N LEU A 579 -52.02 -27.93 68.03
CA LEU A 579 -52.29 -27.18 66.81
C LEU A 579 -53.49 -27.80 66.10
N THR A 580 -54.41 -26.95 65.67
CA THR A 580 -55.53 -27.40 64.86
C THR A 580 -55.18 -27.33 63.38
N LEU A 581 -55.96 -28.05 62.58
CA LEU A 581 -55.66 -28.11 61.15
C LEU A 581 -55.79 -26.74 60.47
N SER A 582 -56.82 -25.98 60.85
CA SER A 582 -57.03 -24.68 60.20
C SER A 582 -55.87 -23.74 60.49
N SER A 583 -55.38 -23.71 61.73
CA SER A 583 -54.25 -22.85 62.06
C SER A 583 -52.97 -23.30 61.37
N ALA A 584 -52.84 -24.61 61.11
CA ALA A 584 -51.65 -25.09 60.43
C ALA A 584 -51.53 -24.49 59.04
N MET A 585 -52.67 -24.35 58.34
CA MET A 585 -52.63 -23.73 57.02
C MET A 585 -52.11 -22.31 57.09
N TRP A 586 -52.54 -21.55 58.10
CA TRP A 586 -52.08 -20.17 58.23
C TRP A 586 -50.58 -20.11 58.46
N PHE A 587 -50.09 -20.92 59.40
CA PHE A 587 -48.67 -20.87 59.76
C PHE A 587 -47.80 -21.21 58.55
N SER A 588 -48.21 -22.20 57.77
CA SER A 588 -47.46 -22.55 56.57
C SER A 588 -47.51 -21.42 55.56
N TRP A 589 -48.67 -20.80 55.38
CA TRP A 589 -48.79 -19.71 54.41
C TRP A 589 -48.00 -18.49 54.85
N GLY A 590 -48.00 -18.22 56.15
CA GLY A 590 -47.49 -16.93 56.63
C GLY A 590 -46.01 -16.74 56.42
N VAL A 591 -45.22 -17.77 56.72
CA VAL A 591 -43.77 -17.57 56.81
C VAL A 591 -43.20 -17.16 55.46
N LEU A 592 -43.62 -17.82 54.39
CA LEU A 592 -43.15 -17.43 53.06
C LEU A 592 -43.57 -16.02 52.71
N LEU A 593 -44.78 -15.63 53.09
CA LEU A 593 -45.25 -14.30 52.75
C LEU A 593 -44.77 -13.23 53.71
N ASN A 594 -44.11 -13.61 54.82
CA ASN A 594 -43.59 -12.65 55.79
C ASN A 594 -44.70 -11.74 56.31
N SER A 595 -45.64 -12.37 57.01
CA SER A 595 -46.77 -11.62 57.53
C SER A 595 -47.24 -12.20 58.85
N GLY A 596 -47.48 -11.33 59.82
CA GLY A 596 -47.92 -11.75 61.12
C GLY A 596 -49.41 -11.99 61.19
N ILE A 597 -49.87 -13.12 60.69
CA ILE A 597 -51.26 -13.50 60.78
C ILE A 597 -51.42 -14.57 61.86
N GLY A 598 -52.31 -14.33 62.80
CA GLY A 598 -52.60 -15.28 63.86
C GLY A 598 -51.38 -15.75 64.61
N GLU A 599 -51.47 -16.92 65.23
CA GLU A 599 -50.34 -17.54 65.90
C GLU A 599 -50.30 -19.01 65.53
N GLY A 600 -49.14 -19.47 65.06
CA GLY A 600 -49.01 -20.85 64.61
C GLY A 600 -47.82 -21.57 65.21
N ALA A 601 -47.53 -21.28 66.47
CA ALA A 601 -46.42 -21.95 67.14
C ALA A 601 -46.79 -23.40 67.44
N PRO A 602 -46.06 -24.37 66.93
CA PRO A 602 -46.42 -25.77 67.16
C PRO A 602 -45.71 -26.36 68.37
N ARG A 603 -46.13 -27.58 68.72
CA ARG A 603 -45.58 -28.33 69.84
C ARG A 603 -45.01 -29.66 69.34
N SER A 604 -44.27 -30.33 70.24
CA SER A 604 -43.60 -31.60 69.98
C SER A 604 -42.39 -31.41 69.06
N PHE A 605 -41.31 -32.15 69.32
CA PHE A 605 -40.09 -31.97 68.56
C PHE A 605 -40.29 -32.28 67.08
N SER A 606 -40.92 -33.41 66.78
CA SER A 606 -41.06 -33.83 65.39
C SER A 606 -41.86 -32.81 64.58
N ALA A 607 -42.96 -32.33 65.14
CA ALA A 607 -43.72 -31.29 64.44
C ALA A 607 -42.93 -29.99 64.35
N ARG A 608 -42.09 -29.71 65.36
CA ARG A 608 -41.26 -28.51 65.38
C ARG A 608 -40.01 -28.64 64.52
N ILE A 609 -39.42 -29.83 64.44
CA ILE A 609 -38.16 -29.99 63.70
C ILE A 609 -38.35 -29.66 62.23
N LEU A 610 -39.57 -29.80 61.71
CA LEU A 610 -39.86 -29.32 60.36
C LEU A 610 -39.89 -27.80 60.36
N GLY A 611 -40.45 -27.21 61.40
CA GLY A 611 -40.49 -25.77 61.49
C GLY A 611 -39.13 -25.13 61.67
N MET A 612 -38.10 -25.90 62.02
CA MET A 612 -36.76 -25.34 62.10
C MET A 612 -36.31 -24.79 60.76
N VAL A 613 -36.45 -25.59 59.71
CA VAL A 613 -35.89 -25.24 58.41
C VAL A 613 -36.95 -24.72 57.45
N TRP A 614 -38.23 -24.88 57.76
CA TRP A 614 -39.26 -24.45 56.85
C TRP A 614 -39.18 -22.96 56.61
N ALA A 615 -38.93 -22.19 57.67
CA ALA A 615 -38.71 -20.76 57.49
C ALA A 615 -37.48 -20.50 56.61
N GLY A 616 -36.42 -21.27 56.81
CA GLY A 616 -35.24 -21.11 55.99
C GLY A 616 -35.50 -21.35 54.52
N PHE A 617 -36.53 -22.13 54.20
CA PHE A 617 -36.91 -22.28 52.81
C PHE A 617 -37.35 -20.96 52.21
N ALA A 618 -37.92 -20.07 53.04
CA ALA A 618 -38.29 -18.76 52.54
C ALA A 618 -37.07 -17.94 52.20
N MET A 619 -35.95 -18.19 52.89
CA MET A 619 -34.74 -17.40 52.64
C MET A 619 -34.25 -17.61 51.22
N ILE A 620 -33.94 -18.85 50.87
CA ILE A 620 -33.26 -19.12 49.61
C ILE A 620 -34.13 -18.69 48.43
N ILE A 621 -35.42 -19.05 48.46
CA ILE A 621 -36.28 -18.76 47.32
C ILE A 621 -36.38 -17.26 47.11
N VAL A 622 -36.62 -16.51 48.18
CA VAL A 622 -36.68 -15.07 48.04
C VAL A 622 -35.30 -14.50 47.73
N ALA A 623 -34.25 -15.09 48.31
CA ALA A 623 -32.91 -14.56 48.06
C ALA A 623 -32.56 -14.62 46.59
N SER A 624 -32.84 -15.74 45.93
CA SER A 624 -32.52 -15.84 44.51
C SER A 624 -33.31 -14.84 43.69
N TYR A 625 -34.49 -14.43 44.18
CA TYR A 625 -35.33 -13.52 43.42
C TYR A 625 -34.62 -12.21 43.15
N THR A 626 -34.12 -11.57 44.21
CA THR A 626 -33.39 -10.32 44.01
C THR A 626 -32.12 -10.55 43.24
N ALA A 627 -31.56 -11.76 43.31
CA ALA A 627 -30.36 -12.05 42.54
C ALA A 627 -30.62 -11.94 41.04
N ASN A 628 -31.80 -12.37 40.60
CA ASN A 628 -32.10 -12.37 39.17
C ASN A 628 -32.12 -10.95 38.61
N LEU A 629 -32.92 -10.07 39.22
CA LEU A 629 -33.10 -8.75 38.66
C LEU A 629 -31.80 -7.99 38.61
N ALA A 630 -30.94 -8.19 39.60
CA ALA A 630 -29.58 -7.66 39.49
C ALA A 630 -28.88 -8.27 38.28
N ALA A 631 -28.98 -9.59 38.12
CA ALA A 631 -28.35 -10.25 37.00
C ALA A 631 -29.00 -9.85 35.70
N PHE A 632 -30.32 -9.96 35.63
CA PHE A 632 -31.02 -9.80 34.35
C PHE A 632 -30.89 -8.37 33.84
N LEU A 633 -30.94 -7.38 34.73
CA LEU A 633 -31.09 -6.00 34.27
C LEU A 633 -29.78 -5.45 33.73
N VAL A 634 -28.74 -5.40 34.58
CA VAL A 634 -27.48 -4.83 34.13
C VAL A 634 -26.85 -5.63 33.00
N LEU A 635 -27.23 -6.90 32.87
CA LEU A 635 -26.68 -7.76 31.83
C LEU A 635 -27.66 -7.97 30.69
N ASP A 636 -28.60 -7.04 30.50
CA ASP A 636 -29.52 -7.14 29.37
C ASP A 636 -28.80 -6.78 28.08
N ARG A 637 -28.43 -5.50 27.95
CA ARG A 637 -27.48 -4.94 26.98
C ARG A 637 -27.56 -5.66 25.64
N PRO A 638 -28.64 -5.50 24.87
CA PRO A 638 -28.79 -6.28 23.64
C PRO A 638 -27.61 -6.07 22.69
N GLU A 639 -27.13 -7.17 22.14
CA GLU A 639 -25.98 -7.14 21.24
C GLU A 639 -26.34 -6.38 19.98
N GLU A 640 -25.84 -5.16 19.85
CA GLU A 640 -26.32 -4.29 18.79
C GLU A 640 -25.27 -3.23 18.51
N ARG A 641 -25.68 -2.16 17.83
CA ARG A 641 -24.89 -0.97 17.52
C ARG A 641 -23.93 -1.26 16.38
N ILE A 642 -23.98 -0.44 15.35
CA ILE A 642 -23.04 -0.50 14.23
C ILE A 642 -21.83 0.33 14.58
N THR A 643 -20.65 -0.24 14.41
CA THR A 643 -19.41 0.38 14.89
C THR A 643 -18.66 1.09 13.78
N GLY A 644 -19.39 1.79 12.91
CA GLY A 644 -18.74 2.61 11.90
C GLY A 644 -18.30 1.80 10.70
N ILE A 645 -17.35 2.39 9.96
CA ILE A 645 -16.84 1.77 8.75
C ILE A 645 -16.01 0.55 9.12
N ASN A 646 -15.66 -0.26 8.12
CA ASN A 646 -14.91 -1.50 8.26
C ASN A 646 -15.67 -2.56 9.05
N ASP A 647 -16.93 -2.32 9.37
CA ASP A 647 -17.76 -3.37 9.94
C ASP A 647 -18.01 -4.43 8.89
N PRO A 648 -18.02 -5.71 9.26
CA PRO A 648 -18.19 -6.76 8.26
C PRO A 648 -19.50 -6.67 7.52
N ARG A 649 -20.53 -6.13 8.15
CA ARG A 649 -21.83 -5.99 7.49
C ARG A 649 -21.74 -5.05 6.30
N LEU A 650 -20.96 -3.98 6.42
CA LEU A 650 -20.91 -2.98 5.36
C LEU A 650 -20.13 -3.50 4.15
N ARG A 651 -19.03 -4.22 4.38
CA ARG A 651 -18.22 -4.69 3.25
C ARG A 651 -18.94 -5.77 2.45
N ASN A 652 -19.81 -6.54 3.10
CA ASN A 652 -20.52 -7.64 2.45
C ASN A 652 -22.00 -7.49 2.76
N PRO A 653 -22.71 -6.67 1.97
CA PRO A 653 -24.16 -6.53 2.18
C PRO A 653 -24.88 -7.84 1.97
N SER A 654 -25.90 -8.08 2.79
CA SER A 654 -26.73 -9.27 2.69
C SER A 654 -28.08 -8.99 2.05
N ASP A 655 -28.28 -7.79 1.51
CA ASP A 655 -29.49 -7.34 0.85
C ASP A 655 -30.68 -7.23 1.81
N LYS A 656 -30.50 -7.58 3.08
CA LYS A 656 -31.48 -7.29 4.11
C LYS A 656 -31.06 -6.09 4.95
N PHE A 657 -29.99 -5.40 4.55
CA PHE A 657 -29.46 -4.23 5.24
C PHE A 657 -29.15 -3.18 4.19
N ILE A 658 -30.12 -2.31 3.91
CA ILE A 658 -29.99 -1.31 2.85
C ILE A 658 -29.57 0.01 3.47
N TYR A 659 -28.53 0.62 2.91
CA TYR A 659 -27.99 1.89 3.38
C TYR A 659 -27.70 2.78 2.19
N ALA A 660 -28.23 3.99 2.22
CA ALA A 660 -28.10 4.91 1.10
C ALA A 660 -27.86 6.32 1.60
N THR A 661 -27.42 7.18 0.69
CA THR A 661 -27.10 8.56 1.03
C THR A 661 -27.82 9.54 0.11
N VAL A 662 -27.50 10.82 0.23
CA VAL A 662 -28.10 11.84 -0.60
C VAL A 662 -27.38 11.90 -1.94
N LYS A 663 -28.13 12.09 -3.01
CA LYS A 663 -27.53 12.14 -4.34
C LYS A 663 -26.59 13.32 -4.44
N GLN A 664 -25.56 13.17 -5.27
CA GLN A 664 -24.51 14.17 -5.45
C GLN A 664 -23.87 14.44 -4.09
N SER A 665 -23.91 15.67 -3.58
CA SER A 665 -23.38 16.06 -2.27
C SER A 665 -21.88 15.74 -2.25
N SER A 666 -21.38 15.04 -1.24
CA SER A 666 -19.96 14.73 -1.19
C SER A 666 -19.69 13.24 -1.02
N VAL A 667 -20.54 12.57 -0.24
CA VAL A 667 -20.34 11.17 0.08
C VAL A 667 -20.22 10.35 -1.20
N ASP A 668 -20.97 10.73 -2.24
CA ASP A 668 -20.83 10.05 -3.52
C ASP A 668 -19.41 10.18 -4.05
N ILE A 669 -18.83 11.38 -3.96
CA ILE A 669 -17.44 11.55 -4.35
C ILE A 669 -16.53 10.68 -3.50
N TYR A 670 -16.83 10.58 -2.21
CA TYR A 670 -15.95 9.83 -1.31
C TYR A 670 -15.95 8.35 -1.66
N PHE A 671 -17.13 7.74 -1.69
CA PHE A 671 -17.23 6.31 -2.01
C PHE A 671 -16.96 5.99 -3.45
N ARG A 672 -16.57 6.92 -4.32
CA ARG A 672 -16.27 6.61 -5.71
C ARG A 672 -14.80 6.65 -6.03
N ARG A 673 -14.06 7.61 -5.46
CA ARG A 673 -12.65 7.74 -5.76
C ARG A 673 -11.83 6.61 -5.14
N GLN A 674 -12.32 6.03 -4.05
CA GLN A 674 -11.62 4.92 -3.42
C GLN A 674 -11.97 3.61 -4.12
N VAL A 675 -10.94 2.91 -4.60
CA VAL A 675 -11.18 1.69 -5.40
C VAL A 675 -11.71 0.57 -4.52
N GLU A 676 -11.19 0.44 -3.30
CA GLU A 676 -11.65 -0.63 -2.42
C GLU A 676 -13.10 -0.43 -2.02
N LEU A 677 -13.55 0.81 -1.98
CA LEU A 677 -14.94 1.12 -1.62
C LEU A 677 -15.85 1.05 -2.83
N SER A 678 -15.77 -0.06 -3.57
CA SER A 678 -16.57 -0.24 -4.78
C SER A 678 -17.75 -1.17 -4.60
N THR A 679 -17.64 -2.14 -3.70
CA THR A 679 -18.75 -3.08 -3.50
C THR A 679 -19.98 -2.37 -2.94
N MET A 680 -19.78 -1.51 -1.94
CA MET A 680 -20.92 -0.77 -1.39
C MET A 680 -21.44 0.27 -2.36
N TYR A 681 -20.53 0.92 -3.09
CA TYR A 681 -20.95 1.98 -4.01
C TYR A 681 -21.89 1.44 -5.08
N ARG A 682 -21.64 0.21 -5.53
CA ARG A 682 -22.56 -0.40 -6.50
C ARG A 682 -23.94 -0.60 -5.89
N HIS A 683 -23.99 -1.00 -4.62
CA HIS A 683 -25.28 -1.33 -4.02
C HIS A 683 -26.12 -0.11 -3.72
N MET A 684 -25.50 1.01 -3.35
CA MET A 684 -26.27 2.17 -2.95
C MET A 684 -26.75 3.03 -4.11
N GLU A 685 -26.31 2.73 -5.34
CA GLU A 685 -26.79 3.50 -6.49
C GLU A 685 -28.27 3.27 -6.75
N LYS A 686 -28.85 2.18 -6.24
CA LYS A 686 -30.25 1.88 -6.43
C LYS A 686 -31.14 2.40 -5.30
N HIS A 687 -30.58 3.15 -4.35
CA HIS A 687 -31.40 3.61 -3.23
C HIS A 687 -31.16 5.07 -2.85
N ASN A 688 -30.35 5.81 -3.60
CA ASN A 688 -30.04 7.18 -3.22
C ASN A 688 -31.30 8.03 -3.17
N TYR A 689 -31.44 8.81 -2.12
CA TYR A 689 -32.57 9.70 -1.93
C TYR A 689 -32.18 11.12 -2.35
N GLU A 690 -33.09 11.80 -3.04
CA GLU A 690 -32.82 13.16 -3.53
C GLU A 690 -33.40 14.20 -2.58
N SER A 691 -32.90 14.19 -1.35
CA SER A 691 -33.25 15.19 -0.35
C SER A 691 -32.36 14.97 0.87
N ALA A 692 -32.58 15.79 1.88
CA ALA A 692 -31.94 15.60 3.18
C ALA A 692 -32.94 15.39 4.29
N ALA A 693 -34.21 15.36 3.98
CA ALA A 693 -35.24 15.11 4.98
C ALA A 693 -36.11 13.90 4.69
N GLU A 694 -36.29 13.54 3.41
CA GLU A 694 -37.06 12.34 3.11
C GLU A 694 -36.37 11.10 3.64
N ALA A 695 -35.05 11.03 3.50
CA ALA A 695 -34.31 9.89 4.05
C ALA A 695 -34.45 9.83 5.56
N ILE A 696 -34.36 10.97 6.24
CA ILE A 696 -34.59 10.99 7.68
C ILE A 696 -36.01 10.55 7.99
N GLN A 697 -36.99 11.07 7.24
CA GLN A 697 -38.36 10.62 7.41
C GLN A 697 -38.51 9.15 7.05
N ALA A 698 -37.69 8.66 6.11
CA ALA A 698 -37.79 7.26 5.72
C ALA A 698 -37.27 6.33 6.82
N VAL A 699 -36.20 6.73 7.51
CA VAL A 699 -35.62 5.88 8.54
C VAL A 699 -36.59 5.70 9.70
N ARG A 700 -37.30 6.77 10.08
CA ARG A 700 -38.28 6.65 11.15
C ARG A 700 -39.44 5.73 10.78
N ASP A 701 -39.62 5.42 9.50
CA ASP A 701 -40.66 4.50 9.06
C ASP A 701 -40.13 3.09 8.79
N ASN A 702 -38.88 2.81 9.18
CA ASN A 702 -38.28 1.49 9.04
C ASN A 702 -38.21 1.03 7.59
N LYS A 703 -38.17 1.98 6.65
CA LYS A 703 -37.99 1.67 5.24
C LYS A 703 -36.54 1.83 4.80
N LEU A 704 -35.65 2.27 5.69
CA LEU A 704 -34.24 2.37 5.37
C LEU A 704 -33.44 2.11 6.64
N HIS A 705 -32.62 1.05 6.61
CA HIS A 705 -31.95 0.59 7.83
C HIS A 705 -30.90 1.59 8.29
N ALA A 706 -30.04 2.04 7.39
CA ALA A 706 -28.92 2.90 7.73
C ALA A 706 -28.95 4.14 6.86
N PHE A 707 -28.07 5.10 7.18
CA PHE A 707 -28.07 6.39 6.50
C PHE A 707 -26.75 7.08 6.80
N ILE A 708 -25.99 7.42 5.75
CA ILE A 708 -24.72 8.10 5.90
C ILE A 708 -24.90 9.55 5.48
N TRP A 709 -24.64 10.48 6.39
CA TRP A 709 -24.79 11.89 6.08
C TRP A 709 -24.02 12.70 7.13
N ASP A 710 -24.00 14.01 6.92
CA ASP A 710 -23.08 14.88 7.63
C ASP A 710 -23.38 14.92 9.12
N SER A 711 -22.34 15.15 9.92
CA SER A 711 -22.46 15.01 11.37
C SER A 711 -23.30 16.12 11.99
N ALA A 712 -23.03 17.37 11.61
CA ALA A 712 -23.71 18.49 12.25
C ALA A 712 -25.21 18.44 12.00
N VAL A 713 -25.62 18.03 10.80
CA VAL A 713 -27.06 17.90 10.53
C VAL A 713 -27.64 16.71 11.29
N LEU A 714 -26.92 15.59 11.32
CA LEU A 714 -27.45 14.40 11.97
C LEU A 714 -27.53 14.56 13.48
N GLU A 715 -26.48 15.10 14.09
CA GLU A 715 -26.46 15.17 15.55
C GLU A 715 -27.55 16.06 16.09
N PHE A 716 -27.85 17.16 15.39
CA PHE A 716 -28.95 18.01 15.81
C PHE A 716 -30.27 17.25 15.76
N GLU A 717 -30.47 16.44 14.73
CA GLU A 717 -31.72 15.70 14.60
C GLU A 717 -31.91 14.74 15.75
N ALA A 718 -30.85 14.04 16.15
CA ALA A 718 -30.97 13.10 17.25
C ALA A 718 -31.36 13.81 18.55
N SER A 719 -30.92 15.05 18.71
CA SER A 719 -31.24 15.80 19.92
C SER A 719 -32.60 16.49 19.84
N GLN A 720 -33.32 16.34 18.75
CA GLN A 720 -34.62 16.99 18.62
C GLN A 720 -35.79 16.01 18.58
N LYS A 721 -35.63 14.86 17.93
CA LYS A 721 -36.71 13.90 17.86
C LYS A 721 -36.73 12.93 19.05
N CYS A 722 -35.59 12.71 19.70
CA CYS A 722 -35.48 11.73 20.78
C CYS A 722 -35.95 10.35 20.33
N ASP A 723 -35.76 10.04 19.05
CA ASP A 723 -36.17 8.77 18.49
C ASP A 723 -35.11 8.13 17.61
N LEU A 724 -34.07 8.85 17.24
CA LEU A 724 -32.98 8.33 16.42
C LEU A 724 -31.68 8.60 17.14
N VAL A 725 -30.77 7.63 17.09
CA VAL A 725 -29.50 7.74 17.80
C VAL A 725 -28.36 7.53 16.81
N THR A 726 -27.39 8.42 16.83
CA THR A 726 -26.21 8.24 16.01
C THR A 726 -25.35 7.11 16.57
N THR A 727 -24.28 6.80 15.86
CA THR A 727 -23.38 5.73 16.27
C THR A 727 -22.06 5.90 15.55
N GLY A 728 -21.22 4.88 15.62
CA GLY A 728 -19.99 4.84 14.86
C GLY A 728 -18.95 5.83 15.34
N GLU A 729 -17.93 6.00 14.51
CA GLU A 729 -16.86 6.95 14.76
C GLU A 729 -16.63 7.80 13.52
N LEU A 730 -16.31 9.07 13.75
CA LEU A 730 -16.09 9.99 12.64
C LEU A 730 -14.90 9.53 11.82
N PHE A 731 -15.02 9.65 10.49
CA PHE A 731 -13.95 9.14 9.63
C PHE A 731 -13.61 10.04 8.44
N PHE A 732 -14.11 11.27 8.40
CA PHE A 732 -13.72 12.19 7.33
C PHE A 732 -13.86 13.60 7.89
N ARG A 733 -12.76 14.14 8.42
CA ARG A 733 -12.80 15.43 9.08
C ARG A 733 -12.58 16.53 8.06
N SER A 734 -13.66 17.24 7.73
CA SER A 734 -13.62 18.33 6.75
C SER A 734 -14.58 19.39 7.22
N GLY A 735 -14.14 20.64 7.19
CA GLY A 735 -15.00 21.72 7.60
C GLY A 735 -15.92 22.18 6.50
N PHE A 736 -16.82 23.10 6.87
CA PHE A 736 -17.65 23.77 5.89
C PHE A 736 -16.84 24.90 5.26
N GLY A 737 -17.48 25.81 4.56
CA GLY A 737 -16.76 26.94 4.02
C GLY A 737 -17.65 27.82 3.18
N ILE A 738 -17.09 28.95 2.77
CA ILE A 738 -17.75 29.92 1.92
C ILE A 738 -16.99 29.97 0.60
N GLY A 739 -17.71 29.87 -0.51
CA GLY A 739 -17.09 29.76 -1.82
C GLY A 739 -17.26 31.02 -2.66
N MET A 740 -16.26 31.28 -3.51
CA MET A 740 -16.35 32.33 -4.51
C MET A 740 -15.27 32.12 -5.55
N ARG A 741 -15.40 32.83 -6.67
CA ARG A 741 -14.59 32.55 -7.85
C ARG A 741 -13.12 32.93 -7.62
N LYS A 742 -12.27 32.40 -8.49
CA LYS A 742 -10.82 32.54 -8.34
C LYS A 742 -10.33 33.97 -8.53
N ASP A 743 -11.21 34.93 -8.81
CA ASP A 743 -10.77 36.27 -9.13
C ASP A 743 -11.41 37.35 -8.27
N SER A 744 -12.34 37.00 -7.39
CA SER A 744 -13.03 38.01 -6.61
C SER A 744 -12.07 38.70 -5.66
N PRO A 745 -12.20 40.01 -5.47
CA PRO A 745 -11.35 40.73 -4.51
C PRO A 745 -11.74 40.50 -3.05
N TRP A 746 -12.76 39.69 -2.78
CA TRP A 746 -13.20 39.45 -1.41
C TRP A 746 -12.51 38.26 -0.77
N LYS A 747 -11.56 37.62 -1.46
CA LYS A 747 -10.93 36.42 -0.89
C LYS A 747 -10.30 36.73 0.45
N GLN A 748 -9.51 37.79 0.51
CA GLN A 748 -8.68 38.06 1.66
C GLN A 748 -9.50 38.56 2.84
N ASN A 749 -10.51 39.38 2.59
CA ASN A 749 -11.21 40.04 3.68
C ASN A 749 -12.30 39.14 4.27
N VAL A 750 -12.93 38.33 3.41
CA VAL A 750 -13.94 37.40 3.90
C VAL A 750 -13.31 36.39 4.84
N SER A 751 -12.23 35.74 4.41
CA SER A 751 -11.63 34.70 5.23
C SER A 751 -11.03 35.28 6.50
N LEU A 752 -10.52 36.50 6.44
CA LEU A 752 -9.97 37.11 7.63
C LEU A 752 -11.06 37.43 8.65
N SER A 753 -12.24 37.83 8.18
CA SER A 753 -13.29 38.23 9.10
C SER A 753 -14.01 37.06 9.74
N ILE A 754 -13.87 35.84 9.21
CA ILE A 754 -14.33 34.66 9.94
C ILE A 754 -13.43 34.38 11.13
N LEU A 755 -12.11 34.53 10.94
CA LEU A 755 -11.18 34.24 12.02
C LEU A 755 -11.40 35.17 13.21
N LYS A 756 -11.62 36.45 12.95
CA LYS A 756 -11.91 37.35 14.07
C LYS A 756 -13.29 37.10 14.67
N SER A 757 -13.99 36.06 14.26
CA SER A 757 -15.19 35.67 14.96
C SER A 757 -14.93 34.55 15.95
N HIS A 758 -14.12 33.56 15.57
CA HIS A 758 -13.76 32.50 16.51
C HIS A 758 -12.97 33.05 17.68
N GLU A 759 -12.02 33.94 17.40
CA GLU A 759 -11.21 34.55 18.47
C GLU A 759 -12.07 35.38 19.40
N ASN A 760 -13.02 36.13 18.85
CA ASN A 760 -13.88 36.99 19.66
C ASN A 760 -15.01 36.23 20.32
N GLY A 761 -15.15 34.94 20.05
CA GLY A 761 -16.20 34.14 20.66
C GLY A 761 -17.58 34.35 20.10
N PHE A 762 -17.72 35.08 19.00
CA PHE A 762 -19.04 35.31 18.44
C PHE A 762 -19.69 34.01 17.99
N MET A 763 -18.91 33.13 17.36
CA MET A 763 -19.48 31.90 16.80
C MET A 763 -20.01 30.98 17.87
N GLU A 764 -19.68 31.21 19.14
CA GLU A 764 -20.29 30.43 20.20
C GLU A 764 -21.73 30.86 20.45
N ASP A 765 -22.02 32.15 20.32
CA ASP A 765 -23.39 32.62 20.57
C ASP A 765 -24.37 32.02 19.58
N LEU A 766 -24.01 31.98 18.30
CA LEU A 766 -24.89 31.37 17.32
C LEU A 766 -25.12 29.89 17.63
N ASP A 767 -24.13 29.23 18.22
CA ASP A 767 -24.30 27.84 18.60
C ASP A 767 -25.36 27.68 19.67
N LYS A 768 -25.35 28.56 20.67
CA LYS A 768 -26.34 28.47 21.74
C LYS A 768 -27.74 28.74 21.21
N THR A 769 -27.88 29.69 20.29
CA THR A 769 -29.20 30.05 19.81
C THR A 769 -29.79 28.99 18.89
N TRP A 770 -29.00 28.47 17.95
CA TRP A 770 -29.56 27.70 16.85
C TRP A 770 -29.35 26.21 16.93
N VAL A 771 -28.47 25.71 17.79
CA VAL A 771 -28.17 24.28 17.76
C VAL A 771 -28.38 23.63 19.12
N ARG A 772 -27.61 24.05 20.12
CA ARG A 772 -27.43 23.23 21.32
C ARG A 772 -28.68 23.21 22.20
N TYR A 773 -29.26 24.38 22.48
CA TYR A 773 -30.21 24.50 23.58
C TYR A 773 -31.61 24.02 23.23
N GLN A 774 -31.74 23.17 22.22
CA GLN A 774 -33.03 22.60 21.83
C GLN A 774 -33.11 21.12 22.18
N GLU A 775 -32.60 20.74 23.35
CA GLU A 775 -32.63 19.35 23.78
C GLU A 775 -34.06 18.89 24.00
N CYS A 776 -34.37 17.69 23.54
CA CYS A 776 -35.68 17.09 23.76
C CYS A 776 -35.64 16.14 24.94
N MET A 796 -47.25 -2.84 36.53
CA MET A 796 -48.65 -2.45 36.61
C MET A 796 -49.54 -3.66 36.94
N LEU A 797 -49.11 -4.84 36.50
CA LEU A 797 -49.88 -6.05 36.77
C LEU A 797 -49.95 -6.34 38.26
N VAL A 798 -48.85 -6.14 38.98
CA VAL A 798 -48.85 -6.36 40.42
C VAL A 798 -49.74 -5.32 41.12
N ALA A 799 -49.78 -4.09 40.60
CA ALA A 799 -50.67 -3.08 41.17
C ALA A 799 -52.13 -3.52 41.06
N GLY A 800 -52.52 -4.05 39.90
CA GLY A 800 -53.86 -4.59 39.76
C GLY A 800 -54.10 -5.86 40.54
N GLY A 801 -53.04 -6.58 40.89
CA GLY A 801 -53.18 -7.76 41.72
C GLY A 801 -53.74 -7.45 43.10
N ILE A 802 -53.39 -6.30 43.66
CA ILE A 802 -54.00 -5.86 44.91
C ILE A 802 -55.49 -5.64 44.71
N VAL A 803 -55.88 -5.13 43.53
CA VAL A 803 -57.29 -4.94 43.20
C VAL A 803 -57.92 -6.18 42.58
N ALA A 804 -57.12 -7.18 42.22
CA ALA A 804 -57.65 -8.38 41.58
C ALA A 804 -58.33 -9.33 42.57
N GLY A 805 -58.08 -9.17 43.87
CA GLY A 805 -58.66 -10.03 44.87
C GLY A 805 -59.96 -9.54 45.50
N ILE A 806 -60.53 -8.45 44.99
CA ILE A 806 -61.74 -7.90 45.60
C ILE A 806 -62.92 -8.85 45.43
N PHE A 807 -62.98 -9.55 44.31
CA PHE A 807 -64.08 -10.48 44.07
C PHE A 807 -64.04 -11.68 45.01
N LEU A 808 -62.89 -11.95 45.63
CA LEU A 808 -62.79 -13.10 46.54
C LEU A 808 -63.70 -12.94 47.74
N ILE A 809 -63.76 -11.74 48.31
CA ILE A 809 -64.62 -11.50 49.47
C ILE A 809 -66.09 -11.57 49.06
N PHE A 810 -66.42 -11.04 47.88
CA PHE A 810 -67.81 -11.04 47.44
C PHE A 810 -68.35 -12.45 47.29
N ILE A 811 -67.56 -13.36 46.70
CA ILE A 811 -67.99 -14.75 46.60
C ILE A 811 -68.05 -15.39 47.97
N GLU A 812 -67.14 -15.01 48.86
CA GLU A 812 -67.07 -15.58 50.21
C GLU A 812 -67.86 -14.77 51.23
N ILE A 813 -68.55 -13.71 50.81
CA ILE A 813 -69.33 -12.91 51.76
C ILE A 813 -70.47 -13.74 52.33
N ALA A 814 -71.21 -14.43 51.47
CA ALA A 814 -72.32 -15.25 51.94
C ALA A 814 -71.86 -16.56 52.55
N TYR A 815 -70.76 -17.13 52.05
CA TYR A 815 -70.29 -18.42 52.55
C TYR A 815 -69.90 -18.33 54.02
N LYS A 816 -69.23 -17.25 54.40
CA LYS A 816 -68.87 -17.05 55.81
C LYS A 816 -70.13 -16.93 56.67
N ARG A 817 -71.16 -16.27 56.15
CA ARG A 817 -72.40 -16.14 56.89
C ARG A 817 -73.05 -17.49 57.13
N HIS A 818 -73.03 -18.36 56.13
CA HIS A 818 -73.67 -19.67 56.26
C HIS A 818 -73.02 -20.51 57.34
N LYS A 819 -71.69 -20.53 57.38
CA LYS A 819 -70.97 -21.36 58.33
C LYS A 819 -70.98 -20.73 59.72
N SER B 43 -38.43 14.05 -64.58
CA SER B 43 -37.51 14.39 -65.66
C SER B 43 -36.08 14.54 -65.14
N ILE B 44 -35.73 13.76 -64.12
CA ILE B 44 -34.41 13.80 -63.51
C ILE B 44 -33.81 12.40 -63.57
N GLY B 45 -32.62 12.29 -64.15
CA GLY B 45 -31.95 11.01 -64.30
C GLY B 45 -30.64 11.00 -63.52
N ILE B 46 -30.28 9.82 -63.03
CA ILE B 46 -29.11 9.64 -62.20
C ILE B 46 -28.18 8.68 -62.92
N ALA B 47 -27.19 9.21 -63.62
CA ALA B 47 -26.20 8.38 -64.29
C ALA B 47 -25.18 7.86 -63.27
N VAL B 48 -24.33 6.94 -63.73
CA VAL B 48 -23.28 6.37 -62.91
C VAL B 48 -21.97 6.40 -63.67
N ILE B 49 -20.90 6.81 -63.00
CA ILE B 49 -19.56 6.83 -63.56
C ILE B 49 -18.73 5.76 -62.85
N LEU B 50 -17.98 5.00 -63.63
CA LEU B 50 -17.19 3.89 -63.12
C LEU B 50 -15.80 3.95 -63.73
N VAL B 51 -14.77 3.83 -62.89
CA VAL B 51 -13.38 3.90 -63.33
C VAL B 51 -12.63 2.72 -62.74
N GLY B 52 -11.87 2.03 -63.57
CA GLY B 52 -11.05 0.91 -63.14
C GLY B 52 -11.09 -0.20 -64.17
N THR B 53 -10.55 -1.35 -63.77
CA THR B 53 -10.56 -2.54 -64.62
C THR B 53 -11.81 -3.39 -64.45
N SER B 54 -12.66 -3.08 -63.47
CA SER B 54 -13.86 -3.87 -63.26
C SER B 54 -14.83 -3.70 -64.43
N ASP B 55 -15.39 -4.82 -64.87
CA ASP B 55 -16.31 -4.85 -66.00
C ASP B 55 -17.74 -5.04 -65.49
N GLU B 56 -18.63 -4.14 -65.90
CA GLU B 56 -20.04 -4.22 -65.51
C GLU B 56 -20.85 -3.52 -66.59
N VAL B 57 -21.53 -4.29 -67.42
CA VAL B 57 -22.31 -3.79 -68.54
C VAL B 57 -23.80 -3.91 -68.28
N ALA B 58 -24.26 -5.08 -67.86
CA ALA B 58 -25.68 -5.36 -67.65
C ALA B 58 -26.26 -4.67 -66.44
N ILE B 59 -25.51 -3.79 -65.77
CA ILE B 59 -26.04 -3.09 -64.61
C ILE B 59 -27.21 -2.20 -65.01
N LYS B 60 -27.08 -1.52 -66.15
CA LYS B 60 -28.16 -0.66 -66.62
C LYS B 60 -29.43 -1.45 -66.91
N ASP B 61 -29.27 -2.63 -67.53
CA ASP B 61 -30.43 -3.46 -67.83
C ASP B 61 -31.13 -3.93 -66.56
N ALA B 62 -30.35 -4.37 -65.56
CA ALA B 62 -30.95 -4.74 -64.28
C ALA B 62 -31.54 -3.53 -63.57
N HIS B 63 -30.82 -2.40 -63.61
CA HIS B 63 -31.30 -1.20 -62.93
C HIS B 63 -32.59 -0.68 -63.55
N GLU B 64 -32.68 -0.70 -64.88
CA GLU B 64 -33.89 -0.21 -65.55
C GLU B 64 -35.10 -1.05 -65.15
N LYS B 65 -34.93 -2.36 -65.04
CA LYS B 65 -36.00 -3.22 -64.56
C LYS B 65 -36.17 -3.14 -63.05
N ASP B 66 -35.17 -2.63 -62.33
CA ASP B 66 -35.22 -2.49 -60.88
C ASP B 66 -35.14 -1.02 -60.49
N ASP B 67 -35.83 -0.16 -61.23
CA ASP B 67 -35.83 1.27 -61.01
C ASP B 67 -37.04 1.75 -60.22
N PHE B 68 -37.84 0.83 -59.66
CA PHE B 68 -39.04 1.16 -58.91
C PHE B 68 -40.00 1.98 -59.79
N HIS B 69 -40.50 1.30 -60.83
CA HIS B 69 -41.33 1.96 -61.83
C HIS B 69 -42.61 2.55 -61.23
N HIS B 70 -43.01 2.10 -60.05
CA HIS B 70 -44.16 2.68 -59.36
C HIS B 70 -43.90 4.12 -58.90
N LEU B 71 -42.66 4.59 -58.93
CA LEU B 71 -42.32 5.93 -58.50
C LEU B 71 -41.88 6.76 -59.70
N SER B 72 -42.27 8.03 -59.70
CA SER B 72 -41.96 8.93 -60.81
C SER B 72 -40.48 9.31 -60.79
N VAL B 73 -39.64 8.47 -61.38
CA VAL B 73 -38.20 8.67 -61.33
C VAL B 73 -37.63 9.18 -62.65
N VAL B 74 -38.20 8.77 -63.79
CA VAL B 74 -37.68 9.12 -65.12
C VAL B 74 -36.21 8.74 -65.17
N PRO B 75 -35.87 7.45 -65.23
CA PRO B 75 -34.46 7.07 -65.21
C PRO B 75 -33.77 7.38 -66.52
N ARG B 76 -32.57 7.92 -66.41
CA ARG B 76 -31.69 8.20 -67.55
C ARG B 76 -30.27 7.75 -67.23
N VAL B 77 -30.17 6.53 -66.71
CA VAL B 77 -28.89 6.01 -66.24
C VAL B 77 -27.98 5.74 -67.42
N GLU B 78 -26.76 6.26 -67.36
CA GLU B 78 -25.74 6.01 -68.37
C GLU B 78 -24.48 5.50 -67.69
N LEU B 79 -23.93 4.42 -68.22
CA LEU B 79 -22.71 3.83 -67.70
C LEU B 79 -21.53 4.31 -68.55
N VAL B 80 -20.62 5.05 -67.94
CA VAL B 80 -19.44 5.58 -68.61
C VAL B 80 -18.21 5.02 -67.90
N ALA B 81 -17.30 4.45 -68.68
CA ALA B 81 -16.09 3.84 -68.14
C ALA B 81 -14.87 4.41 -68.84
N MET B 82 -13.78 4.55 -68.09
CA MET B 82 -12.53 5.04 -68.66
C MET B 82 -11.40 4.58 -67.75
N ASN B 83 -10.22 4.37 -68.34
CA ASN B 83 -9.12 3.66 -67.70
C ASN B 83 -8.04 4.60 -67.17
N GLU B 84 -8.40 5.79 -66.69
CA GLU B 84 -7.44 6.65 -66.02
C GLU B 84 -8.09 7.28 -64.79
N THR B 85 -7.25 7.60 -63.80
CA THR B 85 -7.70 8.24 -62.57
C THR B 85 -7.20 9.67 -62.46
N ASP B 86 -6.84 10.29 -63.58
CA ASP B 86 -6.39 11.67 -63.53
C ASP B 86 -7.54 12.56 -63.06
N PRO B 87 -7.33 13.40 -62.05
CA PRO B 87 -8.43 14.21 -61.52
C PRO B 87 -9.03 15.16 -62.54
N LYS B 88 -8.21 16.02 -63.14
CA LYS B 88 -8.73 17.02 -64.07
C LYS B 88 -9.39 16.35 -65.27
N SER B 89 -8.78 15.29 -65.81
CA SER B 89 -9.41 14.55 -66.90
C SER B 89 -10.76 14.01 -66.48
N ILE B 90 -10.85 13.50 -65.26
CA ILE B 90 -12.14 13.07 -64.72
C ILE B 90 -13.05 14.28 -64.53
N ILE B 91 -12.49 15.41 -64.09
CA ILE B 91 -13.30 16.61 -63.88
C ILE B 91 -13.92 17.08 -65.20
N THR B 92 -13.13 17.07 -66.27
CA THR B 92 -13.66 17.49 -67.56
C THR B 92 -14.82 16.59 -68.00
N ARG B 93 -14.66 15.29 -67.82
CA ARG B 93 -15.73 14.35 -68.17
C ARG B 93 -16.97 14.58 -67.31
N ILE B 94 -16.77 14.83 -66.01
CA ILE B 94 -17.91 15.06 -65.12
C ILE B 94 -18.63 16.35 -65.51
N CYS B 95 -17.88 17.44 -65.67
CA CYS B 95 -18.52 18.70 -66.03
C CYS B 95 -19.24 18.60 -67.37
N ASP B 96 -18.60 17.96 -68.35
CA ASP B 96 -19.23 17.80 -69.65
C ASP B 96 -20.36 16.78 -69.62
N LEU B 97 -20.48 15.99 -68.55
CA LEU B 97 -21.50 14.93 -68.50
C LEU B 97 -22.91 15.52 -68.51
N MET B 98 -23.16 16.51 -67.65
CA MET B 98 -24.46 17.15 -67.58
C MET B 98 -24.52 18.47 -68.34
N SER B 99 -23.43 18.88 -68.99
CA SER B 99 -23.47 20.07 -69.83
C SER B 99 -24.16 19.77 -71.16
N ASP B 100 -23.93 18.58 -71.72
CA ASP B 100 -24.56 18.20 -72.97
C ASP B 100 -26.02 17.79 -72.75
N ARG B 101 -26.22 16.76 -71.95
CA ARG B 101 -27.53 16.24 -71.63
C ARG B 101 -28.00 16.80 -70.29
N LYS B 102 -29.12 16.29 -69.79
CA LYS B 102 -29.69 16.76 -68.52
C LYS B 102 -29.49 15.68 -67.47
N ILE B 103 -28.48 15.87 -66.62
CA ILE B 103 -28.18 14.97 -65.51
C ILE B 103 -28.10 15.80 -64.24
N GLN B 104 -28.78 15.33 -63.19
CA GLN B 104 -28.80 16.02 -61.90
C GLN B 104 -28.49 15.04 -60.77
N GLY B 105 -27.46 14.23 -60.96
CA GLY B 105 -27.03 13.29 -59.94
C GLY B 105 -26.04 12.28 -60.48
N VAL B 106 -25.00 11.96 -59.71
CA VAL B 106 -23.96 11.07 -60.17
C VAL B 106 -23.42 10.28 -58.99
N VAL B 107 -22.98 9.07 -59.24
CA VAL B 107 -22.37 8.21 -58.24
C VAL B 107 -21.06 7.66 -58.80
N PHE B 108 -19.98 7.85 -58.06
CA PHE B 108 -18.65 7.47 -58.52
C PHE B 108 -18.23 6.15 -57.90
N ALA B 109 -17.82 5.21 -58.73
CA ALA B 109 -17.33 3.91 -58.29
C ALA B 109 -15.91 3.71 -58.81
N ASP B 110 -15.05 3.18 -57.95
CA ASP B 110 -13.65 3.00 -58.29
C ASP B 110 -13.08 1.88 -57.44
N ASP B 111 -11.91 1.38 -57.86
CA ASP B 111 -11.14 0.39 -57.11
C ASP B 111 -9.70 0.88 -57.12
N THR B 112 -9.35 1.73 -56.15
CA THR B 112 -8.01 2.27 -56.06
C THR B 112 -7.74 2.70 -54.63
N ASP B 113 -6.45 2.88 -54.33
CA ASP B 113 -6.01 3.32 -53.02
C ASP B 113 -5.69 4.82 -52.99
N GLN B 114 -6.00 5.54 -54.07
CA GLN B 114 -5.68 6.96 -54.14
C GLN B 114 -6.62 7.75 -53.24
N GLU B 115 -6.07 8.38 -52.21
CA GLU B 115 -6.85 9.10 -51.22
C GLU B 115 -6.99 10.58 -51.59
N ALA B 116 -7.40 10.86 -52.82
CA ALA B 116 -7.59 12.23 -53.25
C ALA B 116 -8.85 12.45 -54.08
N ILE B 117 -9.52 11.39 -54.54
CA ILE B 117 -10.63 11.56 -55.48
C ILE B 117 -11.88 12.04 -54.75
N ALA B 118 -12.03 11.69 -53.47
CA ALA B 118 -13.26 12.05 -52.75
C ALA B 118 -13.42 13.56 -52.66
N GLN B 119 -12.35 14.28 -52.36
CA GLN B 119 -12.45 15.73 -52.22
C GLN B 119 -12.84 16.40 -53.52
N ILE B 120 -12.52 15.79 -54.66
CA ILE B 120 -12.83 16.38 -55.95
C ILE B 120 -14.34 16.52 -56.11
N LEU B 121 -15.08 15.46 -55.77
CA LEU B 121 -16.54 15.53 -55.85
C LEU B 121 -17.07 16.62 -54.94
N ASP B 122 -16.49 16.76 -53.74
CA ASP B 122 -16.87 17.84 -52.86
C ASP B 122 -16.62 19.19 -53.51
N PHE B 123 -15.49 19.32 -54.21
CA PHE B 123 -15.21 20.56 -54.92
C PHE B 123 -16.25 20.82 -56.00
N ILE B 124 -16.62 19.78 -56.75
CA ILE B 124 -17.62 19.95 -57.80
C ILE B 124 -19.00 20.20 -57.19
N SER B 125 -19.36 19.40 -56.19
CA SER B 125 -20.70 19.49 -55.62
C SER B 125 -20.93 20.81 -54.90
N ALA B 126 -19.88 21.39 -54.32
CA ALA B 126 -20.04 22.67 -53.63
C ALA B 126 -20.40 23.77 -54.62
N GLN B 127 -19.60 23.91 -55.68
CA GLN B 127 -19.84 24.99 -56.63
C GLN B 127 -21.00 24.69 -57.56
N THR B 128 -21.18 23.43 -57.95
CA THR B 128 -22.28 23.02 -58.80
C THR B 128 -23.33 22.31 -57.94
N LEU B 129 -24.54 22.86 -57.92
CA LEU B 129 -25.58 22.40 -57.01
C LEU B 129 -26.22 21.12 -57.55
N THR B 130 -25.45 20.04 -57.50
CA THR B 130 -25.92 18.73 -57.91
C THR B 130 -25.53 17.68 -56.87
N PRO B 131 -26.43 16.76 -56.55
CA PRO B 131 -26.10 15.75 -55.53
C PRO B 131 -25.03 14.80 -56.03
N ILE B 132 -24.18 14.37 -55.11
CA ILE B 132 -23.15 13.37 -55.39
C ILE B 132 -23.16 12.34 -54.27
N LEU B 133 -23.14 11.07 -54.64
CA LEU B 133 -23.19 9.97 -53.68
C LEU B 133 -22.02 9.03 -53.91
N GLY B 134 -21.39 8.60 -52.83
CA GLY B 134 -20.25 7.71 -52.89
C GLY B 134 -20.65 6.31 -52.43
N ILE B 135 -20.14 5.30 -53.12
CA ILE B 135 -20.47 3.91 -52.86
C ILE B 135 -19.22 3.06 -52.58
N HIS B 136 -18.18 3.24 -53.40
CA HIS B 136 -17.06 2.32 -53.40
C HIS B 136 -15.77 3.08 -53.66
N GLY B 137 -14.66 2.50 -53.24
CA GLY B 137 -13.36 3.03 -53.61
C GLY B 137 -13.05 4.35 -52.91
N GLY B 138 -12.41 5.25 -53.66
CA GLY B 138 -12.02 6.53 -53.10
C GLY B 138 -13.19 7.38 -52.61
N SER B 139 -14.38 7.14 -53.16
CA SER B 139 -15.56 7.88 -52.70
C SER B 139 -15.89 7.53 -51.25
N SER B 140 -15.77 6.26 -50.89
CA SER B 140 -16.10 5.79 -49.54
C SER B 140 -14.82 5.73 -48.72
N MET B 141 -14.48 6.85 -48.10
CA MET B 141 -13.36 6.89 -47.17
C MET B 141 -13.53 8.08 -46.26
N ILE B 142 -12.78 8.08 -45.16
CA ILE B 142 -12.94 9.10 -44.14
C ILE B 142 -12.57 10.46 -44.72
N MET B 143 -13.39 11.45 -44.44
CA MET B 143 -13.17 12.83 -44.87
C MET B 143 -13.05 13.73 -43.66
N ALA B 144 -12.06 14.62 -43.69
CA ALA B 144 -11.82 15.52 -42.56
C ALA B 144 -13.00 16.45 -42.33
N ASP B 145 -13.37 17.23 -43.34
CA ASP B 145 -14.52 18.12 -43.25
C ASP B 145 -14.90 18.56 -44.66
N LYS B 146 -16.19 18.74 -44.87
CA LYS B 146 -16.71 19.16 -46.17
C LYS B 146 -16.87 20.67 -46.21
N ASP B 147 -17.33 21.17 -47.35
CA ASP B 147 -17.63 22.59 -47.47
C ASP B 147 -18.89 22.92 -46.67
N GLU B 148 -19.07 24.21 -46.41
CA GLU B 148 -20.22 24.65 -45.62
C GLU B 148 -21.53 24.36 -46.35
N SER B 149 -21.58 24.57 -47.66
CA SER B 149 -22.74 24.28 -48.48
C SER B 149 -22.34 23.24 -49.52
N SER B 150 -22.39 21.98 -49.13
CA SER B 150 -22.00 20.88 -50.02
C SER B 150 -22.84 19.67 -49.65
N MET B 151 -23.85 19.38 -50.45
CA MET B 151 -24.73 18.25 -50.22
C MET B 151 -24.11 16.95 -50.74
N PHE B 152 -22.90 16.66 -50.30
CA PHE B 152 -22.19 15.45 -50.65
C PHE B 152 -22.28 14.43 -49.53
N PHE B 153 -22.44 13.17 -49.89
CA PHE B 153 -22.55 12.08 -48.92
C PHE B 153 -21.74 10.89 -49.40
N GLN B 154 -21.30 10.06 -48.45
CA GLN B 154 -20.51 8.88 -48.74
C GLN B 154 -21.09 7.68 -47.99
N PHE B 155 -20.48 6.52 -48.21
CA PHE B 155 -20.78 5.31 -47.48
C PHE B 155 -19.54 4.89 -46.69
N GLY B 156 -19.76 4.04 -45.69
CA GLY B 156 -18.68 3.54 -44.88
C GLY B 156 -18.77 4.03 -43.45
N PRO B 157 -18.15 3.30 -42.54
CA PRO B 157 -18.24 3.67 -41.12
C PRO B 157 -17.54 4.98 -40.83
N SER B 158 -18.05 5.70 -39.84
CA SER B 158 -17.44 6.95 -39.41
C SER B 158 -16.18 6.67 -38.61
N ILE B 159 -15.35 7.71 -38.48
CA ILE B 159 -14.12 7.58 -37.69
C ILE B 159 -14.46 7.36 -36.22
N GLU B 160 -15.53 7.98 -35.74
CA GLU B 160 -15.93 7.78 -34.36
C GLU B 160 -16.46 6.38 -34.13
N GLN B 161 -17.25 5.86 -35.06
CA GLN B 161 -17.83 4.53 -34.89
C GLN B 161 -16.78 3.44 -34.94
N GLN B 162 -15.63 3.68 -35.58
CA GLN B 162 -14.59 2.67 -35.66
C GLN B 162 -14.06 2.34 -34.27
N ALA B 163 -13.82 3.36 -33.45
CA ALA B 163 -13.31 3.12 -32.09
C ALA B 163 -14.34 2.37 -31.25
N SER B 164 -15.62 2.74 -31.37
CA SER B 164 -16.65 2.13 -30.53
C SER B 164 -16.76 0.63 -30.79
N VAL B 165 -16.79 0.22 -32.06
CA VAL B 165 -16.85 -1.21 -32.37
C VAL B 165 -15.56 -1.89 -31.97
N MET B 166 -14.43 -1.20 -32.13
CA MET B 166 -13.15 -1.77 -31.72
C MET B 166 -13.09 -1.98 -30.21
N LEU B 167 -13.73 -1.10 -29.43
CA LEU B 167 -13.77 -1.30 -27.99
C LEU B 167 -14.69 -2.45 -27.59
N ASN B 168 -15.71 -2.73 -28.39
CA ASN B 168 -16.63 -3.80 -28.06
C ASN B 168 -16.12 -5.18 -28.45
N ILE B 169 -14.95 -5.28 -29.09
CA ILE B 169 -14.33 -6.58 -29.32
C ILE B 169 -13.22 -6.86 -28.31
N MET B 170 -12.68 -5.83 -27.66
CA MET B 170 -11.67 -6.03 -26.63
C MET B 170 -12.26 -6.17 -25.24
N GLU B 171 -13.51 -6.63 -25.14
CA GLU B 171 -14.11 -6.95 -23.86
C GLU B 171 -14.52 -8.41 -23.74
N GLU B 172 -14.93 -9.06 -24.83
CA GLU B 172 -15.25 -10.48 -24.75
C GLU B 172 -14.00 -11.34 -24.62
N TYR B 173 -12.89 -10.87 -25.17
CA TYR B 173 -11.64 -11.61 -25.12
C TYR B 173 -10.73 -11.13 -24.00
N ASP B 174 -11.22 -10.22 -23.15
CA ASP B 174 -10.54 -9.81 -21.92
C ASP B 174 -9.14 -9.28 -22.20
N TRP B 175 -9.09 -8.17 -22.93
CA TRP B 175 -7.83 -7.46 -23.18
C TRP B 175 -7.99 -6.08 -22.56
N TYR B 176 -7.70 -5.99 -21.27
CA TYR B 176 -7.91 -4.77 -20.51
C TYR B 176 -6.65 -3.94 -20.35
N ILE B 177 -5.51 -4.44 -20.83
CA ILE B 177 -4.24 -3.74 -20.74
C ILE B 177 -3.81 -3.39 -22.17
N PHE B 178 -3.81 -2.10 -22.51
CA PHE B 178 -3.51 -1.71 -23.87
C PHE B 178 -2.85 -0.33 -23.90
N SER B 179 -2.12 -0.08 -24.98
CA SER B 179 -1.49 1.20 -25.23
C SER B 179 -1.65 1.54 -26.71
N ILE B 180 -1.56 2.83 -27.02
CA ILE B 180 -1.92 3.35 -28.32
C ILE B 180 -0.75 4.10 -28.93
N VAL B 181 -0.49 3.85 -30.22
CA VAL B 181 0.49 4.59 -31.00
C VAL B 181 -0.13 4.94 -32.35
N THR B 182 0.03 6.20 -32.76
CA THR B 182 -0.58 6.67 -33.99
C THR B 182 0.29 7.78 -34.59
N THR B 183 0.03 8.08 -35.85
CA THR B 183 0.82 9.02 -36.62
C THR B 183 0.13 10.38 -36.68
N TYR B 184 0.67 11.28 -37.51
CA TYR B 184 0.12 12.60 -37.71
C TYR B 184 -0.87 12.67 -38.86
N PHE B 185 -1.53 11.56 -39.18
CA PHE B 185 -2.56 11.58 -40.20
C PHE B 185 -3.71 12.48 -39.76
N PRO B 186 -4.26 13.29 -40.65
CA PRO B 186 -5.33 14.22 -40.25
C PRO B 186 -6.54 13.48 -39.71
N GLY B 187 -7.19 14.11 -38.73
CA GLY B 187 -8.36 13.52 -38.10
C GLY B 187 -8.05 12.53 -37.00
N TYR B 188 -6.82 12.51 -36.50
CA TYR B 188 -6.44 11.60 -35.42
C TYR B 188 -6.72 12.15 -34.04
N GLN B 189 -7.00 13.45 -33.92
CA GLN B 189 -7.14 14.06 -32.60
C GLN B 189 -8.36 13.54 -31.86
N ASP B 190 -9.48 13.37 -32.57
CA ASP B 190 -10.71 12.93 -31.90
C ASP B 190 -10.65 11.48 -31.44
N PHE B 191 -9.72 10.69 -32.00
CA PHE B 191 -9.66 9.28 -31.64
C PHE B 191 -9.28 9.09 -30.17
N VAL B 192 -8.21 9.75 -29.73
CA VAL B 192 -7.84 9.68 -28.32
C VAL B 192 -8.90 10.35 -27.47
N ASN B 193 -9.51 11.42 -27.97
CA ASN B 193 -10.57 12.09 -27.24
C ASN B 193 -11.80 11.19 -27.10
N LYS B 194 -12.10 10.38 -28.13
CA LYS B 194 -13.19 9.43 -28.03
C LYS B 194 -12.90 8.37 -26.98
N ILE B 195 -11.65 7.90 -26.91
CA ILE B 195 -11.29 6.88 -25.94
C ILE B 195 -11.52 7.37 -24.52
N ARG B 196 -11.04 8.59 -24.22
CA ARG B 196 -11.11 9.10 -22.86
C ARG B 196 -12.54 9.40 -22.45
N SER B 197 -13.39 9.78 -23.40
CA SER B 197 -14.79 10.03 -23.08
C SER B 197 -15.55 8.75 -22.77
N THR B 198 -14.97 7.58 -23.04
CA THR B 198 -15.61 6.31 -22.75
C THR B 198 -14.97 5.57 -21.59
N ILE B 199 -13.68 5.77 -21.33
CA ILE B 199 -13.00 5.02 -20.28
C ILE B 199 -13.50 5.44 -18.90
N GLU B 200 -13.77 6.74 -18.71
CA GLU B 200 -14.11 7.22 -17.38
C GLU B 200 -15.49 6.75 -16.93
N ASN B 201 -16.46 6.75 -17.84
CA ASN B 201 -17.83 6.37 -17.48
C ASN B 201 -18.08 4.88 -17.80
N SER B 202 -17.29 4.03 -17.15
CA SER B 202 -17.42 2.59 -17.30
C SER B 202 -16.91 1.92 -16.04
N PHE B 203 -17.69 0.98 -15.51
CA PHE B 203 -17.28 0.28 -14.29
C PHE B 203 -16.11 -0.67 -14.54
N VAL B 204 -15.93 -1.15 -15.76
CA VAL B 204 -14.78 -1.99 -16.06
C VAL B 204 -13.51 -1.16 -15.99
N GLY B 205 -12.48 -1.69 -15.35
CA GLY B 205 -11.28 -0.94 -15.09
C GLY B 205 -10.38 -0.75 -16.29
N TRP B 206 -10.88 -0.08 -17.32
CA TRP B 206 -10.02 0.27 -18.44
C TRP B 206 -8.92 1.21 -17.98
N GLU B 207 -7.72 1.01 -18.53
CA GLU B 207 -6.60 1.88 -18.20
C GLU B 207 -5.74 2.05 -19.45
N LEU B 208 -5.07 3.20 -19.53
CA LEU B 208 -4.20 3.50 -20.65
C LEU B 208 -2.90 4.09 -20.12
N GLU B 209 -1.82 3.83 -20.84
CA GLU B 209 -0.50 4.32 -20.48
C GLU B 209 0.38 4.25 -21.72
N GLU B 210 1.57 4.84 -21.60
CA GLU B 210 2.57 4.93 -22.66
C GLU B 210 1.91 5.21 -24.01
N VAL B 211 1.22 6.34 -24.09
CA VAL B 211 0.65 6.80 -25.34
C VAL B 211 1.78 7.36 -26.19
N LEU B 212 1.95 6.82 -27.39
CA LEU B 212 3.04 7.20 -28.28
C LEU B 212 2.53 8.05 -29.44
N LEU B 213 3.46 8.83 -29.99
CA LEU B 213 3.20 9.67 -31.16
C LEU B 213 4.51 9.82 -31.92
N LEU B 214 4.54 9.35 -33.16
CA LEU B 214 5.71 9.45 -34.01
C LEU B 214 5.50 10.53 -35.06
N ASP B 215 6.59 11.22 -35.40
CA ASP B 215 6.55 12.34 -36.35
C ASP B 215 7.06 11.86 -37.70
N MET B 216 6.11 11.48 -38.56
CA MET B 216 6.44 11.12 -39.94
C MET B 216 6.24 12.31 -40.87
N SER B 217 6.86 13.45 -40.52
CA SER B 217 6.77 14.66 -41.31
C SER B 217 8.11 15.06 -41.91
N LEU B 218 9.15 15.12 -41.08
CA LEU B 218 10.48 15.45 -41.58
C LEU B 218 11.13 14.29 -42.32
N ASP B 219 10.81 13.05 -41.93
CA ASP B 219 11.38 11.85 -42.52
C ASP B 219 12.91 11.90 -42.51
N ASP B 220 13.47 12.21 -41.34
CA ASP B 220 14.91 12.27 -41.20
C ASP B 220 15.56 10.90 -41.32
N GLY B 221 14.79 9.82 -41.17
CA GLY B 221 15.34 8.49 -41.21
C GLY B 221 15.97 8.03 -39.91
N ASP B 222 15.92 8.83 -38.86
CA ASP B 222 16.50 8.46 -37.58
C ASP B 222 15.66 7.39 -36.90
N SER B 223 16.18 6.86 -35.80
CA SER B 223 15.50 5.85 -35.00
C SER B 223 14.66 6.46 -33.90
N LYS B 224 14.16 7.69 -34.10
CA LYS B 224 13.28 8.30 -33.11
C LYS B 224 12.03 7.46 -32.88
N ILE B 225 11.57 6.74 -33.90
CA ILE B 225 10.48 5.80 -33.71
C ILE B 225 10.91 4.66 -32.79
N GLN B 226 12.06 4.04 -33.07
CA GLN B 226 12.50 2.91 -32.26
C GLN B 226 12.85 3.35 -30.85
N ASN B 227 13.49 4.51 -30.70
CA ASN B 227 13.87 4.99 -29.37
C ASN B 227 12.63 5.28 -28.53
N GLN B 228 11.60 5.84 -29.14
CA GLN B 228 10.38 6.15 -28.40
C GLN B 228 9.65 4.88 -27.98
N LEU B 229 9.68 3.84 -28.82
CA LEU B 229 8.92 2.63 -28.53
C LEU B 229 9.65 1.68 -27.58
N LYS B 230 10.84 2.04 -27.12
CA LYS B 230 11.56 1.17 -26.19
C LYS B 230 10.77 1.00 -24.89
N LYS B 231 10.17 2.09 -24.40
CA LYS B 231 9.40 2.04 -23.16
C LYS B 231 7.95 1.64 -23.42
N LEU B 232 7.79 0.39 -23.87
CA LEU B 232 6.48 -0.14 -24.22
C LEU B 232 6.26 -1.50 -23.56
N GLN B 233 5.00 -1.78 -23.26
CA GLN B 233 4.61 -3.04 -22.65
C GLN B 233 3.20 -3.37 -23.13
N SER B 234 2.51 -4.26 -22.41
CA SER B 234 1.11 -4.63 -22.63
C SER B 234 0.95 -5.46 -23.89
N PRO B 235 0.00 -6.42 -23.88
CA PRO B 235 -0.16 -7.29 -25.05
C PRO B 235 -1.02 -6.73 -26.17
N ILE B 236 -1.65 -5.58 -25.98
CA ILE B 236 -2.53 -4.98 -26.98
C ILE B 236 -1.96 -3.62 -27.36
N ILE B 237 -1.73 -3.43 -28.66
CA ILE B 237 -1.18 -2.18 -29.18
C ILE B 237 -2.06 -1.73 -30.34
N LEU B 238 -2.48 -0.48 -30.30
CA LEU B 238 -3.35 0.10 -31.31
C LEU B 238 -2.54 0.83 -32.36
N LEU B 239 -2.97 0.73 -33.62
CA LEU B 239 -2.29 1.39 -34.73
C LEU B 239 -3.30 2.16 -35.56
N TYR B 240 -2.85 3.29 -36.12
CA TYR B 240 -3.71 4.15 -36.93
C TYR B 240 -2.82 4.87 -37.95
N CYS B 241 -2.68 4.27 -39.13
CA CYS B 241 -1.83 4.80 -40.18
C CYS B 241 -2.44 4.46 -41.54
N THR B 242 -1.68 4.68 -42.60
CA THR B 242 -2.09 4.42 -43.97
C THR B 242 -1.29 3.24 -44.53
N LYS B 243 -1.86 2.60 -45.56
CA LYS B 243 -1.28 1.38 -46.10
C LYS B 243 0.14 1.60 -46.61
N GLU B 244 0.35 2.69 -47.36
CA GLU B 244 1.67 2.93 -47.95
C GLU B 244 2.73 3.18 -46.89
N GLU B 245 2.39 3.94 -45.85
CA GLU B 245 3.34 4.27 -44.80
C GLU B 245 3.43 3.19 -43.73
N ALA B 246 2.53 2.21 -43.73
CA ALA B 246 2.52 1.22 -42.66
C ALA B 246 3.71 0.27 -42.74
N THR B 247 4.16 -0.05 -43.96
CA THR B 247 5.23 -1.04 -44.12
C THR B 247 6.50 -0.62 -43.38
N TYR B 248 6.78 0.68 -43.36
CA TYR B 248 7.91 1.17 -42.57
C TYR B 248 7.67 1.00 -41.07
N ILE B 249 6.42 1.11 -40.64
CA ILE B 249 6.11 1.07 -39.21
C ILE B 249 6.40 -0.31 -38.64
N PHE B 250 5.94 -1.36 -39.31
CA PHE B 250 6.16 -2.71 -38.81
C PHE B 250 7.65 -3.05 -38.79
N GLU B 251 8.38 -2.64 -39.83
CA GLU B 251 9.78 -3.04 -39.96
C GLU B 251 10.58 -2.65 -38.72
N VAL B 252 10.48 -1.40 -38.29
CA VAL B 252 11.17 -0.97 -37.09
C VAL B 252 10.61 -1.67 -35.86
N ALA B 253 9.28 -1.77 -35.78
CA ALA B 253 8.66 -2.43 -34.64
C ALA B 253 8.99 -3.92 -34.61
N ASN B 254 8.93 -4.58 -35.77
CA ASN B 254 9.26 -6.01 -35.83
C ASN B 254 10.76 -6.25 -35.59
N SER B 255 11.60 -5.26 -35.87
CA SER B 255 13.02 -5.41 -35.60
C SER B 255 13.28 -5.58 -34.11
N VAL B 256 12.58 -4.82 -33.28
CA VAL B 256 12.70 -4.99 -31.84
C VAL B 256 12.19 -6.37 -31.42
N GLY B 257 11.10 -6.82 -32.02
CA GLY B 257 10.59 -8.15 -31.80
C GLY B 257 9.43 -8.28 -30.84
N LEU B 258 8.89 -7.16 -30.35
CA LEU B 258 7.76 -7.24 -29.42
C LEU B 258 6.46 -7.37 -30.20
N THR B 259 6.43 -8.31 -31.14
CA THR B 259 5.25 -8.56 -31.96
C THR B 259 4.95 -10.04 -32.17
N GLY B 260 5.91 -10.93 -31.91
CA GLY B 260 5.78 -12.33 -32.28
C GLY B 260 4.68 -13.12 -31.60
N TYR B 261 4.79 -13.31 -30.29
CA TYR B 261 3.96 -14.29 -29.59
C TYR B 261 2.91 -13.63 -28.68
N GLY B 262 3.33 -12.79 -27.75
CA GLY B 262 2.41 -12.30 -26.73
C GLY B 262 1.83 -10.92 -26.98
N TYR B 263 1.87 -10.46 -28.23
CA TYR B 263 1.40 -9.13 -28.57
C TYR B 263 0.46 -9.20 -29.76
N THR B 264 -0.71 -8.59 -29.63
CA THR B 264 -1.73 -8.60 -30.67
C THR B 264 -2.00 -7.16 -31.12
N TRP B 265 -2.05 -6.96 -32.42
CA TRP B 265 -2.27 -5.64 -33.00
C TRP B 265 -3.58 -5.63 -33.77
N ILE B 266 -4.34 -4.54 -33.61
CA ILE B 266 -5.62 -4.36 -34.27
C ILE B 266 -5.58 -3.05 -35.03
N VAL B 267 -6.05 -3.06 -36.28
CA VAL B 267 -5.92 -1.90 -37.16
C VAL B 267 -7.32 -1.51 -37.66
N PRO B 268 -7.62 -0.21 -37.81
CA PRO B 268 -8.91 0.17 -38.39
C PRO B 268 -8.98 -0.14 -39.88
N SER B 269 -10.10 0.20 -40.50
CA SER B 269 -10.35 -0.15 -41.90
C SER B 269 -9.42 0.57 -42.87
N LEU B 270 -8.67 1.57 -42.41
CA LEU B 270 -7.81 2.32 -43.32
C LEU B 270 -6.75 1.43 -43.95
N VAL B 271 -6.10 0.60 -43.15
CA VAL B 271 -5.06 -0.30 -43.68
C VAL B 271 -5.80 -1.58 -44.08
N ALA B 272 -6.49 -1.51 -45.21
CA ALA B 272 -7.19 -2.67 -45.76
C ALA B 272 -6.99 -2.86 -47.25
N GLY B 273 -6.66 -1.81 -48.00
CA GLY B 273 -6.64 -1.93 -49.45
C GLY B 273 -8.01 -2.31 -49.96
N ASP B 274 -8.05 -3.30 -50.85
CA ASP B 274 -9.29 -3.87 -51.34
C ASP B 274 -9.44 -5.32 -50.91
N THR B 275 -8.64 -5.76 -49.94
CA THR B 275 -8.62 -7.13 -49.43
C THR B 275 -8.35 -8.16 -50.52
N ASP B 276 -7.78 -7.73 -51.64
CA ASP B 276 -7.42 -8.63 -52.73
C ASP B 276 -5.94 -8.95 -52.75
N THR B 277 -5.09 -8.00 -52.39
CA THR B 277 -3.66 -8.22 -52.24
C THR B 277 -3.22 -7.86 -50.83
N VAL B 278 -2.32 -8.66 -50.28
CA VAL B 278 -1.82 -8.47 -48.92
C VAL B 278 -0.35 -8.10 -49.00
N PRO B 279 -0.01 -6.83 -48.77
CA PRO B 279 1.40 -6.44 -48.75
C PRO B 279 2.14 -7.14 -47.62
N ALA B 280 3.43 -7.36 -47.83
CA ALA B 280 4.25 -8.04 -46.85
C ALA B 280 4.47 -7.14 -45.63
N GLU B 281 5.26 -7.66 -44.68
CA GLU B 281 5.61 -7.03 -43.41
C GLU B 281 4.45 -6.97 -42.43
N PHE B 282 3.26 -7.43 -42.82
CA PHE B 282 2.16 -7.54 -41.86
C PHE B 282 2.44 -8.69 -40.90
N PRO B 283 2.45 -8.44 -39.60
CA PRO B 283 2.73 -9.52 -38.65
C PRO B 283 1.68 -10.61 -38.72
N THR B 284 2.11 -11.83 -38.41
CA THR B 284 1.22 -12.98 -38.46
C THR B 284 0.09 -12.81 -37.46
N GLY B 285 -1.10 -13.26 -37.84
CA GLY B 285 -2.25 -13.18 -36.95
C GLY B 285 -2.74 -11.79 -36.68
N LEU B 286 -2.79 -10.93 -37.70
CA LEU B 286 -3.33 -9.59 -37.54
C LEU B 286 -4.84 -9.64 -37.66
N ILE B 287 -5.54 -9.11 -36.66
CA ILE B 287 -7.00 -9.05 -36.64
C ILE B 287 -7.40 -7.59 -36.83
N SER B 288 -8.35 -7.36 -37.73
CA SER B 288 -8.74 -6.00 -38.08
C SER B 288 -10.14 -6.02 -38.65
N VAL B 289 -10.73 -4.83 -38.75
CA VAL B 289 -12.09 -4.66 -39.20
C VAL B 289 -12.10 -3.74 -40.43
N SER B 290 -13.09 -3.95 -41.30
CA SER B 290 -13.21 -3.16 -42.51
C SER B 290 -14.66 -3.22 -42.96
N TYR B 291 -15.00 -2.33 -43.91
CA TYR B 291 -16.34 -2.31 -44.46
C TYR B 291 -16.64 -3.63 -45.16
N ASP B 292 -17.89 -4.09 -45.03
CA ASP B 292 -18.25 -5.40 -45.56
C ASP B 292 -18.11 -5.45 -47.07
N GLU B 293 -17.50 -6.52 -47.57
CA GLU B 293 -17.26 -6.67 -48.99
C GLU B 293 -17.91 -7.92 -49.59
N TRP B 294 -17.71 -9.09 -48.95
CA TRP B 294 -18.11 -10.34 -49.59
C TRP B 294 -19.63 -10.49 -49.64
N ASP B 295 -20.35 -9.83 -48.74
CA ASP B 295 -21.80 -9.93 -48.67
C ASP B 295 -22.50 -8.70 -49.22
N TYR B 296 -21.78 -7.80 -49.88
CA TYR B 296 -22.38 -6.56 -50.38
C TYR B 296 -21.56 -6.15 -51.61
N GLY B 297 -22.07 -6.50 -52.79
CA GLY B 297 -21.33 -6.34 -54.03
C GLY B 297 -21.71 -5.09 -54.80
N LEU B 298 -21.04 -4.94 -55.95
CA LEU B 298 -21.25 -3.75 -56.79
C LEU B 298 -22.69 -3.61 -57.25
N PRO B 299 -23.34 -4.64 -57.81
CA PRO B 299 -24.75 -4.45 -58.19
C PRO B 299 -25.65 -4.13 -57.02
N ALA B 300 -25.37 -4.68 -55.83
CA ALA B 300 -26.21 -4.41 -54.68
C ALA B 300 -26.16 -2.94 -54.27
N ARG B 301 -24.96 -2.35 -54.26
CA ARG B 301 -24.83 -0.97 -53.83
C ARG B 301 -25.31 0.01 -54.89
N VAL B 302 -25.12 -0.31 -56.17
CA VAL B 302 -25.51 0.61 -57.24
C VAL B 302 -27.01 0.82 -57.25
N ARG B 303 -27.77 -0.28 -57.13
CA ARG B 303 -29.23 -0.17 -57.15
C ARG B 303 -29.74 0.63 -55.97
N ASP B 304 -29.17 0.41 -54.78
CA ASP B 304 -29.59 1.16 -53.61
C ASP B 304 -29.28 2.64 -53.77
N GLY B 305 -28.14 2.97 -54.41
CA GLY B 305 -27.73 4.36 -54.52
C GLY B 305 -28.73 5.21 -55.28
N ILE B 306 -29.20 4.70 -56.43
CA ILE B 306 -30.19 5.44 -57.20
C ILE B 306 -31.51 5.54 -56.43
N ALA B 307 -31.88 4.47 -55.71
CA ALA B 307 -33.11 4.49 -54.94
C ALA B 307 -33.05 5.55 -53.84
N ILE B 308 -31.85 5.86 -53.35
CA ILE B 308 -31.72 6.86 -52.31
C ILE B 308 -32.12 8.23 -52.84
N ILE B 309 -31.60 8.61 -54.02
CA ILE B 309 -31.90 9.93 -54.57
C ILE B 309 -33.35 9.99 -55.03
N THR B 310 -33.85 8.93 -55.67
CA THR B 310 -35.20 8.96 -56.22
C THR B 310 -36.24 9.12 -55.13
N THR B 311 -36.10 8.39 -54.01
CA THR B 311 -37.07 8.52 -52.94
C THR B 311 -36.95 9.85 -52.21
N ALA B 312 -35.78 10.49 -52.28
CA ALA B 312 -35.66 11.85 -51.77
C ALA B 312 -36.29 12.87 -52.70
N ALA B 313 -36.34 12.57 -54.00
CA ALA B 313 -36.99 13.46 -54.95
C ALA B 313 -38.51 13.32 -54.93
N SER B 314 -39.02 12.17 -54.45
CA SER B 314 -40.46 11.93 -54.49
C SER B 314 -41.22 12.90 -53.62
N ASP B 315 -40.80 13.08 -52.36
CA ASP B 315 -41.48 14.01 -51.48
C ASP B 315 -41.21 15.45 -51.87
N MET B 316 -40.07 15.71 -52.53
CA MET B 316 -39.84 17.03 -53.10
C MET B 316 -40.87 17.36 -54.17
N LEU B 317 -41.16 16.38 -55.03
CA LEU B 317 -42.22 16.56 -56.03
C LEU B 317 -43.61 16.47 -55.41
N SER B 318 -43.70 15.99 -54.16
CA SER B 318 -45.00 15.90 -53.50
C SER B 318 -45.39 17.21 -52.83
N GLU B 319 -44.45 17.82 -52.10
CA GLU B 319 -44.74 19.06 -51.37
C GLU B 319 -44.38 20.29 -52.20
N HIS B 320 -43.11 20.41 -52.60
CA HIS B 320 -42.67 21.59 -53.35
C HIS B 320 -43.09 21.51 -54.80
N SER B 321 -42.63 20.48 -55.51
CA SER B 321 -43.01 20.22 -56.90
C SER B 321 -42.62 21.38 -57.82
N PHE B 322 -41.61 22.16 -57.45
CA PHE B 322 -41.19 23.34 -58.19
C PHE B 322 -39.68 23.38 -58.36
N ILE B 323 -39.10 22.23 -58.70
CA ILE B 323 -37.66 22.18 -58.95
C ILE B 323 -37.34 23.00 -60.20
N PRO B 324 -36.36 23.90 -60.16
CA PRO B 324 -36.08 24.76 -61.32
C PRO B 324 -35.03 24.24 -62.28
N GLU B 325 -34.42 23.08 -62.00
CA GLU B 325 -33.35 22.52 -62.82
C GLU B 325 -32.25 23.56 -63.01
N PRO B 326 -31.48 23.86 -61.97
CA PRO B 326 -30.45 24.90 -62.09
C PRO B 326 -29.39 24.53 -63.12
N LYS B 327 -28.82 25.57 -63.73
CA LYS B 327 -27.81 25.37 -64.76
C LYS B 327 -26.60 24.64 -64.19
N SER B 328 -26.41 23.39 -64.60
CA SER B 328 -25.31 22.55 -64.12
C SER B 328 -24.22 22.57 -65.18
N SER B 329 -23.32 23.54 -65.05
CA SER B 329 -22.23 23.70 -66.02
C SER B 329 -21.09 24.44 -65.33
N CYS B 330 -19.94 23.76 -65.18
CA CYS B 330 -18.77 24.43 -64.64
C CYS B 330 -18.30 25.55 -65.57
N TYR B 331 -18.42 25.36 -66.88
CA TYR B 331 -18.12 26.40 -67.83
C TYR B 331 -19.23 27.45 -67.80
N ASN B 332 -18.87 28.68 -67.47
CA ASN B 332 -19.82 29.79 -67.36
C ASN B 332 -20.94 29.45 -66.38
N THR B 333 -20.55 29.19 -65.13
CA THR B 333 -21.49 28.81 -64.08
C THR B 333 -22.27 30.05 -63.65
N HIS B 334 -23.26 30.40 -64.46
CA HIS B 334 -24.11 31.55 -64.18
C HIS B 334 -25.21 31.22 -63.18
N GLU B 335 -25.46 29.95 -62.89
CA GLU B 335 -26.49 29.57 -61.95
C GLU B 335 -26.11 29.94 -60.53
N LYS B 336 -27.13 30.13 -59.69
CA LYS B 336 -26.94 30.48 -58.29
C LYS B 336 -27.91 29.66 -57.44
N ARG B 337 -27.78 29.78 -56.13
CA ARG B 337 -28.66 29.08 -55.20
C ARG B 337 -29.90 29.92 -54.85
N ILE B 338 -30.57 30.42 -55.88
CA ILE B 338 -31.77 31.22 -55.66
C ILE B 338 -32.91 30.34 -55.15
N TYR B 339 -33.03 29.13 -55.68
CA TYR B 339 -34.11 28.24 -55.31
C TYR B 339 -33.82 27.55 -53.98
N GLN B 340 -34.73 26.66 -53.57
CA GLN B 340 -34.61 25.97 -52.29
C GLN B 340 -33.78 24.69 -52.42
N SER B 341 -32.56 24.84 -52.93
CA SER B 341 -31.65 23.70 -52.98
C SER B 341 -31.14 23.33 -51.60
N ASN B 342 -31.04 24.32 -50.70
CA ASN B 342 -30.58 24.04 -49.35
C ASN B 342 -31.57 23.19 -48.57
N MET B 343 -32.87 23.34 -48.84
CA MET B 343 -33.87 22.53 -48.17
C MET B 343 -33.75 21.05 -48.53
N LEU B 344 -33.06 20.72 -49.63
CA LEU B 344 -32.84 19.32 -49.98
C LEU B 344 -31.95 18.61 -48.96
N ASN B 345 -31.16 19.36 -48.19
CA ASN B 345 -30.30 18.75 -47.19
C ASN B 345 -31.13 18.07 -46.10
N ARG B 346 -32.28 18.65 -45.75
CA ARG B 346 -33.11 18.10 -44.67
C ARG B 346 -33.73 16.77 -45.06
N TYR B 347 -34.08 16.60 -46.34
CA TYR B 347 -34.77 15.41 -46.79
C TYR B 347 -33.82 14.32 -47.30
N LEU B 348 -32.52 14.57 -47.32
CA LEU B 348 -31.54 13.55 -47.68
C LEU B 348 -30.97 12.84 -46.46
N ILE B 349 -31.46 13.13 -45.27
CA ILE B 349 -30.92 12.56 -44.05
C ILE B 349 -31.66 11.30 -43.63
N ASN B 350 -32.99 11.32 -43.70
CA ASN B 350 -33.83 10.20 -43.29
C ASN B 350 -34.28 9.35 -44.48
N VAL B 351 -33.40 9.19 -45.47
CA VAL B 351 -33.71 8.36 -46.62
C VAL B 351 -33.74 6.89 -46.21
N THR B 352 -34.84 6.20 -46.54
CA THR B 352 -34.98 4.79 -46.25
C THR B 352 -35.63 4.09 -47.44
N PHE B 353 -35.35 2.80 -47.58
CA PHE B 353 -35.87 2.02 -48.69
C PHE B 353 -35.82 0.54 -48.33
N GLU B 354 -36.70 -0.24 -48.95
CA GLU B 354 -36.81 -1.68 -48.74
C GLU B 354 -37.02 -2.04 -47.27
N GLY B 355 -37.51 -1.11 -46.48
CA GLY B 355 -37.67 -1.34 -45.06
C GLY B 355 -36.38 -1.33 -44.27
N ARG B 356 -35.27 -0.96 -44.91
CA ARG B 356 -33.96 -0.95 -44.27
C ARG B 356 -33.56 0.49 -43.98
N ASN B 357 -33.17 0.75 -42.73
CA ASN B 357 -32.85 2.11 -42.30
C ASN B 357 -31.52 2.52 -42.91
N LEU B 358 -31.58 3.29 -43.99
CA LEU B 358 -30.41 3.78 -44.71
C LEU B 358 -30.21 5.27 -44.48
N SER B 359 -30.47 5.73 -43.26
CA SER B 359 -30.32 7.14 -42.93
C SER B 359 -28.85 7.54 -43.00
N PHE B 360 -28.63 8.85 -43.04
CA PHE B 360 -27.30 9.43 -43.09
C PHE B 360 -27.07 10.32 -41.87
N SER B 361 -25.81 10.50 -41.52
CA SER B 361 -25.43 11.39 -40.45
C SER B 361 -25.12 12.79 -41.00
N GLU B 362 -24.89 13.73 -40.08
CA GLU B 362 -24.56 15.09 -40.50
C GLU B 362 -23.23 15.13 -41.23
N ASP B 363 -22.25 14.36 -40.78
CA ASP B 363 -20.93 14.38 -41.37
C ASP B 363 -20.92 13.82 -42.79
N GLY B 364 -21.89 12.99 -43.14
CA GLY B 364 -21.91 12.36 -44.44
C GLY B 364 -21.60 10.88 -44.37
N TYR B 365 -22.10 10.22 -43.34
CA TYR B 365 -21.89 8.79 -43.13
C TYR B 365 -23.21 8.13 -42.80
N GLN B 366 -23.37 6.89 -43.25
CA GLN B 366 -24.65 6.20 -43.11
C GLN B 366 -24.97 5.90 -41.65
N MET B 367 -23.96 5.76 -40.80
CA MET B 367 -24.08 5.69 -39.35
C MET B 367 -24.78 4.40 -38.89
N HIS B 368 -25.29 3.59 -39.81
CA HIS B 368 -25.72 2.23 -39.52
C HIS B 368 -24.98 1.28 -40.47
N PRO B 369 -23.70 1.07 -40.24
CA PRO B 369 -22.92 0.23 -41.15
C PRO B 369 -22.97 -1.24 -40.78
N LYS B 370 -22.33 -2.08 -41.58
CA LYS B 370 -22.22 -3.52 -41.31
C LYS B 370 -20.74 -3.86 -41.36
N LEU B 371 -20.06 -3.68 -40.23
CA LEU B 371 -18.63 -3.94 -40.17
C LEU B 371 -18.37 -5.45 -40.14
N VAL B 372 -17.27 -5.86 -40.75
CA VAL B 372 -16.86 -7.25 -40.80
C VAL B 372 -15.42 -7.34 -40.29
N ILE B 373 -15.18 -8.26 -39.36
CA ILE B 373 -13.86 -8.43 -38.76
C ILE B 373 -13.13 -9.53 -39.51
N ILE B 374 -11.88 -9.24 -39.91
CA ILE B 374 -11.10 -10.16 -40.72
C ILE B 374 -9.77 -10.44 -40.01
N LEU B 375 -9.18 -11.58 -40.36
CA LEU B 375 -7.95 -12.02 -39.75
C LEU B 375 -6.99 -12.52 -40.83
N LEU B 376 -5.69 -12.36 -40.56
CA LEU B 376 -4.65 -12.81 -41.46
C LEU B 376 -4.04 -14.09 -40.90
N ASN B 377 -4.09 -15.17 -41.68
CA ASN B 377 -3.64 -16.47 -41.22
C ASN B 377 -2.11 -16.55 -41.29
N LYS B 378 -1.57 -17.75 -41.10
CA LYS B 378 -0.13 -17.94 -41.24
C LYS B 378 0.32 -17.59 -42.65
N GLU B 379 -0.44 -18.04 -43.65
CA GLU B 379 -0.29 -17.54 -45.00
C GLU B 379 -1.22 -16.35 -45.22
N ARG B 380 -0.78 -15.42 -46.06
CA ARG B 380 -1.48 -14.15 -46.25
C ARG B 380 -2.80 -14.41 -46.96
N LYS B 381 -3.90 -14.36 -46.21
CA LYS B 381 -5.23 -14.56 -46.76
C LYS B 381 -6.26 -14.01 -45.79
N TRP B 382 -7.12 -13.12 -46.25
CA TRP B 382 -8.13 -12.52 -45.40
C TRP B 382 -9.34 -13.43 -45.27
N GLU B 383 -9.78 -13.66 -44.04
CA GLU B 383 -10.91 -14.53 -43.78
C GLU B 383 -11.81 -13.90 -42.72
N ARG B 384 -13.12 -14.07 -42.90
CA ARG B 384 -14.08 -13.50 -41.96
C ARG B 384 -14.00 -14.19 -40.61
N VAL B 385 -14.13 -13.40 -39.55
CA VAL B 385 -14.12 -13.89 -38.18
C VAL B 385 -15.47 -13.69 -37.51
N GLY B 386 -16.02 -12.49 -37.58
CA GLY B 386 -17.30 -12.20 -36.97
C GLY B 386 -17.90 -10.95 -37.56
N LYS B 387 -19.14 -10.68 -37.17
CA LYS B 387 -19.89 -9.55 -37.67
C LYS B 387 -20.40 -8.70 -36.52
N TRP B 388 -20.51 -7.41 -36.76
CA TRP B 388 -21.00 -6.46 -35.77
C TRP B 388 -22.15 -5.67 -36.38
N LYS B 389 -23.30 -5.69 -35.72
CA LYS B 389 -24.44 -4.87 -36.12
C LYS B 389 -25.14 -4.37 -34.87
N ASP B 390 -25.61 -3.12 -34.93
CA ASP B 390 -26.48 -2.54 -33.91
C ASP B 390 -25.90 -2.72 -32.51
N LYS B 391 -24.59 -2.45 -32.39
CA LYS B 391 -23.88 -2.60 -31.12
C LYS B 391 -23.98 -4.01 -30.57
N SER B 392 -23.91 -5.00 -31.46
CA SER B 392 -23.91 -6.40 -31.09
C SER B 392 -22.78 -7.12 -31.81
N LEU B 393 -22.25 -8.15 -31.17
CA LEU B 393 -21.12 -8.91 -31.69
C LEU B 393 -21.43 -10.39 -31.69
N GLN B 394 -21.00 -11.07 -32.75
CA GLN B 394 -21.11 -12.53 -32.82
C GLN B 394 -19.87 -13.05 -33.54
N MET B 395 -19.02 -13.75 -32.81
CA MET B 395 -17.76 -14.28 -33.33
C MET B 395 -17.85 -15.79 -33.48
N LYS B 396 -17.19 -16.31 -34.51
CA LYS B 396 -17.16 -17.75 -34.73
C LYS B 396 -16.45 -18.48 -33.59
N TYR B 397 -15.51 -17.82 -32.92
CA TYR B 397 -14.78 -18.41 -31.82
C TYR B 397 -15.40 -17.97 -30.50
N TYR B 398 -15.64 -18.94 -29.61
CA TYR B 398 -16.06 -18.59 -28.26
C TYR B 398 -14.90 -17.97 -27.48
N VAL B 399 -13.70 -18.51 -27.62
CA VAL B 399 -12.52 -18.02 -26.95
C VAL B 399 -11.40 -17.87 -27.96
N TRP B 400 -10.54 -16.89 -27.74
CA TRP B 400 -9.47 -16.60 -28.69
C TRP B 400 -8.48 -17.77 -28.74
N PRO B 401 -8.02 -18.16 -29.93
CA PRO B 401 -7.05 -19.24 -30.02
C PRO B 401 -5.74 -18.87 -29.35
N ARG B 402 -5.10 -19.88 -28.74
CA ARG B 402 -3.84 -19.66 -28.05
C ARG B 402 -2.72 -19.38 -29.05
N MET B 403 -1.72 -18.64 -28.59
CA MET B 403 -0.58 -18.31 -29.44
C MET B 403 0.52 -19.36 -29.29
N ASP B 412 6.07 -22.62 -20.32
CA ASP B 412 4.75 -22.94 -19.81
C ASP B 412 4.23 -21.84 -18.90
N ASP B 413 4.23 -20.61 -19.38
CA ASP B 413 3.71 -19.50 -18.59
C ASP B 413 2.22 -19.30 -18.77
N HIS B 414 1.56 -20.15 -19.55
CA HIS B 414 0.12 -20.09 -19.75
C HIS B 414 -0.47 -21.34 -19.07
N LEU B 415 -0.77 -21.20 -17.78
CA LEU B 415 -1.22 -22.31 -16.95
C LEU B 415 -2.73 -22.29 -16.79
N SER B 416 -3.29 -23.48 -16.59
CA SER B 416 -4.71 -23.65 -16.34
C SER B 416 -4.95 -23.93 -14.87
N ILE B 417 -6.10 -23.51 -14.37
CA ILE B 417 -6.46 -23.66 -12.97
C ILE B 417 -7.86 -24.26 -12.91
N VAL B 418 -8.15 -24.97 -11.82
CA VAL B 418 -9.47 -25.51 -11.56
C VAL B 418 -9.89 -25.15 -10.15
N THR B 419 -11.14 -24.76 -9.98
CA THR B 419 -11.61 -24.17 -8.72
C THR B 419 -12.99 -24.73 -8.40
N LEU B 420 -13.34 -24.70 -7.11
CA LEU B 420 -14.67 -25.02 -6.63
C LEU B 420 -15.24 -23.83 -5.87
N GLU B 421 -16.57 -23.77 -5.77
CA GLU B 421 -17.28 -22.63 -5.22
C GLU B 421 -17.93 -23.02 -3.89
N GLU B 422 -17.49 -22.38 -2.81
CA GLU B 422 -18.10 -22.52 -1.48
C GLU B 422 -17.41 -21.61 -0.49
N ALA B 423 -18.12 -21.18 0.56
CA ALA B 423 -17.55 -20.43 1.67
C ALA B 423 -17.12 -19.04 1.21
N PRO B 424 -16.70 -18.15 2.12
CA PRO B 424 -16.11 -16.89 1.68
C PRO B 424 -14.82 -17.04 0.92
N PHE B 425 -14.23 -18.22 0.90
CA PHE B 425 -12.95 -18.42 0.23
C PHE B 425 -13.08 -18.27 -1.27
N VAL B 426 -14.16 -18.80 -1.85
CA VAL B 426 -14.49 -18.60 -3.26
C VAL B 426 -15.97 -18.28 -3.38
N ILE B 427 -16.29 -17.19 -4.06
CA ILE B 427 -17.67 -16.75 -4.24
C ILE B 427 -17.94 -16.54 -5.72
N VAL B 428 -19.07 -17.03 -6.20
CA VAL B 428 -19.49 -16.91 -7.60
C VAL B 428 -20.62 -15.89 -7.67
N GLU B 429 -20.47 -14.92 -8.58
CA GLU B 429 -21.51 -13.92 -8.81
C GLU B 429 -21.78 -13.80 -10.30
N SER B 430 -23.03 -13.55 -10.64
CA SER B 430 -23.44 -13.46 -12.05
C SER B 430 -22.93 -12.16 -12.68
N VAL B 431 -22.79 -12.20 -14.00
CA VAL B 431 -22.16 -11.09 -14.71
C VAL B 431 -23.08 -9.87 -14.70
N ASP B 432 -22.46 -8.70 -14.82
CA ASP B 432 -23.23 -7.46 -14.93
C ASP B 432 -23.98 -7.42 -16.26
N PRO B 433 -25.28 -7.16 -16.25
CA PRO B 433 -26.05 -7.15 -17.50
C PRO B 433 -25.86 -5.89 -18.33
N LEU B 434 -25.27 -4.83 -17.76
CA LEU B 434 -25.08 -3.61 -18.52
C LEU B 434 -24.12 -3.81 -19.69
N SER B 435 -23.04 -4.57 -19.48
CA SER B 435 -22.02 -4.74 -20.50
C SER B 435 -21.62 -6.18 -20.75
N GLY B 436 -22.03 -7.12 -19.91
CA GLY B 436 -21.62 -8.50 -20.09
C GLY B 436 -20.15 -8.76 -19.82
N THR B 437 -19.58 -8.10 -18.82
CA THR B 437 -18.21 -8.32 -18.40
C THR B 437 -18.13 -8.32 -16.88
N CYS B 438 -17.08 -8.96 -16.36
CA CYS B 438 -16.83 -8.90 -14.92
C CYS B 438 -16.36 -7.51 -14.53
N MET B 439 -16.86 -7.03 -13.40
CA MET B 439 -16.57 -5.66 -12.96
C MET B 439 -15.22 -5.63 -12.25
N ARG B 440 -14.94 -4.53 -11.55
CA ARG B 440 -13.68 -4.37 -10.86
C ARG B 440 -13.56 -5.37 -9.71
N ASN B 441 -12.32 -5.72 -9.37
CA ASN B 441 -12.01 -6.65 -8.28
C ASN B 441 -12.66 -8.01 -8.51
N THR B 442 -12.38 -8.59 -9.67
CA THR B 442 -12.93 -9.89 -10.02
C THR B 442 -12.05 -10.50 -11.11
N VAL B 443 -12.01 -11.82 -11.14
CA VAL B 443 -11.23 -12.57 -12.13
C VAL B 443 -12.21 -13.39 -12.97
N PRO B 444 -12.08 -13.40 -14.29
CA PRO B 444 -13.01 -14.18 -15.11
C PRO B 444 -12.87 -15.67 -14.85
N CYS B 445 -13.97 -16.38 -15.04
CA CYS B 445 -14.00 -17.83 -14.83
C CYS B 445 -15.15 -18.42 -15.61
N GLN B 446 -14.84 -19.30 -16.56
CA GLN B 446 -15.86 -19.92 -17.38
C GLN B 446 -16.68 -20.89 -16.54
N LYS B 447 -17.50 -21.68 -17.21
CA LYS B 447 -18.25 -22.74 -16.54
C LYS B 447 -18.81 -23.67 -17.59
N ARG B 448 -18.43 -24.95 -17.52
CA ARG B 448 -18.89 -25.89 -18.52
C ARG B 448 -20.36 -26.24 -18.29
N ILE B 449 -21.08 -26.45 -19.39
CA ILE B 449 -22.50 -26.77 -19.37
C ILE B 449 -23.30 -25.74 -18.58
N GLY B 460 -21.70 -25.95 -24.27
CA GLY B 460 -22.34 -24.91 -23.48
C GLY B 460 -21.41 -24.24 -22.49
N TYR B 461 -20.91 -23.06 -22.84
CA TYR B 461 -19.97 -22.33 -22.02
C TYR B 461 -20.55 -20.97 -21.69
N ILE B 462 -20.64 -20.66 -20.39
CA ILE B 462 -21.24 -19.43 -19.90
C ILE B 462 -20.21 -18.68 -19.08
N LYS B 463 -20.07 -17.39 -19.33
CA LYS B 463 -19.17 -16.58 -18.53
C LYS B 463 -19.72 -16.38 -17.13
N LYS B 464 -18.81 -16.22 -16.17
CA LYS B 464 -19.18 -16.02 -14.78
C LYS B 464 -18.05 -15.25 -14.10
N CYS B 465 -18.38 -14.66 -12.95
CA CYS B 465 -17.43 -13.86 -12.17
C CYS B 465 -17.10 -14.57 -10.88
N CYS B 466 -15.81 -14.66 -10.57
CA CYS B 466 -15.32 -15.34 -9.37
C CYS B 466 -14.55 -14.35 -8.51
N LYS B 467 -14.78 -14.38 -7.20
CA LYS B 467 -14.09 -13.49 -6.28
C LYS B 467 -14.14 -14.08 -4.89
N GLY B 468 -13.23 -13.61 -4.03
CA GLY B 468 -13.21 -14.04 -2.66
C GLY B 468 -11.85 -13.83 -2.02
N PHE B 469 -11.69 -14.42 -0.84
CA PHE B 469 -10.40 -14.35 -0.13
C PHE B 469 -9.35 -15.19 -0.83
N CYS B 470 -9.70 -16.44 -1.18
CA CYS B 470 -8.70 -17.35 -1.73
C CYS B 470 -8.17 -16.84 -3.06
N ILE B 471 -9.05 -16.27 -3.90
CA ILE B 471 -8.61 -15.75 -5.17
C ILE B 471 -7.64 -14.59 -4.98
N ASP B 472 -7.82 -13.80 -3.93
CA ASP B 472 -6.89 -12.72 -3.66
C ASP B 472 -5.46 -13.23 -3.50
N ILE B 473 -5.30 -14.47 -3.05
CA ILE B 473 -3.96 -15.06 -3.03
C ILE B 473 -3.44 -15.27 -4.44
N LEU B 474 -4.27 -15.83 -5.32
CA LEU B 474 -3.81 -16.19 -6.65
C LEU B 474 -3.41 -14.97 -7.46
N LYS B 475 -3.88 -13.79 -7.08
CA LYS B 475 -3.42 -12.57 -7.74
C LYS B 475 -2.01 -12.21 -7.32
N LYS B 476 -1.71 -12.29 -6.03
CA LYS B 476 -0.39 -11.88 -5.55
C LYS B 476 0.68 -12.90 -5.92
N ILE B 477 0.36 -14.19 -5.83
CA ILE B 477 1.35 -15.22 -6.13
C ILE B 477 1.74 -15.18 -7.59
N SER B 478 0.76 -15.09 -8.48
CA SER B 478 1.03 -15.07 -9.91
C SER B 478 1.73 -13.80 -10.35
N LYS B 479 1.61 -12.72 -9.59
CA LYS B 479 2.29 -11.48 -9.97
C LYS B 479 3.77 -11.52 -9.63
N SER B 480 4.13 -12.11 -8.48
CA SER B 480 5.54 -12.16 -8.10
C SER B 480 6.32 -13.14 -8.96
N VAL B 481 5.77 -14.34 -9.17
CA VAL B 481 6.45 -15.35 -9.96
C VAL B 481 6.20 -15.19 -11.45
N LYS B 482 5.30 -14.28 -11.85
CA LYS B 482 5.12 -13.85 -13.24
C LYS B 482 4.72 -15.01 -14.16
N PHE B 483 3.49 -15.49 -13.95
CA PHE B 483 2.88 -16.46 -14.85
C PHE B 483 1.41 -16.11 -15.02
N THR B 484 0.75 -16.75 -15.98
CA THR B 484 -0.62 -16.42 -16.35
C THR B 484 -1.54 -17.61 -16.06
N TYR B 485 -2.84 -17.36 -16.20
CA TYR B 485 -3.86 -18.33 -15.80
C TYR B 485 -5.20 -17.93 -16.40
N ASP B 486 -6.16 -18.84 -16.31
CA ASP B 486 -7.54 -18.54 -16.69
C ASP B 486 -8.46 -19.59 -16.04
N LEU B 487 -9.11 -19.20 -14.95
CA LEU B 487 -9.83 -20.14 -14.10
C LEU B 487 -11.02 -20.76 -14.82
N TYR B 488 -11.37 -21.99 -14.43
CA TYR B 488 -12.67 -22.51 -14.82
C TYR B 488 -13.17 -23.47 -13.76
N LEU B 489 -14.45 -23.32 -13.40
CA LEU B 489 -15.06 -24.15 -12.38
C LEU B 489 -15.19 -25.59 -12.87
N VAL B 490 -15.34 -26.50 -11.93
CA VAL B 490 -15.40 -27.92 -12.22
C VAL B 490 -16.86 -28.35 -12.32
N THR B 491 -17.10 -29.43 -13.08
CA THR B 491 -18.46 -29.88 -13.35
C THR B 491 -18.63 -31.37 -13.07
N ASN B 492 -17.86 -31.93 -12.14
CA ASN B 492 -18.00 -33.34 -11.78
C ASN B 492 -17.77 -33.50 -10.27
N GLY B 493 -18.84 -33.32 -9.50
CA GLY B 493 -18.79 -33.65 -8.09
C GLY B 493 -18.01 -32.67 -7.22
N LYS B 494 -17.83 -33.11 -5.97
CA LYS B 494 -17.23 -32.31 -4.92
C LYS B 494 -15.70 -32.30 -5.04
N HIS B 495 -15.01 -31.93 -3.95
CA HIS B 495 -13.55 -31.79 -3.99
C HIS B 495 -12.88 -33.02 -4.56
N GLY B 496 -13.35 -34.21 -4.20
CA GLY B 496 -12.85 -35.40 -4.86
C GLY B 496 -12.85 -36.63 -3.99
N LYS B 497 -13.33 -37.75 -4.55
CA LYS B 497 -13.42 -38.99 -3.82
C LYS B 497 -13.00 -40.13 -4.72
N LYS B 498 -12.17 -41.03 -4.20
CA LYS B 498 -11.73 -42.19 -4.96
C LYS B 498 -12.84 -43.22 -5.02
N ILE B 499 -13.19 -43.65 -6.22
CA ILE B 499 -14.14 -44.73 -6.43
C ILE B 499 -13.57 -45.66 -7.49
N ASN B 500 -13.43 -46.95 -7.14
CA ASN B 500 -12.90 -47.95 -8.06
C ASN B 500 -11.55 -47.53 -8.64
N GLY B 501 -10.70 -46.96 -7.80
CA GLY B 501 -9.38 -46.52 -8.24
C GLY B 501 -9.39 -45.42 -9.27
N THR B 502 -10.37 -44.52 -9.20
CA THR B 502 -10.44 -43.37 -10.09
C THR B 502 -10.69 -42.12 -9.28
N TRP B 503 -10.14 -40.99 -9.75
CA TRP B 503 -10.26 -39.72 -9.06
C TRP B 503 -11.16 -38.78 -9.84
N ASN B 504 -12.06 -38.11 -9.14
CA ASN B 504 -12.97 -37.13 -9.73
C ASN B 504 -12.72 -35.77 -9.08
N GLY B 505 -13.56 -34.80 -9.44
CA GLY B 505 -13.47 -33.50 -8.82
C GLY B 505 -12.17 -32.78 -9.16
N MET B 506 -11.80 -31.86 -8.26
CA MET B 506 -10.59 -31.08 -8.48
C MET B 506 -9.36 -31.96 -8.52
N ILE B 507 -9.28 -32.95 -7.63
CA ILE B 507 -8.18 -33.91 -7.69
C ILE B 507 -8.27 -34.72 -8.98
N GLY B 508 -9.48 -35.01 -9.43
CA GLY B 508 -9.64 -35.78 -10.66
C GLY B 508 -9.04 -35.11 -11.87
N GLU B 509 -9.10 -33.77 -11.92
CA GLU B 509 -8.57 -33.08 -13.09
C GLU B 509 -7.05 -33.09 -13.12
N VAL B 510 -6.41 -32.92 -11.96
CA VAL B 510 -4.97 -32.76 -11.94
C VAL B 510 -4.26 -34.05 -12.30
N VAL B 511 -4.78 -35.19 -11.84
CA VAL B 511 -4.16 -36.47 -12.18
C VAL B 511 -4.28 -36.73 -13.68
N MET B 512 -5.38 -36.29 -14.29
CA MET B 512 -5.59 -36.46 -15.72
C MET B 512 -4.91 -35.39 -16.55
N LYS B 513 -4.11 -34.52 -15.93
CA LYS B 513 -3.29 -33.53 -16.62
C LYS B 513 -4.10 -32.52 -17.42
N ARG B 514 -5.40 -32.45 -17.19
CA ARG B 514 -6.23 -31.47 -17.88
C ARG B 514 -6.22 -30.10 -17.20
N ALA B 515 -5.69 -30.00 -15.99
CA ALA B 515 -5.77 -28.77 -15.20
C ALA B 515 -4.41 -28.16 -14.92
N TYR B 516 -3.49 -28.93 -14.35
CA TYR B 516 -2.13 -28.58 -13.98
C TYR B 516 -2.04 -27.80 -12.67
N MET B 517 -3.15 -27.36 -12.08
CA MET B 517 -3.08 -26.75 -10.76
C MET B 517 -4.49 -26.51 -10.25
N ALA B 518 -4.69 -26.72 -8.94
CA ALA B 518 -5.98 -26.50 -8.30
C ALA B 518 -5.80 -25.58 -7.11
N VAL B 519 -6.65 -24.57 -6.99
CA VAL B 519 -6.62 -23.62 -5.88
C VAL B 519 -8.04 -23.52 -5.33
N GLY B 520 -8.12 -23.10 -4.08
CA GLY B 520 -9.41 -22.97 -3.45
C GLY B 520 -9.44 -23.45 -2.02
N SER B 521 -10.30 -24.42 -1.73
CA SER B 521 -10.43 -24.98 -0.38
C SER B 521 -10.27 -26.49 -0.48
N LEU B 522 -9.02 -26.96 -0.39
CA LEU B 522 -8.71 -28.38 -0.30
C LEU B 522 -8.29 -28.72 1.12
N THR B 523 -8.22 -30.01 1.40
CA THR B 523 -7.80 -30.49 2.71
C THR B 523 -6.71 -31.53 2.51
N ILE B 524 -5.64 -31.42 3.28
CA ILE B 524 -4.45 -32.24 3.10
C ILE B 524 -4.59 -33.51 3.93
N ASN B 525 -4.36 -34.66 3.31
CA ASN B 525 -4.24 -35.89 4.06
C ASN B 525 -3.39 -36.87 3.26
N GLU B 526 -3.11 -38.01 3.88
CA GLU B 526 -2.14 -38.95 3.31
C GLU B 526 -2.59 -39.49 1.96
N GLU B 527 -3.88 -39.79 1.82
CA GLU B 527 -4.37 -40.42 0.60
C GLU B 527 -4.15 -39.54 -0.62
N ARG B 528 -4.36 -38.24 -0.47
CA ARG B 528 -4.22 -37.33 -1.60
C ARG B 528 -2.78 -36.93 -1.90
N SER B 529 -1.82 -37.31 -1.06
CA SER B 529 -0.43 -37.08 -1.37
C SER B 529 0.22 -38.23 -2.12
N GLU B 530 -0.54 -39.26 -2.48
CA GLU B 530 -0.03 -40.31 -3.34
C GLU B 530 -0.25 -40.02 -4.82
N VAL B 531 -0.94 -38.94 -5.16
CA VAL B 531 -1.25 -38.59 -6.54
C VAL B 531 -0.73 -37.21 -6.90
N VAL B 532 -1.00 -36.21 -6.08
CA VAL B 532 -0.56 -34.86 -6.36
C VAL B 532 0.41 -34.42 -5.27
N ASP B 533 0.94 -33.20 -5.38
CA ASP B 533 1.81 -32.63 -4.37
C ASP B 533 1.26 -31.29 -3.91
N PHE B 534 1.33 -31.04 -2.61
CA PHE B 534 0.80 -29.83 -2.03
C PHE B 534 1.93 -28.84 -1.79
N SER B 535 1.60 -27.71 -1.18
CA SER B 535 2.60 -26.76 -0.72
C SER B 535 2.35 -26.43 0.74
N VAL B 536 3.07 -25.46 1.27
CA VAL B 536 2.94 -25.14 2.69
C VAL B 536 1.54 -24.57 2.94
N PRO B 537 0.85 -25.00 3.99
CA PRO B 537 -0.51 -24.49 4.24
C PRO B 537 -0.49 -23.02 4.57
N PHE B 538 -1.57 -22.33 4.21
CA PHE B 538 -1.71 -20.92 4.48
C PHE B 538 -2.86 -20.59 5.41
N ILE B 539 -3.53 -21.59 5.99
CA ILE B 539 -4.57 -21.36 6.98
C ILE B 539 -4.84 -22.69 7.68
N GLU B 540 -5.06 -22.62 8.99
CA GLU B 540 -5.27 -23.82 9.79
C GLU B 540 -6.71 -24.30 9.67
N THR B 541 -6.89 -25.61 9.86
CA THR B 541 -8.21 -26.22 9.71
C THR B 541 -8.24 -27.54 10.46
N GLY B 542 -9.35 -28.25 10.33
CA GLY B 542 -9.52 -29.53 11.00
C GLY B 542 -10.98 -29.91 11.09
N ILE B 543 -11.31 -30.63 12.16
CA ILE B 543 -12.67 -31.10 12.44
C ILE B 543 -13.12 -30.52 13.77
N SER B 544 -14.30 -29.90 13.77
CA SER B 544 -14.90 -29.35 14.97
C SER B 544 -16.36 -29.76 14.99
N VAL B 545 -17.05 -29.36 16.05
CA VAL B 545 -18.48 -29.63 16.20
C VAL B 545 -19.15 -28.36 16.69
N MET B 546 -20.23 -27.96 16.04
CA MET B 546 -21.00 -26.82 16.49
C MET B 546 -22.40 -27.27 16.88
N VAL B 547 -22.88 -26.76 18.01
CA VAL B 547 -24.19 -27.09 18.54
C VAL B 547 -24.87 -25.79 18.99
N SER B 548 -26.19 -25.88 19.17
CA SER B 548 -26.95 -24.71 19.56
C SER B 548 -26.52 -24.22 20.93
N ARG B 549 -26.94 -23.00 21.27
CA ARG B 549 -26.57 -22.39 22.54
C ARG B 549 -27.18 -23.09 23.74
N SER B 550 -28.18 -23.95 23.53
CA SER B 550 -28.86 -24.66 24.61
C SER B 550 -29.48 -23.68 25.60
N ASN B 551 -29.95 -22.55 25.09
CA ASN B 551 -30.58 -21.49 25.88
C ASN B 551 -29.59 -21.09 26.98
N GLY B 552 -30.07 -20.76 28.17
CA GLY B 552 -29.16 -20.39 29.24
C GLY B 552 -28.37 -21.57 29.77
N THR B 553 -27.28 -21.27 30.46
CA THR B 553 -26.44 -22.30 31.03
C THR B 553 -27.16 -23.00 32.18
N VAL B 554 -26.82 -24.27 32.38
CA VAL B 554 -27.38 -25.07 33.46
C VAL B 554 -26.37 -25.09 34.60
N SER B 555 -26.73 -24.47 35.73
CA SER B 555 -25.84 -24.35 36.88
C SER B 555 -26.57 -24.83 38.12
N PRO B 556 -26.68 -26.14 38.31
CA PRO B 556 -27.33 -26.67 39.51
C PRO B 556 -26.50 -26.40 40.75
N SER B 557 -27.17 -26.47 41.90
CA SER B 557 -26.53 -26.24 43.20
C SER B 557 -25.84 -24.88 43.23
N ALA B 558 -26.49 -23.87 42.65
CA ALA B 558 -25.95 -22.52 42.63
C ALA B 558 -26.27 -21.74 43.90
N PHE B 559 -27.14 -22.25 44.76
CA PHE B 559 -27.52 -21.51 45.96
C PHE B 559 -26.39 -21.46 46.97
N LEU B 560 -25.63 -22.55 47.10
CA LEU B 560 -24.63 -22.64 48.16
C LEU B 560 -23.35 -21.90 47.82
N GLU B 561 -23.18 -21.47 46.57
CA GLU B 561 -21.91 -20.89 46.15
C GLU B 561 -21.46 -19.70 47.01
N PRO B 562 -22.32 -18.75 47.40
CA PRO B 562 -21.85 -17.70 48.32
C PRO B 562 -21.47 -18.28 49.66
N PHE B 563 -20.49 -17.63 50.30
CA PHE B 563 -19.80 -18.15 51.49
C PHE B 563 -19.09 -19.46 51.19
N SER B 564 -18.85 -20.23 52.25
CA SER B 564 -18.11 -21.47 52.17
C SER B 564 -18.53 -22.35 53.33
N ALA B 565 -18.17 -23.63 53.25
CA ALA B 565 -18.56 -24.59 54.28
C ALA B 565 -17.96 -24.27 55.64
N ASP B 566 -16.92 -23.43 55.69
CA ASP B 566 -16.24 -23.19 56.96
C ASP B 566 -17.12 -22.39 57.92
N VAL B 567 -17.71 -21.29 57.45
CA VAL B 567 -18.47 -20.43 58.34
C VAL B 567 -19.78 -21.09 58.76
N TRP B 568 -20.48 -21.70 57.80
CA TRP B 568 -21.72 -22.39 58.11
C TRP B 568 -21.54 -23.45 59.19
N VAL B 569 -20.49 -24.27 59.07
CA VAL B 569 -20.31 -25.35 60.03
C VAL B 569 -19.99 -24.81 61.42
N MET B 570 -19.54 -23.57 61.51
CA MET B 570 -19.18 -22.98 62.79
C MET B 570 -20.10 -21.85 63.21
N MET B 571 -20.79 -21.20 62.27
CA MET B 571 -21.77 -20.19 62.68
C MET B 571 -22.88 -20.80 63.52
N PHE B 572 -23.34 -22.00 63.15
CA PHE B 572 -24.48 -22.59 63.84
C PHE B 572 -24.18 -22.79 65.32
N VAL B 573 -22.98 -23.26 65.65
CA VAL B 573 -22.66 -23.53 67.04
C VAL B 573 -22.57 -22.24 67.85
N MET B 574 -22.36 -21.11 67.21
CA MET B 574 -22.26 -19.86 67.96
C MET B 574 -23.63 -19.46 68.50
N LEU B 575 -24.71 -19.84 67.80
CA LEU B 575 -26.05 -19.60 68.33
C LEU B 575 -26.28 -20.38 69.62
N LEU B 576 -25.88 -21.65 69.64
CA LEU B 576 -26.15 -22.48 70.82
C LEU B 576 -25.46 -21.90 72.04
N ILE B 577 -24.24 -21.41 71.88
CA ILE B 577 -23.53 -20.79 73.00
C ILE B 577 -24.27 -19.54 73.48
N VAL B 578 -24.62 -18.65 72.55
CA VAL B 578 -25.26 -17.41 72.96
C VAL B 578 -26.66 -17.69 73.50
N SER B 579 -27.32 -18.73 73.00
CA SER B 579 -28.61 -19.10 73.58
C SER B 579 -28.45 -19.53 75.03
N ALA B 580 -27.39 -20.28 75.34
CA ALA B 580 -27.14 -20.66 76.72
C ALA B 580 -26.81 -19.43 77.57
N VAL B 581 -26.09 -18.47 77.00
CA VAL B 581 -25.68 -17.28 77.75
C VAL B 581 -26.91 -16.52 78.25
N ALA B 582 -27.94 -16.43 77.40
CA ALA B 582 -29.16 -15.73 77.81
C ALA B 582 -29.80 -16.40 79.02
N VAL B 583 -29.75 -17.72 79.10
CA VAL B 583 -30.26 -18.42 80.27
C VAL B 583 -29.51 -17.98 81.51
N PHE B 584 -28.18 -17.85 81.41
CA PHE B 584 -27.42 -17.29 82.51
C PHE B 584 -27.66 -15.79 82.65
N VAL B 585 -27.81 -15.08 81.53
CA VAL B 585 -28.03 -13.64 81.58
C VAL B 585 -29.39 -13.32 82.20
N PHE B 586 -30.43 -14.02 81.78
CA PHE B 586 -31.79 -13.72 82.23
C PHE B 586 -32.20 -14.53 83.45
N GLU B 587 -31.26 -15.25 84.07
CA GLU B 587 -31.62 -16.10 85.21
C GLU B 587 -32.12 -15.28 86.39
N TYR B 588 -31.57 -14.09 86.59
CA TYR B 588 -31.93 -13.28 87.73
C TYR B 588 -33.02 -12.27 87.36
N PHE B 589 -33.52 -11.57 88.39
CA PHE B 589 -34.62 -10.62 88.26
C PHE B 589 -35.88 -11.28 87.72
N SER B 590 -36.81 -10.45 87.23
CA SER B 590 -38.10 -10.93 86.76
C SER B 590 -37.97 -11.85 85.55
N PRO B 607 -44.05 -17.61 81.85
CA PRO B 607 -42.74 -16.99 82.02
C PRO B 607 -41.67 -17.99 82.41
N SER B 608 -41.36 -18.91 81.50
CA SER B 608 -40.36 -19.95 81.72
C SER B 608 -39.44 -20.07 80.50
N PHE B 609 -38.91 -18.93 80.06
CA PHE B 609 -37.99 -18.92 78.94
C PHE B 609 -36.80 -19.83 79.23
N THR B 610 -36.72 -20.95 78.51
CA THR B 610 -35.65 -21.92 78.73
C THR B 610 -34.89 -22.17 77.43
N ILE B 611 -34.00 -23.15 77.45
CA ILE B 611 -33.28 -23.51 76.24
C ILE B 611 -34.22 -24.10 75.19
N GLY B 612 -35.42 -24.51 75.60
CA GLY B 612 -36.38 -25.03 74.64
C GLY B 612 -36.77 -24.00 73.59
N LYS B 613 -36.97 -22.75 74.02
CA LYS B 613 -37.33 -21.67 73.11
C LYS B 613 -36.19 -20.68 72.89
N ALA B 614 -35.04 -20.90 73.53
CA ALA B 614 -33.91 -20.01 73.28
C ALA B 614 -33.46 -20.07 71.84
N ILE B 615 -33.42 -21.28 71.26
CA ILE B 615 -33.03 -21.41 69.87
C ILE B 615 -34.11 -20.84 68.95
N TRP B 616 -35.37 -21.17 69.22
CA TRP B 616 -36.44 -20.83 68.29
C TRP B 616 -36.53 -19.33 68.05
N LEU B 617 -36.48 -18.53 69.11
CA LEU B 617 -36.43 -17.09 68.92
C LEU B 617 -35.15 -16.68 68.22
N LEU B 618 -34.02 -17.24 68.65
CA LEU B 618 -32.74 -16.82 68.10
C LEU B 618 -32.57 -17.33 66.66
N TRP B 619 -33.08 -18.53 66.37
CA TRP B 619 -33.01 -19.06 65.02
C TRP B 619 -33.95 -18.33 64.08
N GLY B 620 -35.01 -17.71 64.60
CA GLY B 620 -35.94 -17.04 63.72
C GLY B 620 -35.31 -15.88 62.97
N LEU B 621 -34.54 -15.04 63.68
CA LEU B 621 -34.11 -13.78 63.09
C LEU B 621 -33.13 -13.99 61.95
N VAL B 622 -32.20 -14.94 62.08
CA VAL B 622 -31.20 -15.11 61.04
C VAL B 622 -31.86 -15.41 59.71
N PHE B 623 -33.01 -16.08 59.72
CA PHE B 623 -33.79 -16.26 58.52
C PHE B 623 -34.91 -15.21 58.47
N ASN B 624 -34.48 -13.97 58.27
CA ASN B 624 -35.37 -12.82 58.08
C ASN B 624 -36.24 -12.66 59.31
N ASN B 625 -37.56 -12.81 59.21
CA ASN B 625 -38.47 -12.58 60.32
C ASN B 625 -39.71 -13.44 60.08
N SER B 626 -40.83 -13.01 60.66
CA SER B 626 -42.12 -13.68 60.51
C SER B 626 -42.10 -15.04 61.18
N VAL B 627 -41.47 -15.11 62.34
CA VAL B 627 -41.45 -16.30 63.17
C VAL B 627 -42.06 -15.95 64.51
N PRO B 628 -43.31 -16.34 64.75
CA PRO B 628 -43.94 -16.04 66.04
C PRO B 628 -43.15 -16.66 67.19
N VAL B 629 -42.90 -15.86 68.22
CA VAL B 629 -41.99 -16.22 69.30
C VAL B 629 -42.55 -15.69 70.62
N GLN B 630 -41.83 -16.00 71.69
CA GLN B 630 -42.08 -15.48 73.03
C GLN B 630 -40.87 -14.68 73.47
N ASN B 631 -41.04 -13.38 73.67
CA ASN B 631 -39.93 -12.52 74.02
C ASN B 631 -39.43 -12.84 75.42
N PRO B 632 -38.16 -12.59 75.69
CA PRO B 632 -37.65 -12.62 77.07
C PRO B 632 -38.10 -11.36 77.80
N LYS B 633 -37.74 -11.29 79.08
CA LYS B 633 -38.15 -10.17 79.92
C LYS B 633 -36.96 -9.66 80.72
N GLY B 634 -37.06 -8.40 81.11
CA GLY B 634 -36.02 -7.79 81.91
C GLY B 634 -35.00 -7.03 81.10
N THR B 635 -34.71 -5.80 81.52
CA THR B 635 -33.75 -4.97 80.79
C THR B 635 -32.36 -5.56 80.79
N THR B 636 -32.08 -6.49 81.69
CA THR B 636 -30.77 -7.12 81.73
C THR B 636 -30.49 -7.91 80.47
N SER B 637 -31.47 -8.69 80.00
CA SER B 637 -31.25 -9.59 78.88
C SER B 637 -31.69 -9.02 77.56
N LYS B 638 -32.56 -8.01 77.56
CA LYS B 638 -33.06 -7.45 76.31
C LYS B 638 -31.92 -6.92 75.45
N ILE B 639 -30.82 -6.51 76.07
CA ILE B 639 -29.69 -5.98 75.31
C ILE B 639 -29.05 -7.07 74.46
N MET B 640 -29.01 -8.31 74.94
CA MET B 640 -28.31 -9.35 74.20
C MET B 640 -29.04 -9.73 72.93
N VAL B 641 -30.35 -9.95 73.02
CA VAL B 641 -31.08 -10.33 71.82
C VAL B 641 -31.08 -9.18 70.82
N SER B 642 -31.04 -7.94 71.30
CA SER B 642 -31.02 -6.80 70.39
C SER B 642 -29.70 -6.74 69.62
N VAL B 643 -28.58 -6.83 70.35
CA VAL B 643 -27.30 -6.81 69.66
C VAL B 643 -27.11 -8.07 68.82
N TRP B 644 -27.86 -9.13 69.13
CA TRP B 644 -27.87 -10.28 68.25
C TRP B 644 -28.54 -9.96 66.92
N ALA B 645 -29.54 -9.09 66.93
CA ALA B 645 -30.20 -8.72 65.69
C ALA B 645 -29.24 -8.04 64.73
N PHE B 646 -28.37 -7.18 65.24
CA PHE B 646 -27.38 -6.53 64.38
C PHE B 646 -26.52 -7.54 63.66
N PHE B 647 -26.33 -8.72 64.24
CA PHE B 647 -25.65 -9.78 63.54
C PHE B 647 -26.53 -10.44 62.50
N ALA B 648 -27.86 -10.33 62.63
CA ALA B 648 -28.74 -10.92 61.64
C ALA B 648 -28.81 -10.10 60.36
N VAL B 649 -28.82 -8.77 60.48
CA VAL B 649 -28.94 -7.93 59.30
C VAL B 649 -27.73 -8.10 58.39
N ILE B 650 -26.53 -8.09 58.96
CA ILE B 650 -25.32 -8.18 58.14
C ILE B 650 -25.24 -9.52 57.42
N PHE B 651 -25.47 -10.62 58.15
CA PHE B 651 -25.41 -11.92 57.50
C PHE B 651 -26.41 -11.99 56.36
N LEU B 652 -27.61 -11.47 56.56
CA LEU B 652 -28.57 -11.38 55.47
C LEU B 652 -28.13 -10.41 54.39
N ALA B 653 -27.64 -9.23 54.80
CA ALA B 653 -27.33 -8.19 53.83
C ALA B 653 -26.26 -8.64 52.85
N SER B 654 -25.20 -9.27 53.34
CA SER B 654 -24.12 -9.66 52.45
C SER B 654 -24.54 -10.83 51.56
N TYR B 655 -25.21 -11.82 52.13
CA TYR B 655 -25.49 -13.05 51.40
C TYR B 655 -26.28 -12.75 50.12
N THR B 656 -27.32 -11.92 50.22
CA THR B 656 -28.00 -11.48 49.02
C THR B 656 -27.09 -10.65 48.15
N ALA B 657 -26.34 -9.74 48.74
CA ALA B 657 -25.47 -8.85 47.97
C ALA B 657 -24.24 -9.56 47.46
N ASN B 658 -24.21 -10.88 47.49
CA ASN B 658 -23.10 -11.63 46.95
C ASN B 658 -23.53 -12.72 45.98
N LEU B 659 -24.67 -13.36 46.23
CA LEU B 659 -25.17 -14.38 45.32
C LEU B 659 -25.39 -13.81 43.93
N ALA B 660 -26.07 -12.67 43.85
CA ALA B 660 -26.18 -11.99 42.56
C ALA B 660 -24.81 -11.61 42.03
N ALA B 661 -23.95 -11.09 42.89
CA ALA B 661 -22.60 -10.74 42.48
C ALA B 661 -21.83 -11.95 42.01
N PHE B 662 -22.24 -13.15 42.43
CA PHE B 662 -21.66 -14.37 41.90
C PHE B 662 -22.34 -14.79 40.61
N MET B 663 -23.64 -14.50 40.47
CA MET B 663 -24.39 -15.00 39.34
C MET B 663 -24.10 -14.22 38.06
N ILE B 664 -23.78 -12.93 38.18
CA ILE B 664 -23.51 -12.14 36.98
C ILE B 664 -22.30 -12.71 36.24
N GLN B 665 -21.24 -13.05 36.96
CA GLN B 665 -20.05 -13.58 36.32
C GLN B 665 -20.13 -15.10 36.19
N GLU B 666 -21.21 -15.59 35.60
CA GLU B 666 -21.37 -17.02 35.42
C GLU B 666 -20.54 -17.50 34.22
N GLU B 667 -20.39 -18.82 34.10
CA GLU B 667 -19.68 -19.44 33.00
C GLU B 667 -20.60 -20.43 32.29
N TYR B 668 -20.41 -20.56 30.98
CA TYR B 668 -21.34 -21.34 30.16
C TYR B 668 -21.13 -22.83 30.42
N VAL B 669 -22.23 -23.59 30.40
CA VAL B 669 -22.22 -24.93 30.98
C VAL B 669 -21.45 -25.92 30.10
N ASP B 670 -21.60 -25.81 28.76
CA ASP B 670 -21.13 -26.79 27.79
C ASP B 670 -21.91 -28.10 27.90
N GLN B 671 -21.91 -28.89 26.81
CA GLN B 671 -22.69 -30.11 26.75
C GLN B 671 -21.80 -31.35 26.59
N VAL B 672 -20.96 -31.40 25.55
CA VAL B 672 -20.11 -32.55 25.29
C VAL B 672 -18.68 -32.06 25.11
N SER B 673 -17.74 -32.98 25.30
CA SER B 673 -16.32 -32.62 25.29
C SER B 673 -15.71 -32.79 23.89
N GLY B 674 -15.75 -34.00 23.36
CA GLY B 674 -15.14 -34.25 22.07
C GLY B 674 -15.70 -35.52 21.45
N LEU B 675 -15.10 -35.93 20.35
CA LEU B 675 -15.58 -37.12 19.65
C LEU B 675 -15.47 -38.37 20.50
N SER B 676 -14.65 -38.33 21.55
CA SER B 676 -14.50 -39.47 22.44
C SER B 676 -15.63 -39.59 23.45
N ASP B 677 -16.56 -38.64 23.49
CA ASP B 677 -17.61 -38.67 24.49
C ASP B 677 -18.52 -39.88 24.29
N LYS B 678 -19.08 -40.36 25.40
CA LYS B 678 -19.93 -41.54 25.35
C LYS B 678 -21.22 -41.26 24.58
N LYS B 679 -21.67 -40.00 24.56
CA LYS B 679 -22.88 -39.68 23.81
C LYS B 679 -22.69 -39.93 22.33
N PHE B 680 -21.52 -39.57 21.80
CA PHE B 680 -21.21 -39.88 20.41
C PHE B 680 -20.97 -41.38 20.23
N GLN B 681 -20.20 -41.98 21.14
CA GLN B 681 -19.89 -43.41 21.02
C GLN B 681 -21.14 -44.26 21.16
N ARG B 682 -22.01 -43.92 22.11
CA ARG B 682 -23.25 -44.66 22.28
C ARG B 682 -24.40 -43.80 21.76
N PRO B 683 -24.95 -44.11 20.58
CA PRO B 683 -25.96 -43.20 20.00
C PRO B 683 -27.22 -43.08 20.83
N ASN B 684 -27.78 -44.20 21.29
CA ASN B 684 -29.02 -44.16 22.05
C ASN B 684 -29.01 -45.14 23.21
N ASP B 685 -27.82 -45.52 23.68
CA ASP B 685 -27.73 -46.57 24.69
C ASP B 685 -28.40 -46.14 26.00
N PHE B 686 -28.16 -44.91 26.43
CA PHE B 686 -28.75 -44.41 27.66
C PHE B 686 -29.67 -43.23 27.44
N SER B 687 -29.18 -42.18 26.79
CA SER B 687 -29.95 -40.97 26.56
C SER B 687 -30.93 -41.18 25.41
N PRO B 688 -31.96 -40.33 25.31
CA PRO B 688 -32.83 -40.36 24.13
C PRO B 688 -32.02 -40.20 22.86
N PRO B 689 -32.58 -40.60 21.70
CA PRO B 689 -31.80 -40.55 20.45
C PRO B 689 -31.15 -39.21 20.20
N PHE B 690 -29.82 -39.19 20.19
CA PHE B 690 -29.07 -37.96 19.97
C PHE B 690 -28.73 -37.87 18.49
N ARG B 691 -28.80 -36.66 17.94
CA ARG B 691 -28.81 -36.46 16.50
C ARG B 691 -27.52 -35.77 16.05
N PHE B 692 -26.89 -36.32 15.01
CA PHE B 692 -25.74 -35.69 14.39
C PHE B 692 -25.57 -36.25 12.97
N GLY B 693 -24.85 -35.51 12.14
CA GLY B 693 -24.57 -35.96 10.79
C GLY B 693 -23.61 -35.01 10.12
N THR B 694 -23.14 -35.41 8.94
CA THR B 694 -22.21 -34.59 8.19
C THR B 694 -22.51 -34.73 6.70
N VAL B 695 -21.91 -33.86 5.92
CA VAL B 695 -22.07 -33.93 4.46
C VAL B 695 -21.10 -34.96 3.90
N PRO B 696 -21.57 -35.93 3.14
CA PRO B 696 -20.65 -36.93 2.56
C PRO B 696 -19.87 -36.40 1.38
N ASN B 697 -19.15 -37.30 0.70
CA ASN B 697 -18.30 -37.01 -0.46
C ASN B 697 -17.01 -36.31 -0.07
N GLY B 698 -16.92 -35.86 1.18
CA GLY B 698 -15.90 -34.91 1.56
C GLY B 698 -14.65 -35.57 2.11
N SER B 699 -14.01 -34.87 3.04
CA SER B 699 -12.85 -35.40 3.75
C SER B 699 -13.17 -35.88 5.15
N THR B 700 -14.02 -35.16 5.87
CA THR B 700 -14.30 -35.54 7.25
C THR B 700 -14.95 -36.91 7.34
N GLU B 701 -15.75 -37.28 6.34
CA GLU B 701 -16.33 -38.61 6.34
C GLU B 701 -15.25 -39.67 6.20
N ARG B 702 -14.23 -39.41 5.38
CA ARG B 702 -13.17 -40.39 5.19
C ARG B 702 -12.42 -40.64 6.49
N ASN B 703 -12.14 -39.58 7.25
CA ASN B 703 -11.48 -39.74 8.54
C ASN B 703 -12.34 -40.53 9.51
N ILE B 704 -13.66 -40.28 9.49
CA ILE B 704 -14.55 -40.97 10.43
C ILE B 704 -14.58 -42.46 10.15
N ARG B 705 -14.62 -42.85 8.88
CA ARG B 705 -14.73 -44.26 8.55
C ARG B 705 -13.50 -45.05 9.01
N ASN B 706 -12.31 -44.48 8.85
CA ASN B 706 -11.11 -45.26 9.15
C ASN B 706 -10.93 -45.47 10.65
N ASN B 707 -11.32 -44.52 11.47
CA ASN B 707 -10.97 -44.58 12.89
C ASN B 707 -12.14 -44.81 13.83
N TYR B 708 -13.38 -44.67 13.37
CA TYR B 708 -14.53 -44.75 14.25
C TYR B 708 -15.63 -45.59 13.62
N ALA B 709 -15.27 -46.79 13.17
CA ALA B 709 -16.17 -47.58 12.34
C ALA B 709 -17.51 -47.88 13.01
N GLU B 710 -17.56 -47.82 14.34
CA GLU B 710 -18.81 -48.13 15.02
C GLU B 710 -19.86 -47.04 14.83
N MET B 711 -19.45 -45.77 14.92
CA MET B 711 -20.41 -44.69 14.79
C MET B 711 -20.70 -44.31 13.34
N HIS B 712 -19.98 -44.89 12.39
CA HIS B 712 -20.23 -44.56 10.99
C HIS B 712 -21.43 -45.31 10.40
N ALA B 713 -21.84 -46.42 11.02
CA ALA B 713 -23.04 -47.09 10.57
C ALA B 713 -24.29 -46.36 11.02
N TYR B 714 -24.33 -45.91 12.27
CA TYR B 714 -25.54 -45.30 12.83
C TYR B 714 -25.85 -43.96 12.18
N MET B 715 -24.84 -43.14 11.96
CA MET B 715 -25.06 -41.77 11.52
C MET B 715 -25.29 -41.65 10.02
N GLY B 716 -25.70 -42.74 9.36
CA GLY B 716 -25.99 -42.65 7.94
C GLY B 716 -27.33 -42.05 7.60
N LYS B 717 -28.27 -42.01 8.55
CA LYS B 717 -29.62 -41.52 8.28
C LYS B 717 -29.80 -40.08 8.74
N PHE B 718 -28.76 -39.27 8.66
CA PHE B 718 -28.89 -37.85 8.95
C PHE B 718 -28.12 -37.00 7.95
N ASN B 719 -27.71 -37.56 6.82
CA ASN B 719 -26.88 -36.81 5.88
C ASN B 719 -27.60 -35.56 5.43
N GLN B 720 -26.88 -34.45 5.44
CA GLN B 720 -27.39 -33.21 4.89
C GLN B 720 -26.99 -33.15 3.42
N ARG B 721 -27.17 -31.98 2.80
CA ARG B 721 -26.77 -31.81 1.41
C ARG B 721 -25.81 -30.66 1.18
N GLY B 722 -25.77 -29.68 2.07
CA GLY B 722 -24.86 -28.55 1.92
C GLY B 722 -24.86 -27.76 3.20
N VAL B 723 -23.93 -26.80 3.28
CA VAL B 723 -23.71 -26.10 4.54
C VAL B 723 -24.95 -25.31 4.95
N ASP B 724 -25.58 -24.62 4.01
CA ASP B 724 -26.73 -23.79 4.37
C ASP B 724 -27.91 -24.63 4.85
N ASP B 725 -28.24 -25.69 4.12
CA ASP B 725 -29.42 -26.47 4.46
C ASP B 725 -29.28 -27.14 5.82
N ALA B 726 -28.05 -27.39 6.26
CA ALA B 726 -27.87 -27.98 7.57
C ALA B 726 -28.16 -26.97 8.67
N LEU B 727 -27.78 -25.71 8.47
CA LEU B 727 -27.92 -24.72 9.53
C LEU B 727 -29.37 -24.51 9.93
N LEU B 728 -30.29 -24.46 8.96
CA LEU B 728 -31.69 -24.27 9.29
C LEU B 728 -32.21 -25.43 10.12
N SER B 729 -31.79 -26.65 9.81
CA SER B 729 -32.23 -27.81 10.58
C SER B 729 -31.74 -27.75 12.02
N LEU B 730 -30.70 -26.97 12.30
CA LEU B 730 -30.26 -26.78 13.68
C LEU B 730 -31.28 -25.99 14.49
N LYS B 731 -31.71 -24.85 13.95
CA LYS B 731 -32.60 -23.98 14.70
C LYS B 731 -33.96 -24.63 14.93
N THR B 732 -34.46 -25.36 13.93
CA THR B 732 -35.76 -26.01 14.05
C THR B 732 -35.75 -27.20 15.01
N GLY B 733 -34.57 -27.64 15.47
CA GLY B 733 -34.50 -28.75 16.39
C GLY B 733 -34.48 -30.11 15.74
N LYS B 734 -34.50 -30.20 14.41
CA LYS B 734 -34.40 -31.49 13.76
C LYS B 734 -33.02 -32.11 13.95
N LEU B 735 -31.98 -31.29 13.91
CA LEU B 735 -30.60 -31.73 14.08
C LEU B 735 -29.92 -30.86 15.12
N ASP B 736 -29.05 -31.46 15.93
CA ASP B 736 -28.42 -30.71 17.00
C ASP B 736 -26.96 -31.08 17.21
N ALA B 737 -26.26 -31.50 16.15
CA ALA B 737 -24.82 -31.70 16.21
C ALA B 737 -24.30 -31.83 14.78
N PHE B 738 -23.32 -31.01 14.44
CA PHE B 738 -22.80 -30.91 13.08
C PHE B 738 -21.29 -31.09 13.12
N ILE B 739 -20.76 -31.98 12.29
CA ILE B 739 -19.34 -32.29 12.24
C ILE B 739 -18.82 -31.93 10.86
N TYR B 740 -18.16 -30.79 10.73
CA TYR B 740 -17.72 -30.32 9.43
C TYR B 740 -16.37 -29.63 9.57
N ASP B 741 -15.81 -29.23 8.44
CA ASP B 741 -14.50 -28.60 8.43
C ASP B 741 -14.49 -27.33 9.26
N ALA B 742 -13.38 -27.09 9.95
CA ALA B 742 -13.35 -26.04 10.97
C ALA B 742 -13.28 -24.66 10.35
N ALA B 743 -12.55 -24.50 9.24
CA ALA B 743 -12.36 -23.18 8.67
C ALA B 743 -13.64 -22.57 8.12
N VAL B 744 -14.69 -23.37 7.96
CA VAL B 744 -15.98 -22.86 7.51
C VAL B 744 -16.92 -22.60 8.68
N LEU B 745 -16.93 -23.48 9.68
CA LEU B 745 -17.81 -23.31 10.82
C LEU B 745 -17.50 -22.03 11.58
N ASN B 746 -16.22 -21.77 11.85
CA ASN B 746 -15.85 -20.61 12.65
C ASN B 746 -16.26 -19.32 11.98
N TYR B 747 -16.06 -19.21 10.68
CA TYR B 747 -16.57 -18.05 9.96
C TYR B 747 -18.08 -17.97 10.03
N MET B 748 -18.75 -19.10 9.82
CA MET B 748 -20.22 -19.08 9.80
C MET B 748 -20.78 -18.80 11.18
N ALA B 749 -20.19 -19.38 12.22
CA ALA B 749 -20.72 -19.18 13.56
C ALA B 749 -20.44 -17.79 14.11
N GLY B 750 -19.63 -16.99 13.43
CA GLY B 750 -19.33 -15.65 13.91
C GLY B 750 -20.09 -14.57 13.16
N ARG B 751 -20.79 -14.97 12.10
CA ARG B 751 -21.52 -14.04 11.24
C ARG B 751 -22.95 -14.49 11.08
N ASP B 752 -23.60 -14.79 12.21
CA ASP B 752 -25.00 -15.22 12.23
C ASP B 752 -25.80 -14.29 13.12
N GLU B 753 -27.06 -14.07 12.74
CA GLU B 753 -27.93 -13.20 13.52
C GLU B 753 -28.41 -13.91 14.78
N GLY B 754 -28.29 -13.23 15.91
CA GLY B 754 -28.68 -13.77 17.20
C GLY B 754 -27.57 -14.39 18.00
N CYS B 755 -26.45 -14.73 17.35
CA CYS B 755 -25.27 -15.27 18.02
C CYS B 755 -25.62 -16.50 18.85
N LYS B 756 -26.51 -17.33 18.32
CA LYS B 756 -27.04 -18.48 19.04
C LYS B 756 -26.28 -19.76 18.76
N LEU B 757 -25.23 -19.72 17.96
CA LEU B 757 -24.46 -20.89 17.59
C LEU B 757 -23.02 -20.73 18.04
N VAL B 758 -22.44 -21.80 18.57
CA VAL B 758 -21.11 -21.75 19.14
C VAL B 758 -20.38 -23.07 18.88
N THR B 759 -19.07 -22.97 18.73
CA THR B 759 -18.21 -24.14 18.58
C THR B 759 -17.83 -24.66 19.96
N ILE B 760 -17.92 -25.97 20.14
CA ILE B 760 -17.61 -26.55 21.44
C ILE B 760 -16.12 -26.38 21.74
N GLY B 761 -15.80 -26.22 23.02
CA GLY B 761 -14.43 -26.05 23.44
C GLY B 761 -13.85 -24.69 23.16
N SER B 762 -14.65 -23.74 22.68
CA SER B 762 -14.20 -22.41 22.33
C SER B 762 -13.01 -22.48 21.37
N GLY B 763 -13.28 -23.02 20.18
CA GLY B 763 -12.24 -23.21 19.19
C GLY B 763 -11.46 -24.47 19.41
N LYS B 764 -12.12 -25.61 19.33
CA LYS B 764 -11.51 -26.92 19.50
C LYS B 764 -11.41 -27.63 18.16
N VAL B 765 -10.23 -28.12 17.84
CA VAL B 765 -9.99 -28.90 16.62
C VAL B 765 -9.26 -30.17 17.02
N PHE B 766 -9.43 -31.21 16.20
CA PHE B 766 -8.99 -32.55 16.61
C PHE B 766 -7.85 -33.08 15.76
N ALA B 767 -8.01 -33.14 14.44
CA ALA B 767 -6.95 -33.61 13.55
C ALA B 767 -6.48 -32.42 12.73
N SER B 768 -5.37 -31.81 13.15
CA SER B 768 -4.93 -30.55 12.58
C SER B 768 -4.20 -30.79 11.27
N THR B 769 -4.82 -30.41 10.16
CA THR B 769 -4.20 -30.31 8.85
C THR B 769 -4.36 -28.88 8.34
N GLY B 770 -4.02 -28.66 7.08
CA GLY B 770 -4.11 -27.33 6.50
C GLY B 770 -4.56 -27.36 5.06
N TYR B 771 -4.94 -26.18 4.57
CA TYR B 771 -5.33 -26.01 3.19
C TYR B 771 -4.09 -26.00 2.31
N GLY B 772 -4.25 -25.76 1.01
CA GLY B 772 -3.07 -25.69 0.16
C GLY B 772 -3.44 -25.64 -1.30
N ILE B 773 -2.39 -25.52 -2.11
CA ILE B 773 -2.49 -25.39 -3.56
C ILE B 773 -1.92 -26.65 -4.18
N ALA B 774 -2.79 -27.50 -4.75
CA ALA B 774 -2.32 -28.74 -5.35
C ALA B 774 -1.63 -28.47 -6.68
N ILE B 775 -0.49 -29.14 -6.89
CA ILE B 775 0.30 -29.00 -8.10
C ILE B 775 0.57 -30.38 -8.68
N GLN B 776 0.71 -30.44 -10.00
CA GLN B 776 0.95 -31.70 -10.67
C GLN B 776 2.27 -32.29 -10.21
N LYS B 777 2.32 -33.63 -10.17
CA LYS B 777 3.43 -34.32 -9.53
C LYS B 777 4.75 -33.96 -10.17
N ASP B 778 5.74 -33.65 -9.33
CA ASP B 778 7.12 -33.39 -9.75
C ASP B 778 7.20 -32.23 -10.74
N SER B 779 6.45 -31.17 -10.45
CA SER B 779 6.44 -30.00 -11.31
C SER B 779 7.55 -29.04 -10.93
N GLY B 780 8.07 -28.34 -11.93
CA GLY B 780 9.14 -27.40 -11.68
C GLY B 780 8.72 -26.19 -10.87
N TRP B 781 7.43 -25.91 -10.80
CA TRP B 781 6.96 -24.75 -10.07
C TRP B 781 6.97 -24.94 -8.57
N LYS B 782 6.97 -26.19 -8.09
CA LYS B 782 6.76 -26.45 -6.67
C LYS B 782 7.83 -25.79 -5.80
N ARG B 783 9.00 -25.49 -6.35
CA ARG B 783 10.04 -24.86 -5.57
C ARG B 783 9.80 -23.38 -5.39
N GLN B 784 9.08 -22.72 -6.30
CA GLN B 784 8.88 -21.28 -6.24
C GLN B 784 7.58 -20.86 -5.58
N VAL B 785 6.51 -21.63 -5.75
CA VAL B 785 5.22 -21.23 -5.19
C VAL B 785 5.29 -21.18 -3.67
N ASP B 786 5.89 -22.22 -3.06
CA ASP B 786 5.95 -22.28 -1.61
C ASP B 786 6.78 -21.14 -1.04
N LEU B 787 7.88 -20.80 -1.68
CA LEU B 787 8.70 -19.69 -1.20
C LEU B 787 7.93 -18.37 -1.25
N ALA B 788 7.10 -18.18 -2.28
CA ALA B 788 6.31 -16.96 -2.35
C ALA B 788 5.34 -16.87 -1.18
N ILE B 789 4.67 -17.97 -0.85
CA ILE B 789 3.68 -17.94 0.22
C ILE B 789 4.34 -17.60 1.54
N LEU B 790 5.50 -18.21 1.82
CA LEU B 790 6.18 -17.95 3.08
C LEU B 790 6.51 -16.47 3.23
N GLN B 791 6.76 -15.78 2.12
CA GLN B 791 7.10 -14.36 2.21
C GLN B 791 5.90 -13.54 2.65
N LEU B 792 4.68 -13.94 2.28
CA LEU B 792 3.50 -13.19 2.66
C LEU B 792 3.31 -13.18 4.17
N PHE B 793 3.80 -14.20 4.86
CA PHE B 793 3.83 -14.14 6.33
C PHE B 793 4.74 -13.02 6.80
N GLY B 794 5.87 -12.82 6.12
CA GLY B 794 6.87 -11.89 6.63
C GLY B 794 6.39 -10.45 6.68
N ASP B 795 5.76 -10.00 5.60
CA ASP B 795 5.28 -8.63 5.51
C ASP B 795 3.90 -8.44 6.14
N GLY B 796 3.29 -9.50 6.63
CA GLY B 796 2.01 -9.37 7.30
C GLY B 796 0.81 -9.25 6.39
N GLU B 797 0.99 -9.42 5.08
CA GLU B 797 -0.17 -9.35 4.19
C GLU B 797 -1.16 -10.44 4.52
N MET B 798 -0.68 -11.66 4.76
CA MET B 798 -1.58 -12.77 5.08
C MET B 798 -2.34 -12.52 6.38
N GLU B 799 -1.71 -11.83 7.32
CA GLU B 799 -2.27 -11.68 8.67
C GLU B 799 -3.22 -10.51 8.78
N GLU B 800 -3.51 -9.82 7.68
CA GLU B 800 -4.55 -8.80 7.67
C GLU B 800 -5.63 -9.06 6.64
N LEU B 801 -5.42 -9.95 5.69
CA LEU B 801 -6.48 -10.31 4.76
C LEU B 801 -7.64 -10.96 5.49
N GLU B 802 -7.36 -11.86 6.43
CA GLU B 802 -8.43 -12.51 7.18
C GLU B 802 -9.22 -11.51 8.00
N ALA B 803 -8.66 -10.35 8.29
CA ALA B 803 -9.44 -9.28 8.89
C ALA B 803 -10.40 -8.65 7.89
N LEU B 804 -10.29 -8.98 6.61
CA LEU B 804 -11.13 -8.40 5.57
C LEU B 804 -12.23 -9.34 5.10
N TRP B 805 -12.03 -10.65 5.17
CA TRP B 805 -13.03 -11.61 4.74
C TRP B 805 -13.56 -12.52 5.83
N LEU B 806 -12.86 -12.65 6.95
CA LEU B 806 -13.14 -13.70 7.93
C LEU B 806 -13.36 -13.12 9.31
N THR B 807 -14.20 -12.09 9.41
CA THR B 807 -14.51 -11.47 10.68
C THR B 807 -16.00 -11.56 10.96
N GLY B 808 -16.35 -11.49 12.24
CA GLY B 808 -17.74 -11.53 12.64
C GLY B 808 -18.08 -10.46 13.67
N ILE B 809 -19.29 -10.54 14.24
CA ILE B 809 -19.72 -9.56 15.23
C ILE B 809 -20.03 -10.28 16.54
N CYS B 810 -20.47 -11.53 16.45
CA CYS B 810 -20.81 -12.30 17.63
C CYS B 810 -19.51 -12.70 18.32
N HIS B 811 -19.01 -11.82 19.17
CA HIS B 811 -17.76 -12.08 19.87
C HIS B 811 -17.91 -13.31 20.76
N ASN B 812 -16.96 -14.23 20.63
CA ASN B 812 -16.92 -15.42 21.49
C ASN B 812 -15.89 -15.22 22.60
N GLU B 813 -16.16 -14.23 23.46
CA GLU B 813 -15.29 -13.89 24.57
C GLU B 813 -16.10 -13.76 25.85
N LYS B 814 -15.52 -14.23 26.95
CA LYS B 814 -16.07 -14.17 28.30
C LYS B 814 -17.29 -15.10 28.45
N ASN B 815 -17.73 -15.74 27.37
CA ASN B 815 -18.90 -16.62 27.39
C ASN B 815 -20.14 -15.88 27.89
N GLU B 816 -20.55 -14.89 27.10
CA GLU B 816 -21.73 -14.10 27.43
C GLU B 816 -22.96 -15.00 27.49
N VAL B 817 -23.74 -14.87 28.57
CA VAL B 817 -24.81 -15.82 28.84
C VAL B 817 -26.15 -15.24 28.41
N MET B 818 -26.28 -13.91 28.48
CA MET B 818 -27.52 -13.22 28.18
C MET B 818 -28.67 -13.76 29.04
N SER B 819 -28.52 -13.55 30.34
CA SER B 819 -29.49 -13.98 31.34
C SER B 819 -29.57 -15.50 31.42
N SER B 820 -30.15 -16.01 32.50
CA SER B 820 -30.32 -17.44 32.66
C SER B 820 -31.76 -17.90 32.53
N GLN B 821 -32.73 -17.06 32.91
CA GLN B 821 -34.13 -17.43 32.88
C GLN B 821 -34.35 -18.73 33.65
N LEU B 822 -34.02 -18.67 34.94
CA LEU B 822 -33.97 -19.86 35.78
C LEU B 822 -35.27 -20.65 35.77
N ASP B 823 -35.13 -21.96 35.95
CA ASP B 823 -36.20 -22.93 35.82
C ASP B 823 -36.26 -23.83 37.05
N ILE B 824 -37.03 -24.92 36.95
CA ILE B 824 -37.05 -25.90 38.02
C ILE B 824 -35.67 -26.51 38.23
N ASP B 825 -34.95 -26.77 37.14
CA ASP B 825 -33.75 -27.58 37.22
C ASP B 825 -32.65 -26.90 38.03
N ASN B 826 -32.52 -25.57 37.89
CA ASN B 826 -31.43 -24.88 38.55
C ASN B 826 -31.51 -25.05 40.07
N MET B 827 -32.70 -24.90 40.63
CA MET B 827 -32.89 -25.05 42.07
C MET B 827 -33.36 -26.47 42.38
N ALA B 828 -32.49 -27.42 42.10
CA ALA B 828 -32.83 -28.81 42.40
C ALA B 828 -32.58 -29.13 43.87
N GLY B 829 -31.45 -28.69 44.41
CA GLY B 829 -31.10 -29.05 45.77
C GLY B 829 -32.06 -28.51 46.80
N VAL B 830 -32.55 -27.28 46.60
CA VAL B 830 -33.42 -26.67 47.60
C VAL B 830 -34.74 -27.42 47.70
N PHE B 831 -35.26 -27.90 46.56
CA PHE B 831 -36.42 -28.78 46.62
C PHE B 831 -36.08 -30.13 47.19
N TYR B 832 -34.81 -30.45 47.35
CA TYR B 832 -34.38 -31.67 48.02
C TYR B 832 -34.13 -31.47 49.50
N MET B 833 -33.76 -30.27 49.92
CA MET B 833 -33.34 -30.06 51.31
C MET B 833 -34.48 -30.34 52.27
N LEU B 834 -35.70 -29.90 51.93
CA LEU B 834 -36.86 -30.26 52.75
C LEU B 834 -37.19 -31.73 52.60
N GLY B 835 -36.94 -32.31 51.43
CA GLY B 835 -37.17 -33.74 51.27
C GLY B 835 -36.31 -34.56 52.21
N ALA B 836 -35.03 -34.22 52.29
CA ALA B 836 -34.15 -34.90 53.23
C ALA B 836 -34.57 -34.63 54.67
N ALA B 837 -34.91 -33.37 54.98
CA ALA B 837 -35.30 -33.04 56.34
C ALA B 837 -36.60 -33.73 56.74
N MET B 838 -37.59 -33.74 55.84
CA MET B 838 -38.85 -34.39 56.16
C MET B 838 -38.69 -35.90 56.27
N ALA B 839 -37.74 -36.47 55.52
CA ALA B 839 -37.44 -37.89 55.67
C ALA B 839 -36.84 -38.18 57.03
N LEU B 840 -35.92 -37.33 57.49
CA LEU B 840 -35.35 -37.48 58.83
C LEU B 840 -36.33 -37.07 59.91
N SER B 841 -37.38 -36.32 59.55
CA SER B 841 -38.39 -35.93 60.52
C SER B 841 -39.13 -37.14 61.06
N LEU B 842 -39.51 -38.07 60.18
CA LEU B 842 -40.31 -39.21 60.59
C LEU B 842 -39.56 -40.08 61.59
N ILE B 843 -38.26 -40.28 61.37
CA ILE B 843 -37.48 -41.12 62.27
C ILE B 843 -37.46 -40.55 63.67
N THR B 844 -37.29 -39.23 63.79
CA THR B 844 -37.27 -38.60 65.10
C THR B 844 -38.58 -38.83 65.84
N PHE B 845 -39.71 -38.68 65.14
CA PHE B 845 -41.00 -38.91 65.79
C PHE B 845 -41.13 -40.35 66.26
N ILE B 846 -40.70 -41.30 65.43
CA ILE B 846 -40.78 -42.71 65.82
C ILE B 846 -39.88 -42.97 67.02
N SER B 847 -38.67 -42.41 67.00
CA SER B 847 -37.75 -42.62 68.12
C SER B 847 -38.32 -42.01 69.40
N GLU B 848 -38.87 -40.80 69.32
CA GLU B 848 -39.47 -40.20 70.49
C GLU B 848 -40.67 -40.99 70.96
N HIS B 849 -41.52 -41.44 70.03
CA HIS B 849 -42.69 -42.23 70.39
C HIS B 849 -42.29 -43.56 71.02
N LEU B 850 -41.31 -44.24 70.44
CA LEU B 850 -40.87 -45.52 70.97
C LEU B 850 -40.21 -45.37 72.33
N PHE B 851 -39.35 -44.36 72.48
CA PHE B 851 -38.69 -44.15 73.77
C PHE B 851 -39.70 -43.75 74.85
N TYR B 852 -40.68 -42.92 74.49
CA TYR B 852 -41.71 -42.53 75.44
C TYR B 852 -42.63 -43.69 75.81
N TRP B 853 -42.75 -44.69 74.94
CA TRP B 853 -43.59 -45.85 75.26
C TRP B 853 -43.05 -46.60 76.47
N GLN B 854 -41.73 -46.77 76.55
CA GLN B 854 -41.13 -47.45 77.68
C GLN B 854 -40.38 -46.46 78.58
N LYS C 3 52.12 -2.58 -48.52
CA LYS C 3 52.27 -3.51 -49.61
C LYS C 3 52.62 -4.91 -49.10
N ILE C 4 53.79 -5.03 -48.47
CA ILE C 4 54.28 -6.30 -47.95
C ILE C 4 54.08 -6.31 -46.44
N VAL C 5 53.49 -7.38 -45.92
CA VAL C 5 53.18 -7.52 -44.51
C VAL C 5 54.03 -8.66 -43.94
N ASN C 6 54.69 -8.38 -42.82
CA ASN C 6 55.57 -9.36 -42.18
C ASN C 6 54.87 -9.97 -40.98
N ILE C 7 55.22 -11.22 -40.68
CA ILE C 7 54.56 -11.98 -39.63
C ILE C 7 55.61 -12.66 -38.76
N GLY C 8 55.20 -13.01 -37.54
CA GLY C 8 56.07 -13.71 -36.62
C GLY C 8 55.73 -15.20 -36.59
N ALA C 9 56.76 -16.02 -36.78
CA ALA C 9 56.61 -17.46 -36.95
C ALA C 9 57.63 -18.21 -36.11
N VAL C 10 57.73 -17.88 -34.83
CA VAL C 10 58.65 -18.57 -33.94
C VAL C 10 58.08 -19.94 -33.57
N LEU C 11 58.87 -20.98 -33.81
CA LEU C 11 58.52 -22.35 -33.43
C LEU C 11 59.78 -23.02 -32.90
N SER C 12 59.73 -24.36 -32.80
CA SER C 12 60.81 -25.13 -32.23
C SER C 12 61.33 -26.23 -33.16
N THR C 13 60.95 -26.22 -34.43
CA THR C 13 61.41 -27.22 -35.38
C THR C 13 61.78 -26.55 -36.70
N ARG C 14 62.98 -26.84 -37.20
CA ARG C 14 63.42 -26.27 -38.48
C ARG C 14 62.74 -26.92 -39.66
N LYS C 15 62.12 -28.09 -39.47
CA LYS C 15 61.37 -28.70 -40.56
C LYS C 15 60.02 -28.03 -40.76
N HIS C 16 59.39 -27.61 -39.66
CA HIS C 16 58.09 -26.96 -39.76
C HIS C 16 58.16 -25.64 -40.51
N GLU C 17 59.23 -24.87 -40.29
CA GLU C 17 59.34 -23.57 -40.93
C GLU C 17 59.50 -23.69 -42.44
N GLN C 18 59.82 -24.87 -42.95
CA GLN C 18 59.89 -25.05 -44.40
C GLN C 18 58.49 -25.02 -45.02
N MET C 19 57.53 -25.71 -44.42
CA MET C 19 56.18 -25.73 -44.97
C MET C 19 55.50 -24.38 -44.91
N PHE C 20 56.00 -23.46 -44.08
CA PHE C 20 55.44 -22.12 -44.04
C PHE C 20 55.63 -21.40 -45.37
N ARG C 21 56.82 -21.51 -45.95
CA ARG C 21 57.12 -20.79 -47.18
C ARG C 21 56.24 -21.27 -48.33
N GLU C 22 56.04 -22.59 -48.45
CA GLU C 22 55.16 -23.09 -49.49
C GLU C 22 53.69 -22.77 -49.18
N ALA C 23 53.32 -22.78 -47.90
CA ALA C 23 51.94 -22.44 -47.54
C ALA C 23 51.64 -20.97 -47.84
N VAL C 24 52.55 -20.07 -47.49
CA VAL C 24 52.34 -18.66 -47.81
C VAL C 24 52.43 -18.45 -49.32
N ASN C 25 53.24 -19.24 -50.01
CA ASN C 25 53.24 -19.23 -51.46
C ASN C 25 52.07 -20.02 -52.04
N GLN C 26 51.27 -20.66 -51.20
CA GLN C 26 49.99 -21.22 -51.60
C GLN C 26 48.80 -20.40 -51.13
N ALA C 27 48.81 -19.96 -49.88
CA ALA C 27 47.70 -19.17 -49.35
C ALA C 27 47.59 -17.81 -50.03
N ASN C 28 48.64 -17.37 -50.72
CA ASN C 28 48.55 -16.11 -51.46
C ASN C 28 47.52 -16.23 -52.58
N LYS C 29 47.49 -17.36 -53.27
CA LYS C 29 46.51 -17.55 -54.34
C LYS C 29 45.09 -17.67 -53.79
N ARG C 30 44.94 -18.14 -52.55
CA ARG C 30 43.63 -18.19 -51.93
C ARG C 30 43.07 -16.78 -51.74
N HIS C 31 43.92 -15.83 -51.33
CA HIS C 31 43.49 -14.45 -51.18
C HIS C 31 43.31 -13.75 -52.51
N GLY C 32 43.83 -14.30 -53.60
CA GLY C 32 43.81 -13.66 -54.89
C GLY C 32 45.02 -12.80 -55.19
N SER C 33 45.90 -12.59 -54.20
CA SER C 33 47.15 -11.86 -54.38
C SER C 33 46.91 -10.43 -54.91
N TRP C 34 45.89 -9.77 -54.37
CA TRP C 34 45.72 -8.34 -54.63
C TRP C 34 46.90 -7.55 -54.07
N LYS C 35 47.29 -7.86 -52.83
CA LYS C 35 48.47 -7.25 -52.21
C LYS C 35 49.27 -8.29 -51.44
N ILE C 36 49.16 -9.57 -51.79
CA ILE C 36 49.76 -10.65 -51.01
C ILE C 36 51.14 -10.93 -51.58
N GLN C 37 52.16 -10.40 -50.92
CA GLN C 37 53.56 -10.72 -51.15
C GLN C 37 54.23 -11.05 -49.83
N LEU C 38 53.55 -11.85 -49.02
CA LEU C 38 53.97 -12.10 -47.65
C LEU C 38 55.21 -13.00 -47.62
N ASN C 39 55.98 -12.86 -46.55
CA ASN C 39 57.18 -13.66 -46.33
C ASN C 39 57.09 -14.38 -45.00
N ALA C 40 57.76 -15.53 -44.91
CA ALA C 40 57.65 -16.38 -43.73
C ALA C 40 58.23 -15.70 -42.50
N THR C 41 59.52 -15.37 -42.54
CA THR C 41 60.22 -14.68 -41.46
C THR C 41 60.08 -15.42 -40.14
N SER C 42 60.63 -16.62 -40.10
CA SER C 42 60.61 -17.47 -38.91
C SER C 42 61.92 -17.34 -38.15
N VAL C 43 61.89 -17.74 -36.88
CA VAL C 43 63.05 -17.68 -36.00
C VAL C 43 62.96 -18.83 -35.01
N THR C 44 64.11 -19.27 -34.53
CA THR C 44 64.21 -20.37 -33.58
C THR C 44 64.57 -19.85 -32.21
N HIS C 45 63.84 -20.30 -31.19
CA HIS C 45 64.10 -19.89 -29.81
C HIS C 45 65.12 -20.82 -29.17
N LYS C 46 65.63 -20.38 -28.02
CA LYS C 46 66.60 -21.15 -27.27
C LYS C 46 66.12 -21.30 -25.82
N PRO C 47 66.41 -22.45 -25.20
CA PRO C 47 65.94 -22.66 -23.81
C PRO C 47 66.55 -21.70 -22.80
N ASN C 48 67.71 -21.10 -23.08
CA ASN C 48 68.35 -20.24 -22.11
C ASN C 48 67.50 -19.01 -21.83
N ALA C 49 67.56 -18.52 -20.61
CA ALA C 49 66.68 -17.46 -20.14
C ALA C 49 67.26 -16.06 -20.34
N ILE C 50 68.40 -15.92 -21.02
CA ILE C 50 69.00 -14.61 -21.17
C ILE C 50 68.44 -13.88 -22.39
N GLN C 51 68.33 -14.55 -23.53
CA GLN C 51 67.85 -13.93 -24.76
C GLN C 51 66.33 -13.96 -24.90
N MET C 52 65.67 -14.80 -24.11
CA MET C 52 64.20 -14.86 -24.10
C MET C 52 63.58 -13.53 -23.74
N ALA C 53 64.31 -12.65 -23.05
CA ALA C 53 63.89 -11.28 -22.86
C ALA C 53 64.49 -10.34 -23.91
N LEU C 54 65.31 -10.87 -24.81
CA LEU C 54 65.99 -10.09 -25.83
C LEU C 54 65.56 -10.44 -27.24
N SER C 55 65.60 -11.73 -27.60
CA SER C 55 65.29 -12.15 -28.96
C SER C 55 63.85 -11.85 -29.35
N VAL C 56 62.98 -11.55 -28.37
CA VAL C 56 61.60 -11.23 -28.68
C VAL C 56 61.52 -9.99 -29.57
N CYS C 57 62.33 -8.97 -29.30
CA CYS C 57 62.35 -7.78 -30.12
C CYS C 57 63.69 -7.55 -30.80
N GLU C 58 64.66 -8.45 -30.63
CA GLU C 58 65.93 -8.30 -31.33
C GLU C 58 65.73 -8.42 -32.83
N ASP C 59 64.86 -9.32 -33.27
CA ASP C 59 64.68 -9.60 -34.68
C ASP C 59 63.25 -9.40 -35.16
N LEU C 60 62.25 -9.78 -34.35
CA LEU C 60 60.87 -9.78 -34.82
C LEU C 60 60.36 -8.36 -35.05
N ILE C 61 60.53 -7.47 -34.07
CA ILE C 61 59.99 -6.13 -34.20
C ILE C 61 60.80 -5.31 -35.20
N SER C 62 62.07 -5.68 -35.40
CA SER C 62 62.87 -5.00 -36.42
C SER C 62 62.38 -5.31 -37.82
N SER C 63 61.62 -6.38 -38.00
CA SER C 63 61.14 -6.79 -39.30
C SER C 63 59.78 -6.20 -39.64
N GLN C 64 59.25 -5.32 -38.79
CA GLN C 64 57.93 -4.71 -39.00
C GLN C 64 56.85 -5.76 -39.16
N VAL C 65 56.73 -6.61 -38.14
CA VAL C 65 55.76 -7.70 -38.15
C VAL C 65 54.40 -7.15 -37.79
N TYR C 66 53.35 -7.82 -38.26
CA TYR C 66 51.99 -7.50 -37.88
C TYR C 66 51.44 -8.43 -36.81
N ALA C 67 51.92 -9.67 -36.76
CA ALA C 67 51.47 -10.64 -35.77
C ALA C 67 52.55 -11.69 -35.61
N ILE C 68 52.45 -12.47 -34.53
CA ILE C 68 53.41 -13.50 -34.22
C ILE C 68 52.68 -14.79 -33.87
N LEU C 69 53.24 -15.92 -34.29
CA LEU C 69 52.74 -17.24 -33.95
C LEU C 69 53.77 -17.94 -33.07
N VAL C 70 53.32 -18.43 -31.91
CA VAL C 70 54.17 -19.11 -30.96
C VAL C 70 53.58 -20.49 -30.68
N SER C 71 54.44 -21.50 -30.68
CA SER C 71 54.03 -22.88 -30.45
C SER C 71 54.80 -23.46 -29.28
N HIS C 72 54.15 -24.36 -28.55
CA HIS C 72 54.78 -25.01 -27.42
C HIS C 72 55.88 -25.95 -27.92
N PRO C 73 57.13 -25.77 -27.50
CA PRO C 73 58.19 -26.68 -27.93
C PRO C 73 58.03 -28.04 -27.28
N PRO C 74 58.64 -29.08 -27.85
CA PRO C 74 58.60 -30.41 -27.21
C PRO C 74 59.32 -30.49 -25.88
N THR C 75 59.88 -29.38 -25.39
CA THR C 75 60.50 -29.38 -24.08
C THR C 75 59.46 -29.63 -23.00
N PRO C 76 59.79 -30.39 -21.96
CA PRO C 76 58.79 -30.72 -20.91
C PRO C 76 58.56 -29.56 -19.95
N ASN C 77 57.87 -28.53 -20.46
CA ASN C 77 57.60 -27.33 -19.69
C ASN C 77 56.17 -26.87 -19.96
N ASP C 78 55.63 -26.09 -19.02
CA ASP C 78 54.30 -25.52 -19.16
C ASP C 78 54.33 -24.07 -18.70
N HIS C 79 53.52 -23.24 -19.36
CA HIS C 79 53.39 -21.80 -19.07
C HIS C 79 54.75 -21.12 -18.95
N PHE C 80 55.74 -21.62 -19.68
CA PHE C 80 57.10 -21.09 -19.62
C PHE C 80 57.51 -20.39 -20.91
N THR C 81 57.45 -21.10 -22.03
CA THR C 81 57.80 -20.53 -23.33
C THR C 81 56.81 -19.50 -23.87
N PRO C 82 55.50 -19.66 -23.68
CA PRO C 82 54.57 -18.64 -24.21
C PRO C 82 54.43 -17.41 -23.32
N THR C 83 55.19 -17.31 -22.24
CA THR C 83 55.13 -16.13 -21.37
C THR C 83 55.93 -14.95 -21.93
N PRO C 84 57.19 -15.15 -22.39
CA PRO C 84 57.93 -13.99 -22.91
C PRO C 84 57.22 -13.29 -24.05
N VAL C 85 56.59 -14.03 -24.95
CA VAL C 85 55.90 -13.39 -26.06
C VAL C 85 54.67 -12.64 -25.56
N SER C 86 54.07 -13.10 -24.46
CA SER C 86 52.88 -12.44 -23.95
C SER C 86 53.18 -11.01 -23.50
N TYR C 87 54.30 -10.82 -22.80
CA TYR C 87 54.65 -9.48 -22.34
C TYR C 87 55.13 -8.61 -23.49
N THR C 88 56.00 -9.15 -24.35
CA THR C 88 56.59 -8.35 -25.42
C THR C 88 55.52 -7.87 -26.40
N ALA C 89 54.64 -8.78 -26.83
CA ALA C 89 53.59 -8.39 -27.77
C ALA C 89 52.65 -7.37 -27.13
N GLY C 90 52.30 -7.56 -25.87
CA GLY C 90 51.43 -6.62 -25.19
C GLY C 90 52.08 -5.28 -24.93
N PHE C 91 53.41 -5.25 -24.85
CA PHE C 91 54.10 -3.98 -24.68
C PHE C 91 53.84 -3.04 -25.85
N TYR C 92 53.82 -3.59 -27.06
CA TYR C 92 53.49 -2.82 -28.26
C TYR C 92 52.03 -3.01 -28.67
N ARG C 93 51.22 -3.63 -27.82
CA ARG C 93 49.81 -3.91 -28.12
C ARG C 93 49.67 -4.71 -29.42
N ILE C 94 50.60 -5.63 -29.62
CA ILE C 94 50.60 -6.51 -30.80
C ILE C 94 49.82 -7.78 -30.46
N PRO C 95 48.81 -8.14 -31.24
CA PRO C 95 48.11 -9.41 -30.97
C PRO C 95 49.06 -10.58 -31.08
N VAL C 96 48.91 -11.53 -30.16
CA VAL C 96 49.72 -12.75 -30.12
C VAL C 96 48.78 -13.94 -29.97
N LEU C 97 49.03 -14.97 -30.77
CA LEU C 97 48.22 -16.19 -30.74
C LEU C 97 49.12 -17.38 -30.44
N GLY C 98 48.64 -18.25 -29.54
CA GLY C 98 49.40 -19.41 -29.12
C GLY C 98 49.01 -20.66 -29.88
N LEU C 99 49.93 -21.62 -29.90
CA LEU C 99 49.73 -22.89 -30.57
C LEU C 99 49.99 -24.01 -29.58
N THR C 100 49.00 -24.89 -29.42
CA THR C 100 49.05 -25.95 -28.40
C THR C 100 49.32 -25.38 -27.02
N THR C 101 48.68 -24.23 -26.74
CA THR C 101 48.84 -23.55 -25.45
C THR C 101 47.80 -24.08 -24.48
N ARG C 102 48.12 -25.22 -23.88
CA ARG C 102 47.18 -25.89 -22.98
C ARG C 102 47.54 -25.60 -21.52
N MET C 103 47.31 -24.35 -21.13
CA MET C 103 47.45 -23.94 -19.74
C MET C 103 46.29 -23.02 -19.38
N SER C 104 45.87 -23.09 -18.11
CA SER C 104 44.71 -22.35 -17.66
C SER C 104 45.02 -20.93 -17.21
N ILE C 105 46.29 -20.60 -16.96
CA ILE C 105 46.63 -19.23 -16.56
C ILE C 105 46.65 -18.28 -17.73
N TYR C 106 46.60 -18.79 -18.95
CA TYR C 106 46.44 -17.94 -20.14
C TYR C 106 44.97 -17.71 -20.45
N SER C 107 44.23 -17.26 -19.43
CA SER C 107 42.79 -17.11 -19.55
C SER C 107 42.27 -15.85 -18.89
N ASP C 108 43.14 -14.97 -18.40
CA ASP C 108 42.73 -13.70 -17.84
C ASP C 108 43.31 -12.58 -18.68
N LYS C 109 42.48 -11.59 -19.02
CA LYS C 109 42.93 -10.49 -19.85
C LYS C 109 43.72 -9.44 -19.08
N SER C 110 43.70 -9.48 -17.75
CA SER C 110 44.38 -8.46 -16.96
C SER C 110 45.89 -8.51 -17.17
N ILE C 111 46.47 -9.70 -17.13
CA ILE C 111 47.91 -9.84 -17.30
C ILE C 111 48.30 -9.86 -18.77
N HIS C 112 47.51 -10.54 -19.60
CA HIS C 112 47.75 -10.63 -21.03
C HIS C 112 46.61 -9.90 -21.74
N LEU C 113 46.86 -8.67 -22.15
CA LEU C 113 45.82 -7.87 -22.76
C LEU C 113 45.33 -8.50 -24.07
N SER C 114 46.25 -8.97 -24.90
CA SER C 114 45.91 -9.63 -26.15
C SER C 114 46.49 -11.03 -26.15
N PHE C 115 45.67 -12.03 -26.46
CA PHE C 115 46.11 -13.40 -26.51
C PHE C 115 45.09 -14.23 -27.27
N LEU C 116 45.56 -15.33 -27.86
CA LEU C 116 44.68 -16.27 -28.54
C LEU C 116 45.38 -17.61 -28.61
N ARG C 117 44.59 -18.66 -28.84
CA ARG C 117 45.11 -20.01 -29.04
C ARG C 117 44.07 -20.83 -29.77
N THR C 118 44.55 -21.73 -30.63
CA THR C 118 43.67 -22.61 -31.40
C THR C 118 43.43 -23.95 -30.72
N VAL C 119 43.91 -24.13 -29.50
CA VAL C 119 43.73 -25.36 -28.76
C VAL C 119 43.13 -25.04 -27.39
N PRO C 120 42.02 -25.68 -27.00
CA PRO C 120 41.44 -25.36 -25.70
C PRO C 120 42.35 -25.82 -24.57
N PRO C 121 42.32 -25.13 -23.43
CA PRO C 121 43.15 -25.51 -22.30
C PRO C 121 42.45 -26.56 -21.44
N TYR C 122 43.12 -26.97 -20.36
CA TYR C 122 42.58 -28.01 -19.48
C TYR C 122 41.38 -27.52 -18.69
N SER C 123 41.17 -26.20 -18.60
CA SER C 123 40.09 -25.69 -17.78
C SER C 123 38.73 -26.06 -18.33
N HIS C 124 38.57 -26.02 -19.65
CA HIS C 124 37.25 -26.15 -20.26
C HIS C 124 36.75 -27.59 -20.32
N GLN C 125 37.59 -28.58 -20.07
CA GLN C 125 37.13 -29.96 -20.10
C GLN C 125 36.17 -30.27 -18.95
N SER C 126 36.05 -29.38 -17.98
CA SER C 126 35.10 -29.58 -16.89
C SER C 126 33.68 -29.70 -17.42
N SER C 127 33.36 -28.99 -18.49
CA SER C 127 32.03 -29.12 -19.08
C SER C 127 31.81 -30.53 -19.63
N VAL C 128 32.85 -31.13 -20.20
CA VAL C 128 32.72 -32.47 -20.76
C VAL C 128 32.41 -33.48 -19.68
N TRP C 129 32.95 -33.28 -18.48
CA TRP C 129 32.61 -34.16 -17.37
C TRP C 129 31.13 -34.11 -17.06
N PHE C 130 30.53 -32.92 -17.13
CA PHE C 130 29.14 -32.78 -16.73
C PHE C 130 28.20 -33.60 -17.60
N GLU C 131 28.39 -33.55 -18.92
CA GLU C 131 27.50 -34.29 -19.79
C GLU C 131 27.66 -35.80 -19.60
N MET C 132 28.88 -36.27 -19.34
CA MET C 132 29.11 -37.70 -19.16
C MET C 132 28.37 -38.22 -17.93
N MET C 133 28.47 -37.48 -16.82
CA MET C 133 27.71 -37.87 -15.64
C MET C 133 26.22 -37.59 -15.80
N ARG C 134 25.86 -36.64 -16.67
CA ARG C 134 24.44 -36.41 -16.96
C ARG C 134 23.88 -37.50 -17.85
N VAL C 135 24.64 -37.92 -18.87
CA VAL C 135 24.16 -38.95 -19.78
C VAL C 135 24.20 -40.32 -19.12
N TYR C 136 25.01 -40.51 -18.08
CA TYR C 136 25.05 -41.75 -17.34
C TYR C 136 24.17 -41.73 -16.10
N SER C 137 23.40 -40.66 -15.91
CA SER C 137 22.48 -40.53 -14.77
C SER C 137 23.23 -40.62 -13.44
N TRP C 138 24.39 -39.95 -13.37
CA TRP C 138 25.19 -39.92 -12.17
C TRP C 138 24.81 -38.71 -11.31
N ASN C 139 24.83 -38.90 -10.00
CA ASN C 139 24.52 -37.82 -9.07
C ASN C 139 25.21 -38.12 -7.74
N HIS C 140 25.22 -37.13 -6.87
CA HIS C 140 25.93 -37.21 -5.58
C HIS C 140 27.42 -37.46 -5.82
N ILE C 141 28.07 -36.50 -6.46
CA ILE C 141 29.45 -36.64 -6.88
C ILE C 141 30.33 -35.72 -6.04
N ILE C 142 31.60 -36.12 -5.91
CA ILE C 142 32.60 -35.36 -5.16
C ILE C 142 33.83 -35.21 -6.05
N LEU C 143 34.63 -34.20 -5.73
CA LEU C 143 35.82 -33.90 -6.53
C LEU C 143 37.01 -33.62 -5.62
N LEU C 144 38.18 -34.10 -6.04
CA LEU C 144 39.44 -33.89 -5.34
C LEU C 144 40.33 -33.05 -6.23
N VAL C 145 40.63 -31.83 -5.80
CA VAL C 145 41.37 -30.87 -6.61
C VAL C 145 42.50 -30.29 -5.79
N SER C 146 43.64 -30.05 -6.44
CA SER C 146 44.76 -29.38 -5.79
C SER C 146 44.44 -27.89 -5.59
N ASP C 147 45.28 -27.23 -4.80
CA ASP C 147 45.10 -25.83 -4.44
C ASP C 147 46.15 -24.99 -5.17
N ASP C 148 45.86 -24.60 -6.40
CA ASP C 148 46.76 -23.80 -7.20
C ASP C 148 45.94 -23.05 -8.26
N HIS C 149 46.64 -22.50 -9.26
CA HIS C 149 45.96 -21.73 -10.29
C HIS C 149 44.95 -22.59 -11.04
N GLU C 150 45.33 -23.82 -11.39
CA GLU C 150 44.37 -24.73 -12.02
C GLU C 150 43.27 -25.09 -11.04
N GLY C 151 43.61 -25.29 -9.77
CA GLY C 151 42.61 -25.73 -8.80
C GLY C 151 41.50 -24.72 -8.64
N ARG C 152 41.87 -23.44 -8.49
CA ARG C 152 40.85 -22.40 -8.44
C ARG C 152 40.06 -22.35 -9.74
N ALA C 153 40.77 -22.43 -10.88
CA ALA C 153 40.09 -22.50 -12.16
C ALA C 153 39.37 -23.83 -12.34
N ALA C 154 39.72 -24.85 -11.55
CA ALA C 154 39.04 -26.13 -11.67
C ALA C 154 37.62 -26.05 -11.13
N GLN C 155 37.46 -25.54 -9.91
CA GLN C 155 36.13 -25.42 -9.34
C GLN C 155 35.28 -24.42 -10.11
N LYS C 156 35.79 -23.20 -10.29
CA LYS C 156 34.93 -22.06 -10.59
C LYS C 156 34.05 -22.33 -11.82
N ARG C 157 34.61 -22.99 -12.83
CA ARG C 157 33.80 -23.34 -14.00
C ARG C 157 32.74 -24.36 -13.63
N LEU C 158 33.06 -25.28 -12.69
CA LEU C 158 32.21 -26.45 -12.46
C LEU C 158 30.86 -26.08 -11.87
N GLU C 159 30.84 -25.22 -10.83
CA GLU C 159 29.57 -24.99 -10.14
C GLU C 159 28.61 -24.19 -10.98
N THR C 160 29.10 -23.38 -11.92
CA THR C 160 28.21 -22.51 -12.68
C THR C 160 27.23 -23.32 -13.50
N LEU C 161 27.67 -24.49 -13.99
CA LEU C 161 26.81 -25.37 -14.77
C LEU C 161 25.93 -26.27 -13.91
N LEU C 162 26.05 -26.21 -12.59
CA LEU C 162 25.25 -27.03 -11.71
C LEU C 162 24.17 -26.26 -10.96
N GLU C 163 24.22 -24.93 -10.96
CA GLU C 163 23.29 -24.15 -10.16
C GLU C 163 21.89 -24.10 -10.79
N GLU C 164 21.80 -24.26 -12.11
CA GLU C 164 20.49 -24.24 -12.75
C GLU C 164 19.64 -25.41 -12.26
N ARG C 165 20.23 -26.59 -12.11
CA ARG C 165 19.56 -27.73 -11.53
C ARG C 165 19.83 -27.87 -10.03
N GLU C 166 20.68 -27.01 -9.47
CA GLU C 166 21.00 -27.02 -8.04
C GLU C 166 21.52 -28.37 -7.56
N SER C 167 22.15 -29.12 -8.46
CA SER C 167 22.72 -30.43 -8.13
C SER C 167 24.12 -30.23 -7.56
N LYS C 168 24.15 -29.67 -6.35
CA LYS C 168 25.41 -29.33 -5.71
C LYS C 168 26.19 -30.60 -5.36
N ALA C 169 27.51 -30.54 -5.55
CA ALA C 169 28.36 -31.67 -5.22
C ALA C 169 28.33 -31.93 -3.71
N GLU C 170 28.45 -33.21 -3.36
CA GLU C 170 28.36 -33.58 -1.95
C GLU C 170 29.48 -32.93 -1.13
N LYS C 171 30.71 -32.95 -1.64
CA LYS C 171 31.85 -32.38 -0.94
C LYS C 171 32.89 -31.95 -1.95
N VAL C 172 33.58 -30.86 -1.64
CA VAL C 172 34.52 -30.26 -2.58
C VAL C 172 35.88 -30.21 -1.88
N LEU C 173 36.17 -31.22 -1.07
CA LEU C 173 37.42 -31.21 -0.32
C LEU C 173 38.62 -31.16 -1.26
N GLN C 174 39.63 -30.40 -0.87
CA GLN C 174 40.80 -30.14 -1.70
C GLN C 174 42.08 -30.37 -0.90
N PHE C 175 43.17 -30.61 -1.63
CA PHE C 175 44.47 -30.85 -1.04
C PHE C 175 45.48 -29.85 -1.59
N ASP C 176 46.60 -29.73 -0.90
CA ASP C 176 47.67 -28.85 -1.34
C ASP C 176 48.47 -29.50 -2.45
N PRO C 177 49.03 -28.71 -3.37
CA PRO C 177 49.86 -29.29 -4.45
C PRO C 177 51.06 -30.05 -3.93
N GLY C 178 51.65 -29.63 -2.83
CA GLY C 178 52.78 -30.35 -2.27
C GLY C 178 52.36 -31.60 -1.51
N THR C 179 51.79 -32.56 -2.24
CA THR C 179 51.31 -33.78 -1.60
C THR C 179 52.47 -34.61 -1.05
N LYS C 180 52.28 -35.16 0.14
CA LYS C 180 53.29 -36.01 0.76
C LYS C 180 52.59 -36.90 1.79
N ASN C 181 52.34 -38.16 1.42
CA ASN C 181 51.74 -39.15 2.30
C ASN C 181 50.41 -38.64 2.87
N VAL C 182 49.47 -38.39 1.97
CA VAL C 182 48.14 -37.91 2.34
C VAL C 182 47.22 -39.11 2.46
N THR C 183 46.75 -39.40 3.67
CA THR C 183 45.84 -40.51 3.88
C THR C 183 44.62 -40.07 4.68
N ALA C 184 44.78 -39.05 5.53
CA ALA C 184 43.65 -38.57 6.31
C ALA C 184 42.60 -37.92 5.42
N LEU C 185 43.02 -37.16 4.42
CA LEU C 185 42.08 -36.52 3.51
C LEU C 185 41.26 -37.55 2.75
N LEU C 186 41.92 -38.61 2.26
CA LEU C 186 41.19 -39.67 1.58
C LEU C 186 40.28 -40.42 2.53
N MET C 187 40.58 -40.42 3.84
CA MET C 187 39.71 -41.08 4.80
C MET C 187 38.36 -40.39 4.89
N GLU C 188 38.35 -39.06 4.80
CA GLU C 188 37.10 -38.31 4.94
C GLU C 188 36.15 -38.59 3.78
N ALA C 189 36.68 -38.77 2.58
CA ALA C 189 35.86 -39.01 1.39
C ALA C 189 35.48 -40.48 1.24
N LYS C 190 35.52 -41.25 2.31
CA LYS C 190 35.17 -42.67 2.27
C LYS C 190 33.79 -42.97 2.84
N GLU C 191 33.39 -42.27 3.90
CA GLU C 191 32.15 -42.58 4.60
C GLU C 191 30.95 -41.80 4.09
N LEU C 192 31.12 -41.01 3.04
CA LEU C 192 30.06 -40.11 2.58
C LEU C 192 29.14 -40.75 1.55
N GLU C 193 29.36 -42.02 1.20
CA GLU C 193 28.49 -42.76 0.29
C GLU C 193 28.38 -42.07 -1.07
N ALA C 194 29.54 -41.86 -1.70
CA ALA C 194 29.59 -41.26 -3.03
C ALA C 194 29.84 -42.31 -4.11
N ARG C 195 30.93 -43.08 -3.97
CA ARG C 195 31.30 -44.14 -4.91
C ARG C 195 31.66 -43.59 -6.29
N VAL C 196 31.57 -42.27 -6.46
CA VAL C 196 32.02 -41.58 -7.67
C VAL C 196 32.94 -40.45 -7.24
N ILE C 197 34.10 -40.36 -7.88
CA ILE C 197 35.11 -39.37 -7.53
C ILE C 197 35.71 -38.81 -8.81
N ILE C 198 35.95 -37.50 -8.82
CA ILE C 198 36.53 -36.81 -9.96
C ILE C 198 37.86 -36.23 -9.49
N LEU C 199 38.96 -36.74 -10.04
CA LEU C 199 40.30 -36.28 -9.70
C LEU C 199 40.85 -35.47 -10.86
N SER C 200 41.36 -34.27 -10.56
CA SER C 200 41.87 -33.39 -11.60
C SER C 200 43.16 -32.72 -11.15
N ALA C 201 44.05 -33.48 -10.53
CA ALA C 201 45.35 -32.97 -10.12
C ALA C 201 46.33 -33.08 -11.28
N SER C 202 47.61 -32.78 -11.02
CA SER C 202 48.62 -32.91 -12.05
C SER C 202 49.08 -34.36 -12.16
N GLU C 203 49.96 -34.62 -13.13
CA GLU C 203 50.35 -35.99 -13.41
C GLU C 203 51.14 -36.60 -12.26
N ASP C 204 52.01 -35.81 -11.62
CA ASP C 204 52.77 -36.35 -10.50
C ASP C 204 51.87 -36.64 -9.31
N ASP C 205 50.87 -35.79 -9.07
CA ASP C 205 50.00 -35.96 -7.91
C ASP C 205 49.15 -37.22 -8.03
N ALA C 206 48.83 -37.64 -9.25
CA ALA C 206 48.04 -38.86 -9.42
C ALA C 206 48.78 -40.07 -8.87
N ALA C 207 50.09 -40.13 -9.08
CA ALA C 207 50.86 -41.29 -8.64
C ALA C 207 50.80 -41.45 -7.12
N THR C 208 50.89 -40.34 -6.39
CA THR C 208 50.81 -40.42 -4.93
C THR C 208 49.45 -40.91 -4.47
N VAL C 209 48.37 -40.31 -4.98
CA VAL C 209 47.03 -40.68 -4.56
C VAL C 209 46.69 -42.09 -5.04
N TYR C 210 47.13 -42.45 -6.24
CA TYR C 210 46.89 -43.80 -6.74
C TYR C 210 47.52 -44.83 -5.82
N ARG C 211 48.77 -44.61 -5.43
CA ARG C 211 49.44 -45.52 -4.50
C ARG C 211 48.84 -45.40 -3.10
N ALA C 212 48.46 -44.20 -2.69
CA ALA C 212 47.85 -44.03 -1.38
C ALA C 212 46.50 -44.75 -1.30
N ALA C 213 45.74 -44.73 -2.38
CA ALA C 213 44.47 -45.44 -2.41
C ALA C 213 44.63 -46.94 -2.65
N ALA C 214 45.83 -47.38 -3.00
CA ALA C 214 46.02 -48.80 -3.35
C ALA C 214 45.76 -49.69 -2.14
N MET C 215 46.41 -49.42 -1.01
CA MET C 215 46.21 -50.24 0.17
C MET C 215 44.94 -49.89 0.92
N LEU C 216 44.30 -48.78 0.58
CA LEU C 216 42.99 -48.46 1.15
C LEU C 216 41.87 -49.30 0.53
N ASN C 217 42.16 -50.02 -0.55
CA ASN C 217 41.19 -50.93 -1.17
C ASN C 217 39.93 -50.21 -1.61
N MET C 218 40.06 -48.93 -1.99
CA MET C 218 38.96 -48.12 -2.45
C MET C 218 38.93 -48.01 -3.97
N THR C 219 39.71 -48.82 -4.67
CA THR C 219 39.66 -48.92 -6.13
C THR C 219 39.05 -50.23 -6.59
N GLY C 220 38.20 -50.82 -5.77
CA GLY C 220 37.45 -52.00 -6.13
C GLY C 220 36.15 -51.63 -6.80
N SER C 221 35.22 -52.57 -6.81
CA SER C 221 33.92 -52.33 -7.42
C SER C 221 33.16 -51.26 -6.64
N GLY C 222 32.15 -50.70 -7.29
CA GLY C 222 31.45 -49.57 -6.72
C GLY C 222 32.33 -48.34 -6.62
N TYR C 223 33.18 -48.12 -7.61
CA TYR C 223 34.08 -46.97 -7.60
C TYR C 223 34.34 -46.56 -9.05
N VAL C 224 33.59 -45.57 -9.51
CA VAL C 224 33.79 -45.01 -10.84
C VAL C 224 34.61 -43.74 -10.71
N TRP C 225 35.63 -43.61 -11.55
CA TRP C 225 36.55 -42.48 -11.49
C TRP C 225 36.45 -41.69 -12.79
N LEU C 226 36.49 -40.37 -12.67
CA LEU C 226 36.56 -39.48 -13.83
C LEU C 226 37.92 -38.79 -13.81
N VAL C 227 38.65 -38.90 -14.90
CA VAL C 227 40.06 -38.54 -14.97
C VAL C 227 40.27 -37.61 -16.16
N GLY C 228 41.04 -36.54 -15.94
CA GLY C 228 41.36 -35.62 -17.00
C GLY C 228 42.57 -36.06 -17.83
N GLU C 229 42.81 -35.30 -18.89
CA GLU C 229 43.84 -35.69 -19.86
C GLU C 229 45.23 -35.68 -19.24
N ARG C 230 45.55 -34.65 -18.46
CA ARG C 230 46.90 -34.48 -17.95
C ARG C 230 47.32 -35.59 -16.99
N GLU C 231 46.36 -36.29 -16.39
CA GLU C 231 46.65 -37.28 -15.36
C GLU C 231 46.46 -38.71 -15.87
N ILE C 232 46.65 -38.93 -17.16
CA ILE C 232 46.62 -40.27 -17.75
C ILE C 232 48.03 -40.72 -18.12
N SER C 233 48.76 -39.89 -18.85
CA SER C 233 50.08 -40.25 -19.36
C SER C 233 51.12 -40.13 -18.25
N GLY C 234 52.39 -40.26 -18.61
CA GLY C 234 53.46 -40.14 -17.63
C GLY C 234 53.41 -41.26 -16.61
N ASN C 235 53.89 -40.95 -15.40
CA ASN C 235 53.81 -41.92 -14.32
C ASN C 235 52.37 -42.18 -13.89
N ALA C 236 51.43 -41.31 -14.27
CA ALA C 236 50.02 -41.57 -13.99
C ALA C 236 49.51 -42.79 -14.75
N LEU C 237 50.17 -43.18 -15.84
CA LEU C 237 49.79 -44.40 -16.53
C LEU C 237 50.01 -45.61 -15.64
N ARG C 238 51.13 -45.65 -14.91
CA ARG C 238 51.38 -46.72 -13.97
C ARG C 238 50.53 -46.52 -12.72
N TYR C 239 50.33 -47.62 -12.00
CA TYR C 239 49.72 -47.63 -10.67
C TYR C 239 48.28 -47.13 -10.68
N ALA C 240 47.68 -46.99 -11.83
CA ALA C 240 46.31 -46.48 -11.94
C ALA C 240 45.30 -47.59 -11.76
N PRO C 241 44.09 -47.25 -11.32
CA PRO C 241 43.01 -48.24 -11.26
C PRO C 241 42.59 -48.69 -12.65
N ASP C 242 41.97 -49.87 -12.70
CA ASP C 242 41.59 -50.46 -13.98
C ASP C 242 40.52 -49.63 -14.69
N GLY C 243 39.48 -49.23 -13.96
CA GLY C 243 38.34 -48.60 -14.58
C GLY C 243 38.49 -47.10 -14.81
N ILE C 244 39.72 -46.65 -15.02
CA ILE C 244 39.94 -45.22 -15.22
C ILE C 244 39.35 -44.80 -16.55
N LEU C 245 38.55 -43.75 -16.54
CA LEU C 245 38.01 -43.14 -17.74
C LEU C 245 38.68 -41.78 -17.94
N GLY C 246 39.31 -41.60 -19.09
CA GLY C 246 40.10 -40.40 -19.33
C GLY C 246 39.84 -39.83 -20.71
N LEU C 247 39.98 -38.50 -20.80
CA LEU C 247 39.71 -37.77 -22.03
C LEU C 247 40.97 -37.71 -22.90
N GLN C 248 40.86 -36.99 -24.00
CA GLN C 248 41.96 -36.77 -24.94
C GLN C 248 41.59 -35.61 -25.85
N LEU C 249 42.40 -35.37 -26.87
CA LEU C 249 42.06 -34.40 -27.91
C LEU C 249 42.77 -34.81 -29.19
N ILE C 250 42.00 -34.95 -30.26
CA ILE C 250 42.54 -35.52 -31.50
C ILE C 250 43.52 -34.56 -32.15
N ASN C 251 43.21 -33.27 -32.15
CA ASN C 251 44.10 -32.29 -32.77
C ASN C 251 45.36 -32.07 -31.96
N GLY C 252 45.44 -32.60 -30.74
CA GLY C 252 46.57 -32.35 -29.89
C GLY C 252 47.84 -33.05 -30.36
N LYS C 253 48.97 -32.54 -29.88
CA LYS C 253 50.32 -33.02 -30.16
C LYS C 253 50.69 -32.90 -31.63
N ASN C 254 49.89 -32.19 -32.42
CA ASN C 254 50.20 -31.90 -33.82
C ASN C 254 49.78 -30.48 -34.13
N GLU C 255 50.46 -29.87 -35.09
CA GLU C 255 50.14 -28.52 -35.50
C GLU C 255 50.20 -28.30 -37.01
N SER C 256 50.49 -29.33 -37.81
CA SER C 256 50.58 -29.14 -39.25
C SER C 256 49.26 -28.64 -39.81
N ALA C 257 48.16 -29.26 -39.40
CA ALA C 257 46.84 -28.76 -39.79
C ALA C 257 46.57 -27.41 -39.16
N HIS C 258 47.04 -27.20 -37.93
CA HIS C 258 46.90 -25.90 -37.29
C HIS C 258 47.70 -24.83 -38.03
N ILE C 259 48.84 -25.22 -38.62
CA ILE C 259 49.67 -24.27 -39.35
C ILE C 259 48.90 -23.71 -40.55
N SER C 260 48.22 -24.59 -41.29
CA SER C 260 47.42 -24.14 -42.43
C SER C 260 46.31 -23.21 -41.98
N ASP C 261 45.63 -23.55 -40.89
CA ASP C 261 44.57 -22.69 -40.37
C ASP C 261 45.11 -21.35 -39.88
N ALA C 262 46.26 -21.38 -39.19
CA ALA C 262 46.83 -20.15 -38.66
C ALA C 262 47.20 -19.18 -39.77
N VAL C 263 47.80 -19.68 -40.85
CA VAL C 263 48.20 -18.82 -41.95
C VAL C 263 46.97 -18.28 -42.67
N GLY C 264 45.96 -19.12 -42.88
CA GLY C 264 44.79 -18.69 -43.63
C GLY C 264 44.00 -17.60 -42.95
N VAL C 265 43.78 -17.74 -41.63
CA VAL C 265 42.90 -16.80 -40.94
C VAL C 265 43.50 -15.40 -40.96
N VAL C 266 44.81 -15.28 -40.75
CA VAL C 266 45.44 -13.97 -40.82
C VAL C 266 45.47 -13.45 -42.24
N ALA C 267 45.43 -14.35 -43.23
CA ALA C 267 45.32 -13.90 -44.62
C ALA C 267 43.96 -13.28 -44.89
N GLN C 268 42.91 -13.77 -44.22
CA GLN C 268 41.59 -13.16 -44.35
C GLN C 268 41.54 -11.75 -43.79
N ALA C 269 42.48 -11.40 -42.90
CA ALA C 269 42.47 -10.06 -42.31
C ALA C 269 42.70 -8.98 -43.35
N VAL C 270 43.42 -9.31 -44.43
CA VAL C 270 43.79 -8.30 -45.42
C VAL C 270 42.57 -7.72 -46.12
N HIS C 271 41.54 -8.54 -46.36
CA HIS C 271 40.37 -8.07 -47.09
C HIS C 271 39.67 -6.94 -46.33
N GLU C 272 39.65 -7.02 -45.01
CA GLU C 272 39.05 -5.98 -44.18
C GLU C 272 40.07 -4.99 -43.61
N LEU C 273 41.32 -5.05 -44.08
CA LEU C 273 42.25 -3.95 -43.82
C LEU C 273 42.00 -2.76 -44.74
N LEU C 274 41.21 -2.93 -45.81
CA LEU C 274 40.89 -1.85 -46.73
C LEU C 274 39.73 -1.05 -46.17
N GLU C 275 40.05 -0.11 -45.29
CA GLU C 275 39.07 0.75 -44.65
C GLU C 275 39.54 2.19 -44.72
N LYS C 276 38.59 3.13 -44.71
CA LYS C 276 38.93 4.54 -44.66
C LYS C 276 39.62 4.91 -43.36
N GLU C 277 39.45 4.11 -42.32
CA GLU C 277 40.16 4.33 -41.08
C GLU C 277 41.66 4.10 -41.29
N ASN C 278 42.45 4.72 -40.41
CA ASN C 278 43.90 4.65 -40.54
C ASN C 278 44.38 3.21 -40.49
N ILE C 279 45.35 2.89 -41.34
CA ILE C 279 45.91 1.55 -41.47
C ILE C 279 47.37 1.61 -41.06
N THR C 280 47.69 2.47 -40.10
CA THR C 280 49.07 2.74 -39.72
C THR C 280 49.79 1.46 -39.32
N ASP C 281 51.03 1.32 -39.80
CA ASP C 281 51.83 0.14 -39.53
C ASP C 281 52.29 0.11 -38.07
N PRO C 282 52.60 -1.07 -37.56
CA PRO C 282 53.14 -1.17 -36.20
C PRO C 282 54.49 -0.49 -36.09
N PRO C 283 54.88 -0.07 -34.89
CA PRO C 283 56.17 0.60 -34.73
C PRO C 283 57.32 -0.29 -35.14
N ARG C 284 58.36 0.35 -35.68
CA ARG C 284 59.52 -0.33 -36.21
C ARG C 284 60.71 -0.14 -35.29
N GLY C 285 61.42 -1.23 -35.01
CA GLY C 285 62.64 -1.17 -34.23
C GLY C 285 62.43 -1.15 -32.72
N CYS C 286 63.25 -1.91 -32.01
CA CYS C 286 63.20 -1.98 -30.56
C CYS C 286 64.09 -0.94 -29.90
N VAL C 287 64.79 -0.12 -30.69
CA VAL C 287 65.79 0.81 -30.15
C VAL C 287 65.13 1.80 -29.20
N GLY C 288 63.94 2.29 -29.55
CA GLY C 288 63.20 3.16 -28.66
C GLY C 288 61.89 3.63 -29.25
N ASN C 289 60.81 3.52 -28.48
CA ASN C 289 59.49 3.86 -28.99
C ASN C 289 58.60 4.25 -27.83
N THR C 290 57.75 5.26 -28.05
CA THR C 290 56.75 5.67 -27.08
C THR C 290 55.35 5.64 -27.69
N ASN C 291 55.18 4.89 -28.78
CA ASN C 291 53.94 4.89 -29.55
C ASN C 291 53.47 3.47 -29.80
N ILE C 292 52.16 3.33 -30.01
CA ILE C 292 51.54 2.06 -30.32
C ILE C 292 50.62 2.26 -31.52
N TRP C 293 50.35 1.16 -32.22
CA TRP C 293 49.57 1.18 -33.45
C TRP C 293 48.14 0.78 -33.11
N LYS C 294 47.19 1.68 -33.38
CA LYS C 294 45.86 1.64 -32.78
C LYS C 294 44.84 0.84 -33.58
N THR C 295 45.20 0.30 -34.73
CA THR C 295 44.23 -0.46 -35.51
C THR C 295 44.18 -1.94 -35.11
N GLY C 296 44.90 -2.32 -34.05
CA GLY C 296 44.90 -3.68 -33.57
C GLY C 296 43.52 -4.20 -33.21
N PRO C 297 42.93 -3.64 -32.16
CA PRO C 297 41.57 -4.06 -31.79
C PRO C 297 40.54 -3.82 -32.88
N LEU C 298 40.83 -2.95 -33.85
CA LEU C 298 39.86 -2.68 -34.91
C LEU C 298 39.57 -3.94 -35.72
N PHE C 299 40.60 -4.69 -36.10
CA PHE C 299 40.42 -5.94 -36.82
C PHE C 299 40.27 -7.13 -35.91
N LYS C 300 40.43 -6.95 -34.60
CA LYS C 300 40.30 -8.08 -33.67
C LYS C 300 38.89 -8.65 -33.70
N ARG C 301 37.88 -7.78 -33.70
CA ARG C 301 36.50 -8.24 -33.60
C ARG C 301 36.12 -9.17 -34.75
N VAL C 302 36.73 -8.98 -35.92
CA VAL C 302 36.43 -9.85 -37.05
C VAL C 302 37.17 -11.19 -36.95
N LEU C 303 38.25 -11.24 -36.15
CA LEU C 303 39.03 -12.47 -36.06
C LEU C 303 38.20 -13.62 -35.48
N MET C 304 37.41 -13.35 -34.45
CA MET C 304 36.50 -14.38 -33.94
C MET C 304 35.24 -14.52 -34.78
N SER C 305 34.97 -13.58 -35.69
CA SER C 305 33.81 -13.66 -36.57
C SER C 305 34.21 -14.26 -37.92
N SER C 306 34.68 -15.50 -37.86
CA SER C 306 35.15 -16.20 -39.04
C SER C 306 34.79 -17.67 -38.93
N LYS C 307 34.78 -18.36 -40.07
CA LYS C 307 34.42 -19.76 -40.14
C LYS C 307 35.60 -20.63 -40.54
N TYR C 308 36.24 -20.35 -41.67
CA TYR C 308 37.42 -21.08 -42.13
C TYR C 308 37.18 -22.58 -42.11
N ALA C 309 36.24 -23.01 -42.95
CA ALA C 309 35.86 -24.41 -43.02
C ALA C 309 37.08 -25.29 -43.32
N ASP C 310 36.93 -26.57 -43.01
CA ASP C 310 38.00 -27.56 -43.16
C ASP C 310 39.22 -27.21 -42.31
N GLY C 311 40.37 -27.78 -42.64
CA GLY C 311 41.56 -27.59 -41.85
C GLY C 311 41.59 -28.55 -40.67
N VAL C 312 40.80 -28.26 -39.63
CA VAL C 312 40.65 -29.15 -38.48
C VAL C 312 39.15 -29.31 -38.24
N THR C 313 38.57 -30.35 -38.85
CA THR C 313 37.19 -30.79 -38.61
C THR C 313 36.19 -29.72 -39.05
N GLY C 314 36.70 -28.57 -39.50
CA GLY C 314 35.83 -27.50 -39.98
C GLY C 314 34.92 -26.90 -38.95
N ARG C 315 35.45 -26.60 -37.76
CA ARG C 315 34.68 -25.98 -36.69
C ARG C 315 35.51 -24.89 -36.02
N VAL C 316 36.15 -24.05 -36.83
CA VAL C 316 37.05 -23.01 -36.33
C VAL C 316 36.24 -21.73 -36.12
N GLU C 317 36.07 -21.33 -34.86
CA GLU C 317 35.26 -20.15 -34.54
C GLU C 317 36.00 -19.12 -33.69
N PHE C 318 36.74 -19.56 -32.66
CA PHE C 318 37.41 -18.69 -31.70
C PHE C 318 36.44 -17.91 -30.81
N ASN C 319 36.87 -17.61 -29.59
CA ASN C 319 36.07 -16.91 -28.61
C ASN C 319 37.07 -16.21 -27.70
N GLU C 320 36.58 -15.47 -26.69
CA GLU C 320 37.48 -14.56 -25.98
C GLU C 320 38.61 -15.32 -25.31
N ASP C 321 39.82 -14.74 -25.40
CA ASP C 321 41.03 -15.28 -24.78
C ASP C 321 41.30 -16.72 -25.23
N GLY C 322 41.18 -16.95 -26.53
CA GLY C 322 41.52 -18.24 -27.10
C GLY C 322 40.69 -19.36 -26.53
N ASP C 323 39.38 -19.15 -26.41
CA ASP C 323 38.51 -20.17 -25.86
C ASP C 323 38.51 -21.43 -26.73
N ARG C 324 38.54 -21.25 -28.05
CA ARG C 324 38.52 -22.38 -28.99
C ARG C 324 37.28 -23.24 -28.76
N LYS C 325 36.14 -22.62 -29.08
CA LYS C 325 34.83 -23.14 -28.67
C LYS C 325 34.66 -24.61 -29.03
N PHE C 326 34.96 -24.97 -30.26
CA PHE C 326 34.68 -26.32 -30.77
C PHE C 326 35.97 -27.13 -30.84
N ALA C 327 35.92 -28.35 -30.29
CA ALA C 327 37.05 -29.26 -30.33
C ALA C 327 36.55 -30.66 -30.02
N ASN C 328 37.12 -31.65 -30.73
CA ASN C 328 36.78 -33.05 -30.48
C ASN C 328 37.70 -33.62 -29.40
N TYR C 329 37.13 -34.44 -28.52
CA TYR C 329 37.85 -34.96 -27.37
C TYR C 329 38.10 -36.46 -27.40
N SER C 330 37.20 -37.25 -27.98
CA SER C 330 37.44 -38.67 -28.23
C SER C 330 37.74 -39.41 -26.92
N ILE C 331 36.69 -39.54 -26.10
CA ILE C 331 36.82 -40.20 -24.80
C ILE C 331 37.44 -41.58 -24.95
N MET C 332 38.40 -41.88 -24.09
CA MET C 332 39.10 -43.15 -24.11
C MET C 332 39.09 -43.77 -22.71
N ASN C 333 39.55 -45.01 -22.64
CA ASN C 333 39.37 -45.83 -21.46
C ASN C 333 40.57 -46.76 -21.31
N LEU C 334 40.74 -47.27 -20.10
CA LEU C 334 41.78 -48.25 -19.80
C LEU C 334 41.15 -49.63 -19.70
N GLN C 335 41.68 -50.58 -20.46
CA GLN C 335 41.29 -51.98 -20.37
C GLN C 335 42.53 -52.78 -19.98
N ASN C 336 42.46 -53.48 -18.85
CA ASN C 336 43.60 -54.21 -18.32
C ASN C 336 44.82 -53.31 -18.21
N ARG C 337 45.68 -53.37 -19.21
CA ARG C 337 46.82 -52.47 -19.34
C ARG C 337 46.80 -51.68 -20.64
N LYS C 338 46.22 -52.23 -21.70
CA LYS C 338 46.18 -51.55 -22.99
C LYS C 338 44.99 -50.61 -23.04
N LEU C 339 45.26 -49.31 -23.18
CA LEU C 339 44.19 -48.33 -23.26
C LEU C 339 43.39 -48.52 -24.53
N VAL C 340 42.09 -48.23 -24.44
CA VAL C 340 41.16 -48.46 -25.53
C VAL C 340 40.39 -47.17 -25.80
N GLN C 341 39.43 -47.27 -26.72
CA GLN C 341 38.58 -46.16 -27.10
C GLN C 341 37.12 -46.57 -26.93
N VAL C 342 36.30 -45.64 -26.45
CA VAL C 342 34.88 -45.93 -26.24
C VAL C 342 34.03 -45.04 -27.14
N GLY C 343 34.49 -43.83 -27.42
CA GLY C 343 33.68 -42.95 -28.24
C GLY C 343 34.30 -41.59 -28.41
N ILE C 344 33.56 -40.73 -29.11
CA ILE C 344 33.98 -39.37 -29.43
C ILE C 344 32.98 -38.39 -28.84
N TYR C 345 33.21 -37.10 -29.05
CA TYR C 345 32.41 -36.07 -28.41
C TYR C 345 32.49 -34.78 -29.20
N ASN C 346 31.43 -34.00 -29.16
CA ASN C 346 31.42 -32.66 -29.75
C ASN C 346 30.57 -31.79 -28.82
N GLY C 347 29.96 -30.75 -29.39
CA GLY C 347 29.02 -29.93 -28.64
C GLY C 347 27.99 -30.73 -27.87
N THR C 348 27.68 -31.93 -28.35
CA THR C 348 26.87 -32.88 -27.59
C THR C 348 27.47 -34.27 -27.75
N HIS C 349 27.42 -35.04 -26.68
CA HIS C 349 28.19 -36.27 -26.61
C HIS C 349 27.67 -37.33 -27.58
N VAL C 350 28.58 -38.19 -28.02
CA VAL C 350 28.28 -39.36 -28.84
C VAL C 350 28.88 -40.57 -28.15
N ILE C 351 28.11 -41.65 -28.05
CA ILE C 351 28.58 -42.84 -27.34
C ILE C 351 28.46 -44.04 -28.26
N PRO C 352 29.35 -44.19 -29.25
CA PRO C 352 29.26 -45.35 -30.14
C PRO C 352 29.52 -46.67 -29.44
N ASN C 353 30.23 -46.68 -28.31
CA ASN C 353 30.60 -47.92 -27.62
C ASN C 353 31.32 -48.86 -28.59
N ASP C 354 32.50 -48.40 -29.00
CA ASP C 354 33.30 -49.12 -30.00
C ASP C 354 33.39 -50.61 -29.68
N ARG C 355 34.02 -50.95 -28.56
CA ARG C 355 34.19 -52.35 -28.20
C ARG C 355 33.45 -52.72 -26.92
N LYS C 356 33.69 -52.02 -25.81
CA LYS C 356 33.13 -52.40 -24.51
C LYS C 356 33.61 -51.37 -23.50
N ILE C 357 33.15 -51.52 -22.27
CA ILE C 357 33.61 -50.70 -21.15
C ILE C 357 33.85 -51.62 -19.95
N ILE C 358 34.89 -51.33 -19.19
CA ILE C 358 35.21 -52.10 -17.99
C ILE C 358 35.25 -51.16 -16.79
N TRP C 359 35.08 -51.76 -15.61
CA TRP C 359 35.04 -51.05 -14.35
C TRP C 359 35.85 -51.83 -13.33
N PRO C 360 36.31 -51.19 -12.25
CA PRO C 360 37.13 -51.89 -11.28
C PRO C 360 36.42 -53.12 -10.73
N GLY C 361 37.18 -54.22 -10.63
CA GLY C 361 36.62 -55.50 -10.29
C GLY C 361 36.13 -56.31 -11.47
N GLY C 362 36.10 -55.74 -12.66
CA GLY C 362 35.71 -56.46 -13.86
C GLY C 362 34.23 -56.74 -14.00
N GLU C 363 33.38 -56.03 -13.27
CA GLU C 363 31.94 -56.25 -13.39
C GLU C 363 31.45 -55.75 -14.73
N THR C 364 30.67 -56.58 -15.42
CA THR C 364 30.11 -56.20 -16.71
C THR C 364 28.77 -55.49 -16.53
N GLU C 365 28.76 -54.47 -15.69
CA GLU C 365 27.56 -53.70 -15.41
C GLU C 365 27.99 -52.37 -14.82
N LYS C 366 27.23 -51.33 -15.11
CA LYS C 366 27.57 -50.00 -14.60
C LYS C 366 27.40 -49.99 -13.09
N PRO C 367 28.47 -49.76 -12.31
CA PRO C 367 28.32 -49.78 -10.86
C PRO C 367 27.63 -48.51 -10.39
N ARG C 368 26.36 -48.61 -9.98
CA ARG C 368 25.62 -47.44 -9.57
C ARG C 368 26.28 -46.83 -8.34
N GLY C 369 26.77 -45.60 -8.49
CA GLY C 369 27.48 -44.98 -7.39
C GLY C 369 26.53 -44.30 -6.43
N TYR C 370 26.20 -45.01 -5.35
CA TYR C 370 25.34 -44.52 -4.29
C TYR C 370 25.28 -45.61 -3.21
N GLN C 371 24.94 -45.19 -2.00
CA GLN C 371 24.71 -46.15 -0.92
C GLN C 371 23.83 -45.48 0.12
N MET C 372 22.67 -46.10 0.40
CA MET C 372 21.75 -45.53 1.37
C MET C 372 22.40 -45.54 2.75
N SER C 373 22.27 -44.42 3.46
CA SER C 373 22.90 -44.24 4.76
C SER C 373 21.92 -44.66 5.83
N THR C 374 22.03 -45.90 6.31
CA THR C 374 21.17 -46.37 7.38
C THR C 374 21.78 -46.09 8.74
N ARG C 375 22.23 -44.86 8.92
CA ARG C 375 22.80 -44.38 10.17
C ARG C 375 22.92 -42.87 10.08
N LEU C 376 22.28 -42.14 10.99
CA LEU C 376 22.33 -40.69 10.87
C LEU C 376 22.07 -40.06 12.23
N LYS C 377 22.64 -38.87 12.41
CA LYS C 377 22.62 -38.16 13.68
C LYS C 377 21.43 -37.21 13.76
N ILE C 378 21.16 -36.75 14.98
CA ILE C 378 20.09 -35.81 15.23
C ILE C 378 20.59 -34.76 16.22
N VAL C 379 20.29 -33.50 15.95
CA VAL C 379 20.60 -32.42 16.87
C VAL C 379 19.35 -32.07 17.68
N THR C 380 19.56 -31.40 18.81
CA THR C 380 18.46 -31.06 19.71
C THR C 380 18.92 -29.96 20.65
N ILE C 381 17.98 -29.12 21.10
CA ILE C 381 18.26 -28.07 22.06
C ILE C 381 17.37 -28.26 23.28
N HIS C 382 17.80 -27.70 24.40
CA HIS C 382 17.11 -27.86 25.67
C HIS C 382 15.95 -26.87 25.76
N GLN C 383 14.74 -27.36 25.53
CA GLN C 383 13.53 -26.54 25.60
C GLN C 383 12.55 -27.26 26.50
N GLU C 384 12.02 -26.56 27.50
CA GLU C 384 11.43 -27.23 28.66
C GLU C 384 10.26 -28.14 28.31
N PRO C 385 9.15 -27.65 27.73
CA PRO C 385 7.99 -28.52 27.56
C PRO C 385 8.16 -29.60 26.50
N PHE C 386 9.18 -29.50 25.66
CA PHE C 386 9.37 -30.41 24.53
C PHE C 386 10.50 -31.41 24.76
N VAL C 387 11.70 -30.94 25.05
CA VAL C 387 12.87 -31.80 25.21
C VAL C 387 13.54 -31.44 26.52
N TYR C 388 13.32 -32.26 27.55
CA TYR C 388 14.02 -32.06 28.80
C TYR C 388 15.48 -32.46 28.66
N VAL C 389 16.29 -32.08 29.65
CA VAL C 389 17.65 -32.59 29.79
C VAL C 389 17.90 -32.80 31.28
N LYS C 390 18.32 -34.00 31.66
CA LYS C 390 18.57 -34.31 33.05
C LYS C 390 19.89 -35.06 33.18
N PRO C 391 20.60 -34.87 34.28
CA PRO C 391 21.85 -35.60 34.50
C PRO C 391 21.58 -37.08 34.76
N THR C 392 22.57 -37.90 34.41
CA THR C 392 22.42 -39.35 34.50
C THR C 392 22.58 -39.80 35.94
N LEU C 393 22.75 -41.11 36.14
CA LEU C 393 22.81 -41.71 37.47
C LEU C 393 24.06 -42.58 37.58
N SER C 394 25.19 -41.95 37.94
CA SER C 394 26.41 -42.68 38.29
C SER C 394 26.85 -43.64 37.19
N ASP C 395 26.16 -44.77 37.08
CA ASP C 395 26.51 -45.76 36.07
C ASP C 395 26.36 -45.21 34.66
N GLY C 396 25.28 -44.50 34.39
CA GLY C 396 25.05 -43.96 33.06
C GLY C 396 23.92 -44.64 32.33
N THR C 397 22.87 -45.02 33.06
CA THR C 397 21.75 -45.74 32.47
C THR C 397 20.41 -45.08 32.80
N CYS C 398 20.41 -43.80 33.14
CA CYS C 398 19.20 -43.05 33.50
C CYS C 398 18.50 -43.67 34.72
N LYS C 399 17.24 -43.30 34.94
CA LYS C 399 16.56 -43.63 36.18
C LYS C 399 15.20 -44.30 35.98
N GLU C 400 14.71 -44.40 34.75
CA GLU C 400 13.45 -45.06 34.38
C GLU C 400 12.30 -44.68 35.32
N GLU C 401 11.94 -43.41 35.24
CA GLU C 401 10.79 -42.89 35.96
C GLU C 401 9.50 -43.49 35.43
N PHE C 402 8.48 -43.53 36.28
CA PHE C 402 7.17 -44.08 35.94
C PHE C 402 6.12 -42.98 36.00
N THR C 403 5.23 -42.96 35.01
CA THR C 403 4.17 -41.95 34.94
C THR C 403 2.91 -42.47 35.65
N VAL C 404 1.78 -41.79 35.42
CA VAL C 404 0.59 -42.03 36.20
C VAL C 404 0.03 -43.45 35.98
N ASN C 405 0.00 -43.90 34.74
CA ASN C 405 -0.63 -45.18 34.42
C ASN C 405 0.31 -46.37 34.58
N GLY C 406 1.57 -46.13 34.93
CA GLY C 406 2.56 -47.17 35.05
C GLY C 406 3.44 -47.36 33.84
N ASP C 407 3.08 -46.77 32.70
CA ASP C 407 3.88 -46.91 31.50
C ASP C 407 5.23 -46.20 31.70
N PRO C 408 6.27 -46.70 31.06
CA PRO C 408 7.60 -46.09 31.25
C PRO C 408 7.87 -44.98 30.24
N VAL C 409 8.38 -43.84 30.71
CA VAL C 409 8.83 -42.80 29.81
C VAL C 409 10.07 -43.27 29.09
N LYS C 410 10.09 -43.13 27.78
CA LYS C 410 11.18 -43.67 26.97
C LYS C 410 12.35 -42.71 27.02
N LYS C 411 13.43 -43.12 27.67
CA LYS C 411 14.63 -42.30 27.80
C LYS C 411 15.71 -42.84 26.86
N VAL C 412 16.46 -41.92 26.24
CA VAL C 412 17.49 -42.28 25.29
C VAL C 412 18.77 -41.55 25.66
N ILE C 413 19.92 -42.22 25.49
CA ILE C 413 21.20 -41.62 25.81
C ILE C 413 21.42 -40.37 24.97
N CYS C 414 21.93 -39.32 25.62
CA CYS C 414 21.93 -37.97 25.07
C CYS C 414 23.27 -37.33 25.39
N THR C 415 24.23 -37.47 24.49
CA THR C 415 25.55 -36.92 24.72
C THR C 415 25.60 -35.45 24.30
N GLY C 416 26.58 -34.73 24.82
CA GLY C 416 26.73 -33.34 24.49
C GLY C 416 27.40 -32.52 25.58
N PRO C 417 27.44 -31.20 25.39
CA PRO C 417 28.15 -30.34 26.35
C PRO C 417 27.46 -30.31 27.70
N ASN C 418 28.27 -30.10 28.73
CA ASN C 418 27.80 -30.06 30.11
C ASN C 418 28.20 -28.75 30.73
N ASP C 419 27.23 -28.07 31.36
CA ASP C 419 27.47 -26.80 32.05
C ASP C 419 28.07 -25.77 31.10
N THR C 420 27.25 -25.38 30.12
CA THR C 420 27.70 -24.52 29.03
C THR C 420 28.49 -23.33 29.54
N SER C 421 27.85 -22.47 30.33
CA SER C 421 28.48 -21.30 30.93
C SER C 421 29.26 -20.52 29.88
N PRO C 422 28.57 -19.83 28.96
CA PRO C 422 29.27 -19.25 27.80
C PRO C 422 30.43 -18.37 28.22
N GLY C 423 31.56 -18.54 27.53
CA GLY C 423 32.81 -17.94 27.92
C GLY C 423 33.76 -18.87 28.64
N SER C 424 33.41 -20.14 28.79
CA SER C 424 34.23 -21.11 29.47
C SER C 424 34.38 -22.37 28.61
N PRO C 425 35.53 -23.02 28.68
CA PRO C 425 35.69 -24.29 27.95
C PRO C 425 34.76 -25.36 28.51
N ARG C 426 34.32 -26.25 27.62
CA ARG C 426 33.44 -27.35 27.98
C ARG C 426 33.96 -28.63 27.35
N HIS C 427 33.26 -29.73 27.63
CA HIS C 427 33.62 -31.03 27.09
C HIS C 427 32.35 -31.84 26.91
N THR C 428 32.51 -33.14 26.67
CA THR C 428 31.40 -34.02 26.35
C THR C 428 31.09 -34.92 27.55
N VAL C 429 29.87 -34.80 28.06
CA VAL C 429 29.41 -35.62 29.18
C VAL C 429 28.03 -36.17 28.83
N PRO C 430 27.81 -37.48 28.95
CA PRO C 430 26.49 -38.03 28.63
C PRO C 430 25.41 -37.55 29.58
N GLN C 431 24.20 -37.41 29.06
CA GLN C 431 23.04 -37.05 29.85
C GLN C 431 21.87 -37.96 29.45
N CYS C 432 20.68 -37.62 29.96
CA CYS C 432 19.46 -38.36 29.68
C CYS C 432 18.42 -37.40 29.14
N CYS C 433 17.93 -37.65 27.93
CA CYS C 433 16.97 -36.80 27.25
C CYS C 433 15.64 -37.53 27.10
N TYR C 434 14.54 -36.81 27.31
CA TYR C 434 13.21 -37.37 27.20
C TYR C 434 12.20 -36.24 27.13
N GLY C 435 11.01 -36.55 26.62
CA GLY C 435 9.97 -35.55 26.53
C GLY C 435 8.90 -35.79 25.49
N PHE C 436 8.68 -34.80 24.63
CA PHE C 436 7.69 -34.89 23.56
C PHE C 436 8.32 -35.11 22.19
N CYS C 437 9.27 -34.26 21.81
CA CYS C 437 9.88 -34.40 20.48
C CYS C 437 10.59 -35.75 20.34
N ILE C 438 11.32 -36.16 21.37
CA ILE C 438 12.01 -37.45 21.31
C ILE C 438 11.03 -38.59 21.19
N ASP C 439 9.89 -38.50 21.88
CA ASP C 439 8.88 -39.55 21.76
C ASP C 439 8.37 -39.67 20.34
N LEU C 440 8.40 -38.58 19.56
CA LEU C 440 8.07 -38.69 18.15
C LEU C 440 9.17 -39.40 17.37
N LEU C 441 10.43 -39.16 17.74
CA LEU C 441 11.54 -39.71 16.99
C LEU C 441 11.55 -41.23 17.00
N ILE C 442 11.14 -41.84 18.11
CA ILE C 442 11.09 -43.29 18.18
C ILE C 442 10.09 -43.84 17.17
N LYS C 443 8.93 -43.19 17.06
CA LYS C 443 7.91 -43.67 16.11
C LYS C 443 8.42 -43.66 14.69
N LEU C 444 9.12 -42.61 14.28
CA LEU C 444 9.68 -42.57 12.94
C LEU C 444 10.72 -43.67 12.72
N ALA C 445 11.59 -43.89 13.71
CA ALA C 445 12.68 -44.83 13.53
C ALA C 445 12.17 -46.24 13.31
N ARG C 446 11.13 -46.64 14.05
CA ARG C 446 10.57 -47.97 13.89
C ARG C 446 9.95 -48.14 12.51
N THR C 447 9.26 -47.11 12.02
CA THR C 447 8.50 -47.26 10.78
C THR C 447 9.42 -47.46 9.58
N MET C 448 10.63 -46.92 9.62
CA MET C 448 11.45 -46.85 8.43
C MET C 448 12.80 -47.53 8.55
N ASN C 449 13.14 -48.13 9.70
CA ASN C 449 14.47 -48.72 9.89
C ASN C 449 15.59 -47.70 9.65
N PHE C 450 15.72 -46.77 10.58
CA PHE C 450 16.95 -46.02 10.68
C PHE C 450 17.33 -45.90 12.15
N THR C 451 18.60 -46.16 12.44
CA THR C 451 19.15 -46.04 13.78
C THR C 451 19.82 -44.67 13.93
N TYR C 452 20.30 -44.38 15.14
CA TYR C 452 20.57 -42.98 15.46
C TYR C 452 21.45 -42.87 16.70
N GLU C 453 21.98 -41.67 16.92
CA GLU C 453 22.57 -41.28 18.20
C GLU C 453 22.48 -39.76 18.31
N VAL C 454 21.84 -39.26 19.35
CA VAL C 454 21.58 -37.84 19.45
C VAL C 454 22.75 -37.16 20.12
N HIS C 455 22.86 -35.84 19.88
CA HIS C 455 23.82 -35.02 20.62
C HIS C 455 23.43 -33.56 20.51
N LEU C 456 23.44 -32.86 21.64
CA LEU C 456 22.91 -31.52 21.73
C LEU C 456 23.81 -30.54 20.96
N VAL C 457 23.39 -29.27 20.95
CA VAL C 457 24.02 -28.25 20.12
C VAL C 457 25.22 -27.68 20.86
N ALA C 458 26.28 -27.36 20.11
CA ALA C 458 27.52 -26.89 20.72
C ALA C 458 27.30 -25.61 21.50
N ASP C 459 26.58 -24.65 20.92
CA ASP C 459 26.20 -23.43 21.60
C ASP C 459 24.70 -23.19 21.43
N GLY C 460 24.04 -22.82 22.51
CA GLY C 460 22.59 -22.91 22.59
C GLY C 460 21.81 -21.88 21.81
N LYS C 461 22.00 -21.83 20.49
CA LYS C 461 21.30 -20.87 19.66
C LYS C 461 20.68 -21.57 18.46
N PHE C 462 19.47 -21.14 18.11
CA PHE C 462 18.75 -21.81 17.03
C PHE C 462 19.46 -21.62 15.70
N GLY C 463 19.77 -20.38 15.34
CA GLY C 463 20.54 -20.15 14.13
C GLY C 463 20.06 -19.00 13.26
N THR C 464 20.99 -18.13 12.88
CA THR C 464 20.70 -16.99 12.01
C THR C 464 21.93 -16.75 11.14
N GLN C 465 21.94 -15.63 10.43
CA GLN C 465 23.07 -15.21 9.61
C GLN C 465 23.78 -14.04 10.26
N GLU C 466 25.10 -14.14 10.39
CA GLU C 466 25.90 -13.10 11.01
C GLU C 466 27.20 -12.91 10.25
N ARG C 467 27.66 -11.67 10.17
CA ARG C 467 28.91 -11.36 9.50
C ARG C 467 29.34 -9.95 9.87
N VAL C 468 30.57 -9.80 10.36
CA VAL C 468 31.08 -8.49 10.75
C VAL C 468 32.41 -8.21 10.05
N ASN C 469 33.15 -9.27 9.69
CA ASN C 469 34.43 -9.11 9.03
C ASN C 469 34.63 -10.14 7.93
N ASN C 470 33.55 -10.62 7.34
CA ASN C 470 33.61 -11.67 6.32
C ASN C 470 32.38 -11.55 5.42
N SER C 471 32.15 -12.57 4.61
CA SER C 471 31.01 -12.55 3.70
C SER C 471 29.71 -12.57 4.50
N ASN C 472 28.74 -11.78 4.04
CA ASN C 472 27.47 -11.67 4.76
C ASN C 472 26.75 -13.01 4.82
N LYS C 473 26.70 -13.72 3.71
CA LYS C 473 26.08 -15.03 3.66
C LYS C 473 27.12 -16.09 4.02
N LYS C 474 26.74 -17.36 3.91
CA LYS C 474 27.62 -18.50 4.19
C LYS C 474 28.13 -18.50 5.62
N GLU C 475 27.38 -17.86 6.53
CA GLU C 475 27.71 -17.82 7.95
C GLU C 475 26.48 -18.24 8.74
N TRP C 476 26.30 -19.54 8.90
CA TRP C 476 25.16 -20.10 9.63
C TRP C 476 25.70 -20.70 10.92
N ASN C 477 25.22 -20.21 12.06
CA ASN C 477 25.60 -20.76 13.34
C ASN C 477 24.43 -21.53 13.94
N GLY C 478 24.69 -22.22 15.05
CA GLY C 478 23.65 -23.00 15.68
C GLY C 478 23.26 -24.21 14.85
N MET C 479 22.05 -24.72 15.13
CA MET C 479 21.56 -25.91 14.43
C MET C 479 21.62 -25.73 12.94
N MET C 480 21.33 -24.52 12.46
CA MET C 480 21.43 -24.25 11.03
C MET C 480 22.86 -24.37 10.53
N GLY C 481 23.85 -24.38 11.42
CA GLY C 481 25.22 -24.53 10.99
C GLY C 481 25.62 -25.98 10.80
N GLU C 482 25.42 -26.80 11.84
CA GLU C 482 25.86 -28.18 11.79
C GLU C 482 25.12 -28.97 10.71
N LEU C 483 23.83 -28.70 10.53
CA LEU C 483 23.09 -29.39 9.50
C LEU C 483 23.66 -29.08 8.12
N LEU C 484 24.03 -27.82 7.88
CA LEU C 484 24.62 -27.46 6.60
C LEU C 484 26.07 -27.94 6.49
N SER C 485 26.82 -27.90 7.59
CA SER C 485 28.24 -28.23 7.51
C SER C 485 28.46 -29.70 7.17
N GLY C 486 27.79 -30.60 7.89
CA GLY C 486 27.98 -32.01 7.65
C GLY C 486 27.96 -32.86 8.91
N GLN C 487 27.91 -32.22 10.07
CA GLN C 487 27.86 -32.96 11.32
C GLN C 487 26.50 -33.59 11.56
N ALA C 488 25.44 -33.07 10.97
CA ALA C 488 24.09 -33.51 11.27
C ALA C 488 23.33 -33.83 9.98
N ASP C 489 22.33 -34.69 10.11
CA ASP C 489 21.50 -35.09 8.99
C ASP C 489 20.02 -34.85 9.20
N MET C 490 19.61 -34.41 10.38
CA MET C 490 18.19 -34.18 10.64
C MET C 490 18.06 -33.41 11.93
N ILE C 491 17.17 -32.42 11.93
CA ILE C 491 16.94 -31.56 13.08
C ILE C 491 15.58 -31.91 13.66
N VAL C 492 15.56 -32.33 14.92
CA VAL C 492 14.34 -32.75 15.60
C VAL C 492 14.24 -31.91 16.86
N ALA C 493 13.56 -30.78 16.75
CA ALA C 493 13.42 -29.84 17.85
C ALA C 493 12.49 -28.74 17.39
N PRO C 494 11.94 -27.98 18.31
CA PRO C 494 11.09 -26.85 17.91
C PRO C 494 11.83 -25.90 16.97
N LEU C 495 11.37 -25.84 15.73
CA LEU C 495 12.03 -25.04 14.69
C LEU C 495 10.95 -24.34 13.89
N THR C 496 10.87 -23.02 13.98
CA THR C 496 9.89 -22.30 13.20
C THR C 496 10.25 -22.34 11.73
N ILE C 497 9.37 -21.80 10.91
CA ILE C 497 9.56 -21.75 9.47
C ILE C 497 9.51 -20.30 9.03
N ASN C 498 10.48 -19.87 8.24
CA ASN C 498 10.47 -18.54 7.69
C ASN C 498 11.21 -18.55 6.35
N ASN C 499 11.08 -17.45 5.61
CA ASN C 499 11.56 -17.42 4.24
C ASN C 499 13.07 -17.59 4.14
N GLU C 500 13.81 -16.95 5.06
CA GLU C 500 15.26 -17.02 4.98
C GLU C 500 15.78 -18.45 5.15
N ARG C 501 15.23 -19.18 6.10
CA ARG C 501 15.71 -20.54 6.33
C ARG C 501 15.23 -21.52 5.28
N ALA C 502 14.15 -21.22 4.58
CA ALA C 502 13.63 -22.15 3.58
C ALA C 502 14.41 -22.10 2.28
N GLN C 503 15.38 -21.18 2.15
CA GLN C 503 16.20 -21.13 0.95
C GLN C 503 17.12 -22.33 0.84
N TYR C 504 17.60 -22.84 1.97
CA TYR C 504 18.71 -23.78 1.99
C TYR C 504 18.36 -25.18 2.42
N ILE C 505 17.22 -25.40 3.06
CA ILE C 505 16.81 -26.73 3.50
C ILE C 505 15.30 -26.89 3.30
N GLU C 506 14.83 -28.12 3.50
CA GLU C 506 13.41 -28.45 3.45
C GLU C 506 12.88 -28.67 4.85
N PHE C 507 11.55 -28.55 4.98
CA PHE C 507 10.91 -28.60 6.29
C PHE C 507 9.80 -29.63 6.44
N SER C 508 9.47 -30.39 5.41
CA SER C 508 8.40 -31.39 5.51
C SER C 508 7.14 -30.64 5.92
N LYS C 509 6.38 -31.13 6.89
CA LYS C 509 5.11 -30.53 7.26
C LYS C 509 4.98 -30.55 8.77
N PRO C 510 4.22 -29.63 9.34
CA PRO C 510 4.38 -29.33 10.78
C PRO C 510 3.94 -30.45 11.71
N PHE C 511 4.52 -30.44 12.92
CA PHE C 511 3.91 -31.12 14.05
C PHE C 511 2.56 -30.49 14.35
N LYS C 512 2.60 -29.26 14.83
CA LYS C 512 1.46 -28.55 15.38
C LYS C 512 1.60 -27.08 15.06
N TYR C 513 0.48 -26.38 15.08
CA TYR C 513 0.43 -25.00 14.64
C TYR C 513 0.35 -24.07 15.84
N GLN C 514 1.18 -23.03 15.84
CA GLN C 514 1.18 -22.07 16.92
C GLN C 514 1.90 -20.81 16.47
N GLY C 515 1.52 -19.69 17.07
CA GLY C 515 2.15 -18.43 16.76
C GLY C 515 3.11 -18.01 17.85
N LEU C 516 2.90 -16.83 18.43
CA LEU C 516 3.78 -16.33 19.48
C LEU C 516 3.11 -15.13 20.15
N THR C 517 3.23 -15.06 21.48
CA THR C 517 2.56 -14.02 22.26
C THR C 517 3.49 -13.40 23.30
N ILE C 518 2.91 -12.64 24.22
CA ILE C 518 3.64 -11.95 25.28
C ILE C 518 3.08 -12.37 26.62
N LEU C 519 3.94 -12.52 27.61
CA LEU C 519 3.52 -12.82 28.97
C LEU C 519 4.05 -11.76 29.93
N VAL C 520 3.21 -11.38 30.90
CA VAL C 520 3.60 -10.45 31.95
C VAL C 520 3.10 -10.99 33.28
N LYS C 521 3.66 -10.46 34.36
CA LYS C 521 3.32 -10.91 35.69
C LYS C 521 1.85 -10.63 36.01
N LYS C 522 1.28 -11.45 36.87
CA LYS C 522 -0.10 -11.27 37.28
C LYS C 522 -0.23 -10.14 38.30
N GLU C 523 -1.45 -9.66 38.49
CA GLU C 523 -1.75 -8.60 39.44
C GLU C 523 -2.68 -9.07 40.56
N ILE C 524 -2.86 -10.38 40.69
CA ILE C 524 -3.78 -10.96 41.67
C ILE C 524 -3.38 -10.63 43.11
N PRO C 525 -2.12 -10.28 43.43
CA PRO C 525 -1.90 -9.66 44.75
C PRO C 525 -2.74 -8.42 44.97
N ARG C 526 -2.95 -7.62 43.93
CA ARG C 526 -3.81 -6.44 44.02
C ARG C 526 -5.26 -6.79 43.65
N SER C 527 -5.78 -7.84 44.26
CA SER C 527 -7.14 -8.26 44.05
C SER C 527 -8.09 -7.51 44.97
N THR C 528 -9.38 -7.57 44.63
CA THR C 528 -10.42 -6.87 45.40
C THR C 528 -10.69 -7.65 46.67
N LEU C 529 -10.18 -7.16 47.80
CA LEU C 529 -10.38 -7.81 49.09
C LEU C 529 -11.71 -7.38 49.70
N ASP C 530 -11.97 -7.84 50.93
CA ASP C 530 -13.21 -7.55 51.61
C ASP C 530 -12.98 -7.43 53.11
N SER C 531 -13.86 -6.69 53.76
CA SER C 531 -13.86 -6.57 55.22
C SER C 531 -15.22 -6.07 55.67
N PHE C 532 -15.48 -6.18 56.97
CA PHE C 532 -16.79 -5.82 57.52
C PHE C 532 -17.11 -4.35 57.34
N MET C 533 -16.15 -3.48 57.63
CA MET C 533 -16.41 -2.04 57.63
C MET C 533 -16.47 -1.44 56.24
N GLN C 534 -16.13 -2.20 55.21
CA GLN C 534 -15.86 -1.62 53.90
C GLN C 534 -16.97 -0.74 53.36
N PRO C 535 -18.24 -1.17 53.34
CA PRO C 535 -19.28 -0.29 52.80
C PRO C 535 -19.54 0.87 53.76
N PHE C 536 -20.41 1.76 53.32
CA PHE C 536 -20.79 2.94 54.10
C PHE C 536 -19.52 3.75 54.38
N GLN C 537 -19.48 4.43 55.52
CA GLN C 537 -18.33 5.23 55.90
C GLN C 537 -18.49 5.58 57.37
N SER C 538 -17.36 5.85 58.02
CA SER C 538 -17.36 6.02 59.47
C SER C 538 -18.29 7.15 59.90
N THR C 539 -18.35 8.23 59.11
CA THR C 539 -19.18 9.37 59.48
C THR C 539 -20.66 9.00 59.49
N LEU C 540 -21.11 8.22 58.51
CA LEU C 540 -22.53 7.89 58.42
C LEU C 540 -22.99 7.12 59.65
N TRP C 541 -22.21 6.13 60.09
CA TRP C 541 -22.63 5.33 61.23
C TRP C 541 -22.76 6.20 62.47
N LEU C 542 -21.79 7.10 62.70
CA LEU C 542 -21.88 8.00 63.85
C LEU C 542 -23.01 9.01 63.66
N LEU C 543 -23.24 9.46 62.43
CA LEU C 543 -24.41 10.28 62.17
C LEU C 543 -25.69 9.52 62.43
N VAL C 544 -25.75 8.25 62.00
CA VAL C 544 -26.90 7.42 62.31
C VAL C 544 -26.98 7.17 63.81
N GLY C 545 -25.85 6.84 64.45
CA GLY C 545 -25.86 6.58 65.87
C GLY C 545 -26.40 7.76 66.67
N LEU C 546 -26.02 8.97 66.28
CA LEU C 546 -26.62 10.15 66.88
C LEU C 546 -28.07 10.33 66.46
N SER C 547 -28.46 9.79 65.31
CA SER C 547 -29.80 10.04 64.80
C SER C 547 -30.85 9.28 65.61
N VAL C 548 -30.58 8.02 65.96
CA VAL C 548 -31.60 7.20 66.62
C VAL C 548 -32.00 7.83 67.95
N HIS C 549 -31.02 8.27 68.73
CA HIS C 549 -31.32 8.87 70.02
C HIS C 549 -32.11 10.15 69.86
N VAL C 550 -31.73 11.00 68.90
CA VAL C 550 -32.42 12.27 68.75
C VAL C 550 -33.78 12.08 68.11
N VAL C 551 -33.97 11.03 67.32
CA VAL C 551 -35.29 10.84 66.73
C VAL C 551 -36.22 10.14 67.70
N ALA C 552 -35.68 9.40 68.66
CA ALA C 552 -36.54 8.71 69.61
C ALA C 552 -37.07 9.64 70.67
N VAL C 553 -36.27 10.61 71.11
CA VAL C 553 -36.66 11.45 72.25
C VAL C 553 -37.89 12.27 71.92
N MET C 554 -37.95 12.84 70.72
CA MET C 554 -39.04 13.75 70.40
C MET C 554 -40.39 13.04 70.34
N LEU C 555 -40.42 11.71 70.30
CA LEU C 555 -41.70 11.02 70.46
C LEU C 555 -42.26 11.26 71.85
N TYR C 556 -41.41 11.12 72.88
CA TYR C 556 -41.87 11.35 74.24
C TYR C 556 -42.35 12.79 74.43
N LEU C 557 -41.57 13.75 73.94
CA LEU C 557 -41.99 15.14 74.03
C LEU C 557 -43.27 15.39 73.26
N LEU C 558 -43.60 14.53 72.30
CA LEU C 558 -44.80 14.76 71.49
C LEU C 558 -46.05 14.22 72.18
N ASP C 559 -46.01 12.96 72.63
CA ASP C 559 -47.21 12.38 73.24
C ASP C 559 -47.44 12.85 74.66
N ARG C 560 -46.37 13.07 75.43
CA ARG C 560 -46.55 13.43 76.84
C ARG C 560 -47.35 14.72 76.98
N PHE C 561 -47.01 15.73 76.20
CA PHE C 561 -47.72 17.01 76.23
C PHE C 561 -48.77 17.05 75.12
N SER C 562 -49.72 16.13 75.22
CA SER C 562 -50.75 16.02 74.21
C SER C 562 -51.98 15.35 74.82
N PRO C 563 -53.19 15.84 74.53
CA PRO C 563 -54.42 15.26 75.06
C PRO C 563 -54.74 13.91 74.44
N ALA C 578 -49.98 6.84 76.55
CA ALA C 578 -49.25 6.00 77.48
C ALA C 578 -47.92 5.53 76.88
N LEU C 579 -46.83 6.18 77.30
CA LEU C 579 -45.51 5.85 76.81
C LEU C 579 -44.48 6.14 77.89
N THR C 580 -43.30 5.55 77.73
CA THR C 580 -42.19 5.79 78.64
C THR C 580 -40.90 5.92 77.84
N LEU C 581 -39.88 6.49 78.47
CA LEU C 581 -38.63 6.74 77.77
C LEU C 581 -37.99 5.45 77.28
N SER C 582 -38.00 4.40 78.12
CA SER C 582 -37.39 3.15 77.70
C SER C 582 -38.05 2.61 76.45
N SER C 583 -39.38 2.71 76.38
CA SER C 583 -40.06 2.33 75.14
C SER C 583 -39.56 3.17 73.98
N ALA C 584 -39.49 4.48 74.17
CA ALA C 584 -38.96 5.34 73.12
C ALA C 584 -37.53 4.99 72.77
N MET C 585 -36.72 4.71 73.78
CA MET C 585 -35.39 4.19 73.50
C MET C 585 -35.48 2.85 72.79
N TRP C 586 -36.40 1.99 73.23
CA TRP C 586 -36.49 0.67 72.60
C TRP C 586 -37.12 0.74 71.23
N PHE C 587 -38.22 1.49 71.08
CA PHE C 587 -38.97 1.45 69.83
C PHE C 587 -38.11 1.90 68.66
N SER C 588 -37.40 3.02 68.82
CA SER C 588 -36.55 3.47 67.73
C SER C 588 -35.47 2.46 67.43
N TRP C 589 -34.73 2.04 68.45
CA TRP C 589 -33.68 1.06 68.22
C TRP C 589 -34.25 -0.26 67.69
N GLY C 590 -35.55 -0.49 67.86
CA GLY C 590 -36.12 -1.73 67.37
C GLY C 590 -36.21 -1.77 65.86
N VAL C 591 -36.86 -0.77 65.27
CA VAL C 591 -37.20 -0.85 63.85
C VAL C 591 -35.94 -0.89 62.99
N LEU C 592 -34.96 -0.07 63.32
CA LEU C 592 -33.76 -0.01 62.48
C LEU C 592 -33.03 -1.34 62.46
N LEU C 593 -32.95 -2.01 63.60
CA LEU C 593 -32.27 -3.29 63.68
C LEU C 593 -33.18 -4.46 63.35
N ASN C 594 -34.46 -4.21 63.12
CA ASN C 594 -35.43 -5.25 62.79
C ASN C 594 -35.45 -6.34 63.86
N SER C 595 -35.93 -5.96 65.04
CA SER C 595 -36.12 -6.90 66.14
C SER C 595 -37.51 -6.74 66.72
N GLY C 596 -38.08 -7.84 67.17
CA GLY C 596 -39.39 -7.79 67.76
C GLY C 596 -39.43 -7.39 69.20
N ILE C 597 -38.28 -7.05 69.79
CA ILE C 597 -38.24 -6.77 71.22
C ILE C 597 -39.00 -5.49 71.54
N GLY C 598 -39.04 -4.53 70.62
CA GLY C 598 -39.83 -3.34 70.82
C GLY C 598 -41.29 -3.70 70.99
N GLU C 599 -41.93 -3.19 72.05
CA GLU C 599 -43.30 -3.57 72.36
C GLU C 599 -44.26 -2.38 72.31
N GLY C 600 -43.97 -1.31 73.03
CA GLY C 600 -44.93 -0.23 73.16
C GLY C 600 -45.05 0.66 71.95
N ALA C 601 -46.15 0.54 71.23
CA ALA C 601 -46.42 1.40 70.10
C ALA C 601 -46.96 2.76 70.58
N PRO C 602 -46.72 3.82 69.82
CA PRO C 602 -47.27 5.12 70.20
C PRO C 602 -48.79 5.12 70.14
N ARG C 603 -49.41 5.93 71.00
CA ARG C 603 -50.86 6.05 71.09
C ARG C 603 -51.24 7.52 71.01
N SER C 604 -51.39 8.01 69.78
CA SER C 604 -51.87 9.37 69.51
C SER C 604 -52.07 9.49 68.01
N PHE C 605 -52.56 10.64 67.57
CA PHE C 605 -52.72 10.94 66.16
C PHE C 605 -51.59 11.80 65.62
N SER C 606 -50.54 12.01 66.39
CA SER C 606 -49.39 12.77 65.92
C SER C 606 -48.08 12.02 66.02
N ALA C 607 -47.97 11.06 66.94
CA ALA C 607 -46.72 10.30 67.05
C ALA C 607 -46.57 9.30 65.92
N ARG C 608 -47.68 8.74 65.43
CA ARG C 608 -47.57 7.74 64.38
C ARG C 608 -46.95 8.32 63.12
N ILE C 609 -47.36 9.52 62.73
CA ILE C 609 -46.89 10.08 61.47
C ILE C 609 -45.37 10.25 61.50
N LEU C 610 -44.83 10.76 62.59
CA LEU C 610 -43.38 10.78 62.71
C LEU C 610 -42.81 9.38 62.81
N GLY C 611 -43.46 8.49 63.55
CA GLY C 611 -42.97 7.14 63.65
C GLY C 611 -43.06 6.40 62.34
N MET C 612 -44.18 6.53 61.64
CA MET C 612 -44.37 5.80 60.39
C MET C 612 -43.31 6.17 59.36
N VAL C 613 -43.06 7.47 59.18
CA VAL C 613 -42.05 7.87 58.20
C VAL C 613 -40.69 7.34 58.61
N TRP C 614 -40.43 7.26 59.92
CA TRP C 614 -39.16 6.68 60.35
C TRP C 614 -39.06 5.22 59.97
N ALA C 615 -40.19 4.51 59.88
CA ALA C 615 -40.15 3.17 59.32
C ALA C 615 -39.71 3.20 57.87
N GLY C 616 -40.00 4.29 57.17
CA GLY C 616 -39.46 4.45 55.84
C GLY C 616 -37.95 4.62 55.85
N PHE C 617 -37.44 5.34 56.84
CA PHE C 617 -36.00 5.59 56.89
C PHE C 617 -35.21 4.31 57.02
N ALA C 618 -35.79 3.29 57.64
CA ALA C 618 -35.09 2.03 57.76
C ALA C 618 -34.96 1.30 56.44
N MET C 619 -35.79 1.64 55.45
CA MET C 619 -35.69 0.96 54.17
C MET C 619 -34.44 1.38 53.42
N ILE C 620 -34.18 2.68 53.35
CA ILE C 620 -33.08 3.16 52.53
C ILE C 620 -31.74 2.69 53.09
N ILE C 621 -31.54 2.81 54.40
CA ILE C 621 -30.24 2.53 54.97
C ILE C 621 -29.82 1.09 54.69
N VAL C 622 -30.69 0.14 55.00
CA VAL C 622 -30.35 -1.25 54.76
C VAL C 622 -30.31 -1.55 53.27
N ALA C 623 -31.30 -1.08 52.52
CA ALA C 623 -31.35 -1.38 51.09
C ALA C 623 -30.14 -0.81 50.37
N SER C 624 -29.72 0.40 50.73
CA SER C 624 -28.49 0.94 50.15
C SER C 624 -27.30 0.08 50.53
N TYR C 625 -27.25 -0.38 51.78
CA TYR C 625 -26.11 -1.16 52.23
C TYR C 625 -25.95 -2.43 51.40
N THR C 626 -27.04 -3.12 51.11
CA THR C 626 -26.96 -4.25 50.19
C THR C 626 -26.54 -3.79 48.81
N ALA C 627 -27.13 -2.69 48.34
CA ALA C 627 -26.89 -2.29 46.96
C ALA C 627 -25.48 -1.77 46.73
N ASN C 628 -24.72 -1.51 47.78
CA ASN C 628 -23.35 -1.06 47.60
C ASN C 628 -22.35 -2.18 47.74
N LEU C 629 -22.62 -3.18 48.57
CA LEU C 629 -21.72 -4.32 48.67
C LEU C 629 -21.68 -5.12 47.38
N ALA C 630 -22.70 -5.01 46.54
CA ALA C 630 -22.63 -5.63 45.22
C ALA C 630 -21.59 -4.94 44.34
N ALA C 631 -21.38 -3.64 44.56
CA ALA C 631 -20.39 -2.93 43.75
C ALA C 631 -18.99 -3.47 43.97
N PHE C 632 -18.65 -3.81 45.21
CA PHE C 632 -17.31 -4.33 45.49
C PHE C 632 -17.15 -5.78 45.11
N LEU C 633 -18.22 -6.47 44.75
CA LEU C 633 -18.13 -7.87 44.38
C LEU C 633 -18.57 -8.12 42.95
N VAL C 634 -18.61 -7.09 42.11
CA VAL C 634 -18.69 -7.25 40.66
C VAL C 634 -17.65 -6.44 39.92
N LEU C 635 -17.05 -5.43 40.53
CA LEU C 635 -16.11 -4.57 39.84
C LEU C 635 -14.75 -5.27 39.77
N ASP C 636 -14.27 -5.51 38.56
CA ASP C 636 -13.02 -6.24 38.35
C ASP C 636 -11.82 -5.35 38.61
N ARG C 637 -10.67 -5.99 38.77
CA ARG C 637 -9.44 -5.27 39.11
C ARG C 637 -9.01 -4.39 37.94
N PRO C 638 -8.88 -3.08 38.11
CA PRO C 638 -8.50 -2.21 36.99
C PRO C 638 -7.05 -2.42 36.61
N GLU C 639 -6.82 -2.61 35.31
CA GLU C 639 -5.47 -2.77 34.77
C GLU C 639 -5.55 -2.66 33.25
N GLU C 640 -4.53 -2.03 32.67
CA GLU C 640 -4.42 -1.87 31.22
C GLU C 640 -3.50 -2.96 30.69
N ARG C 641 -4.07 -4.13 30.43
CA ARG C 641 -3.29 -5.26 29.96
C ARG C 641 -2.72 -5.00 28.57
N ILE C 642 -1.57 -5.60 28.29
CA ILE C 642 -0.93 -5.44 26.99
C ILE C 642 -1.76 -6.14 25.93
N THR C 643 -2.10 -5.43 24.85
CA THR C 643 -2.97 -5.94 23.81
C THR C 643 -2.19 -6.02 22.51
N GLY C 644 -1.68 -7.21 22.21
CA GLY C 644 -1.06 -7.49 20.93
C GLY C 644 0.19 -6.66 20.70
N ILE C 645 0.50 -6.50 19.41
CA ILE C 645 1.61 -5.64 19.02
C ILE C 645 1.16 -4.23 18.69
N ASN C 646 -0.13 -4.02 18.48
CA ASN C 646 -0.63 -2.72 18.04
C ASN C 646 -0.61 -1.68 19.16
N ASP C 647 -0.32 -2.07 20.40
CA ASP C 647 -0.37 -1.13 21.50
C ASP C 647 0.63 -0.01 21.27
N PRO C 648 0.26 1.24 21.61
CA PRO C 648 1.21 2.34 21.40
C PRO C 648 2.45 2.24 22.26
N ARG C 649 2.42 1.49 23.37
CA ARG C 649 3.62 1.30 24.15
C ARG C 649 4.68 0.55 23.36
N LEU C 650 4.27 -0.46 22.58
CA LEU C 650 5.21 -1.14 21.71
C LEU C 650 5.74 -0.22 20.63
N ARG C 651 4.85 0.49 19.92
CA ARG C 651 5.28 1.32 18.80
C ARG C 651 6.15 2.47 19.27
N ASN C 652 5.77 3.14 20.36
CA ASN C 652 6.56 4.25 20.89
C ASN C 652 7.25 3.81 22.16
N PRO C 653 8.56 3.59 22.13
CA PRO C 653 9.26 3.07 23.32
C PRO C 653 9.27 4.08 24.46
N SER C 654 9.38 3.56 25.67
CA SER C 654 9.56 4.38 26.87
C SER C 654 10.59 3.71 27.76
N ASP C 655 11.21 4.50 28.63
CA ASP C 655 12.21 3.97 29.53
C ASP C 655 11.62 3.08 30.61
N LYS C 656 10.30 3.03 30.72
CA LYS C 656 9.68 2.18 31.74
C LYS C 656 9.67 0.71 31.35
N PHE C 657 9.58 0.41 30.06
CA PHE C 657 9.49 -0.97 29.58
C PHE C 657 10.82 -1.46 29.01
N ILE C 658 11.07 -2.76 29.20
CA ILE C 658 12.23 -3.44 28.67
C ILE C 658 11.75 -4.66 27.90
N TYR C 659 12.29 -4.86 26.70
CA TYR C 659 11.83 -5.90 25.79
C TYR C 659 12.91 -6.96 25.64
N ALA C 660 12.53 -8.23 25.80
CA ALA C 660 13.50 -9.32 25.76
C ALA C 660 13.00 -10.45 24.89
N THR C 661 13.94 -11.13 24.24
CA THR C 661 13.67 -12.29 23.40
C THR C 661 14.79 -13.30 23.63
N VAL C 662 14.91 -14.26 22.72
CA VAL C 662 16.01 -15.21 22.72
C VAL C 662 16.94 -14.86 21.58
N LYS C 663 18.24 -14.78 21.86
CA LYS C 663 19.17 -14.26 20.87
C LYS C 663 19.26 -15.17 19.65
N GLN C 664 19.40 -14.55 18.49
CA GLN C 664 19.60 -15.25 17.22
C GLN C 664 18.46 -16.22 16.94
N SER C 665 17.26 -15.88 17.35
CA SER C 665 16.10 -16.74 17.16
C SER C 665 15.19 -16.16 16.08
N SER C 666 14.03 -16.79 15.90
CA SER C 666 13.12 -16.39 14.83
C SER C 666 12.57 -14.99 15.06
N VAL C 667 12.28 -14.64 16.31
CA VAL C 667 11.72 -13.32 16.59
C VAL C 667 12.69 -12.22 16.16
N ASP C 668 13.98 -12.45 16.34
CA ASP C 668 14.97 -11.47 15.93
C ASP C 668 14.95 -11.25 14.42
N ILE C 669 14.80 -12.33 13.65
CA ILE C 669 14.65 -12.20 12.21
C ILE C 669 13.36 -11.46 11.87
N TYR C 670 12.26 -11.81 12.52
CA TYR C 670 10.99 -11.20 12.19
C TYR C 670 11.01 -9.70 12.45
N PHE C 671 11.63 -9.29 13.56
CA PHE C 671 11.60 -7.87 13.91
C PHE C 671 12.54 -7.07 13.02
N ARG C 672 13.81 -7.44 12.98
CA ARG C 672 14.80 -6.63 12.27
C ARG C 672 14.71 -6.91 10.78
N ARG C 673 13.52 -6.88 10.23
CA ARG C 673 13.33 -6.87 8.78
C ARG C 673 12.26 -5.92 8.30
N GLN C 674 11.37 -5.44 9.17
CA GLN C 674 10.30 -4.54 8.79
C GLN C 674 10.66 -3.14 9.24
N VAL C 675 10.72 -2.21 8.28
CA VAL C 675 11.21 -0.87 8.56
C VAL C 675 10.25 -0.10 9.47
N GLU C 676 8.94 -0.23 9.22
CA GLU C 676 7.97 0.58 9.97
C GLU C 676 8.00 0.26 11.45
N LEU C 677 8.10 -1.02 11.80
CA LEU C 677 8.21 -1.41 13.19
C LEU C 677 9.66 -1.45 13.67
N SER C 678 10.62 -1.11 12.80
CA SER C 678 12.02 -1.02 13.21
C SER C 678 12.19 0.23 14.07
N THR C 679 11.60 0.18 15.26
CA THR C 679 11.55 1.36 16.11
C THR C 679 11.98 1.07 17.54
N MET C 680 11.75 -0.14 18.03
CA MET C 680 12.06 -0.45 19.42
C MET C 680 13.30 -1.31 19.58
N TYR C 681 13.53 -2.29 18.70
CA TYR C 681 14.67 -3.17 18.89
C TYR C 681 15.96 -2.56 18.37
N ARG C 682 15.91 -1.41 17.71
CA ARG C 682 17.10 -0.61 17.54
C ARG C 682 17.56 -0.02 18.86
N HIS C 683 16.67 0.00 19.86
CA HIS C 683 16.99 0.48 21.20
C HIS C 683 16.92 -0.61 22.25
N MET C 684 16.13 -1.65 22.03
CA MET C 684 15.95 -2.71 23.00
C MET C 684 16.80 -3.94 22.68
N GLU C 685 17.67 -3.85 21.67
CA GLU C 685 18.50 -5.00 21.31
C GLU C 685 19.47 -5.36 22.42
N LYS C 686 19.89 -4.37 23.21
CA LYS C 686 20.92 -4.60 24.22
C LYS C 686 20.45 -5.57 25.31
N HIS C 687 19.15 -5.77 25.46
CA HIS C 687 18.62 -6.59 26.52
C HIS C 687 18.23 -7.99 26.07
N ASN C 688 18.55 -8.35 24.84
CA ASN C 688 18.27 -9.71 24.39
C ASN C 688 19.01 -10.72 25.26
N TYR C 689 18.32 -11.80 25.60
CA TYR C 689 18.87 -12.79 26.51
C TYR C 689 19.69 -13.83 25.75
N GLU C 690 20.15 -14.84 26.48
CA GLU C 690 20.99 -15.89 25.92
C GLU C 690 20.29 -17.23 25.86
N SER C 691 19.82 -17.75 26.99
CA SER C 691 19.12 -19.02 27.04
C SER C 691 17.64 -18.76 27.29
N ALA C 692 16.79 -19.46 26.53
CA ALA C 692 15.37 -19.17 26.56
C ALA C 692 14.78 -19.39 27.95
N ALA C 693 15.14 -20.50 28.59
CA ALA C 693 14.50 -20.85 29.85
C ALA C 693 14.84 -19.87 30.96
N GLU C 694 15.99 -19.20 30.88
CA GLU C 694 16.38 -18.30 31.96
C GLU C 694 15.62 -16.99 31.94
N ALA C 695 15.07 -16.59 30.80
CA ALA C 695 14.29 -15.35 30.74
C ALA C 695 13.03 -15.46 31.59
N ILE C 696 12.38 -16.61 31.58
CA ILE C 696 11.20 -16.81 32.40
C ILE C 696 11.54 -16.60 33.87
N GLN C 697 12.74 -17.00 34.27
CA GLN C 697 13.18 -16.71 35.63
C GLN C 697 13.29 -15.22 35.89
N ALA C 698 13.58 -14.43 34.85
CA ALA C 698 13.77 -13.00 35.04
C ALA C 698 12.46 -12.30 35.38
N VAL C 699 11.38 -12.63 34.66
CA VAL C 699 10.10 -11.96 34.91
C VAL C 699 9.57 -12.32 36.29
N ARG C 700 9.78 -13.55 36.72
CA ARG C 700 9.36 -13.94 38.06
C ARG C 700 10.11 -13.18 39.14
N ASP C 701 11.28 -12.62 38.82
CA ASP C 701 12.08 -11.87 39.77
C ASP C 701 11.95 -10.36 39.60
N ASN C 702 10.95 -9.90 38.84
CA ASN C 702 10.62 -8.48 38.73
C ASN C 702 11.75 -7.66 38.12
N LYS C 703 12.61 -8.31 37.34
CA LYS C 703 13.66 -7.59 36.62
C LYS C 703 13.30 -7.33 35.17
N LEU C 704 12.09 -7.70 34.75
CA LEU C 704 11.68 -7.55 33.38
C LEU C 704 10.16 -7.35 33.34
N HIS C 705 9.68 -6.83 32.21
CA HIS C 705 8.26 -6.57 32.04
C HIS C 705 7.64 -7.36 30.90
N ALA C 706 8.24 -7.34 29.71
CA ALA C 706 7.67 -7.99 28.55
C ALA C 706 8.65 -9.03 27.98
N PHE C 707 8.12 -10.18 27.60
CA PHE C 707 8.88 -11.25 26.99
C PHE C 707 8.11 -11.80 25.80
N ILE C 708 8.79 -12.00 24.68
CA ILE C 708 8.19 -12.49 23.45
C ILE C 708 8.85 -13.81 23.07
N TRP C 709 8.04 -14.84 22.86
CA TRP C 709 8.58 -16.14 22.50
C TRP C 709 7.47 -17.00 21.92
N ASP C 710 7.86 -18.18 21.42
CA ASP C 710 6.89 -19.08 20.80
C ASP C 710 5.80 -19.44 21.79
N SER C 711 4.57 -19.54 21.28
CA SER C 711 3.42 -19.75 22.16
C SER C 711 3.52 -21.07 22.90
N ALA C 712 3.74 -22.17 22.18
CA ALA C 712 3.55 -23.50 22.74
C ALA C 712 4.40 -23.72 23.99
N VAL C 713 5.51 -22.99 24.13
CA VAL C 713 6.27 -23.05 25.36
C VAL C 713 5.52 -22.35 26.49
N LEU C 714 4.83 -21.24 26.19
CA LEU C 714 4.35 -20.35 27.24
C LEU C 714 3.14 -20.92 27.97
N GLU C 715 2.18 -21.53 27.27
CA GLU C 715 1.01 -22.05 27.96
C GLU C 715 1.40 -23.08 29.00
N PHE C 716 2.39 -23.92 28.69
CA PHE C 716 2.91 -24.81 29.72
C PHE C 716 3.52 -24.02 30.86
N GLU C 717 4.26 -22.96 30.54
CA GLU C 717 4.82 -22.11 31.59
C GLU C 717 3.72 -21.48 32.43
N ALA C 718 2.63 -21.07 31.80
CA ALA C 718 1.50 -20.52 32.52
C ALA C 718 0.61 -21.58 33.15
N SER C 719 0.91 -22.85 32.93
CA SER C 719 0.10 -23.92 33.51
C SER C 719 0.68 -24.42 34.83
N GLN C 720 1.91 -24.91 34.80
CA GLN C 720 2.47 -25.54 35.99
C GLN C 720 2.82 -24.50 37.05
N LYS C 721 3.73 -23.59 36.74
CA LYS C 721 4.08 -22.55 37.68
C LYS C 721 2.86 -21.68 37.98
N CYS C 722 2.17 -21.24 36.93
CA CYS C 722 0.88 -20.53 37.01
C CYS C 722 0.92 -19.37 38.02
N ASP C 723 2.11 -18.84 38.26
CA ASP C 723 2.25 -17.51 38.85
C ASP C 723 2.43 -16.44 37.78
N LEU C 724 2.39 -16.83 36.51
CA LEU C 724 2.44 -15.93 35.37
C LEU C 724 1.20 -16.13 34.50
N VAL C 725 1.13 -15.37 33.42
CA VAL C 725 -0.02 -15.45 32.52
C VAL C 725 0.36 -14.83 31.19
N THR C 726 -0.12 -15.44 30.11
CA THR C 726 0.01 -14.85 28.79
C THR C 726 -1.05 -13.79 28.57
N THR C 727 -0.91 -13.04 27.48
CA THR C 727 -1.88 -12.01 27.13
C THR C 727 -1.78 -11.74 25.63
N GLY C 728 -2.60 -10.82 25.16
CA GLY C 728 -2.59 -10.47 23.76
C GLY C 728 -3.23 -11.54 22.90
N GLU C 729 -3.02 -11.39 21.60
CA GLU C 729 -3.57 -12.32 20.61
C GLU C 729 -2.48 -12.72 19.64
N LEU C 730 -2.62 -13.92 19.08
CA LEU C 730 -1.60 -14.49 18.21
C LEU C 730 -1.42 -13.59 16.99
N PHE C 731 -0.16 -13.26 16.67
CA PHE C 731 0.07 -12.28 15.62
C PHE C 731 1.04 -12.72 14.52
N PHE C 732 1.58 -13.93 14.57
CA PHE C 732 2.41 -14.43 13.48
C PHE C 732 2.40 -15.95 13.59
N ARG C 733 1.55 -16.59 12.79
CA ARG C 733 1.27 -18.01 12.94
C ARG C 733 2.07 -18.83 11.95
N SER C 734 2.77 -19.84 12.46
CA SER C 734 3.57 -20.75 11.66
C SER C 734 3.56 -22.10 12.39
N GLY C 735 4.48 -22.98 12.04
CA GLY C 735 4.50 -24.28 12.70
C GLY C 735 5.84 -24.97 12.76
N PHE C 736 6.17 -25.54 13.91
CA PHE C 736 7.41 -26.29 14.02
C PHE C 736 7.43 -27.42 13.00
N GLY C 737 8.59 -27.67 12.43
CA GLY C 737 8.74 -28.74 11.47
C GLY C 737 10.01 -29.52 11.72
N ILE C 738 10.14 -30.63 11.01
CA ILE C 738 11.35 -31.43 11.02
C ILE C 738 12.17 -31.04 9.80
N GLY C 739 13.36 -30.52 10.04
CA GLY C 739 14.21 -30.01 8.97
C GLY C 739 15.28 -31.01 8.58
N MET C 740 15.61 -31.03 7.29
CA MET C 740 16.61 -31.94 6.78
C MET C 740 17.50 -31.21 5.79
N ARG C 741 18.62 -31.83 5.45
CA ARG C 741 19.47 -31.29 4.39
C ARG C 741 18.76 -31.44 3.05
N LYS C 742 18.94 -30.43 2.19
CA LYS C 742 18.22 -30.39 0.92
C LYS C 742 18.53 -31.62 0.09
N ASP C 743 17.49 -32.17 -0.52
CA ASP C 743 17.61 -33.26 -1.49
C ASP C 743 18.20 -34.52 -0.88
N SER C 744 17.99 -34.73 0.42
CA SER C 744 18.29 -36.02 1.01
C SER C 744 17.25 -37.03 0.55
N PRO C 745 17.59 -38.32 0.52
CA PRO C 745 16.63 -39.34 0.05
C PRO C 745 15.42 -39.52 0.96
N TRP C 746 15.22 -38.73 2.02
CA TRP C 746 14.03 -38.87 2.83
C TRP C 746 13.08 -37.67 2.73
N LYS C 747 13.27 -36.80 1.72
CA LYS C 747 12.47 -35.57 1.64
C LYS C 747 10.99 -35.84 1.72
N GLN C 748 10.51 -36.83 0.97
CA GLN C 748 9.09 -37.05 0.82
C GLN C 748 8.60 -38.30 1.51
N ASN C 749 9.49 -39.13 2.05
CA ASN C 749 9.09 -40.37 2.68
C ASN C 749 9.04 -40.28 4.19
N VAL C 750 9.33 -39.10 4.74
CA VAL C 750 9.14 -38.84 6.16
C VAL C 750 7.86 -38.06 6.41
N SER C 751 7.59 -37.05 5.60
CA SER C 751 6.40 -36.24 5.80
C SER C 751 5.12 -36.98 5.47
N LEU C 752 5.16 -38.29 5.23
CA LEU C 752 3.91 -39.04 5.29
C LEU C 752 3.62 -39.54 6.69
N SER C 753 4.64 -39.95 7.44
CA SER C 753 4.41 -40.46 8.79
C SER C 753 3.98 -39.35 9.73
N ILE C 754 4.56 -38.15 9.58
CA ILE C 754 4.05 -37.00 10.35
C ILE C 754 2.62 -36.72 9.95
N LEU C 755 2.32 -36.76 8.65
CA LEU C 755 1.00 -36.40 8.17
C LEU C 755 -0.02 -37.50 8.44
N LYS C 756 0.41 -38.77 8.42
CA LYS C 756 -0.52 -39.85 8.72
C LYS C 756 -0.80 -39.98 10.21
N SER C 757 0.18 -39.62 11.05
CA SER C 757 -0.03 -39.75 12.48
C SER C 757 -1.15 -38.86 12.99
N HIS C 758 -1.47 -37.78 12.28
CA HIS C 758 -2.56 -36.92 12.72
C HIS C 758 -3.89 -37.65 12.65
N GLU C 759 -4.10 -38.47 11.63
CA GLU C 759 -5.36 -39.19 11.51
C GLU C 759 -5.56 -40.20 12.63
N ASN C 760 -4.51 -40.93 13.00
CA ASN C 760 -4.67 -41.91 14.07
C ASN C 760 -4.91 -41.27 15.42
N GLY C 761 -4.74 -39.97 15.55
CA GLY C 761 -4.79 -39.34 16.85
C GLY C 761 -3.55 -39.52 17.68
N PHE C 762 -2.51 -40.17 17.13
CA PHE C 762 -1.29 -40.38 17.89
C PHE C 762 -0.64 -39.08 18.29
N MET C 763 -0.76 -38.05 17.45
CA MET C 763 -0.26 -36.73 17.83
C MET C 763 -1.07 -36.15 18.98
N GLU C 764 -2.31 -36.60 19.18
CA GLU C 764 -3.09 -36.09 20.30
C GLU C 764 -2.62 -36.70 21.62
N ASP C 765 -2.35 -38.01 21.65
CA ASP C 765 -1.92 -38.63 22.89
C ASP C 765 -0.64 -38.01 23.41
N LEU C 766 0.31 -37.76 22.51
CA LEU C 766 1.54 -37.10 22.93
C LEU C 766 1.26 -35.70 23.43
N ASP C 767 0.16 -35.09 23.00
CA ASP C 767 -0.16 -33.74 23.45
C ASP C 767 -0.67 -33.74 24.89
N LYS C 768 -1.55 -34.67 25.24
CA LYS C 768 -2.14 -34.66 26.56
C LYS C 768 -1.27 -35.32 27.62
N THR C 769 -0.12 -35.86 27.25
CA THR C 769 0.80 -36.43 28.22
C THR C 769 2.11 -35.68 28.31
N TRP C 770 2.29 -34.60 27.56
CA TRP C 770 3.49 -33.79 27.73
C TRP C 770 3.22 -32.28 27.68
N VAL C 771 1.98 -31.84 27.49
CA VAL C 771 1.73 -30.41 27.36
C VAL C 771 0.73 -29.93 28.40
N ARG C 772 -0.48 -30.49 28.38
CA ARG C 772 -1.59 -29.99 29.19
C ARG C 772 -1.90 -30.97 30.30
N TYR C 773 -1.87 -30.49 31.54
CA TYR C 773 -2.40 -31.22 32.68
C TYR C 773 -2.71 -30.20 33.78
N GLN C 774 -2.85 -30.69 35.01
CA GLN C 774 -3.28 -29.89 36.15
C GLN C 774 -2.58 -28.53 36.18
N GLU C 775 -3.31 -27.51 36.63
CA GLU C 775 -2.83 -26.13 36.59
C GLU C 775 -3.74 -25.29 37.47
N CYS C 776 -3.33 -24.05 37.70
CA CYS C 776 -4.22 -23.03 38.26
C CYS C 776 -4.48 -22.00 37.16
N ASP C 777 -5.73 -21.80 36.82
CA ASP C 777 -6.13 -20.99 35.69
C ASP C 777 -6.68 -19.64 36.15
N SER C 778 -7.19 -18.87 35.20
CA SER C 778 -7.79 -17.58 35.52
C SER C 778 -9.05 -17.75 36.36
N ARG C 779 -9.74 -18.88 36.22
CA ARG C 779 -11.03 -19.11 36.86
C ARG C 779 -11.98 -17.95 36.58
N SER C 780 -12.06 -17.59 35.29
CA SER C 780 -12.76 -16.39 34.82
C SER C 780 -12.06 -15.19 35.45
N ASN C 781 -12.77 -14.32 36.18
CA ASN C 781 -12.17 -13.11 36.70
C ASN C 781 -12.17 -13.07 38.23
N ALA C 782 -13.33 -13.19 38.87
CA ALA C 782 -13.37 -13.04 40.32
C ALA C 782 -14.52 -13.83 40.93
N PRO C 783 -14.23 -14.93 41.62
CA PRO C 783 -15.28 -15.67 42.32
C PRO C 783 -15.69 -14.99 43.62
N ALA C 784 -16.49 -15.68 44.43
CA ALA C 784 -16.89 -15.17 45.74
C ALA C 784 -17.21 -16.37 46.62
N THR C 785 -16.32 -16.68 47.56
CA THR C 785 -16.47 -17.82 48.45
C THR C 785 -16.13 -17.40 49.86
N LEU C 786 -16.76 -16.31 50.31
CA LEU C 786 -16.38 -15.62 51.55
C LEU C 786 -16.14 -16.59 52.70
N THR C 787 -15.19 -16.24 53.56
CA THR C 787 -14.82 -17.06 54.70
C THR C 787 -14.12 -16.17 55.73
N PHE C 788 -13.42 -16.79 56.69
CA PHE C 788 -12.76 -16.04 57.76
C PHE C 788 -11.82 -14.99 57.23
N GLU C 789 -11.19 -15.24 56.08
CA GLU C 789 -10.14 -14.35 55.58
C GLU C 789 -10.65 -12.92 55.42
N ASN C 790 -11.95 -12.75 55.20
CA ASN C 790 -12.53 -11.42 55.13
C ASN C 790 -13.68 -11.26 56.11
N MET C 791 -14.44 -12.34 56.32
CA MET C 791 -15.61 -12.31 57.19
C MET C 791 -15.24 -12.92 58.53
N ALA C 792 -14.56 -12.12 59.36
CA ALA C 792 -14.31 -12.51 60.75
C ALA C 792 -14.54 -11.40 61.75
N GLY C 793 -14.47 -10.13 61.36
CA GLY C 793 -14.59 -9.05 62.32
C GLY C 793 -15.97 -9.00 62.97
N VAL C 794 -17.02 -9.25 62.19
CA VAL C 794 -18.36 -9.21 62.75
C VAL C 794 -18.53 -10.27 63.82
N PHE C 795 -17.80 -11.38 63.71
CA PHE C 795 -17.91 -12.38 64.76
C PHE C 795 -17.27 -11.95 66.04
N MET C 796 -16.45 -10.89 66.01
CA MET C 796 -15.88 -10.36 67.24
C MET C 796 -16.82 -9.42 67.96
N LEU C 797 -17.71 -8.73 67.23
CA LEU C 797 -18.61 -7.80 67.90
C LEU C 797 -19.57 -8.53 68.82
N VAL C 798 -20.12 -9.67 68.38
CA VAL C 798 -20.93 -10.48 69.29
C VAL C 798 -20.05 -11.05 70.39
N ALA C 799 -18.81 -11.39 70.08
CA ALA C 799 -17.87 -11.76 71.13
C ALA C 799 -17.61 -10.58 72.05
N GLY C 800 -17.44 -9.40 71.49
CA GLY C 800 -17.31 -8.22 72.32
C GLY C 800 -18.53 -7.96 73.17
N GLY C 801 -19.71 -8.26 72.64
CA GLY C 801 -20.93 -8.13 73.41
C GLY C 801 -21.10 -9.20 74.46
N ILE C 802 -20.38 -10.31 74.33
CA ILE C 802 -20.41 -11.33 75.38
C ILE C 802 -19.90 -10.75 76.69
N VAL C 803 -18.74 -10.10 76.65
CA VAL C 803 -18.13 -9.59 77.87
C VAL C 803 -19.01 -8.51 78.48
N ALA C 804 -19.52 -7.58 77.66
CA ALA C 804 -20.33 -6.49 78.19
C ALA C 804 -21.56 -6.99 78.91
N GLY C 805 -22.01 -8.21 78.60
CA GLY C 805 -23.14 -8.78 79.31
C GLY C 805 -22.86 -9.03 80.78
N ILE C 806 -21.67 -9.55 81.09
CA ILE C 806 -21.30 -9.79 82.48
C ILE C 806 -21.27 -8.48 83.25
N PHE C 807 -20.67 -7.45 82.67
CA PHE C 807 -20.62 -6.15 83.32
C PHE C 807 -22.02 -5.61 83.57
N LEU C 808 -22.91 -5.75 82.58
CA LEU C 808 -24.24 -5.17 82.69
C LEU C 808 -25.08 -5.82 83.78
N ILE C 809 -24.86 -7.12 84.04
CA ILE C 809 -25.66 -7.80 85.04
C ILE C 809 -25.43 -7.21 86.43
N PHE C 810 -24.15 -7.02 86.79
CA PHE C 810 -23.83 -6.54 88.13
C PHE C 810 -24.43 -5.17 88.38
N ILE C 811 -24.28 -4.25 87.41
CA ILE C 811 -24.87 -2.92 87.57
C ILE C 811 -26.38 -3.01 87.65
N GLU C 812 -26.98 -3.84 86.80
CA GLU C 812 -28.42 -4.06 86.88
C GLU C 812 -28.80 -4.66 88.23
N ILE C 813 -27.99 -5.58 88.74
CA ILE C 813 -28.30 -6.23 90.02
C ILE C 813 -28.34 -5.20 91.14
N ALA C 814 -27.34 -4.31 91.18
CA ALA C 814 -27.24 -3.38 92.30
C ALA C 814 -28.32 -2.31 92.25
N TYR C 815 -28.67 -1.84 91.05
CA TYR C 815 -29.57 -0.69 90.93
C TYR C 815 -30.98 -1.00 91.40
N LYS C 816 -31.33 -2.28 91.55
CA LYS C 816 -32.69 -2.63 91.98
C LYS C 816 -32.96 -2.15 93.39
N ARG C 817 -31.99 -2.30 94.30
CA ARG C 817 -32.17 -1.92 95.69
C ARG C 817 -32.03 -0.42 95.91
N HIS C 818 -31.51 0.32 94.93
CA HIS C 818 -31.31 1.76 95.11
C HIS C 818 -32.62 2.53 95.22
N LYS C 819 -33.73 1.96 94.75
CA LYS C 819 -35.01 2.62 94.82
C LYS C 819 -35.53 2.69 96.25
N LEU D 24 76.45 -3.19 1.48
CA LEU D 24 75.37 -3.55 0.57
C LEU D 24 75.42 -2.68 -0.67
N ASN D 25 75.28 -3.31 -1.85
CA ASN D 25 75.30 -2.59 -3.12
C ASN D 25 73.87 -2.33 -3.57
N VAL D 26 73.27 -1.30 -3.00
CA VAL D 26 71.92 -0.91 -3.37
C VAL D 26 71.95 -0.06 -4.63
N ALA D 27 70.92 -0.20 -5.46
CA ALA D 27 70.86 0.47 -6.74
C ALA D 27 69.60 1.31 -6.85
N LEU D 28 69.74 2.51 -7.37
CA LEU D 28 68.62 3.41 -7.65
C LEU D 28 68.64 3.74 -9.13
N VAL D 29 67.49 3.65 -9.78
CA VAL D 29 67.37 3.88 -11.21
C VAL D 29 66.20 4.81 -11.48
N PHE D 30 66.27 5.46 -12.65
CA PHE D 30 65.23 6.37 -13.09
C PHE D 30 64.98 6.15 -14.58
N SER D 31 63.75 6.45 -15.01
CA SER D 31 63.39 6.41 -16.42
C SER D 31 62.99 7.82 -16.85
N GLY D 32 63.63 8.32 -17.90
CA GLY D 32 63.36 9.65 -18.38
C GLY D 32 64.57 10.55 -18.25
N PRO D 33 64.87 11.30 -19.30
CA PRO D 33 66.03 12.22 -19.25
C PRO D 33 65.89 13.32 -18.22
N ALA D 34 64.67 13.60 -17.73
CA ALA D 34 64.49 14.66 -16.74
C ALA D 34 65.20 14.36 -15.42
N TYR D 35 65.49 13.10 -15.14
CA TYR D 35 66.17 12.70 -13.91
C TYR D 35 67.68 12.60 -14.07
N ALA D 36 68.23 13.02 -15.21
CA ALA D 36 69.67 12.94 -15.42
C ALA D 36 70.42 13.82 -14.42
N ALA D 37 69.92 15.04 -14.18
CA ALA D 37 70.60 15.94 -13.27
C ALA D 37 70.45 15.51 -11.82
N GLU D 38 69.26 15.02 -11.45
CA GLU D 38 69.00 14.63 -10.06
C GLU D 38 69.49 13.24 -9.72
N ALA D 39 69.95 12.46 -10.70
CA ALA D 39 70.48 11.14 -10.41
C ALA D 39 71.71 11.22 -9.52
N ALA D 40 72.63 12.15 -9.82
CA ALA D 40 73.80 12.33 -8.98
C ALA D 40 73.48 13.09 -7.71
N ARG D 41 72.53 14.04 -7.77
CA ARG D 41 72.21 14.85 -6.61
C ARG D 41 71.68 14.01 -5.46
N LEU D 42 70.80 13.05 -5.77
CA LEU D 42 70.22 12.21 -4.73
C LEU D 42 71.19 11.18 -4.17
N GLY D 43 72.36 11.03 -4.79
CA GLY D 43 73.35 10.08 -4.34
C GLY D 43 73.81 10.32 -2.92
N PRO D 44 74.51 11.44 -2.68
CA PRO D 44 74.93 11.76 -1.31
C PRO D 44 73.77 11.93 -0.34
N ALA D 45 72.60 12.37 -0.82
CA ALA D 45 71.44 12.53 0.06
C ALA D 45 71.02 11.18 0.64
N VAL D 46 71.03 10.13 -0.18
CA VAL D 46 70.67 8.80 0.30
C VAL D 46 71.61 8.35 1.40
N ALA D 47 72.92 8.55 1.20
CA ALA D 47 73.90 8.17 2.21
C ALA D 47 73.69 8.96 3.50
N ALA D 48 73.42 10.26 3.37
CA ALA D 48 73.25 11.09 4.56
C ALA D 48 71.91 10.82 5.25
N ALA D 49 70.84 10.68 4.47
CA ALA D 49 69.51 10.51 5.06
C ALA D 49 69.38 9.15 5.74
N VAL D 50 69.89 8.10 5.13
CA VAL D 50 69.79 6.75 5.67
C VAL D 50 70.98 6.51 6.59
N ARG D 51 70.70 6.28 7.87
CA ARG D 51 71.75 6.08 8.87
C ARG D 51 71.22 5.08 9.89
N SER D 52 71.60 3.82 9.73
CA SER D 52 71.18 2.76 10.64
C SER D 52 72.39 1.94 11.06
N PRO D 53 72.40 1.43 12.28
CA PRO D 53 73.54 0.64 12.75
C PRO D 53 73.71 -0.64 11.96
N GLY D 54 74.96 -1.03 11.74
CA GLY D 54 75.27 -2.29 11.10
C GLY D 54 74.99 -2.37 9.62
N LEU D 55 74.75 -1.23 8.96
CA LEU D 55 74.43 -1.24 7.54
C LEU D 55 75.17 -0.11 6.85
N ASP D 56 75.71 -0.40 5.67
CA ASP D 56 76.41 0.56 4.84
C ASP D 56 75.69 0.71 3.51
N VAL D 57 75.45 1.95 3.10
CA VAL D 57 74.69 2.25 1.89
C VAL D 57 75.67 2.60 0.77
N ARG D 58 75.53 1.93 -0.36
CA ARG D 58 76.34 2.19 -1.55
C ARG D 58 75.42 2.34 -2.76
N PRO D 59 74.77 3.49 -2.91
CA PRO D 59 73.91 3.70 -4.07
C PRO D 59 74.72 3.92 -5.34
N VAL D 60 74.10 3.55 -6.46
CA VAL D 60 74.66 3.80 -7.78
C VAL D 60 73.61 4.55 -8.61
N ALA D 61 73.99 5.69 -9.17
CA ALA D 61 73.07 6.54 -9.91
C ALA D 61 72.97 6.06 -11.36
N LEU D 62 71.74 5.87 -11.83
CA LEU D 62 71.49 5.40 -13.18
C LEU D 62 70.36 6.20 -13.81
N VAL D 63 70.37 6.27 -15.14
CA VAL D 63 69.29 6.87 -15.92
C VAL D 63 68.99 5.95 -17.09
N LEU D 64 67.72 5.54 -17.22
CA LEU D 64 67.33 4.65 -18.30
C LEU D 64 67.15 5.43 -19.60
N ASN D 65 67.47 4.76 -20.72
CA ASN D 65 67.35 5.36 -22.05
C ASN D 65 65.92 5.16 -22.55
N GLY D 66 65.03 6.05 -22.10
CA GLY D 66 63.65 5.94 -22.49
C GLY D 66 62.97 4.76 -21.82
N SER D 67 62.16 4.03 -22.59
CA SER D 67 61.47 2.85 -22.08
C SER D 67 61.51 1.70 -23.08
N ASP D 68 62.54 1.64 -23.91
CA ASP D 68 62.66 0.55 -24.86
C ASP D 68 62.85 -0.77 -24.14
N PRO D 69 62.29 -1.86 -24.68
CA PRO D 69 62.34 -3.14 -23.98
C PRO D 69 63.73 -3.74 -23.83
N ARG D 70 64.48 -3.86 -24.94
CA ARG D 70 65.69 -4.68 -24.88
C ARG D 70 66.79 -4.00 -24.07
N SER D 71 66.85 -2.67 -24.07
CA SER D 71 67.79 -2.01 -23.16
C SER D 71 67.41 -2.27 -21.71
N LEU D 72 66.12 -2.30 -21.43
CA LEU D 72 65.64 -2.48 -20.06
C LEU D 72 66.23 -3.75 -19.45
N VAL D 73 66.14 -4.86 -20.19
CA VAL D 73 66.78 -6.09 -19.72
C VAL D 73 68.30 -5.98 -19.81
N LEU D 74 68.81 -5.39 -20.89
CA LEU D 74 70.26 -5.25 -21.02
C LEU D 74 70.84 -4.34 -19.93
N GLN D 75 70.28 -3.14 -19.78
CA GLN D 75 70.84 -2.21 -18.81
C GLN D 75 70.74 -2.75 -17.39
N LEU D 76 69.59 -3.36 -17.05
CA LEU D 76 69.42 -3.86 -15.70
C LEU D 76 70.29 -5.08 -15.43
N CYS D 77 70.28 -6.05 -16.34
CA CYS D 77 71.04 -7.28 -16.12
C CYS D 77 72.55 -7.03 -16.17
N ASP D 78 73.00 -6.21 -17.14
CA ASP D 78 74.43 -5.91 -17.21
C ASP D 78 74.90 -5.19 -15.96
N LEU D 79 74.11 -4.24 -15.46
CA LEU D 79 74.41 -3.66 -14.16
C LEU D 79 74.25 -4.69 -13.05
N LEU D 80 73.30 -5.62 -13.21
CA LEU D 80 73.14 -6.70 -12.24
C LEU D 80 74.28 -7.71 -12.31
N SER D 81 74.99 -7.77 -13.44
CA SER D 81 76.13 -8.66 -13.59
C SER D 81 77.47 -7.95 -13.49
N GLY D 82 77.64 -6.86 -14.23
CA GLY D 82 78.90 -6.14 -14.18
C GLY D 82 79.16 -5.49 -12.83
N LEU D 83 78.14 -4.84 -12.26
CA LEU D 83 78.26 -4.20 -10.96
C LEU D 83 77.66 -5.02 -9.83
N ARG D 84 76.90 -6.07 -10.14
CA ARG D 84 76.29 -6.95 -9.14
C ARG D 84 75.46 -6.14 -8.14
N VAL D 85 74.42 -5.50 -8.66
CA VAL D 85 73.54 -4.70 -7.82
C VAL D 85 72.75 -5.62 -6.89
N HIS D 86 72.47 -5.13 -5.68
CA HIS D 86 71.78 -5.88 -4.66
C HIS D 86 70.49 -5.13 -4.35
N GLY D 87 69.45 -5.40 -5.14
CA GLY D 87 68.19 -4.70 -4.99
C GLY D 87 68.12 -3.42 -5.80
N VAL D 88 67.02 -3.21 -6.50
CA VAL D 88 66.84 -2.05 -7.38
C VAL D 88 65.51 -1.41 -7.06
N VAL D 89 65.51 -0.08 -6.91
CA VAL D 89 64.29 0.70 -6.71
C VAL D 89 64.16 1.67 -7.87
N PHE D 90 62.99 1.67 -8.50
CA PHE D 90 62.72 2.49 -9.68
C PHE D 90 61.56 3.43 -9.38
N GLU D 91 61.63 4.64 -9.93
CA GLU D 91 60.58 5.62 -9.77
C GLU D 91 60.51 6.50 -11.02
N ASP D 92 59.35 7.12 -11.20
CA ASP D 92 59.08 7.91 -12.40
C ASP D 92 57.90 8.83 -12.10
N ASP D 93 57.63 9.73 -13.06
CA ASP D 93 56.46 10.60 -13.01
C ASP D 93 55.62 10.52 -14.27
N SER D 94 55.86 9.52 -15.12
CA SER D 94 55.17 9.40 -16.40
C SER D 94 53.85 8.65 -16.21
N ARG D 95 53.26 8.22 -17.32
CA ARG D 95 51.99 7.48 -17.33
C ARG D 95 52.13 6.22 -18.16
N ALA D 96 53.21 5.46 -17.91
CA ALA D 96 53.55 4.27 -18.70
C ALA D 96 53.65 3.08 -17.76
N PRO D 97 52.53 2.44 -17.43
CA PRO D 97 52.56 1.25 -16.57
C PRO D 97 52.94 -0.04 -17.29
N ALA D 98 53.36 0.04 -18.55
CA ALA D 98 53.60 -1.18 -19.33
C ALA D 98 54.77 -1.97 -18.77
N VAL D 99 55.85 -1.30 -18.36
CA VAL D 99 57.08 -2.00 -18.00
C VAL D 99 57.06 -2.61 -16.61
N ALA D 100 55.99 -2.38 -15.84
CA ALA D 100 55.94 -2.96 -14.50
C ALA D 100 55.94 -4.49 -14.50
N PRO D 101 55.10 -5.18 -15.27
CA PRO D 101 55.22 -6.66 -15.30
C PRO D 101 56.56 -7.15 -15.82
N ILE D 102 57.15 -6.46 -16.80
CA ILE D 102 58.45 -6.88 -17.32
C ILE D 102 59.51 -6.77 -16.23
N LEU D 103 59.50 -5.66 -15.49
CA LEU D 103 60.39 -5.55 -14.34
C LEU D 103 60.09 -6.64 -13.32
N ASP D 104 58.80 -6.93 -13.11
CA ASP D 104 58.43 -8.09 -12.33
C ASP D 104 58.92 -9.37 -12.97
N PHE D 105 58.91 -9.43 -14.31
CA PHE D 105 59.22 -10.67 -14.99
C PHE D 105 60.69 -11.06 -14.84
N LEU D 106 61.60 -10.11 -15.06
CA LEU D 106 63.02 -10.42 -14.94
C LEU D 106 63.41 -10.74 -13.50
N SER D 107 62.81 -10.05 -12.54
CA SER D 107 63.13 -10.28 -11.14
C SER D 107 62.74 -11.68 -10.68
N ALA D 108 61.90 -12.38 -11.45
CA ALA D 108 61.49 -13.72 -11.06
C ALA D 108 62.66 -14.69 -11.05
N GLN D 109 63.57 -14.56 -12.01
CA GLN D 109 64.67 -15.50 -12.17
C GLN D 109 65.93 -15.10 -11.40
N THR D 110 65.87 -14.03 -10.61
CA THR D 110 67.02 -13.59 -9.83
C THR D 110 66.78 -13.53 -8.34
N SER D 111 65.52 -13.55 -7.89
CA SER D 111 65.15 -13.51 -6.48
C SER D 111 65.60 -12.22 -5.78
N LEU D 112 65.87 -11.17 -6.55
CA LEU D 112 66.20 -9.88 -5.96
C LEU D 112 64.94 -9.04 -5.82
N PRO D 113 64.57 -8.62 -4.62
CA PRO D 113 63.35 -7.81 -4.45
C PRO D 113 63.48 -6.48 -5.17
N ILE D 114 62.36 -6.04 -5.74
CA ILE D 114 62.27 -4.76 -6.43
C ILE D 114 61.08 -4.01 -5.86
N VAL D 115 61.28 -2.73 -5.52
CA VAL D 115 60.22 -1.90 -4.96
C VAL D 115 60.10 -0.65 -5.81
N ALA D 116 58.87 -0.31 -6.21
CA ALA D 116 58.58 0.91 -6.93
C ALA D 116 58.04 1.96 -5.97
N VAL D 117 58.03 3.20 -6.43
CA VAL D 117 57.61 4.35 -5.62
C VAL D 117 56.32 4.97 -6.14
N HIS D 118 56.35 5.51 -7.36
CA HIS D 118 55.19 6.17 -7.93
C HIS D 118 55.46 6.42 -9.40
N GLY D 119 54.45 6.94 -10.09
CA GLY D 119 54.59 7.29 -11.49
C GLY D 119 53.89 6.33 -12.44
N GLY D 120 54.46 6.14 -13.62
CA GLY D 120 53.87 5.28 -14.62
C GLY D 120 53.81 3.82 -14.21
N ALA D 121 54.98 3.19 -14.08
CA ALA D 121 55.03 1.76 -13.74
C ALA D 121 54.95 1.55 -12.24
N ALA D 122 53.92 2.12 -11.60
CA ALA D 122 53.72 1.89 -10.18
C ALA D 122 52.23 1.77 -9.84
N LEU D 123 51.37 1.58 -10.82
CA LEU D 123 49.95 1.43 -10.56
C LEU D 123 49.66 0.05 -9.99
N VAL D 124 48.38 -0.23 -9.76
CA VAL D 124 47.99 -1.49 -9.15
C VAL D 124 48.35 -2.65 -10.06
N LEU D 125 48.78 -3.75 -9.46
CA LEU D 125 49.10 -4.97 -10.18
C LEU D 125 48.59 -6.17 -9.39
N THR D 126 48.04 -7.15 -10.10
CA THR D 126 47.53 -8.36 -9.49
C THR D 126 47.35 -9.42 -10.56
N PRO D 127 47.66 -10.69 -10.28
CA PRO D 127 48.22 -11.14 -9.00
C PRO D 127 49.74 -11.06 -8.97
N LYS D 128 50.34 -11.57 -7.90
CA LYS D 128 51.80 -11.59 -7.78
C LYS D 128 52.35 -12.84 -8.46
N GLU D 129 53.28 -12.63 -9.39
CA GLU D 129 53.82 -13.74 -10.17
C GLU D 129 54.57 -14.71 -9.29
N LYS D 130 54.57 -15.98 -9.68
CA LYS D 130 55.21 -17.03 -8.90
C LYS D 130 56.70 -16.78 -8.77
N GLY D 131 57.20 -16.90 -7.54
CA GLY D 131 58.61 -16.68 -7.28
C GLY D 131 59.05 -15.25 -7.53
N SER D 132 58.26 -14.28 -7.10
CA SER D 132 58.59 -12.87 -7.27
C SER D 132 58.36 -12.13 -5.96
N THR D 133 59.11 -11.05 -5.77
CA THR D 133 59.01 -10.20 -4.59
C THR D 133 58.98 -8.73 -5.02
N PHE D 134 58.15 -8.43 -6.01
CA PHE D 134 58.00 -7.07 -6.52
C PHE D 134 57.05 -6.32 -5.61
N LEU D 135 57.60 -5.69 -4.58
CA LEU D 135 56.80 -4.86 -3.70
C LEU D 135 56.34 -3.60 -4.41
N GLN D 136 55.14 -3.14 -4.06
CA GLN D 136 54.53 -1.98 -4.69
C GLN D 136 54.12 -0.97 -3.63
N LEU D 137 54.48 0.29 -3.85
CA LEU D 137 54.04 1.38 -2.97
C LEU D 137 52.75 2.00 -3.48
N GLY D 138 51.74 1.16 -3.72
CA GLY D 138 50.46 1.59 -4.24
C GLY D 138 49.32 1.27 -3.30
N SER D 139 48.13 1.66 -3.74
CA SER D 139 46.91 1.50 -2.95
C SER D 139 45.94 0.59 -3.70
N SER D 140 45.41 -0.41 -2.99
CA SER D 140 44.48 -1.36 -3.59
C SER D 140 43.18 -0.67 -3.96
N THR D 141 42.52 -1.20 -4.99
CA THR D 141 41.27 -0.62 -5.45
C THR D 141 40.19 -0.68 -4.38
N GLU D 142 40.10 -1.81 -3.67
CA GLU D 142 39.08 -1.94 -2.63
C GLU D 142 39.31 -0.93 -1.51
N GLN D 143 40.56 -0.70 -1.13
CA GLN D 143 40.85 0.26 -0.08
C GLN D 143 40.38 1.66 -0.46
N GLN D 144 40.63 2.05 -1.72
CA GLN D 144 40.19 3.36 -2.18
C GLN D 144 38.67 3.48 -2.18
N LEU D 145 37.99 2.42 -2.62
CA LEU D 145 36.53 2.43 -2.63
C LEU D 145 35.96 2.55 -1.22
N GLN D 146 36.59 1.88 -0.25
CA GLN D 146 36.13 1.98 1.13
C GLN D 146 36.21 3.41 1.63
N VAL D 147 37.26 4.13 1.27
CA VAL D 147 37.40 5.51 1.70
C VAL D 147 36.26 6.37 1.15
N ILE D 148 35.76 6.03 -0.04
CA ILE D 148 34.70 6.82 -0.65
C ILE D 148 33.45 6.80 0.23
N PHE D 149 33.06 5.62 0.72
CA PHE D 149 31.84 5.52 1.51
C PHE D 149 31.94 6.29 2.81
N GLU D 150 33.14 6.37 3.39
CA GLU D 150 33.33 7.23 4.56
C GLU D 150 33.07 8.69 4.20
N VAL D 151 33.48 9.10 3.01
CA VAL D 151 33.16 10.46 2.55
C VAL D 151 31.67 10.59 2.27
N LEU D 152 31.06 9.53 1.74
CA LEU D 152 29.66 9.59 1.34
C LEU D 152 28.74 9.83 2.55
N GLU D 153 29.01 9.12 3.66
CA GLU D 153 28.18 9.30 4.84
C GLU D 153 28.38 10.68 5.47
N GLU D 154 29.60 11.22 5.39
CA GLU D 154 29.85 12.53 5.98
C GLU D 154 29.02 13.61 5.29
N TYR D 155 28.92 13.54 3.97
CA TYR D 155 28.09 14.48 3.23
C TYR D 155 26.64 14.04 3.08
N ASP D 156 26.33 12.81 3.51
CA ASP D 156 24.97 12.28 3.51
C ASP D 156 24.38 12.29 2.09
N TRP D 157 25.00 11.49 1.22
CA TRP D 157 24.52 11.28 -0.14
C TRP D 157 24.12 9.81 -0.24
N THR D 158 22.89 9.51 0.17
CA THR D 158 22.45 8.12 0.29
C THR D 158 22.11 7.53 -1.07
N SER D 159 21.50 8.30 -1.97
CA SER D 159 21.09 7.80 -3.28
C SER D 159 22.19 8.09 -4.29
N PHE D 160 22.66 7.03 -4.97
CA PHE D 160 23.77 7.16 -5.89
C PHE D 160 23.85 5.92 -6.75
N VAL D 161 24.54 6.05 -7.89
CA VAL D 161 24.78 4.94 -8.80
C VAL D 161 26.19 5.09 -9.37
N ALA D 162 26.89 3.96 -9.50
CA ALA D 162 28.21 3.94 -10.10
C ALA D 162 28.11 3.56 -11.57
N VAL D 163 29.10 4.00 -12.35
CA VAL D 163 29.14 3.73 -13.78
C VAL D 163 30.50 3.13 -14.14
N THR D 164 30.49 2.05 -14.90
CA THR D 164 31.71 1.41 -15.37
C THR D 164 31.52 1.01 -16.82
N THR D 165 32.63 0.93 -17.56
CA THR D 165 32.62 0.60 -18.97
C THR D 165 33.43 -0.67 -19.21
N ARG D 166 33.32 -1.18 -20.43
CA ARG D 166 34.13 -2.31 -20.87
C ARG D 166 35.48 -1.77 -21.31
N ALA D 167 36.47 -1.85 -20.41
CA ALA D 167 37.78 -1.27 -20.65
C ALA D 167 38.87 -2.32 -20.50
N PRO D 168 40.00 -2.17 -21.18
CA PRO D 168 41.09 -3.14 -21.02
C PRO D 168 41.60 -3.19 -19.58
N GLY D 169 41.95 -4.39 -19.14
CA GLY D 169 42.46 -4.57 -17.80
C GLY D 169 41.48 -4.22 -16.70
N HIS D 170 40.20 -4.52 -16.91
CA HIS D 170 39.15 -4.19 -15.95
C HIS D 170 38.38 -5.46 -15.60
N ARG D 171 37.96 -5.55 -14.33
CA ARG D 171 37.14 -6.65 -13.87
C ARG D 171 36.20 -6.12 -12.79
N ALA D 172 34.91 -6.38 -12.97
CA ALA D 172 33.92 -5.91 -12.01
C ALA D 172 34.01 -6.63 -10.67
N PHE D 173 34.79 -7.72 -10.59
CA PHE D 173 34.88 -8.48 -9.35
C PHE D 173 35.43 -7.62 -8.21
N LEU D 174 36.44 -6.80 -8.51
CA LEU D 174 36.98 -5.92 -7.48
C LEU D 174 35.99 -4.84 -7.07
N SER D 175 34.95 -4.62 -7.88
CA SER D 175 33.95 -3.61 -7.59
C SER D 175 32.74 -4.15 -6.84
N TYR D 176 32.76 -5.44 -6.47
CA TYR D 176 31.66 -6.04 -5.74
C TYR D 176 31.82 -5.94 -4.23
N ILE D 177 32.85 -5.23 -3.76
CA ILE D 177 32.98 -4.99 -2.33
C ILE D 177 31.83 -4.14 -1.82
N GLU D 178 31.21 -3.35 -2.70
CA GLU D 178 30.08 -2.53 -2.28
C GLU D 178 28.89 -3.39 -1.89
N VAL D 179 28.67 -4.49 -2.61
CA VAL D 179 27.56 -5.38 -2.29
C VAL D 179 27.71 -5.95 -0.89
N LEU D 180 28.94 -6.34 -0.53
CA LEU D 180 29.19 -6.85 0.83
C LEU D 180 28.93 -5.77 1.87
N THR D 181 29.35 -4.53 1.59
CA THR D 181 29.13 -3.43 2.50
C THR D 181 27.69 -2.92 2.36
N ASP D 182 27.43 -1.73 2.93
CA ASP D 182 26.17 -0.99 2.91
C ASP D 182 25.14 -1.56 3.87
N GLY D 183 25.44 -2.67 4.56
CA GLY D 183 24.50 -3.18 5.53
C GLY D 183 24.69 -2.52 6.87
N SER D 184 23.90 -1.49 7.16
CA SER D 184 24.05 -0.72 8.38
C SER D 184 22.72 -0.07 8.71
N LEU D 185 22.73 0.74 9.77
CA LEU D 185 21.51 1.36 10.29
C LEU D 185 21.09 2.59 9.50
N VAL D 186 21.89 3.03 8.53
CA VAL D 186 21.59 4.23 7.76
C VAL D 186 20.99 3.86 6.42
N GLY D 187 21.40 2.72 5.87
CA GLY D 187 20.88 2.28 4.59
C GLY D 187 21.47 3.04 3.42
N TRP D 188 21.69 2.34 2.31
CA TRP D 188 22.19 2.95 1.08
C TRP D 188 21.42 2.39 -0.10
N GLU D 189 21.38 3.18 -1.17
CA GLU D 189 20.65 2.82 -2.37
C GLU D 189 21.60 2.65 -3.55
N HIS D 190 21.22 1.78 -4.48
CA HIS D 190 22.05 1.49 -5.64
C HIS D 190 21.19 1.21 -6.84
N ARG D 191 21.79 1.32 -8.03
CA ARG D 191 21.17 0.88 -9.28
C ARG D 191 22.12 0.06 -10.13
N GLY D 192 23.26 -0.36 -9.58
CA GLY D 192 24.24 -1.11 -10.35
C GLY D 192 25.09 -0.21 -11.23
N ALA D 193 25.36 -0.67 -12.45
CA ALA D 193 26.12 0.11 -13.42
C ALA D 193 25.72 -0.32 -14.81
N LEU D 194 25.99 0.56 -15.78
CA LEU D 194 25.72 0.30 -17.18
C LEU D 194 27.02 0.41 -17.97
N THR D 195 27.33 -0.65 -18.73
CA THR D 195 28.57 -0.68 -19.50
C THR D 195 28.46 0.23 -20.71
N LEU D 196 29.59 0.84 -21.08
CA LEU D 196 29.69 1.68 -22.26
C LEU D 196 30.77 1.13 -23.18
N ASP D 197 30.41 0.90 -24.44
CA ASP D 197 31.36 0.44 -25.43
C ASP D 197 32.30 1.57 -25.83
N PRO D 198 33.50 1.23 -26.32
CA PRO D 198 34.43 2.29 -26.77
C PRO D 198 33.88 3.17 -27.87
N GLY D 199 33.09 2.61 -28.79
CA GLY D 199 32.56 3.36 -29.91
C GLY D 199 31.35 4.21 -29.55
N VAL D 204 26.15 8.33 -29.77
CA VAL D 204 25.41 7.08 -29.63
C VAL D 204 25.31 6.71 -28.15
N LEU D 205 26.33 7.09 -27.37
CA LEU D 205 26.33 6.77 -25.95
C LEU D 205 25.20 7.45 -25.20
N SER D 206 24.68 8.56 -25.72
CA SER D 206 23.56 9.24 -25.08
C SER D 206 22.30 8.40 -25.04
N ALA D 207 22.23 7.35 -25.86
CA ALA D 207 21.03 6.51 -25.92
C ALA D 207 20.92 5.53 -24.77
N GLN D 208 21.97 5.40 -23.93
CA GLN D 208 21.91 4.45 -22.84
C GLN D 208 22.21 5.10 -21.49
N LEU D 209 23.05 6.13 -21.48
CA LEU D 209 23.44 6.77 -20.22
C LEU D 209 22.30 7.52 -19.57
N ARG D 210 21.16 7.69 -20.26
CA ARG D 210 20.04 8.42 -19.69
C ARG D 210 19.45 7.72 -18.47
N SER D 211 19.78 6.45 -18.26
CA SER D 211 19.30 5.70 -17.09
C SER D 211 20.11 6.05 -15.85
N VAL D 212 20.02 7.33 -15.47
CA VAL D 212 20.70 7.85 -14.28
C VAL D 212 19.69 8.63 -13.46
N SER D 213 19.75 8.47 -12.14
CA SER D 213 18.79 9.10 -11.25
C SER D 213 19.42 10.00 -10.19
N ALA D 214 20.69 9.80 -9.86
CA ALA D 214 21.34 10.60 -8.82
C ALA D 214 22.60 11.24 -9.36
N GLN D 215 22.91 12.42 -8.83
CA GLN D 215 24.09 13.15 -9.26
C GLN D 215 25.38 12.45 -8.82
N ILE D 216 25.33 11.70 -7.72
CA ILE D 216 26.53 11.05 -7.19
C ILE D 216 26.82 9.84 -8.06
N ARG D 217 27.83 9.95 -8.92
CA ARG D 217 28.19 8.88 -9.84
C ARG D 217 29.66 8.52 -9.66
N LEU D 218 29.93 7.22 -9.65
CA LEU D 218 31.27 6.69 -9.48
C LEU D 218 31.74 6.02 -10.77
N LEU D 219 32.96 6.31 -11.17
CA LEU D 219 33.50 5.88 -12.46
C LEU D 219 34.57 4.83 -12.27
N PHE D 220 34.53 3.80 -13.13
CA PHE D 220 35.56 2.75 -13.17
C PHE D 220 35.78 2.39 -14.63
N CYS D 221 36.77 3.01 -15.25
CA CYS D 221 37.04 2.82 -16.67
C CYS D 221 38.48 3.22 -16.96
N ALA D 222 38.91 2.95 -18.20
CA ALA D 222 40.26 3.30 -18.61
C ALA D 222 40.39 4.81 -18.76
N ARG D 223 41.48 5.36 -18.23
CA ARG D 223 41.71 6.80 -18.36
C ARG D 223 41.96 7.19 -19.80
N GLU D 224 42.63 6.33 -20.57
CA GLU D 224 42.98 6.68 -21.95
C GLU D 224 41.72 6.86 -22.80
N GLU D 225 40.73 5.99 -22.62
CA GLU D 225 39.47 6.11 -23.34
C GLU D 225 38.43 6.90 -22.56
N ALA D 226 38.79 7.47 -21.42
CA ALA D 226 37.85 8.27 -20.64
C ALA D 226 37.49 9.58 -21.36
N GLU D 227 38.44 10.14 -22.12
CA GLU D 227 38.18 11.42 -22.78
C GLU D 227 37.01 11.36 -23.74
N PRO D 228 36.89 10.38 -24.66
CA PRO D 228 35.65 10.27 -25.41
C PRO D 228 34.44 9.97 -24.54
N VAL D 229 34.62 9.24 -23.44
CA VAL D 229 33.52 8.99 -22.52
C VAL D 229 33.06 10.29 -21.88
N PHE D 230 34.01 11.14 -21.46
CA PHE D 230 33.63 12.42 -20.88
C PHE D 230 32.89 13.29 -21.89
N ARG D 231 33.35 13.29 -23.15
CA ARG D 231 32.71 14.10 -24.17
C ARG D 231 31.27 13.65 -24.42
N ALA D 232 31.03 12.34 -24.42
CA ALA D 232 29.67 11.84 -24.58
C ALA D 232 28.79 12.24 -23.41
N ALA D 233 29.34 12.20 -22.19
CA ALA D 233 28.59 12.61 -21.02
C ALA D 233 28.46 14.13 -20.92
N GLU D 234 29.48 14.87 -21.35
CA GLU D 234 29.43 16.32 -21.27
C GLU D 234 28.34 16.90 -22.16
N GLU D 235 28.19 16.36 -23.37
CA GLU D 235 27.15 16.83 -24.27
C GLU D 235 25.76 16.43 -23.80
N ALA D 236 25.65 15.56 -22.80
CA ALA D 236 24.38 15.15 -22.23
C ALA D 236 23.93 16.03 -21.08
N GLY D 237 24.68 17.08 -20.75
CA GLY D 237 24.34 17.95 -19.65
C GLY D 237 24.81 17.50 -18.29
N LEU D 238 25.63 16.45 -18.22
CA LEU D 238 26.13 15.92 -16.96
C LEU D 238 27.52 16.49 -16.66
N THR D 239 27.58 17.80 -16.59
CA THR D 239 28.85 18.52 -16.39
C THR D 239 28.78 19.53 -15.25
N GLY D 240 27.65 20.20 -15.07
CA GLY D 240 27.56 21.27 -14.10
C GLY D 240 27.50 20.75 -12.68
N SER D 241 27.44 21.71 -11.75
CA SER D 241 27.43 21.38 -10.32
C SER D 241 26.20 20.59 -9.93
N GLY D 242 25.15 20.60 -10.76
CA GLY D 242 23.98 19.79 -10.48
C GLY D 242 24.28 18.31 -10.47
N TYR D 243 25.24 17.86 -11.28
CA TYR D 243 25.63 16.47 -11.36
C TYR D 243 27.13 16.36 -11.11
N VAL D 244 27.50 15.70 -10.02
CA VAL D 244 28.89 15.60 -9.62
C VAL D 244 29.50 14.37 -10.30
N TRP D 245 30.82 14.34 -10.37
CA TRP D 245 31.54 13.23 -10.98
C TRP D 245 32.64 12.74 -10.04
N PHE D 246 32.83 11.42 -10.00
CA PHE D 246 33.90 10.81 -9.23
C PHE D 246 34.91 10.16 -10.15
N MET D 247 36.18 10.43 -9.91
CA MET D 247 37.27 9.86 -10.70
C MET D 247 38.22 9.17 -9.72
N VAL D 248 37.90 7.93 -9.36
CA VAL D 248 38.66 7.19 -8.37
C VAL D 248 39.08 5.86 -8.98
N GLY D 249 40.37 5.55 -8.89
CA GLY D 249 40.92 4.32 -9.42
C GLY D 249 42.29 4.55 -10.02
N PRO D 250 42.82 3.53 -10.69
CA PRO D 250 44.13 3.69 -11.34
C PRO D 250 44.04 4.59 -12.56
N GLN D 251 43.62 5.84 -12.36
CA GLN D 251 43.44 6.82 -13.41
C GLN D 251 44.14 8.13 -13.03
N LEU D 252 45.39 8.03 -12.60
CA LEU D 252 46.14 9.21 -12.17
C LEU D 252 46.27 10.20 -13.33
N ALA D 253 46.17 11.49 -13.00
CA ALA D 253 46.26 12.55 -14.00
C ALA D 253 47.19 13.69 -13.61
N GLY D 254 47.56 13.81 -12.35
CA GLY D 254 48.42 14.90 -11.91
C GLY D 254 49.85 14.79 -12.39
N PRO D 272 38.81 17.56 -21.83
CA PRO D 272 37.56 18.13 -21.33
C PRO D 272 37.01 17.37 -20.14
N LEU D 273 37.00 17.99 -18.96
CA LEU D 273 36.50 17.37 -17.74
C LEU D 273 35.51 18.31 -17.07
N PRO D 274 34.53 17.75 -16.36
CA PRO D 274 33.49 18.57 -15.73
C PRO D 274 34.01 19.17 -14.42
N ALA D 275 33.10 19.85 -13.73
CA ALA D 275 33.38 20.43 -12.42
C ALA D 275 33.04 19.45 -11.31
N GLY D 276 33.61 19.71 -10.14
CA GLY D 276 33.35 18.87 -8.98
C GLY D 276 33.86 17.45 -9.14
N LEU D 277 35.17 17.28 -9.18
CA LEU D 277 35.79 15.98 -9.37
C LEU D 277 36.61 15.61 -8.13
N PHE D 278 36.63 14.33 -7.80
CA PHE D 278 37.36 13.81 -6.65
C PHE D 278 38.19 12.60 -7.06
N ALA D 279 39.35 12.47 -6.44
CA ALA D 279 40.29 11.40 -6.78
C ALA D 279 41.10 11.02 -5.56
N VAL D 280 41.69 9.84 -5.63
CA VAL D 280 42.54 9.29 -4.57
C VAL D 280 43.99 9.32 -5.04
N ARG D 281 44.89 9.72 -4.15
CA ARG D 281 46.28 9.98 -4.50
C ARG D 281 47.28 9.10 -3.77
N SER D 282 47.01 8.77 -2.50
CA SER D 282 47.95 8.05 -1.65
C SER D 282 49.29 8.77 -1.56
N ALA D 283 49.23 10.10 -1.49
CA ALA D 283 50.42 10.95 -1.41
C ALA D 283 51.36 10.74 -2.59
N GLY D 284 50.82 10.43 -3.77
CA GLY D 284 51.64 10.20 -4.93
C GLY D 284 52.37 11.44 -5.39
N TRP D 285 51.68 12.58 -5.41
CA TRP D 285 52.27 13.84 -5.86
C TRP D 285 52.98 14.58 -4.73
N ARG D 286 52.39 14.60 -3.55
CA ARG D 286 52.98 15.22 -2.37
C ARG D 286 53.92 14.24 -1.68
N ASP D 287 54.31 14.56 -0.44
CA ASP D 287 55.15 13.72 0.41
C ASP D 287 56.59 13.63 -0.10
N ASP D 288 57.06 14.68 -0.79
CA ASP D 288 58.46 14.83 -1.16
C ASP D 288 58.95 13.64 -1.99
N LEU D 289 58.37 13.53 -3.18
CA LEU D 289 58.76 12.46 -4.10
C LEU D 289 60.24 12.53 -4.46
N ALA D 290 60.86 13.70 -4.30
CA ALA D 290 62.30 13.81 -4.43
C ALA D 290 63.05 13.26 -3.21
N ARG D 291 62.35 13.07 -2.10
CA ARG D 291 62.97 12.52 -0.90
C ARG D 291 62.63 11.05 -0.69
N ARG D 292 61.58 10.54 -1.34
CA ARG D 292 61.18 9.16 -1.17
C ARG D 292 62.27 8.19 -1.60
N VAL D 293 63.23 8.65 -2.39
CA VAL D 293 64.35 7.79 -2.78
C VAL D 293 65.10 7.31 -1.55
N ALA D 294 65.23 8.17 -0.54
CA ALA D 294 65.80 7.75 0.72
C ALA D 294 64.84 6.87 1.50
N ALA D 295 63.52 7.08 1.33
CA ALA D 295 62.55 6.25 2.02
C ALA D 295 62.48 4.85 1.44
N GLY D 296 62.48 4.73 0.12
CA GLY D 296 62.41 3.42 -0.50
C GLY D 296 63.64 2.57 -0.24
N VAL D 297 64.83 3.17 -0.30
CA VAL D 297 66.03 2.42 0.00
C VAL D 297 66.07 2.04 1.48
N ALA D 298 65.37 2.78 2.32
CA ALA D 298 65.41 2.52 3.75
C ALA D 298 64.70 1.21 4.09
N VAL D 299 63.50 1.00 3.56
CA VAL D 299 62.70 -0.15 3.96
C VAL D 299 63.37 -1.46 3.53
N VAL D 300 63.91 -1.49 2.31
CA VAL D 300 64.62 -2.69 1.87
C VAL D 300 65.88 -2.90 2.68
N ALA D 301 66.55 -1.81 3.08
CA ALA D 301 67.73 -1.93 3.92
C ALA D 301 67.38 -2.57 5.26
N ARG D 302 66.24 -2.19 5.84
CA ARG D 302 65.80 -2.83 7.07
C ARG D 302 65.48 -4.30 6.87
N GLY D 303 65.12 -4.69 5.64
CA GLY D 303 64.84 -6.09 5.37
C GLY D 303 66.06 -6.97 5.55
N ALA D 304 67.18 -6.57 4.96
CA ALA D 304 68.42 -7.32 5.13
C ALA D 304 68.98 -7.15 6.53
N GLN D 305 68.80 -5.97 7.13
CA GLN D 305 69.26 -5.75 8.49
C GLN D 305 68.52 -6.65 9.47
N ALA D 306 67.20 -6.82 9.28
CA ALA D 306 66.44 -7.71 10.13
C ALA D 306 66.74 -9.17 9.81
N LEU D 307 66.92 -9.50 8.53
CA LEU D 307 67.23 -10.88 8.17
C LEU D 307 68.58 -11.30 8.72
N LEU D 308 69.59 -10.42 8.64
CA LEU D 308 70.90 -10.75 9.16
C LEU D 308 70.86 -10.97 10.66
N ARG D 309 70.16 -10.10 11.39
CA ARG D 309 70.03 -10.27 12.83
C ARG D 309 69.14 -11.45 13.19
N ASP D 310 68.28 -11.90 12.27
CA ASP D 310 67.47 -13.09 12.49
C ASP D 310 68.14 -14.34 11.93
N TYR D 311 68.94 -14.20 10.87
CA TYR D 311 69.69 -15.32 10.30
C TYR D 311 70.93 -14.75 9.66
N GLY D 312 72.06 -14.81 10.37
CA GLY D 312 73.29 -14.24 9.87
C GLY D 312 73.86 -14.99 8.68
N PHE D 313 73.78 -14.38 7.50
CA PHE D 313 74.25 -15.03 6.28
C PHE D 313 74.38 -13.97 5.20
N LEU D 314 75.00 -14.36 4.09
CA LEU D 314 75.15 -13.51 2.90
C LEU D 314 74.67 -14.30 1.68
N PRO D 315 73.35 -14.46 1.53
CA PRO D 315 72.83 -15.25 0.40
C PRO D 315 72.70 -14.43 -0.89
N GLU D 316 73.85 -14.21 -1.53
CA GLU D 316 73.91 -13.48 -2.80
C GLU D 316 73.87 -14.43 -4.00
N LEU D 317 72.85 -15.28 -4.04
CA LEU D 317 72.70 -16.19 -5.17
C LEU D 317 72.37 -15.43 -6.45
N GLY D 318 71.60 -14.36 -6.34
CA GLY D 318 71.23 -13.56 -7.50
C GLY D 318 72.29 -12.56 -7.89
N HIS D 319 73.56 -12.98 -7.80
CA HIS D 319 74.66 -12.09 -8.17
C HIS D 319 74.77 -11.94 -9.68
N ASP D 320 74.36 -12.96 -10.44
CA ASP D 320 74.46 -12.95 -11.89
C ASP D 320 73.14 -13.39 -12.50
N CYS D 321 72.82 -12.82 -13.67
CA CYS D 321 71.59 -13.18 -14.36
C CYS D 321 71.60 -14.65 -14.77
N ARG D 322 72.71 -15.13 -15.29
CA ARG D 322 72.83 -16.50 -15.81
C ARG D 322 73.84 -17.31 -15.02
N ALA D 323 73.88 -17.10 -13.70
CA ALA D 323 74.76 -17.90 -12.85
C ALA D 323 74.37 -19.37 -12.89
N GLN D 324 73.07 -19.66 -12.83
CA GLN D 324 72.56 -21.01 -12.96
C GLN D 324 71.23 -20.96 -13.69
N ASN D 325 71.08 -21.79 -14.72
CA ASN D 325 69.88 -21.81 -15.54
C ASN D 325 68.80 -22.65 -14.84
N ARG D 326 68.37 -22.15 -13.69
CA ARG D 326 67.35 -22.82 -12.89
C ARG D 326 66.58 -21.77 -12.10
N THR D 327 65.37 -22.14 -11.68
CA THR D 327 64.49 -21.26 -10.91
C THR D 327 63.92 -22.00 -9.71
N HIS D 328 64.78 -22.74 -8.99
CA HIS D 328 64.36 -23.48 -7.81
C HIS D 328 65.01 -22.98 -6.53
N ARG D 329 65.85 -21.94 -6.60
CA ARG D 329 66.55 -21.41 -5.44
C ARG D 329 65.96 -20.05 -5.08
N GLY D 330 65.58 -19.90 -3.81
CA GLY D 330 65.01 -18.65 -3.34
C GLY D 330 65.51 -18.23 -1.97
N GLU D 331 65.79 -16.95 -1.81
CA GLU D 331 66.31 -16.41 -0.56
C GLU D 331 65.23 -16.03 0.44
N SER D 332 63.96 -16.20 0.08
CA SER D 332 62.83 -16.16 1.03
C SER D 332 62.74 -14.83 1.77
N LEU D 333 62.49 -13.77 1.01
CA LEU D 333 62.17 -12.48 1.60
C LEU D 333 60.68 -12.24 1.73
N HIS D 334 59.85 -13.06 1.05
CA HIS D 334 58.41 -12.91 1.16
C HIS D 334 57.90 -13.07 2.57
N ARG D 335 58.67 -13.74 3.43
CA ARG D 335 58.31 -13.95 4.82
C ARG D 335 58.56 -12.72 5.69
N TYR D 336 58.85 -11.58 5.09
CA TYR D 336 59.18 -10.36 5.80
C TYR D 336 58.04 -9.36 5.64
N PHE D 337 58.22 -8.17 6.20
CA PHE D 337 57.25 -7.06 6.14
C PHE D 337 56.01 -7.32 6.99
N MET D 338 56.15 -8.13 8.04
CA MET D 338 55.06 -8.26 9.00
C MET D 338 54.98 -7.04 9.90
N ASN D 339 56.13 -6.46 10.25
CA ASN D 339 56.20 -5.33 11.18
C ASN D 339 57.20 -4.33 10.62
N ILE D 340 56.70 -3.29 9.95
CA ILE D 340 57.52 -2.24 9.37
C ILE D 340 57.01 -0.92 9.95
N THR D 341 57.76 -0.34 10.88
CA THR D 341 57.38 0.90 11.53
C THR D 341 58.37 2.00 11.14
N TRP D 342 57.85 3.09 10.60
CA TRP D 342 58.65 4.27 10.27
C TRP D 342 57.69 5.43 10.06
N ASP D 343 58.16 6.63 10.40
CA ASP D 343 57.38 7.86 10.24
C ASP D 343 56.07 7.78 11.04
N ASN D 344 56.20 7.34 12.29
CA ASN D 344 55.09 7.09 13.22
C ASN D 344 53.91 6.44 12.53
N ARG D 345 54.19 5.49 11.63
CA ARG D 345 53.15 4.81 10.88
C ARG D 345 53.63 3.41 10.54
N ASP D 346 52.67 2.54 10.26
CA ASP D 346 52.94 1.14 9.95
C ASP D 346 53.02 0.96 8.44
N TYR D 347 54.09 0.30 7.99
CA TYR D 347 54.29 0.01 6.57
C TYR D 347 54.34 -1.50 6.33
N SER D 348 53.59 -2.27 7.11
CA SER D 348 53.58 -3.72 6.98
C SER D 348 52.91 -4.12 5.68
N PHE D 349 53.70 -4.54 4.70
CA PHE D 349 53.18 -4.96 3.41
C PHE D 349 52.59 -6.36 3.52
N ASN D 350 51.40 -6.55 2.96
CA ASN D 350 50.68 -7.80 3.07
C ASN D 350 51.23 -8.80 2.04
N GLU D 351 50.48 -9.89 1.84
CA GLU D 351 50.81 -10.81 0.75
C GLU D 351 50.67 -10.12 -0.60
N ASP D 352 49.65 -9.29 -0.76
CA ASP D 352 49.46 -8.57 -2.00
C ASP D 352 50.52 -7.50 -2.23
N GLY D 353 51.16 -7.04 -1.16
CA GLY D 353 52.27 -6.11 -1.32
C GLY D 353 51.89 -4.67 -1.52
N PHE D 354 50.83 -4.20 -0.86
CA PHE D 354 50.48 -2.78 -0.85
C PHE D 354 50.43 -2.28 0.58
N LEU D 355 50.58 -0.97 0.73
CA LEU D 355 50.50 -0.34 2.05
C LEU D 355 49.12 -0.58 2.65
N VAL D 356 49.09 -1.25 3.80
CA VAL D 356 47.82 -1.60 4.41
C VAL D 356 47.07 -0.36 4.88
N ASN D 357 47.78 0.61 5.46
CA ASN D 357 47.19 1.87 5.91
C ASN D 357 48.03 3.02 5.39
N PRO D 358 47.89 3.37 4.11
CA PRO D 358 48.63 4.50 3.56
C PRO D 358 47.88 5.81 3.78
N SER D 359 48.59 6.91 3.54
CA SER D 359 48.04 8.26 3.69
C SER D 359 47.27 8.62 2.42
N LEU D 360 46.05 8.11 2.33
CA LEU D 360 45.18 8.44 1.20
C LEU D 360 44.81 9.92 1.24
N VAL D 361 44.63 10.50 0.06
CA VAL D 361 44.37 11.93 -0.08
C VAL D 361 43.16 12.12 -0.99
N VAL D 362 42.21 12.94 -0.54
CA VAL D 362 41.07 13.35 -1.36
C VAL D 362 41.38 14.73 -1.94
N ILE D 363 41.08 14.90 -3.24
CA ILE D 363 41.39 16.13 -3.95
C ILE D 363 40.15 16.59 -4.70
N SER D 364 40.14 17.88 -5.02
CA SER D 364 39.01 18.52 -5.67
C SER D 364 39.44 19.05 -7.04
N LEU D 365 38.54 19.79 -7.68
CA LEU D 365 38.81 20.38 -8.99
C LEU D 365 38.03 21.66 -9.13
N THR D 366 38.74 22.79 -9.21
CA THR D 366 38.09 24.07 -9.45
C THR D 366 37.52 24.09 -10.87
N ARG D 367 36.41 24.82 -11.03
CA ARG D 367 35.77 24.91 -12.35
C ARG D 367 36.72 25.51 -13.38
N ASP D 368 37.63 26.39 -12.96
CA ASP D 368 38.57 27.02 -13.89
C ASP D 368 39.80 26.16 -14.12
N ARG D 369 39.58 24.88 -14.45
CA ARG D 369 40.62 23.95 -14.87
C ARG D 369 41.80 23.95 -13.90
N THR D 370 41.51 24.06 -12.60
CA THR D 370 42.53 24.23 -11.58
C THR D 370 42.48 23.05 -10.62
N TRP D 371 43.63 22.40 -10.43
CA TRP D 371 43.71 21.26 -9.53
C TRP D 371 43.93 21.72 -8.09
N GLU D 372 43.26 21.06 -7.16
CA GLU D 372 43.26 21.48 -5.76
C GLU D 372 43.01 20.26 -4.89
N VAL D 373 43.46 20.35 -3.64
CA VAL D 373 43.26 19.31 -2.64
C VAL D 373 42.40 19.87 -1.52
N VAL D 374 41.30 19.17 -1.22
CA VAL D 374 40.33 19.61 -0.23
C VAL D 374 40.36 18.63 0.94
N GLY D 375 40.40 19.18 2.15
CA GLY D 375 40.39 18.35 3.34
C GLY D 375 41.63 17.48 3.45
N SER D 376 41.50 16.41 4.24
CA SER D 376 42.59 15.48 4.45
C SER D 376 42.01 14.17 4.95
N TRP D 377 42.82 13.12 4.85
CA TRP D 377 42.46 11.79 5.34
C TRP D 377 43.59 11.23 6.18
N GLU D 378 43.22 10.56 7.27
CA GLU D 378 44.16 9.91 8.16
C GLU D 378 43.56 8.57 8.57
N GLN D 379 44.17 7.94 9.58
CA GLN D 379 43.96 6.53 9.89
C GLN D 379 42.49 6.10 9.82
N GLN D 380 41.64 6.68 10.66
CA GLN D 380 40.25 6.25 10.68
C GLN D 380 39.28 7.43 10.84
N THR D 381 39.73 8.65 10.58
CA THR D 381 38.89 9.84 10.69
C THR D 381 39.01 10.65 9.41
N LEU D 382 38.02 11.52 9.20
CA LEU D 382 37.89 12.23 7.94
C LEU D 382 37.80 13.74 8.16
N ARG D 383 38.74 14.30 8.93
CA ARG D 383 38.78 15.74 9.11
C ARG D 383 38.90 16.42 7.75
N LEU D 384 37.85 17.12 7.35
CA LEU D 384 37.72 17.60 5.98
C LEU D 384 37.28 19.05 5.96
N LYS D 385 37.75 19.78 4.96
CA LYS D 385 37.24 21.12 4.72
C LYS D 385 35.83 21.04 4.13
N TYR D 386 35.03 22.07 4.40
CA TYR D 386 33.63 22.14 3.98
C TYR D 386 32.89 20.93 4.53
N PRO D 387 32.77 20.77 5.84
CA PRO D 387 32.06 19.61 6.38
C PRO D 387 30.57 19.67 6.12
N LEU D 388 29.96 20.81 6.45
CA LEU D 388 28.52 21.00 6.29
C LEU D 388 28.13 21.09 4.83
N THR D 402 15.21 26.70 -7.61
CA THR D 402 13.76 26.66 -7.75
C THR D 402 13.17 25.58 -6.86
N GLN D 403 13.90 24.49 -6.67
CA GLN D 403 13.48 23.39 -5.83
C GLN D 403 14.29 23.29 -4.54
N HIS D 404 15.11 24.29 -4.24
CA HIS D 404 15.96 24.26 -3.05
C HIS D 404 15.44 25.33 -2.09
N LEU D 405 14.69 24.90 -1.08
CA LEU D 405 14.08 25.79 -0.12
C LEU D 405 14.31 25.26 1.28
N THR D 406 14.30 26.17 2.24
CA THR D 406 14.58 25.84 3.63
C THR D 406 13.31 26.02 4.47
N VAL D 407 13.26 25.29 5.60
CA VAL D 407 12.12 25.33 6.50
C VAL D 407 12.61 25.63 7.90
N ALA D 408 11.66 25.79 8.82
CA ALA D 408 11.97 26.07 10.21
C ALA D 408 11.00 25.32 11.11
N THR D 409 11.52 24.72 12.19
CA THR D 409 10.72 23.91 13.09
C THR D 409 11.11 24.19 14.53
N LEU D 410 10.32 23.64 15.45
CA LEU D 410 10.63 23.66 16.88
C LEU D 410 10.53 22.25 17.44
N GLU D 411 10.54 22.13 18.76
CA GLU D 411 10.48 20.84 19.44
C GLU D 411 9.15 20.72 20.16
N GLU D 412 8.40 19.67 19.86
CA GLU D 412 7.17 19.37 20.59
C GLU D 412 7.10 17.87 20.80
N ARG D 413 6.49 17.48 21.92
CA ARG D 413 6.56 16.08 22.36
C ARG D 413 5.99 15.10 21.35
N PRO D 414 4.76 15.25 20.86
CA PRO D 414 4.19 14.20 20.02
C PRO D 414 4.27 14.47 18.53
N PHE D 415 4.65 15.69 18.13
CA PHE D 415 4.55 16.11 16.75
C PHE D 415 5.89 16.19 16.03
N VAL D 416 6.84 16.94 16.57
CA VAL D 416 8.17 17.07 15.97
C VAL D 416 9.20 16.93 17.07
N ILE D 417 9.89 15.79 17.09
CA ILE D 417 10.72 15.37 18.23
C ILE D 417 12.18 15.31 17.79
N VAL D 418 13.07 15.78 18.67
CA VAL D 418 14.50 15.90 18.38
C VAL D 418 15.27 14.94 19.28
N GLU D 419 16.12 14.12 18.68
CA GLU D 419 16.96 13.19 19.41
C GLU D 419 18.40 13.29 18.93
N PRO D 420 19.38 13.01 19.80
CA PRO D 420 20.78 13.12 19.40
C PRO D 420 21.18 12.04 18.40
N ALA D 421 22.21 12.35 17.63
CA ALA D 421 22.61 11.51 16.52
C ALA D 421 23.25 10.21 17.01
N ASP D 422 23.45 9.29 16.08
CA ASP D 422 24.07 8.02 16.41
C ASP D 422 25.55 8.22 16.68
N PRO D 423 26.05 7.83 17.85
CA PRO D 423 27.49 8.03 18.14
C PRO D 423 28.41 7.25 17.22
N ILE D 424 27.99 6.07 16.76
CA ILE D 424 28.88 5.21 15.98
C ILE D 424 29.02 5.75 14.56
N SER D 425 27.92 5.83 13.83
CA SER D 425 27.96 6.24 12.43
C SER D 425 28.18 7.75 12.28
N GLY D 426 27.81 8.54 13.28
CA GLY D 426 27.89 9.97 13.12
C GLY D 426 26.80 10.56 12.24
N THR D 427 25.78 9.78 11.91
CA THR D 427 24.68 10.24 11.06
C THR D 427 23.35 9.87 11.68
N CYS D 428 22.27 10.03 10.92
CA CYS D 428 20.92 9.80 11.41
C CYS D 428 20.44 8.42 11.00
N ILE D 429 19.81 7.71 11.95
CA ILE D 429 19.20 6.42 11.65
C ILE D 429 18.09 6.61 10.62
N ARG D 430 17.74 5.52 9.94
CA ARG D 430 16.66 5.56 8.97
C ARG D 430 15.36 5.96 9.66
N ASP D 431 14.36 6.29 8.84
CA ASP D 431 13.10 6.87 9.32
C ASP D 431 13.36 8.14 10.13
N SER D 432 14.28 8.96 9.64
CA SER D 432 14.57 10.25 10.26
C SER D 432 15.15 11.15 9.18
N VAL D 433 15.21 12.44 9.49
CA VAL D 433 15.75 13.44 8.59
C VAL D 433 16.75 14.28 9.38
N PRO D 434 17.88 14.65 8.81
CA PRO D 434 18.89 15.39 9.60
C PRO D 434 18.49 16.81 9.92
N CYS D 435 18.30 17.09 11.20
CA CYS D 435 18.03 18.45 11.67
C CYS D 435 19.33 19.09 12.13
N ARG D 436 19.75 20.13 11.42
CA ARG D 436 20.80 21.00 11.92
C ARG D 436 20.25 21.85 13.06
N SER D 437 21.14 22.35 13.90
CA SER D 437 20.73 22.99 15.16
C SER D 437 21.35 24.37 15.32
N GLN D 438 21.25 25.20 14.29
CA GLN D 438 21.60 26.61 14.47
C GLN D 438 20.77 27.26 15.55
N PRO D 450 29.46 28.30 13.15
CA PRO D 450 29.78 26.95 13.61
C PRO D 450 28.74 25.95 13.13
N ARG D 451 27.50 26.15 13.56
CA ARG D 451 26.38 25.25 13.24
C ARG D 451 26.75 23.80 13.55
N PRO D 452 27.07 23.49 14.81
CA PRO D 452 27.56 22.15 15.14
C PRO D 452 26.45 21.19 15.52
N GLU D 453 26.84 19.99 15.97
CA GLU D 453 25.97 18.97 16.55
C GLU D 453 24.70 18.76 15.71
N LYS D 454 24.94 18.24 14.51
CA LYS D 454 23.86 17.77 13.65
C LYS D 454 23.01 16.73 14.35
N ARG D 455 21.75 17.06 14.63
CA ARG D 455 20.85 16.20 15.38
C ARG D 455 19.91 15.44 14.42
N CYS D 456 19.06 14.60 14.99
CA CYS D 456 18.07 13.84 14.25
C CYS D 456 16.68 14.17 14.78
N CYS D 457 15.70 14.22 13.88
CA CYS D 457 14.36 14.62 14.21
C CYS D 457 13.34 13.78 13.46
N LYS D 458 12.20 13.54 14.09
CA LYS D 458 11.14 12.73 13.50
C LYS D 458 9.82 13.14 14.16
N GLY D 459 8.78 12.34 13.94
CA GLY D 459 7.49 12.59 14.56
C GLY D 459 6.37 12.55 13.55
N PHE D 460 5.17 12.96 14.00
CA PHE D 460 4.01 12.97 13.12
C PHE D 460 4.09 14.10 12.11
N CYS D 461 4.47 15.30 12.55
CA CYS D 461 4.50 16.44 11.64
C CYS D 461 5.50 16.25 10.52
N ILE D 462 6.68 15.71 10.84
CA ILE D 462 7.73 15.60 9.84
C ILE D 462 7.32 14.64 8.72
N ASP D 463 6.64 13.55 9.07
CA ASP D 463 6.20 12.62 8.03
C ASP D 463 5.26 13.29 7.04
N ILE D 464 4.56 14.34 7.45
CA ILE D 464 3.80 15.13 6.49
C ILE D 464 4.74 15.85 5.53
N LEU D 465 5.82 16.43 6.05
CA LEU D 465 6.75 17.12 5.17
C LEU D 465 7.41 16.17 4.19
N LYS D 466 7.66 14.94 4.62
CA LYS D 466 8.33 13.97 3.76
C LYS D 466 7.49 13.63 2.53
N ARG D 467 6.19 13.46 2.72
CA ARG D 467 5.33 13.12 1.58
C ARG D 467 5.16 14.32 0.64
N LEU D 468 4.98 15.52 1.19
CA LEU D 468 4.76 16.69 0.35
C LEU D 468 5.99 17.03 -0.48
N ALA D 469 7.19 16.82 0.07
CA ALA D 469 8.40 17.01 -0.73
C ALA D 469 8.44 16.05 -1.89
N HIS D 470 7.99 14.81 -1.68
CA HIS D 470 8.04 13.81 -2.75
C HIS D 470 7.01 14.11 -3.84
N THR D 471 5.77 14.39 -3.45
CA THR D 471 4.70 14.55 -4.44
C THR D 471 4.91 15.79 -5.30
N ILE D 472 5.32 16.90 -4.69
CA ILE D 472 5.57 18.11 -5.46
C ILE D 472 6.97 18.09 -6.05
N GLY D 473 7.97 17.79 -5.23
CA GLY D 473 9.33 17.68 -5.71
C GLY D 473 10.18 18.90 -5.43
N PHE D 474 11.02 18.83 -4.40
CA PHE D 474 11.97 19.89 -4.12
C PHE D 474 12.97 19.40 -3.09
N SER D 475 14.09 20.11 -2.98
CA SER D 475 15.15 19.79 -2.05
C SER D 475 15.05 20.70 -0.83
N TYR D 476 15.14 20.10 0.35
CA TYR D 476 14.91 20.82 1.60
C TYR D 476 15.98 20.44 2.62
N ASP D 477 16.24 21.36 3.53
CA ASP D 477 17.10 21.10 4.68
C ASP D 477 16.49 21.75 5.91
N LEU D 478 16.47 21.02 7.02
CA LEU D 478 15.84 21.46 8.24
C LEU D 478 16.70 22.51 8.95
N TYR D 479 16.07 23.17 9.91
CA TYR D 479 16.65 24.34 10.56
C TYR D 479 15.82 24.66 11.79
N LEU D 480 16.39 24.48 12.98
CA LEU D 480 15.66 24.64 14.23
C LEU D 480 15.85 26.06 14.75
N VAL D 481 14.75 26.73 15.06
CA VAL D 481 14.81 28.13 15.47
C VAL D 481 15.37 28.21 16.88
N THR D 482 15.94 29.35 17.22
CA THR D 482 16.46 29.58 18.56
C THR D 482 15.93 30.86 19.20
N ASN D 483 15.77 31.92 18.42
CA ASN D 483 15.36 33.23 18.95
C ASN D 483 13.87 33.18 19.27
N GLY D 484 13.56 32.81 20.51
CA GLY D 484 12.16 32.69 20.93
C GLY D 484 11.53 31.41 20.44
N LYS D 485 10.23 31.29 20.70
CA LYS D 485 9.49 30.07 20.39
C LYS D 485 8.46 30.29 19.28
N HIS D 486 7.52 31.20 19.48
CA HIS D 486 6.55 31.52 18.44
C HIS D 486 6.34 33.04 18.45
N GLY D 487 5.28 33.48 17.79
CA GLY D 487 5.09 34.89 17.57
C GLY D 487 4.63 35.62 18.82
N LYS D 488 5.17 36.83 19.00
CA LYS D 488 4.62 37.78 19.95
C LYS D 488 5.12 39.16 19.54
N LYS D 489 4.24 40.00 19.01
CA LYS D 489 4.66 41.29 18.52
C LYS D 489 5.27 42.13 19.64
N ILE D 490 6.57 42.40 19.57
CA ILE D 490 7.28 43.19 20.56
C ILE D 490 7.74 44.46 19.85
N ASP D 491 7.04 45.57 20.08
CA ASP D 491 7.38 46.86 19.48
C ASP D 491 7.48 46.78 17.97
N GLY D 492 6.56 46.05 17.36
CA GLY D 492 6.49 45.99 15.91
C GLY D 492 7.47 45.05 15.24
N VAL D 493 8.13 44.17 15.99
CA VAL D 493 9.00 43.17 15.41
C VAL D 493 8.64 41.82 16.01
N TRP D 494 8.89 40.77 15.24
CA TRP D 494 8.46 39.42 15.61
C TRP D 494 9.68 38.59 16.00
N ASN D 495 9.42 37.31 16.26
CA ASN D 495 10.45 36.36 16.68
C ASN D 495 9.95 34.96 16.39
N GLY D 496 10.79 33.98 16.67
CA GLY D 496 10.35 32.61 16.47
C GLY D 496 10.15 32.28 14.99
N MET D 497 9.30 31.28 14.75
CA MET D 497 9.03 30.88 13.38
C MET D 497 8.50 32.03 12.56
N ILE D 498 7.51 32.76 13.09
CA ILE D 498 6.99 33.91 12.38
C ILE D 498 8.06 34.97 12.24
N GLY D 499 8.91 35.09 13.25
CA GLY D 499 10.01 36.04 13.16
C GLY D 499 11.03 35.72 12.09
N GLU D 500 10.97 34.53 11.51
CA GLU D 500 11.93 34.13 10.48
C GLU D 500 11.33 34.07 9.08
N VAL D 501 10.11 33.56 8.93
CA VAL D 501 9.44 33.62 7.64
C VAL D 501 9.19 35.07 7.25
N PHE D 502 8.91 35.92 8.23
CA PHE D 502 8.66 37.32 7.96
C PHE D 502 9.87 38.03 7.38
N TYR D 503 11.07 37.45 7.51
CA TYR D 503 12.29 38.12 7.10
C TYR D 503 13.04 37.32 6.04
N GLN D 504 12.32 36.58 5.22
CA GLN D 504 12.86 35.94 4.01
C GLN D 504 13.96 34.93 4.30
N ARG D 505 14.27 34.70 5.57
CA ARG D 505 15.33 33.76 5.90
C ARG D 505 14.94 32.32 5.58
N ALA D 506 13.65 32.03 5.46
CA ALA D 506 13.19 30.71 5.08
C ALA D 506 11.78 30.84 4.53
N ASP D 507 11.38 29.84 3.73
CA ASP D 507 10.10 29.91 3.04
C ASP D 507 8.98 29.27 3.85
N MET D 508 9.11 27.99 4.15
CA MET D 508 8.08 27.26 4.87
C MET D 508 8.44 27.17 6.35
N ALA D 509 7.42 26.96 7.19
CA ALA D 509 7.59 26.82 8.63
C ALA D 509 6.54 25.83 9.12
N ILE D 510 6.94 24.57 9.21
CA ILE D 510 6.05 23.49 9.58
C ILE D 510 6.31 23.14 11.04
N GLY D 511 5.33 22.51 11.67
CA GLY D 511 5.51 22.08 13.05
C GLY D 511 4.25 22.19 13.88
N SER D 512 4.35 22.81 15.04
CA SER D 512 3.20 23.04 15.91
C SER D 512 2.90 24.54 15.89
N LEU D 513 2.11 24.96 14.91
CA LEU D 513 1.79 26.37 14.70
C LEU D 513 0.28 26.54 14.63
N THR D 514 -0.23 27.55 15.33
CA THR D 514 -1.66 27.75 15.50
C THR D 514 -2.09 28.99 14.73
N ILE D 515 -3.05 28.84 13.82
CA ILE D 515 -3.51 29.96 13.02
C ILE D 515 -4.30 30.93 13.89
N ASN D 516 -4.10 32.22 13.64
CA ASN D 516 -4.80 33.26 14.37
C ASN D 516 -4.88 34.49 13.48
N GLU D 517 -5.71 35.45 13.90
CA GLU D 517 -5.88 36.65 13.10
C GLU D 517 -4.59 37.44 13.00
N GLU D 518 -3.87 37.58 14.12
CA GLU D 518 -2.68 38.42 14.16
C GLU D 518 -1.57 37.91 13.26
N ARG D 519 -1.63 36.66 12.83
CA ARG D 519 -0.58 36.09 12.01
C ARG D 519 -0.95 35.96 10.55
N SER D 520 -2.23 35.78 10.23
CA SER D 520 -2.62 35.68 8.84
C SER D 520 -2.51 37.00 8.10
N GLU D 521 -2.21 38.10 8.81
CA GLU D 521 -1.97 39.37 8.14
C GLU D 521 -0.62 39.39 7.43
N ILE D 522 0.43 38.89 8.09
CA ILE D 522 1.78 39.03 7.56
C ILE D 522 2.31 37.78 6.89
N VAL D 523 1.70 36.62 7.13
CA VAL D 523 2.00 35.41 6.38
C VAL D 523 0.69 34.74 6.03
N ASP D 524 0.73 33.88 5.02
CA ASP D 524 -0.42 33.07 4.65
C ASP D 524 -0.30 31.69 5.28
N PHE D 525 -1.40 30.96 5.26
CA PHE D 525 -1.45 29.62 5.82
C PHE D 525 -2.12 28.67 4.85
N SER D 526 -1.76 27.40 4.93
CA SER D 526 -2.45 26.39 4.16
C SER D 526 -3.76 26.03 4.84
N VAL D 527 -4.47 25.06 4.27
CA VAL D 527 -5.70 24.60 4.90
C VAL D 527 -5.36 23.75 6.11
N PRO D 528 -5.90 24.03 7.29
CA PRO D 528 -5.54 23.27 8.48
C PRO D 528 -5.89 21.81 8.33
N PHE D 529 -5.05 20.94 8.92
CA PHE D 529 -5.25 19.51 8.82
C PHE D 529 -5.55 18.82 10.15
N VAL D 530 -5.39 19.51 11.28
CA VAL D 530 -5.77 18.96 12.59
C VAL D 530 -6.48 20.04 13.38
N GLU D 531 -7.56 19.68 14.06
CA GLU D 531 -8.32 20.63 14.86
C GLU D 531 -7.70 20.80 16.23
N THR D 532 -7.74 22.02 16.75
CA THR D 532 -7.18 22.34 18.05
C THR D 532 -8.09 23.35 18.75
N GLY D 533 -7.56 23.99 19.77
CA GLY D 533 -8.30 25.04 20.46
C GLY D 533 -7.87 25.14 21.91
N ILE D 534 -8.54 26.05 22.62
CA ILE D 534 -8.33 26.22 24.04
C ILE D 534 -9.21 25.23 24.80
N SER D 535 -8.61 24.42 25.66
CA SER D 535 -9.34 23.46 26.47
C SER D 535 -8.66 23.32 27.82
N VAL D 536 -9.44 22.86 28.80
CA VAL D 536 -9.03 22.86 30.19
C VAL D 536 -8.71 21.44 30.62
N MET D 537 -7.75 21.28 31.52
CA MET D 537 -7.31 19.98 31.99
C MET D 537 -7.26 19.97 33.50
N VAL D 538 -7.86 18.96 34.12
CA VAL D 538 -8.01 18.90 35.56
C VAL D 538 -7.83 17.45 36.03
N ALA D 539 -7.29 17.30 37.24
CA ALA D 539 -7.06 15.97 37.80
C ALA D 539 -8.38 15.34 38.24
N ARG D 540 -8.48 14.03 38.03
CA ARG D 540 -9.70 13.31 38.36
C ARG D 540 -9.85 13.16 39.87
N SER D 541 -11.10 13.01 40.31
CA SER D 541 -11.38 12.79 41.72
C SER D 541 -10.95 11.38 42.12
N ASN D 542 -10.87 11.16 43.43
CA ASN D 542 -10.52 9.85 43.97
C ASN D 542 -11.71 8.90 44.06
N GLY D 543 -12.89 9.34 43.64
CA GLY D 543 -14.09 8.53 43.69
C GLY D 543 -15.32 9.38 43.97
N THR D 544 -16.37 9.20 43.18
CA THR D 544 -17.57 10.00 43.33
C THR D 544 -18.75 9.22 42.78
N VAL D 545 -19.96 9.64 43.17
CA VAL D 545 -21.18 9.01 42.70
C VAL D 545 -22.33 10.00 42.94
N SER D 546 -23.37 9.88 42.13
CA SER D 546 -24.48 10.83 42.19
C SER D 546 -25.24 10.69 43.51
N PRO D 547 -25.80 11.79 44.02
CA PRO D 547 -26.63 11.71 45.22
C PRO D 547 -27.92 10.94 44.99
N SER D 548 -28.67 11.36 43.96
CA SER D 548 -29.90 10.69 43.54
C SER D 548 -30.88 10.56 44.72
N ALA D 549 -31.36 11.72 45.18
CA ALA D 549 -32.34 11.75 46.26
C ALA D 549 -33.59 10.98 45.86
N PHE D 550 -34.05 10.10 46.76
CA PHE D 550 -35.11 9.14 46.45
C PHE D 550 -34.77 8.38 45.18
N LEU D 551 -33.72 7.56 45.31
CA LEU D 551 -33.15 6.81 44.21
C LEU D 551 -34.24 6.15 43.37
N GLU D 552 -34.24 6.47 42.09
CA GLU D 552 -35.40 6.30 41.22
C GLU D 552 -35.76 4.84 40.98
N PRO D 553 -36.84 4.32 41.58
CA PRO D 553 -37.25 2.94 41.27
C PRO D 553 -37.87 2.82 39.88
N TYR D 554 -38.89 3.63 39.62
CA TYR D 554 -39.59 3.67 38.34
C TYR D 554 -40.01 5.08 37.98
N SER D 555 -39.19 6.07 38.37
CA SER D 555 -39.42 7.52 38.21
C SER D 555 -40.53 7.97 39.17
N PRO D 556 -40.62 9.27 39.46
CA PRO D 556 -41.64 9.73 40.42
C PRO D 556 -43.05 9.61 39.90
N ALA D 557 -43.48 8.39 39.63
CA ALA D 557 -44.86 8.07 39.27
C ALA D 557 -45.45 7.01 40.19
N VAL D 558 -44.67 6.01 40.57
CA VAL D 558 -45.15 4.98 41.49
C VAL D 558 -45.42 5.58 42.86
N TRP D 559 -44.74 6.67 43.20
CA TRP D 559 -45.00 7.33 44.48
C TRP D 559 -46.42 7.86 44.55
N VAL D 560 -46.91 8.43 43.45
CA VAL D 560 -48.25 9.02 43.45
C VAL D 560 -49.31 7.92 43.51
N MET D 561 -49.16 6.87 42.70
CA MET D 561 -50.24 5.92 42.51
C MET D 561 -50.45 5.03 43.73
N MET D 562 -49.37 4.55 44.34
CA MET D 562 -49.51 3.64 45.48
C MET D 562 -50.25 4.31 46.62
N PHE D 563 -50.11 5.62 46.78
CA PHE D 563 -50.73 6.31 47.91
C PHE D 563 -52.24 6.15 47.88
N VAL D 564 -52.84 6.28 46.70
CA VAL D 564 -54.29 6.08 46.58
C VAL D 564 -54.66 4.63 46.81
N MET D 565 -53.81 3.70 46.35
CA MET D 565 -54.16 2.28 46.41
C MET D 565 -54.30 1.81 47.86
N CYS D 566 -53.41 2.25 48.74
CA CYS D 566 -53.51 1.87 50.14
C CYS D 566 -54.80 2.41 50.75
N LEU D 567 -55.14 3.66 50.47
CA LEU D 567 -56.40 4.20 50.96
C LEU D 567 -57.59 3.52 50.30
N THR D 568 -57.45 3.12 49.04
CA THR D 568 -58.55 2.44 48.37
C THR D 568 -58.84 1.09 49.03
N VAL D 569 -57.79 0.33 49.33
CA VAL D 569 -57.98 -1.00 49.88
C VAL D 569 -58.38 -0.94 51.36
N VAL D 570 -57.93 0.09 52.09
CA VAL D 570 -58.25 0.15 53.51
C VAL D 570 -59.74 0.34 53.72
N ALA D 571 -60.41 1.08 52.83
CA ALA D 571 -61.86 1.13 52.88
C ALA D 571 -62.45 -0.25 52.58
N VAL D 572 -61.84 -0.98 51.65
CA VAL D 572 -62.30 -2.34 51.36
C VAL D 572 -62.15 -3.22 52.60
N THR D 573 -61.02 -3.08 53.31
CA THR D 573 -60.87 -3.77 54.57
C THR D 573 -61.96 -3.34 55.55
N VAL D 574 -62.17 -2.03 55.68
CA VAL D 574 -63.21 -1.53 56.58
C VAL D 574 -64.58 -1.99 56.13
N PHE D 575 -64.77 -2.16 54.82
CA PHE D 575 -66.06 -2.61 54.33
C PHE D 575 -66.41 -3.98 54.90
N ILE D 576 -65.44 -4.89 54.95
CA ILE D 576 -65.70 -6.17 55.59
C ILE D 576 -65.64 -6.05 57.10
N PHE D 577 -65.01 -5.01 57.63
CA PHE D 577 -65.08 -4.77 59.07
C PHE D 577 -66.51 -4.50 59.52
N GLU D 578 -67.25 -3.71 58.75
CA GLU D 578 -68.63 -3.40 59.12
C GLU D 578 -69.52 -4.64 59.04
N TYR D 579 -69.17 -5.61 58.20
CA TYR D 579 -69.96 -6.83 58.12
C TYR D 579 -69.76 -7.72 59.33
N LEU D 580 -68.62 -7.59 60.01
CA LEU D 580 -68.29 -8.45 61.14
C LEU D 580 -69.34 -8.41 62.24
N THR D 599 -62.84 -2.42 68.18
CA THR D 599 -63.43 -1.45 67.27
C THR D 599 -62.77 -1.51 65.89
N PHE D 600 -61.44 -1.56 65.90
CA PHE D 600 -60.63 -1.67 64.68
C PHE D 600 -60.92 -0.49 63.75
N THR D 601 -60.64 0.71 64.27
CA THR D 601 -60.92 1.93 63.54
C THR D 601 -60.04 2.02 62.30
N ILE D 602 -60.29 3.05 61.49
CA ILE D 602 -59.50 3.26 60.28
C ILE D 602 -58.05 3.55 60.64
N GLY D 603 -57.84 4.44 61.61
CA GLY D 603 -56.48 4.85 61.94
C GLY D 603 -55.62 3.70 62.43
N LYS D 604 -56.19 2.83 63.26
CA LYS D 604 -55.44 1.65 63.70
C LYS D 604 -55.31 0.62 62.59
N SER D 605 -56.38 0.40 61.83
CA SER D 605 -56.36 -0.66 60.82
C SER D 605 -55.48 -0.28 59.64
N ILE D 606 -55.46 0.99 59.26
CA ILE D 606 -54.61 1.40 58.15
C ILE D 606 -53.13 1.20 58.49
N TRP D 607 -52.79 1.36 59.77
CA TRP D 607 -51.39 1.26 60.17
C TRP D 607 -50.83 -0.13 59.89
N LEU D 608 -51.62 -1.16 60.17
CA LEU D 608 -51.21 -2.52 59.83
C LEU D 608 -51.00 -2.67 58.34
N LEU D 609 -51.90 -2.11 57.54
CA LEU D 609 -51.85 -2.28 56.10
C LEU D 609 -50.57 -1.69 55.52
N TRP D 610 -49.89 -0.82 56.26
CA TRP D 610 -48.71 -0.12 55.77
C TRP D 610 -47.40 -0.69 56.29
N ALA D 611 -47.35 -1.08 57.57
CA ALA D 611 -46.09 -1.55 58.13
C ALA D 611 -45.60 -2.81 57.44
N LEU D 612 -46.45 -3.52 56.72
CA LEU D 612 -46.00 -4.68 55.98
C LEU D 612 -45.05 -4.31 54.84
N VAL D 613 -45.26 -3.14 54.23
CA VAL D 613 -44.43 -2.75 53.10
C VAL D 613 -42.99 -2.51 53.56
N PHE D 614 -42.80 -1.73 54.62
CA PHE D 614 -41.47 -1.35 55.05
C PHE D 614 -40.91 -2.42 56.00
N ASN D 615 -40.71 -3.61 55.44
CA ASN D 615 -40.15 -4.74 56.18
C ASN D 615 -41.10 -5.02 57.34
N ASN D 616 -40.61 -5.14 58.57
CA ASN D 616 -41.45 -5.51 59.70
C ASN D 616 -40.85 -4.89 60.95
N SER D 617 -41.17 -5.49 62.10
CA SER D 617 -40.66 -5.09 63.41
C SER D 617 -41.29 -3.78 63.89
N VAL D 618 -42.51 -3.52 63.45
CA VAL D 618 -43.33 -2.45 64.00
C VAL D 618 -44.57 -3.10 64.58
N PRO D 619 -44.69 -3.23 65.89
CA PRO D 619 -45.83 -3.94 66.47
C PRO D 619 -47.14 -3.33 66.01
N VAL D 620 -48.09 -4.20 65.68
CA VAL D 620 -49.36 -3.83 65.09
C VAL D 620 -50.46 -4.68 65.72
N GLU D 621 -51.67 -4.53 65.21
CA GLU D 621 -52.83 -5.28 65.68
C GLU D 621 -53.56 -5.86 64.47
N ASN D 622 -53.33 -7.13 64.20
CA ASN D 622 -54.07 -7.75 63.10
C ASN D 622 -55.49 -8.09 63.55
N PRO D 623 -56.48 -7.87 62.69
CA PRO D 623 -57.85 -8.20 63.07
C PRO D 623 -58.07 -9.71 63.09
N ARG D 624 -59.17 -10.11 63.72
CA ARG D 624 -59.52 -11.52 63.88
C ARG D 624 -60.60 -11.98 62.91
N GLY D 625 -60.97 -11.15 61.94
CA GLY D 625 -61.95 -11.56 60.95
C GLY D 625 -61.37 -12.59 59.99
N THR D 626 -61.96 -13.78 59.96
CA THR D 626 -61.37 -14.87 59.19
C THR D 626 -61.33 -14.56 57.70
N THR D 627 -62.48 -14.18 57.13
CA THR D 627 -62.47 -13.80 55.72
C THR D 627 -61.81 -12.44 55.51
N SER D 628 -61.67 -11.65 56.56
CA SER D 628 -60.97 -10.38 56.46
C SER D 628 -59.46 -10.57 56.38
N LYS D 629 -58.93 -11.54 57.13
CA LYS D 629 -57.48 -11.72 57.16
C LYS D 629 -56.92 -12.20 55.83
N ILE D 630 -57.77 -12.78 54.97
CA ILE D 630 -57.27 -13.34 53.71
C ILE D 630 -56.71 -12.23 52.83
N MET D 631 -57.43 -11.12 52.70
CA MET D 631 -56.96 -10.05 51.81
C MET D 631 -55.61 -9.52 52.25
N VAL D 632 -55.31 -9.59 53.54
CA VAL D 632 -53.99 -9.18 54.02
C VAL D 632 -52.92 -10.07 53.40
N LEU D 633 -53.20 -11.37 53.27
CA LEU D 633 -52.22 -12.28 52.70
C LEU D 633 -51.87 -11.88 51.29
N VAL D 634 -52.87 -11.57 50.47
CA VAL D 634 -52.58 -11.10 49.11
C VAL D 634 -51.87 -9.76 49.16
N TRP D 635 -52.22 -8.93 50.14
CA TRP D 635 -51.54 -7.65 50.27
C TRP D 635 -50.05 -7.83 50.49
N ALA D 636 -49.67 -8.86 51.25
CA ALA D 636 -48.26 -9.13 51.48
C ALA D 636 -47.54 -9.42 50.17
N PHE D 637 -48.16 -10.20 49.30
CA PHE D 637 -47.52 -10.53 48.03
C PHE D 637 -47.20 -9.29 47.23
N PHE D 638 -47.97 -8.22 47.40
CA PHE D 638 -47.55 -6.95 46.83
C PHE D 638 -46.30 -6.43 47.54
N ALA D 639 -46.22 -6.62 48.84
CA ALA D 639 -45.11 -6.04 49.60
C ALA D 639 -43.79 -6.70 49.22
N VAL D 640 -43.73 -8.03 49.25
CA VAL D 640 -42.46 -8.71 49.01
C VAL D 640 -41.95 -8.43 47.61
N ILE D 641 -42.84 -8.54 46.62
CA ILE D 641 -42.42 -8.28 45.25
C ILE D 641 -41.95 -6.84 45.09
N PHE D 642 -42.69 -5.88 45.65
CA PHE D 642 -42.25 -4.50 45.52
C PHE D 642 -40.91 -4.28 46.20
N LEU D 643 -40.75 -4.78 47.42
CA LEU D 643 -39.50 -4.56 48.13
C LEU D 643 -38.35 -5.27 47.44
N ALA D 644 -38.56 -6.51 47.01
CA ALA D 644 -37.52 -7.23 46.30
C ALA D 644 -37.15 -6.54 45.01
N SER D 645 -38.14 -6.05 44.27
CA SER D 645 -37.84 -5.36 43.03
C SER D 645 -37.03 -4.11 43.28
N TYR D 646 -37.33 -3.38 44.35
CA TYR D 646 -36.66 -2.11 44.58
C TYR D 646 -35.18 -2.29 44.86
N THR D 647 -34.84 -3.18 45.80
CA THR D 647 -33.44 -3.29 46.20
C THR D 647 -32.58 -3.76 45.04
N ALA D 648 -33.08 -4.69 44.23
CA ALA D 648 -32.30 -5.13 43.08
C ALA D 648 -32.10 -4.01 42.09
N ASN D 649 -33.17 -3.30 41.76
CA ASN D 649 -33.05 -2.26 40.74
C ASN D 649 -32.12 -1.15 41.18
N LEU D 650 -32.05 -0.85 42.48
CA LEU D 650 -31.20 0.24 42.92
C LEU D 650 -29.74 -0.11 42.71
N ALA D 651 -29.41 -1.40 42.74
CA ALA D 651 -28.05 -1.80 42.39
C ALA D 651 -27.70 -1.38 40.98
N ALA D 652 -28.69 -1.27 40.09
CA ALA D 652 -28.40 -0.93 38.71
C ALA D 652 -27.86 0.49 38.59
N PHE D 653 -28.54 1.47 39.19
CA PHE D 653 -28.07 2.84 39.05
C PHE D 653 -26.76 3.11 39.76
N MET D 654 -26.27 2.19 40.58
CA MET D 654 -25.00 2.41 41.24
C MET D 654 -24.02 1.29 40.92
N ILE D 655 -24.29 0.52 39.86
CA ILE D 655 -23.31 -0.45 39.37
C ILE D 655 -22.65 0.09 38.11
N GLN D 656 -23.37 0.92 37.35
CA GLN D 656 -22.82 1.46 36.11
C GLN D 656 -22.16 2.82 36.32
N GLU D 657 -22.95 3.84 36.66
CA GLU D 657 -22.48 5.19 36.91
C GLU D 657 -21.80 5.82 35.69
N GLU D 658 -21.69 7.15 35.70
CA GLU D 658 -21.03 7.85 34.60
C GLU D 658 -20.20 9.01 35.11
N TYR D 659 -19.74 8.93 36.36
CA TYR D 659 -18.96 9.99 36.98
C TYR D 659 -19.74 11.30 36.98
N VAL D 660 -19.02 12.43 37.08
CA VAL D 660 -19.65 13.74 37.11
C VAL D 660 -18.74 14.73 36.39
N ASP D 661 -19.15 16.00 36.38
CA ASP D 661 -18.33 17.07 35.82
C ASP D 661 -18.21 18.20 36.83
N THR D 662 -17.12 18.96 36.71
CA THR D 662 -16.86 20.09 37.58
C THR D 662 -16.35 21.26 36.73
N VAL D 663 -16.81 22.47 37.07
CA VAL D 663 -16.45 23.70 36.37
C VAL D 663 -16.89 23.61 34.91
N SER D 664 -18.01 24.26 34.58
CA SER D 664 -18.65 24.02 33.30
C SER D 664 -17.76 24.43 32.14
N GLY D 665 -17.10 25.58 32.24
CA GLY D 665 -16.30 26.04 31.13
C GLY D 665 -15.56 27.31 31.46
N LEU D 666 -15.03 27.94 30.41
CA LEU D 666 -14.25 29.16 30.59
C LEU D 666 -15.09 30.27 31.18
N SER D 667 -16.33 30.41 30.72
CA SER D 667 -17.19 31.48 31.22
C SER D 667 -17.74 31.21 32.60
N ASP D 668 -17.36 30.11 33.24
CA ASP D 668 -17.88 29.78 34.56
C ASP D 668 -17.44 30.81 35.59
N ARG D 669 -18.30 31.03 36.59
CA ARG D 669 -18.04 32.06 37.57
C ARG D 669 -16.83 31.72 38.44
N LYS D 670 -16.53 30.44 38.62
CA LYS D 670 -15.36 30.07 39.41
C LYS D 670 -14.08 30.63 38.80
N PHE D 671 -14.08 30.85 37.49
CA PHE D 671 -12.97 31.52 36.84
C PHE D 671 -13.15 33.03 36.81
N GLN D 672 -14.35 33.50 36.47
CA GLN D 672 -14.52 34.90 36.08
C GLN D 672 -14.26 35.89 37.20
N ARG D 673 -14.46 35.47 38.45
CA ARG D 673 -14.21 36.34 39.61
C ARG D 673 -13.29 35.59 40.56
N PRO D 674 -11.98 35.61 40.30
CA PRO D 674 -11.05 34.88 41.16
C PRO D 674 -11.03 35.37 42.60
N GLN D 675 -11.29 36.65 42.84
CA GLN D 675 -11.23 37.21 44.18
C GLN D 675 -12.41 36.79 45.05
N GLU D 676 -13.18 35.79 44.63
CA GLU D 676 -14.27 35.26 45.41
C GLU D 676 -13.72 34.63 46.70
N GLN D 677 -14.64 34.17 47.55
CA GLN D 677 -14.25 33.54 48.80
C GLN D 677 -13.56 32.20 48.52
N TYR D 678 -13.19 31.51 49.61
CA TYR D 678 -12.52 30.22 49.67
C TYR D 678 -11.17 30.27 48.95
N PRO D 679 -10.29 29.28 49.15
CA PRO D 679 -8.99 29.29 48.46
C PRO D 679 -9.16 29.44 46.97
N PRO D 680 -8.63 30.51 46.38
CA PRO D 680 -8.80 30.73 44.95
C PRO D 680 -8.09 29.68 44.12
N LEU D 681 -8.66 29.40 42.95
CA LEU D 681 -8.08 28.40 42.06
C LEU D 681 -6.86 28.98 41.34
N LYS D 682 -6.11 28.09 40.70
CA LYS D 682 -4.89 28.43 40.00
C LYS D 682 -5.02 28.01 38.54
N PHE D 683 -4.63 28.89 37.61
CA PHE D 683 -4.76 28.58 36.19
C PHE D 683 -3.41 28.45 35.50
N GLY D 684 -2.65 29.54 35.43
CA GLY D 684 -1.33 29.52 34.83
C GLY D 684 -1.18 28.90 33.46
N THR D 685 -1.66 29.57 32.42
CA THR D 685 -1.33 29.12 31.07
C THR D 685 0.11 29.51 30.72
N VAL D 686 0.72 28.70 29.88
CA VAL D 686 2.09 28.99 29.45
C VAL D 686 2.10 30.23 28.58
N PRO D 687 2.98 31.20 28.82
CA PRO D 687 2.90 32.47 28.09
C PRO D 687 3.44 32.36 26.67
N ASN D 688 3.48 33.50 25.97
CA ASN D 688 4.06 33.58 24.64
C ASN D 688 3.37 32.68 23.64
N GLY D 689 2.10 32.92 23.38
CA GLY D 689 1.44 32.16 22.33
C GLY D 689 0.02 32.61 22.17
N SER D 690 -0.73 31.87 21.35
CA SER D 690 -2.13 32.21 21.15
C SER D 690 -2.95 31.90 22.39
N THR D 691 -2.55 30.89 23.17
CA THR D 691 -3.29 30.51 24.36
C THR D 691 -3.28 31.60 25.43
N GLU D 692 -2.42 32.60 25.30
CA GLU D 692 -2.48 33.77 26.16
C GLU D 692 -2.96 35.01 25.43
N LYS D 693 -2.55 35.20 24.18
CA LYS D 693 -2.98 36.37 23.43
C LYS D 693 -4.49 36.41 23.29
N ASN D 694 -5.14 35.25 23.21
CA ASN D 694 -6.60 35.22 23.19
C ASN D 694 -7.17 35.80 24.48
N ILE D 695 -6.68 35.35 25.63
CA ILE D 695 -7.27 35.78 26.89
C ILE D 695 -7.00 37.25 27.15
N ARG D 696 -5.81 37.73 26.79
CA ARG D 696 -5.47 39.11 27.09
C ARG D 696 -6.22 40.12 26.24
N SER D 697 -7.11 39.67 25.35
CA SER D 697 -7.94 40.60 24.57
C SER D 697 -9.42 40.40 24.82
N ASN D 698 -9.83 39.47 25.67
CA ASN D 698 -11.23 39.18 25.84
C ASN D 698 -11.64 39.09 27.31
N TYR D 699 -10.68 38.81 28.18
CA TYR D 699 -10.94 38.66 29.61
C TYR D 699 -9.86 39.40 30.39
N PRO D 700 -9.84 40.72 30.34
CA PRO D 700 -8.76 41.46 31.01
C PRO D 700 -8.70 41.20 32.50
N ASP D 701 -9.85 41.03 33.16
CA ASP D 701 -9.84 40.76 34.59
C ASP D 701 -9.31 39.36 34.89
N MET D 702 -9.44 38.43 33.94
CA MET D 702 -8.78 37.14 34.08
C MET D 702 -7.28 37.30 34.15
N HIS D 703 -6.72 38.14 33.27
CA HIS D 703 -5.27 38.22 33.14
C HIS D 703 -4.63 38.96 34.30
N SER D 704 -5.42 39.69 35.10
CA SER D 704 -4.85 40.34 36.27
C SER D 704 -4.37 39.32 37.29
N TYR D 705 -5.10 38.23 37.45
CA TYR D 705 -4.86 37.26 38.51
C TYR D 705 -4.13 36.01 38.06
N MET D 706 -4.29 35.60 36.81
CA MET D 706 -3.66 34.38 36.32
C MET D 706 -2.14 34.52 36.23
N VAL D 707 -1.64 35.76 36.26
CA VAL D 707 -0.23 35.99 35.94
C VAL D 707 0.69 35.34 36.97
N ARG D 708 0.31 35.37 38.25
CA ARG D 708 1.22 34.96 39.31
C ARG D 708 1.48 33.46 39.35
N TYR D 709 0.76 32.66 38.58
CA TYR D 709 0.85 31.21 38.62
C TYR D 709 1.40 30.63 37.32
N ASN D 710 2.39 31.27 36.72
CA ASN D 710 2.92 30.81 35.45
C ASN D 710 3.75 29.54 35.63
N GLN D 711 3.86 28.78 34.53
CA GLN D 711 4.72 27.62 34.43
C GLN D 711 5.73 27.81 33.30
N PRO D 712 7.02 27.55 33.53
CA PRO D 712 8.00 27.74 32.46
C PRO D 712 7.79 26.88 31.23
N ARG D 713 7.31 25.65 31.39
CA ARG D 713 7.22 24.71 30.28
C ARG D 713 5.94 23.90 30.41
N VAL D 714 5.86 22.81 29.66
CA VAL D 714 4.67 21.97 29.67
C VAL D 714 4.78 20.83 30.66
N GLU D 715 5.82 20.02 30.55
CA GLU D 715 5.91 18.81 31.35
C GLU D 715 5.97 19.13 32.84
N GLU D 716 6.77 20.12 33.23
CA GLU D 716 6.89 20.47 34.64
C GLU D 716 5.59 21.00 35.21
N ALA D 717 4.63 21.37 34.37
CA ALA D 717 3.33 21.79 34.89
C ALA D 717 2.54 20.59 35.40
N LEU D 718 2.64 19.45 34.72
CA LEU D 718 1.80 18.31 35.08
C LEU D 718 2.12 17.78 36.47
N THR D 719 3.41 17.69 36.82
CA THR D 719 3.77 17.23 38.16
C THR D 719 3.22 18.18 39.22
N GLN D 720 3.26 19.48 38.94
CA GLN D 720 2.61 20.44 39.83
C GLN D 720 1.12 20.12 39.96
N LEU D 721 0.48 19.77 38.85
CA LEU D 721 -0.94 19.45 38.88
C LEU D 721 -1.22 18.21 39.70
N LYS D 722 -0.41 17.16 39.55
CA LYS D 722 -0.65 15.94 40.30
C LYS D 722 -0.27 16.09 41.76
N ALA D 723 0.77 16.84 42.06
CA ALA D 723 1.15 17.06 43.46
C ALA D 723 0.06 17.81 44.21
N GLY D 724 -0.51 18.84 43.59
CA GLY D 724 -1.54 19.64 44.21
C GLY D 724 -1.25 21.12 44.25
N LYS D 725 -0.18 21.61 43.62
CA LYS D 725 0.09 23.04 43.62
C LYS D 725 -0.95 23.81 42.82
N LEU D 726 -1.36 23.28 41.66
CA LEU D 726 -2.36 23.91 40.82
C LEU D 726 -3.62 23.07 40.77
N ASP D 727 -4.64 23.60 40.10
CA ASP D 727 -5.88 22.85 39.92
C ASP D 727 -6.55 23.10 38.57
N ALA D 728 -5.89 23.78 37.64
CA ALA D 728 -6.43 23.98 36.30
C ALA D 728 -5.30 24.32 35.35
N PHE D 729 -5.57 24.17 34.05
CA PHE D 729 -4.55 24.34 33.04
C PHE D 729 -5.21 24.73 31.73
N ILE D 730 -4.68 25.76 31.06
CA ILE D 730 -5.26 26.31 29.85
C ILE D 730 -4.22 26.22 28.74
N TYR D 731 -4.42 25.31 27.80
CA TYR D 731 -3.42 25.11 26.75
C TYR D 731 -4.14 24.63 25.50
N ASP D 732 -3.38 24.10 24.54
CA ASP D 732 -3.97 23.62 23.29
C ASP D 732 -4.83 22.39 23.55
N ALA D 733 -5.47 21.93 22.48
CA ALA D 733 -6.38 20.79 22.56
C ALA D 733 -5.69 19.48 22.16
N ALA D 734 -4.97 19.48 21.05
CA ALA D 734 -4.28 18.26 20.63
C ALA D 734 -3.18 17.89 21.61
N VAL D 735 -2.45 18.87 22.12
CA VAL D 735 -1.37 18.58 23.06
C VAL D 735 -1.93 18.03 24.37
N LEU D 736 -2.97 18.66 24.92
CA LEU D 736 -3.52 18.19 26.18
C LEU D 736 -4.21 16.84 26.04
N ASN D 737 -5.03 16.67 24.99
CA ASN D 737 -5.73 15.40 24.83
C ASN D 737 -4.77 14.25 24.64
N TYR D 738 -3.71 14.45 23.85
CA TYR D 738 -2.67 13.43 23.79
C TYR D 738 -2.02 13.22 25.14
N MET D 739 -1.67 14.32 25.82
CA MET D 739 -1.05 14.21 27.13
C MET D 739 -2.02 13.73 28.20
N ALA D 740 -3.31 13.67 27.90
CA ALA D 740 -4.29 13.08 28.80
C ALA D 740 -4.65 11.66 28.42
N ARG D 741 -3.87 11.04 27.54
CA ARG D 741 -4.13 9.67 27.12
C ARG D 741 -2.88 8.81 27.01
N LYS D 742 -1.70 9.32 27.38
CA LYS D 742 -0.48 8.55 27.23
C LYS D 742 -0.13 7.81 28.52
N ASP D 743 0.11 8.55 29.59
CA ASP D 743 0.41 7.91 30.87
C ASP D 743 -0.46 8.43 31.99
N GLU D 744 -0.79 9.72 31.98
CA GLU D 744 -1.64 10.28 33.03
C GLU D 744 -3.12 10.08 32.75
N GLY D 745 -3.47 9.41 31.65
CA GLY D 745 -4.85 9.03 31.41
C GLY D 745 -5.44 8.14 32.49
N CYS D 746 -4.60 7.60 33.37
CA CYS D 746 -5.10 6.87 34.52
C CYS D 746 -5.95 7.78 35.41
N LYS D 747 -5.50 9.02 35.64
CA LYS D 747 -6.24 9.90 36.54
C LYS D 747 -6.25 11.37 36.10
N LEU D 748 -5.92 11.70 34.85
CA LEU D 748 -5.91 13.08 34.39
C LEU D 748 -6.78 13.19 33.15
N VAL D 749 -7.79 14.05 33.20
CA VAL D 749 -8.76 14.19 32.12
C VAL D 749 -8.92 15.67 31.76
N THR D 750 -9.76 15.92 30.77
CA THR D 750 -10.06 17.27 30.29
C THR D 750 -11.54 17.54 30.47
N ILE D 751 -11.87 18.76 30.90
CA ILE D 751 -13.25 19.10 31.20
C ILE D 751 -14.08 19.10 29.93
N GLY D 752 -15.34 18.68 30.05
CA GLY D 752 -16.22 18.59 28.91
C GLY D 752 -16.10 17.32 28.11
N SER D 753 -15.36 16.33 28.61
CA SER D 753 -15.08 15.10 27.87
C SER D 753 -14.46 15.42 26.51
N GLY D 754 -13.54 16.37 26.52
CA GLY D 754 -12.88 16.79 25.30
C GLY D 754 -13.43 18.04 24.66
N LYS D 755 -14.19 18.85 25.39
CA LYS D 755 -14.77 20.05 24.82
C LYS D 755 -13.69 21.07 24.46
N VAL D 756 -13.85 21.72 23.32
CA VAL D 756 -12.86 22.65 22.79
C VAL D 756 -13.53 24.01 22.59
N PHE D 757 -12.79 25.07 22.91
CA PHE D 757 -13.31 26.43 22.86
C PHE D 757 -12.53 27.23 21.84
N ALA D 758 -13.24 27.98 21.00
CA ALA D 758 -12.63 28.82 19.97
C ALA D 758 -11.75 28.00 19.03
N THR D 759 -12.38 27.06 18.34
CA THR D 759 -11.68 26.08 17.53
C THR D 759 -10.84 26.74 16.44
N THR D 760 -9.64 26.22 16.23
CA THR D 760 -8.76 26.66 15.16
C THR D 760 -7.77 25.54 14.87
N GLY D 761 -7.38 25.41 13.61
CA GLY D 761 -6.49 24.34 13.21
C GLY D 761 -5.03 24.75 13.16
N TYR D 762 -4.18 23.75 12.92
CA TYR D 762 -2.75 23.96 12.69
C TYR D 762 -2.55 24.40 11.25
N GLY D 763 -1.30 24.41 10.79
CA GLY D 763 -1.10 24.69 9.38
C GLY D 763 0.35 25.00 9.08
N ILE D 764 0.62 25.10 7.78
CA ILE D 764 1.95 25.35 7.24
C ILE D 764 2.03 26.79 6.78
N ALA D 765 3.07 27.49 7.22
CA ALA D 765 3.25 28.87 6.83
C ALA D 765 3.80 28.96 5.41
N LEU D 766 3.70 30.16 4.83
CA LEU D 766 4.29 30.47 3.55
C LEU D 766 4.71 31.94 3.55
N HIS D 767 5.04 32.47 2.38
CA HIS D 767 5.63 33.79 2.26
C HIS D 767 4.67 34.84 1.71
N LYS D 768 3.38 34.52 1.60
CA LYS D 768 2.29 35.39 1.14
C LYS D 768 2.37 35.69 -0.36
N GLY D 769 3.42 35.23 -1.02
CA GLY D 769 3.49 35.32 -2.46
C GLY D 769 4.25 34.15 -3.06
N SER D 770 4.49 33.13 -2.25
CA SER D 770 5.44 32.11 -2.63
C SER D 770 4.94 31.21 -3.75
N ARG D 771 3.70 31.39 -4.21
CA ARG D 771 3.07 30.66 -5.30
C ARG D 771 3.19 29.15 -5.12
N TRP D 772 3.60 28.72 -3.93
CA TRP D 772 3.56 27.32 -3.56
C TRP D 772 2.22 26.92 -2.97
N LYS D 773 1.37 27.92 -2.68
CA LYS D 773 0.14 27.65 -1.95
C LYS D 773 -0.79 26.75 -2.73
N ARG D 774 -0.93 27.01 -4.03
CA ARG D 774 -1.89 26.24 -4.83
C ARG D 774 -1.59 24.76 -4.86
N PRO D 775 -0.34 24.30 -5.09
CA PRO D 775 -0.10 22.85 -5.09
C PRO D 775 -0.24 22.18 -3.73
N ILE D 776 0.36 22.76 -2.69
CA ILE D 776 0.30 22.09 -1.39
C ILE D 776 -1.11 22.13 -0.82
N ASP D 777 -1.89 23.17 -1.14
CA ASP D 777 -3.29 23.19 -0.72
C ASP D 777 -4.05 22.02 -1.31
N LEU D 778 -3.84 21.74 -2.59
CA LEU D 778 -4.45 20.56 -3.19
C LEU D 778 -3.92 19.29 -2.54
N ALA D 779 -2.63 19.25 -2.23
CA ALA D 779 -2.02 18.05 -1.69
C ALA D 779 -2.63 17.67 -0.35
N LEU D 780 -2.82 18.65 0.55
CA LEU D 780 -3.40 18.34 1.85
C LEU D 780 -4.82 17.85 1.72
N LEU D 781 -5.62 18.51 0.88
CA LEU D 781 -6.98 18.03 0.64
C LEU D 781 -6.97 16.69 -0.07
N GLN D 782 -5.92 16.41 -0.84
CA GLN D 782 -5.79 15.09 -1.46
C GLN D 782 -5.60 14.02 -0.40
N PHE D 783 -4.79 14.31 0.63
CA PHE D 783 -4.54 13.31 1.67
C PHE D 783 -5.81 12.99 2.44
N LEU D 784 -6.61 14.01 2.76
CA LEU D 784 -7.89 13.75 3.41
C LEU D 784 -8.84 13.00 2.48
N GLY D 785 -8.63 13.08 1.17
CA GLY D 785 -9.46 12.39 0.22
C GLY D 785 -9.48 10.90 0.46
N ASP D 786 -8.33 10.26 0.29
CA ASP D 786 -8.15 8.91 0.81
C ASP D 786 -7.96 9.02 2.33
N ASP D 787 -7.60 7.93 2.98
CA ASP D 787 -7.62 7.88 4.44
C ASP D 787 -6.23 7.73 5.03
N GLU D 788 -5.27 8.50 4.54
CA GLU D 788 -3.91 8.37 5.04
C GLU D 788 -3.66 9.22 6.28
N ILE D 789 -4.27 10.40 6.39
CA ILE D 789 -4.07 11.22 7.58
C ILE D 789 -4.51 10.47 8.83
N GLU D 790 -5.60 9.71 8.72
CA GLU D 790 -6.01 8.87 9.83
C GLU D 790 -4.94 7.83 10.16
N MET D 791 -4.32 7.25 9.14
CA MET D 791 -3.30 6.23 9.38
C MET D 791 -2.13 6.81 10.16
N LEU D 792 -1.71 8.04 9.83
CA LEU D 792 -0.72 8.69 10.66
C LEU D 792 -1.29 9.06 12.01
N GLU D 793 -2.57 9.40 12.08
CA GLU D 793 -3.17 9.83 13.34
C GLU D 793 -3.17 8.70 14.36
N ARG D 794 -3.50 7.49 13.93
CA ARG D 794 -3.56 6.35 14.84
C ARG D 794 -2.21 5.68 15.05
N LEU D 795 -1.16 6.14 14.38
CA LEU D 795 0.17 5.59 14.62
C LEU D 795 0.91 6.34 15.71
N TRP D 796 0.73 7.67 15.77
CA TRP D 796 1.41 8.48 16.78
C TRP D 796 0.47 8.96 17.87
N LEU D 797 -0.63 9.62 17.51
CA LEU D 797 -1.56 10.17 18.50
C LEU D 797 -2.57 9.09 18.91
N SER D 798 -2.03 8.06 19.56
CA SER D 798 -2.85 6.96 20.04
C SER D 798 -3.04 7.07 21.54
N GLY D 799 -3.93 6.23 22.08
CA GLY D 799 -4.31 6.32 23.48
C GLY D 799 -4.40 4.96 24.13
N ILE D 800 -4.59 5.00 25.45
CA ILE D 800 -4.73 3.81 26.27
C ILE D 800 -6.02 3.92 27.08
N CYS D 801 -6.10 4.94 27.92
CA CYS D 801 -7.24 5.13 28.80
C CYS D 801 -8.35 5.91 28.09
N HIS D 802 -9.35 6.34 28.85
CA HIS D 802 -10.42 7.17 28.31
C HIS D 802 -10.95 8.13 29.36
N GLU D 807 -16.76 3.75 32.59
CA GLU D 807 -15.47 3.82 33.27
C GLU D 807 -15.60 4.57 34.58
N VAL D 808 -15.86 3.84 35.66
CA VAL D 808 -16.00 4.42 36.99
C VAL D 808 -15.19 3.61 37.98
N MET D 809 -15.00 4.18 39.16
CA MET D 809 -14.19 3.55 40.20
C MET D 809 -15.10 2.73 41.13
N SER D 810 -14.53 2.28 42.25
CA SER D 810 -15.25 1.44 43.19
C SER D 810 -16.27 2.21 44.02
N SER D 811 -16.03 3.51 44.22
CA SER D 811 -16.90 4.36 45.04
C SER D 811 -17.04 3.80 46.46
N LYS D 812 -15.90 3.68 47.14
CA LYS D 812 -15.88 3.19 48.51
C LYS D 812 -16.23 4.31 49.48
N LEU D 813 -17.27 5.07 49.17
CA LEU D 813 -17.53 6.30 49.91
C LEU D 813 -18.86 6.27 50.65
N ASP D 814 -19.98 6.05 49.97
CA ASP D 814 -21.30 6.25 50.55
C ASP D 814 -21.32 7.54 51.39
N ILE D 815 -20.86 8.61 50.76
CA ILE D 815 -20.49 9.83 51.47
C ILE D 815 -21.71 10.45 52.14
N ASP D 816 -21.45 11.29 53.13
CA ASP D 816 -22.51 12.02 53.80
C ASP D 816 -23.25 12.97 52.88
N ASN D 817 -22.71 13.27 51.70
CA ASN D 817 -23.39 14.15 50.76
C ASN D 817 -24.58 13.50 50.11
N MET D 818 -25.04 12.34 50.55
CA MET D 818 -26.26 11.78 49.99
C MET D 818 -27.43 12.69 50.27
N ALA D 819 -27.77 12.86 51.54
CA ALA D 819 -28.79 13.80 52.01
C ALA D 819 -30.15 13.57 51.36
N GLY D 820 -30.30 12.52 50.56
CA GLY D 820 -31.56 12.28 49.89
C GLY D 820 -32.66 11.94 50.86
N VAL D 821 -32.35 11.15 51.88
CA VAL D 821 -33.34 10.77 52.88
C VAL D 821 -33.17 11.55 54.18
N PHE D 822 -31.96 12.04 54.47
CA PHE D 822 -31.78 12.89 55.64
C PHE D 822 -32.60 14.16 55.51
N TYR D 823 -32.59 14.77 54.32
CA TYR D 823 -33.52 15.86 54.06
C TYR D 823 -34.95 15.38 54.17
N MET D 824 -35.24 14.19 53.66
CA MET D 824 -36.56 13.60 53.84
C MET D 824 -36.87 13.39 55.31
N LEU D 825 -35.84 13.11 56.13
CA LEU D 825 -36.06 13.00 57.56
C LEU D 825 -36.45 14.34 58.18
N LEU D 826 -35.68 15.38 57.89
CA LEU D 826 -35.95 16.67 58.52
C LEU D 826 -37.29 17.23 58.07
N VAL D 827 -37.60 17.15 56.77
CA VAL D 827 -38.89 17.62 56.30
C VAL D 827 -40.02 16.80 56.91
N ALA D 828 -39.74 15.56 57.32
CA ALA D 828 -40.74 14.79 58.02
C ALA D 828 -40.98 15.33 59.44
N MET D 829 -39.92 15.82 60.08
CA MET D 829 -40.09 16.39 61.41
C MET D 829 -41.01 17.61 61.37
N GLY D 830 -40.83 18.46 60.35
CA GLY D 830 -41.61 19.68 60.30
C GLY D 830 -43.10 19.43 60.15
N LEU D 831 -43.48 18.49 59.29
CA LEU D 831 -44.89 18.20 59.09
C LEU D 831 -45.52 17.61 60.35
N SER D 832 -44.72 16.89 61.15
CA SER D 832 -45.25 16.34 62.39
C SER D 832 -45.65 17.45 63.35
N LEU D 833 -44.83 18.49 63.48
CA LEU D 833 -45.12 19.55 64.42
C LEU D 833 -46.27 20.43 63.94
N LEU D 834 -46.45 20.55 62.62
CA LEU D 834 -47.50 21.42 62.09
C LEU D 834 -48.88 20.93 62.52
N VAL D 835 -49.13 19.63 62.44
CA VAL D 835 -50.40 19.10 62.91
C VAL D 835 -50.43 18.98 64.43
N PHE D 836 -49.27 19.03 65.08
CA PHE D 836 -49.23 18.94 66.53
C PHE D 836 -49.95 20.11 67.19
N ALA D 837 -49.94 21.28 66.53
CA ALA D 837 -50.61 22.44 67.09
C ALA D 837 -52.11 22.23 67.23
N TRP D 838 -52.68 21.27 66.50
CA TRP D 838 -54.10 20.97 66.66
C TRP D 838 -54.42 20.47 68.06
N GLU D 839 -53.43 19.92 68.75
CA GLU D 839 -53.65 19.45 70.12
C GLU D 839 -53.95 20.61 71.06
N HIS D 840 -53.25 21.73 70.90
CA HIS D 840 -53.43 22.89 71.75
C HIS D 840 -54.46 23.88 71.21
N LEU D 841 -55.14 23.54 70.11
CA LEU D 841 -56.13 24.44 69.52
C LEU D 841 -57.54 23.88 69.58
N VAL D 842 -57.74 22.64 69.14
CA VAL D 842 -59.08 22.05 69.15
C VAL D 842 -59.59 21.92 70.58
N TYR D 843 -58.76 21.37 71.47
CA TYR D 843 -59.13 21.27 72.88
C TYR D 843 -59.30 22.65 73.49
N TRP D 844 -58.39 23.58 73.19
CA TRP D 844 -58.50 24.93 73.73
C TRP D 844 -59.75 25.64 73.23
N ARG D 845 -60.07 25.47 71.96
CA ARG D 845 -61.28 26.06 71.39
C ARG D 845 -62.48 25.17 71.67
C1 NAG E . 7.88 35.03 27.09
C2 NAG E . 9.13 34.28 27.51
C3 NAG E . 9.95 35.14 28.48
C4 NAG E . 10.16 36.55 27.92
C5 NAG E . 8.89 37.14 27.31
C6 NAG E . 9.14 38.39 26.51
C7 NAG E . 9.40 31.87 27.87
C8 NAG E . 8.91 30.67 28.60
N2 NAG E . 8.78 33.02 28.15
O3 NAG E . 11.21 34.52 28.68
O4 NAG E . 10.51 37.41 29.00
O5 NAG E . 8.25 36.20 26.42
O6 NAG E . 10.48 38.84 26.66
O7 NAG E . 10.33 31.81 27.07
C1 NAG E . 11.92 37.55 29.26
C2 NAG E . 11.98 38.50 30.45
C3 NAG E . 13.27 38.34 31.24
C4 NAG E . 14.39 37.70 30.41
C5 NAG E . 13.95 36.44 29.66
C6 NAG E . 14.46 35.16 30.31
C7 NAG E . 12.50 40.55 29.14
C8 NAG E . 12.10 41.97 28.90
N2 NAG E . 11.77 39.89 30.05
O3 NAG E . 13.02 37.57 32.41
O4 NAG E . 14.91 38.63 29.48
O5 NAG E . 12.53 36.34 29.61
O6 NAG E . 13.88 34.02 29.69
O7 NAG E . 13.44 40.03 28.55
N GLY F . -22.78 18.22 3.04
CA GLY F . -23.24 18.94 1.88
C GLY F . -22.12 19.48 1.01
O GLY F . -22.22 19.48 -0.22
OXT GLY F . -21.09 19.93 1.50
C1 NAG G . -10.26 44.69 2.78
C2 NAG G . -10.63 45.76 1.78
C3 NAG G . -9.59 46.88 1.82
C4 NAG G . -9.46 47.41 3.25
C5 NAG G . -9.14 46.26 4.19
C6 NAG G . -9.04 46.67 5.63
C7 NAG G . -11.78 45.46 -0.36
C8 NAG G . -11.73 44.83 -1.72
N2 NAG G . -10.73 45.22 0.43
O3 NAG G . -9.95 47.93 0.92
O4 NAG G . -8.43 48.39 3.31
O5 NAG G . -10.18 45.27 4.10
O6 NAG G . -8.36 47.91 5.74
O7 NAG G . -12.72 46.18 0.00
C1 NAG H . -19.52 51.99 3.46
C2 NAG H . -20.50 53.11 3.11
C3 NAG H . -20.09 54.40 3.82
C4 NAG H . -19.95 54.17 5.32
C5 NAG H . -19.01 53.00 5.58
C6 NAG H . -18.93 52.63 7.04
C7 NAG H . -19.60 53.68 0.88
C8 NAG H . -19.92 53.83 -0.58
N2 NAG H . -20.61 53.32 1.67
O3 NAG H . -21.07 55.42 3.57
O4 NAG H . -19.44 55.33 5.94
O5 NAG H . -19.48 51.82 4.89
O6 NAG H . -19.17 51.24 7.25
O7 NAG H . -18.47 53.90 1.32
C1 NAG I . -34.52 44.01 -30.89
C2 NAG I . -34.74 45.51 -31.09
C3 NAG I . -35.18 46.15 -29.78
C4 NAG I . -36.38 45.44 -29.21
C5 NAG I . -36.10 43.94 -29.09
C6 NAG I . -37.30 43.14 -28.64
C7 NAG I . -33.56 47.15 -32.49
C8 NAG I . -32.23 47.69 -32.91
N2 NAG I . -33.54 46.15 -31.60
O3 NAG I . -35.49 47.53 -30.03
O4 NAG I . -36.70 45.96 -27.92
O5 NAG I . -35.71 43.42 -30.36
O6 NAG I . -38.51 43.71 -29.13
O7 NAG I . -34.62 47.59 -32.94
C1 NAG J . 12.23 44.77 -31.79
C2 NAG J . 11.93 46.00 -30.92
C3 NAG J . 12.07 45.70 -29.42
C4 NAG J . 13.30 44.86 -29.08
C5 NAG J . 13.55 43.77 -30.12
C6 NAG J . 13.82 42.42 -29.49
C7 NAG J . 14.02 47.20 -31.57
C8 NAG J . 14.58 48.54 -31.95
N2 NAG J . 12.71 47.17 -31.30
O3 NAG J . 10.89 45.06 -28.96
O4 NAG J . 14.45 45.69 -29.01
O5 NAG J . 12.40 43.63 -30.97
O6 NAG J . 14.25 41.47 -30.46
O7 NAG J . 14.72 46.20 -31.52
N GLU K . -13.34 -28.83 3.83
CA GLU K . -13.77 -30.08 3.21
C GLU K . -13.42 -30.08 1.74
O GLU K . -13.48 -31.10 1.06
CB GLU K . -15.28 -30.28 3.40
CG GLU K . -15.75 -31.71 3.21
CD GLU K . -15.71 -32.49 4.50
OE1 GLU K . -16.03 -31.90 5.54
OE2 GLU K . -15.38 -33.70 4.47
OXT GLU K . -13.10 -29.04 1.18
C1 NAG L . -21.64 -38.67 -2.58
C2 NAG L . -22.44 -38.02 -3.73
C3 NAG L . -23.51 -38.96 -4.26
C4 NAG L . -22.91 -40.31 -4.61
C5 NAG L . -22.18 -40.87 -3.41
C6 NAG L . -21.50 -42.19 -3.69
C7 NAG L . -23.99 -36.66 -2.35
C8 NAG L . -24.49 -35.27 -2.06
N2 NAG L . -23.05 -36.76 -3.30
O3 NAG L . -24.11 -38.39 -5.42
O4 NAG L . -23.94 -41.21 -5.02
O5 NAG L . -21.15 -39.96 -3.00
O6 NAG L . -20.21 -42.25 -3.07
O7 NAG L . -24.44 -37.64 -1.76
CL1 JC9 M . -34.98 -7.46 54.24
O1 JC9 M . -32.94 -10.19 50.65
N1 JC9 M . -34.82 -9.55 52.70
C1 JC9 M . -34.73 -8.76 51.47
C2 JC9 M . -36.12 -8.26 51.13
C3 JC9 M . -36.48 -8.24 49.70
C4 JC9 M . -36.19 -9.54 49.07
C5 JC9 M . -33.97 -9.65 50.41
C6 JC9 M . -34.68 -9.76 49.03
C7 JC9 M . -33.84 -7.55 51.73
C8 JC9 M . -33.90 -6.89 52.94
C9 JC9 M . -33.01 -7.10 50.73
C10 JC9 M . -35.47 -10.80 52.39
C11 JC9 M . -33.09 -5.79 53.16
C12 JC9 M . -32.20 -5.99 50.94
C13 JC9 M . -32.25 -5.34 52.16
N GLY N . 11.25 -21.24 17.76
CA GLY N . 12.31 -20.41 17.25
C GLY N . 12.79 -20.83 15.87
O GLY N . 12.40 -21.88 15.35
OXT GLY N . 13.58 -20.14 15.23
C1 NAG O . 9.71 -45.13 1.34
C2 NAG O . 10.89 -46.09 1.42
C3 NAG O . 10.46 -47.49 1.01
C4 NAG O . 9.23 -47.93 1.79
C5 NAG O . 8.14 -46.87 1.69
C6 NAG O . 6.93 -47.18 2.54
C7 NAG O . 13.01 -44.90 1.04
C8 NAG O . 14.04 -44.51 0.05
N2 NAG O . 11.99 -45.63 0.58
O3 NAG O . 11.53 -48.40 1.25
O4 NAG O . 8.74 -49.16 1.29
O5 NAG O . 8.65 -45.61 2.14
O6 NAG O . 6.04 -48.07 1.87
O7 NAG O . 13.09 -44.58 2.22
C1 NAG P . 27.76 -33.86 -33.05
C2 NAG P . 26.75 -34.40 -32.04
C3 NAG P . 25.72 -33.33 -31.66
C4 NAG P . 24.97 -32.81 -32.88
C5 NAG P . 25.87 -32.83 -34.11
C6 NAG P . 25.61 -31.69 -35.05
C7 NAG P . 25.36 -36.41 -31.77
C8 NAG P . 24.72 -37.57 -32.47
N2 NAG P . 26.07 -35.58 -32.55
O3 NAG P . 26.42 -32.24 -31.05
O4 NAG P . 23.82 -33.61 -33.14
O5 NAG P . 27.24 -32.70 -33.69
O6 NAG P . 25.45 -30.46 -34.35
O7 NAG P . 25.25 -36.24 -30.55
C1 NAG Q . 12.63 -53.05 8.86
C2 NAG Q . 11.52 -53.49 7.92
C3 NAG Q . 10.87 -54.78 8.45
C4 NAG Q . 11.93 -55.84 8.68
C5 NAG Q . 13.03 -55.32 9.59
C6 NAG Q . 14.18 -56.28 9.75
C7 NAG Q . 9.56 -52.45 6.84
C8 NAG Q . 8.59 -51.30 6.86
N2 NAG Q . 10.51 -52.44 7.79
O3 NAG Q . 9.90 -55.25 7.52
O4 NAG Q . 11.34 -56.99 9.29
O5 NAG Q . 13.58 -54.12 9.01
O6 NAG Q . 15.38 -55.76 9.20
O7 NAG Q . 9.47 -53.36 6.01
N GLU R . 2.68 26.99 19.62
CA GLU R . 1.37 27.63 19.66
C GLU R . 1.45 28.97 20.38
O GLU R . 2.48 29.31 20.95
CB GLU R . 0.37 26.73 20.37
CG GLU R . 0.84 26.29 21.73
CD GLU R . 0.40 27.24 22.82
OE1 GLU R . -0.55 28.01 22.60
OE2 GLU R . 1.04 27.24 23.89
OXT GLU R . 0.50 29.74 20.40
#